data_7PX8
#
_entry.id   7PX8
#
_cell.length_a   1.00
_cell.length_b   1.00
_cell.length_c   1.00
_cell.angle_alpha   90.00
_cell.angle_beta   90.00
_cell.angle_gamma   90.00
#
_symmetry.space_group_name_H-M   'P 1'
#
_entity_poly.entity_id   1
_entity_poly.type   'polypeptide(L)'
_entity_poly.pdbx_seq_one_letter_code
;MERQVLLSEPEEAAALYRGLSRQPALSAACLGPEVTTQYGGRYRTVHTEWTQRDLERMENIRFCRQYLVFHDGDSVVFAG
PAGNSVETRGELLSRESPSGTMKAVLRKAGGTGTAEEKQFLEVWEKNRKLKSFNLSALEKHGPVYEDDCFGCLSWSHSET
HLLYVADKKRPKAESFFQTKALDVTGSDDEMARTKKPDQAIKGDQFLFYEDWGENMVSKSTPVLCVLDIESGNISVLEGV
PESVSPGQAFWAPGDTGVVFVGWWHEPFRLGIRFCTNRRSALYYVDLTGGKCELLSDESVAVTSPRLSPDQCRIVYLRFP
SLVPHQQCGQLCLYDWYTRVTSVVVDIVPRQLGEDFSGIYCSLLPLGCWSADSQRVVFDSPQRSRQDLFAVDTQMGSVTS
LTAGGSGGSWKLLTIDRDLMVVQFSTPSVPPSLKVGFLPPAGKEQAVSWVSLEEAEPFPDISWSIRVLQPPPQQEHVQYA
GLDFEAILLQPSNSPEKTQVPMVVMPHGGPHSSFVTAWMLFPAMLCKMGFAVLLVNYRGSTGFGQDSILSLPGNVGHQDV
KDVQFAVEQVLQEEHFDAGRVALMGGSHGGFLSCHLIGQYPETYSACVVRNPVINIASMMGSTDIPDWCMVEAGFSYSSD
CLPDLSVWAAMLDKSPIKYAPQVKTPLLLMLGQEDRRVPFKQGMEYYRVLKARNVPVRLLLYPKSTHALSEVEVESDSFM
NAVLWLCTHLGS
;
_entity_poly.pdbx_strand_id   A,B,C,D
#
# COMPACT_ATOMS: atom_id res chain seq x y z
N GLU A 9 27.25 -9.85 -30.90
CA GLU A 9 26.06 -10.41 -30.28
C GLU A 9 25.62 -9.58 -29.09
N PRO A 10 24.31 -9.47 -28.88
CA PRO A 10 23.80 -8.71 -27.72
C PRO A 10 24.29 -9.26 -26.39
N GLU A 11 24.48 -10.57 -26.28
CA GLU A 11 24.97 -11.14 -25.03
C GLU A 11 26.43 -10.79 -24.79
N GLU A 12 27.22 -10.67 -25.86
CA GLU A 12 28.62 -10.28 -25.72
C GLU A 12 28.74 -8.85 -25.20
N ALA A 13 27.89 -7.94 -25.70
CA ALA A 13 27.94 -6.56 -25.24
C ALA A 13 27.41 -6.42 -23.81
N ALA A 14 26.41 -7.22 -23.45
CA ALA A 14 25.86 -7.16 -22.10
C ALA A 14 26.90 -7.61 -21.08
N ALA A 15 27.71 -8.61 -21.42
CA ALA A 15 28.77 -9.03 -20.52
C ALA A 15 29.86 -7.98 -20.41
N LEU A 16 30.18 -7.32 -21.53
CA LEU A 16 31.22 -6.29 -21.52
C LEU A 16 30.79 -5.09 -20.68
N TYR A 17 29.52 -4.70 -20.76
CA TYR A 17 29.03 -3.59 -19.96
C TYR A 17 29.00 -3.94 -18.48
N ARG A 18 28.71 -5.20 -18.15
CA ARG A 18 28.67 -5.60 -16.75
C ARG A 18 30.05 -5.53 -16.11
N GLY A 19 31.10 -5.83 -16.88
CA GLY A 19 32.44 -5.81 -16.33
C GLY A 19 32.95 -4.40 -16.06
N LEU A 20 32.66 -3.47 -16.96
CA LEU A 20 33.16 -2.10 -16.84
C LEU A 20 32.41 -1.28 -15.81
N SER A 21 31.18 -1.68 -15.45
CA SER A 21 30.38 -0.88 -14.54
C SER A 21 30.65 -1.18 -13.08
N ARG A 22 31.50 -2.16 -12.78
CA ARG A 22 31.79 -2.49 -11.38
C ARG A 22 32.94 -1.67 -10.80
N GLN A 23 33.53 -0.76 -11.57
CA GLN A 23 34.57 0.09 -11.03
C GLN A 23 33.95 1.16 -10.15
N PRO A 24 34.32 1.25 -8.87
CA PRO A 24 33.73 2.27 -8.00
C PRO A 24 34.25 3.65 -8.31
N ALA A 25 33.50 4.65 -7.87
CA ALA A 25 33.83 6.06 -8.08
C ALA A 25 33.92 6.75 -6.74
N LEU A 26 34.96 7.56 -6.56
CA LEU A 26 35.19 8.24 -5.29
C LEU A 26 34.32 9.49 -5.19
N SER A 27 33.74 9.70 -4.02
CA SER A 27 32.82 10.80 -3.79
C SER A 27 33.39 11.86 -2.86
N ALA A 28 33.83 11.48 -1.67
CA ALA A 28 34.36 12.44 -0.71
C ALA A 28 35.38 11.75 0.19
N ALA A 29 36.23 12.56 0.81
CA ALA A 29 37.25 12.06 1.72
C ALA A 29 37.51 13.11 2.79
N CYS A 30 37.81 12.64 4.00
CA CYS A 30 38.06 13.52 5.12
C CYS A 30 39.16 12.92 5.99
N LEU A 31 39.79 13.78 6.78
CA LEU A 31 40.89 13.40 7.65
C LEU A 31 40.47 13.46 9.11
N GLY A 32 40.88 12.44 9.88
CA GLY A 32 40.52 12.35 11.27
C GLY A 32 41.52 13.01 12.20
N PRO A 33 41.29 12.91 13.50
CA PRO A 33 42.21 13.51 14.46
C PRO A 33 43.54 12.76 14.53
N GLU A 34 44.57 13.48 14.96
CA GLU A 34 45.91 12.91 15.05
C GLU A 34 46.12 12.21 16.38
N VAL A 35 46.69 11.01 16.31
CA VAL A 35 46.94 10.17 17.49
C VAL A 35 48.43 9.87 17.58
N THR A 36 48.99 10.08 18.76
CA THR A 36 50.40 9.79 19.02
C THR A 36 50.52 8.60 19.96
N THR A 37 51.57 7.81 19.74
CA THR A 37 51.83 6.61 20.54
C THR A 37 52.84 6.91 21.64
N GLN A 38 52.81 6.06 22.67
CA GLN A 38 53.72 6.23 23.80
C GLN A 38 55.17 6.04 23.39
N TYR A 39 55.45 5.00 22.58
CA TYR A 39 56.81 4.76 22.14
C TYR A 39 57.31 5.89 21.24
N GLY A 40 56.46 6.36 20.35
CA GLY A 40 56.81 7.41 19.41
C GLY A 40 56.16 7.18 18.07
N GLY A 41 56.04 8.26 17.30
CA GLY A 41 55.38 8.18 16.01
C GLY A 41 53.92 8.54 16.09
N ARG A 42 53.42 9.12 15.00
CA ARG A 42 52.04 9.56 14.92
C ARG A 42 51.40 9.00 13.66
N TYR A 43 50.07 8.93 13.68
CA TYR A 43 49.31 8.42 12.56
C TYR A 43 47.96 9.09 12.50
N ARG A 44 47.33 9.04 11.32
CA ARG A 44 46.01 9.60 11.12
C ARG A 44 45.15 8.60 10.35
N THR A 45 43.85 8.83 10.39
CA THR A 45 42.88 8.02 9.67
C THR A 45 42.20 8.86 8.61
N VAL A 46 41.99 8.25 7.44
CA VAL A 46 41.33 8.90 6.31
C VAL A 46 40.04 8.14 6.04
N HIS A 47 38.92 8.85 6.07
CA HIS A 47 37.61 8.26 5.83
C HIS A 47 37.15 8.65 4.43
N THR A 48 36.89 7.65 3.60
CA THR A 48 36.49 7.90 2.22
C THR A 48 35.14 7.25 1.94
N GLU A 49 34.35 7.91 1.09
CA GLU A 49 33.05 7.42 0.67
C GLU A 49 33.08 7.12 -0.81
N TRP A 50 32.67 5.91 -1.18
CA TRP A 50 32.62 5.48 -2.57
C TRP A 50 31.19 5.13 -2.95
N THR A 51 30.93 5.11 -4.26
CA THR A 51 29.64 4.75 -4.80
C THR A 51 29.85 3.81 -5.98
N GLN A 52 28.83 2.98 -6.25
CA GLN A 52 28.94 1.97 -7.28
C GLN A 52 27.56 1.66 -7.85
N ARG A 53 27.54 1.10 -9.05
CA ARG A 53 26.30 0.72 -9.73
C ARG A 53 26.09 -0.78 -9.56
N ASP A 54 24.94 -1.17 -9.04
CA ASP A 54 24.59 -2.57 -8.87
C ASP A 54 23.39 -2.89 -9.76
N LEU A 55 23.60 -3.78 -10.72
CA LEU A 55 22.58 -4.10 -11.71
C LEU A 55 21.63 -5.20 -11.26
N GLU A 56 21.91 -5.86 -10.12
CA GLU A 56 21.03 -6.92 -9.66
C GLU A 56 19.71 -6.36 -9.15
N ARG A 57 19.76 -5.28 -8.36
CA ARG A 57 18.57 -4.55 -7.95
C ARG A 57 18.47 -3.19 -8.60
N MET A 58 19.39 -2.87 -9.52
CA MET A 58 19.36 -1.63 -10.30
C MET A 58 19.36 -0.40 -9.40
N GLU A 59 20.45 -0.23 -8.67
CA GLU A 59 20.54 0.88 -7.73
C GLU A 59 21.99 1.31 -7.56
N ASN A 60 22.17 2.54 -7.11
CA ASN A 60 23.48 3.06 -6.74
C ASN A 60 23.70 2.82 -5.26
N ILE A 61 24.76 2.07 -4.94
CA ILE A 61 25.10 1.75 -3.56
C ILE A 61 26.23 2.66 -3.10
N ARG A 62 26.21 3.01 -1.83
CA ARG A 62 27.22 3.87 -1.23
C ARG A 62 27.85 3.15 -0.05
N PHE A 63 29.18 3.18 0.02
CA PHE A 63 29.87 2.54 1.14
C PHE A 63 31.03 3.42 1.61
N CYS A 64 31.50 3.12 2.82
CA CYS A 64 32.58 3.85 3.47
C CYS A 64 33.76 2.92 3.69
N ARG A 65 34.96 3.51 3.64
CA ARG A 65 36.19 2.80 3.88
C ARG A 65 37.15 3.69 4.68
N GLN A 66 38.06 3.04 5.40
CA GLN A 66 39.01 3.70 6.27
C GLN A 66 40.43 3.34 5.85
N TYR A 67 41.32 4.32 5.91
CA TYR A 67 42.73 4.12 5.62
C TYR A 67 43.57 4.71 6.74
N LEU A 68 44.80 4.22 6.86
CA LEU A 68 45.69 4.56 7.96
C LEU A 68 47.00 5.08 7.40
N VAL A 69 47.46 6.23 7.90
CA VAL A 69 48.64 6.91 7.40
C VAL A 69 49.61 7.15 8.55
N PHE A 70 50.83 6.63 8.42
CA PHE A 70 51.91 6.85 9.38
C PHE A 70 52.87 7.86 8.77
N HIS A 71 52.99 9.03 9.40
CA HIS A 71 53.87 10.08 8.94
C HIS A 71 54.81 10.51 10.06
N ASP A 72 56.04 10.83 9.70
CA ASP A 72 57.06 11.30 10.65
C ASP A 72 57.46 12.71 10.23
N GLY A 73 56.73 13.71 10.71
CA GLY A 73 57.04 15.09 10.39
C GLY A 73 56.40 15.59 9.12
N ASP A 74 57.17 15.66 8.04
CA ASP A 74 56.68 16.14 6.74
C ASP A 74 56.84 15.10 5.65
N SER A 75 56.86 13.82 6.01
CA SER A 75 56.95 12.74 5.04
C SER A 75 56.02 11.61 5.47
N VAL A 76 55.54 10.86 4.49
CA VAL A 76 54.60 9.77 4.74
C VAL A 76 55.41 8.48 4.80
N VAL A 77 55.59 7.95 6.01
CA VAL A 77 56.38 6.73 6.18
C VAL A 77 55.63 5.52 5.64
N PHE A 78 54.33 5.42 5.93
CA PHE A 78 53.58 4.22 5.59
C PHE A 78 52.11 4.58 5.36
N ALA A 79 51.42 3.76 4.57
CA ALA A 79 50.01 3.96 4.29
C ALA A 79 49.38 2.61 3.96
N GLY A 80 48.21 2.35 4.54
CA GLY A 80 47.55 1.08 4.34
C GLY A 80 46.06 1.10 4.63
N PRO A 81 45.38 -0.01 4.35
CA PRO A 81 43.96 -0.12 4.70
C PRO A 81 43.80 -0.41 6.19
N ALA A 82 42.60 -0.13 6.70
CA ALA A 82 42.30 -0.34 8.11
C ALA A 82 40.94 -0.99 8.35
N GLY A 83 40.40 -1.72 7.38
CA GLY A 83 39.14 -2.40 7.60
C GLY A 83 38.53 -2.84 6.29
N ASN A 84 37.25 -3.17 6.35
CA ASN A 84 36.48 -3.55 5.19
C ASN A 84 35.51 -2.43 4.79
N SER A 85 34.98 -2.54 3.58
CA SER A 85 34.02 -1.55 3.11
C SER A 85 32.66 -1.82 3.73
N VAL A 86 32.03 -0.78 4.25
CA VAL A 86 30.75 -0.90 4.95
C VAL A 86 29.69 -0.12 4.20
N GLU A 87 28.62 -0.81 3.80
CA GLU A 87 27.57 -0.18 3.01
C GLU A 87 26.61 0.61 3.89
N THR A 88 26.25 1.81 3.45
CA THR A 88 25.34 2.68 4.18
C THR A 88 24.09 2.93 3.34
N ARG A 89 22.99 3.22 4.02
CA ARG A 89 21.71 3.44 3.34
C ARG A 89 20.98 4.62 3.97
N GLY A 90 20.42 5.47 3.12
CA GLY A 90 19.56 6.56 3.57
C GLY A 90 20.26 7.64 4.38
N GLU A 91 21.50 7.97 4.03
CA GLU A 91 22.25 9.01 4.73
C GLU A 91 22.39 10.22 3.79
N LEU A 92 21.84 11.35 4.22
CA LEU A 92 21.80 12.55 3.37
C LEU A 92 23.00 13.46 3.61
N LEU A 93 23.22 13.89 4.86
CA LEU A 93 24.30 14.81 5.17
C LEU A 93 25.13 14.27 6.32
N SER A 94 26.41 14.61 6.33
CA SER A 94 27.30 14.19 7.41
C SER A 94 28.40 15.24 7.57
N ARG A 95 28.73 15.56 8.82
CA ARG A 95 29.78 16.53 9.11
C ARG A 95 30.45 16.18 10.42
N GLU A 96 31.78 16.12 10.41
CA GLU A 96 32.54 15.82 11.60
C GLU A 96 32.92 17.09 12.33
N SER A 97 33.08 16.99 13.65
CA SER A 97 33.40 18.14 14.47
C SER A 97 34.80 18.65 14.13
N PRO A 98 35.04 19.96 14.29
CA PRO A 98 36.39 20.48 14.05
C PRO A 98 37.46 19.80 14.90
N SER A 99 37.13 19.46 16.15
CA SER A 99 38.05 18.70 16.98
C SER A 99 38.10 17.23 16.59
N GLY A 100 37.01 16.70 16.02
CA GLY A 100 36.95 15.31 15.60
C GLY A 100 36.27 14.38 16.57
N THR A 101 35.81 14.87 17.71
CA THR A 101 35.23 13.99 18.73
C THR A 101 33.80 13.56 18.38
N MET A 102 33.03 14.41 17.70
CA MET A 102 31.63 14.14 17.42
C MET A 102 31.36 14.22 15.93
N LYS A 103 30.28 13.56 15.50
CA LYS A 103 29.84 13.63 14.12
C LYS A 103 28.34 13.82 14.07
N ALA A 104 27.88 14.75 13.23
CA ALA A 104 26.47 15.02 13.06
C ALA A 104 26.02 14.48 11.71
N VAL A 105 24.98 13.63 11.73
CA VAL A 105 24.46 12.99 10.53
C VAL A 105 22.99 13.31 10.39
N LEU A 106 22.58 13.76 9.21
CA LEU A 106 21.17 13.98 8.90
C LEU A 106 20.74 12.91 7.93
N ARG A 107 19.77 12.08 8.33
CA ARG A 107 19.35 10.94 7.54
C ARG A 107 17.83 10.89 7.48
N LYS A 108 17.32 10.03 6.60
CA LYS A 108 15.89 9.85 6.44
C LYS A 108 15.52 8.39 6.64
N ALA A 109 14.45 8.15 7.40
CA ALA A 109 13.99 6.80 7.68
C ALA A 109 12.48 6.78 7.90
N GLU A 116 5.03 6.61 5.48
CA GLU A 116 5.71 7.85 5.14
C GLU A 116 7.16 7.84 5.63
N GLU A 117 7.93 8.83 5.20
CA GLU A 117 9.33 8.96 5.57
C GLU A 117 9.53 10.23 6.38
N LYS A 118 10.47 10.18 7.33
CA LYS A 118 10.79 11.31 8.19
C LYS A 118 12.30 11.51 8.21
N GLN A 119 12.71 12.70 8.65
CA GLN A 119 14.12 13.07 8.69
C GLN A 119 14.56 13.21 10.15
N PHE A 120 15.71 12.62 10.46
CA PHE A 120 16.27 12.63 11.81
C PHE A 120 17.68 13.22 11.78
N LEU A 121 18.00 13.99 12.82
CA LEU A 121 19.34 14.53 13.02
C LEU A 121 19.98 13.83 14.21
N GLU A 122 21.16 13.24 14.00
CA GLU A 122 21.79 12.37 14.97
C GLU A 122 23.18 12.89 15.31
N VAL A 123 23.58 12.75 16.57
CA VAL A 123 24.90 13.13 17.03
C VAL A 123 25.59 11.89 17.58
N TRP A 124 26.77 11.58 17.06
CA TRP A 124 27.54 10.42 17.45
C TRP A 124 28.82 10.85 18.15
N GLU A 125 29.13 10.19 19.27
CA GLU A 125 30.38 10.34 19.98
C GLU A 125 30.91 8.97 20.35
N LYS A 126 32.07 8.62 19.83
CA LYS A 126 32.74 7.34 20.11
C LYS A 126 31.80 6.21 19.66
N ASN A 127 31.45 5.26 20.53
CA ASN A 127 30.71 4.06 20.13
C ASN A 127 29.23 4.13 20.48
N ARG A 128 28.67 5.32 20.65
CA ARG A 128 27.27 5.48 21.03
CA ARG A 128 27.26 5.45 20.99
C ARG A 128 26.70 6.73 20.36
N LYS A 129 25.37 6.74 20.25
CA LYS A 129 24.63 7.87 19.68
C LYS A 129 24.10 8.71 20.83
N LEU A 130 24.67 9.89 21.03
CA LEU A 130 24.30 10.72 22.16
C LEU A 130 22.87 11.22 22.04
N LYS A 131 22.52 11.81 20.90
CA LYS A 131 21.25 12.50 20.75
C LYS A 131 20.66 12.25 19.37
N SER A 132 19.33 12.27 19.30
CA SER A 132 18.59 12.15 18.06
C SER A 132 17.38 13.05 18.13
N PHE A 133 17.16 13.82 17.07
CA PHE A 133 16.07 14.80 17.00
C PHE A 133 15.21 14.49 15.79
N ASN A 134 13.89 14.47 15.99
CA ASN A 134 12.92 14.29 14.92
C ASN A 134 12.49 15.67 14.43
N LEU A 135 12.99 16.07 13.27
CA LEU A 135 12.73 17.42 12.78
C LEU A 135 11.29 17.57 12.27
N SER A 136 10.68 16.48 11.81
CA SER A 136 9.31 16.55 11.30
C SER A 136 8.32 16.86 12.41
N ALA A 137 8.50 16.24 13.58
CA ALA A 137 7.50 16.38 14.64
C ALA A 137 7.54 17.74 15.32
N LEU A 138 8.72 18.38 15.35
CA LEU A 138 8.84 19.67 16.02
C LEU A 138 8.09 20.78 15.29
N GLU A 139 7.81 20.60 13.99
CA GLU A 139 6.98 21.52 13.22
C GLU A 139 7.52 22.95 13.25
N LYS A 140 8.81 23.10 12.94
CA LYS A 140 9.44 24.41 12.87
C LYS A 140 9.74 24.86 11.46
N HIS A 141 9.93 23.93 10.53
CA HIS A 141 10.24 24.26 9.14
C HIS A 141 9.81 23.09 8.26
N GLY A 142 10.26 23.11 7.01
CA GLY A 142 9.96 22.04 6.09
C GLY A 142 11.11 21.08 5.90
N PRO A 143 11.17 20.42 4.75
CA PRO A 143 12.27 19.48 4.49
C PRO A 143 13.62 20.19 4.43
N VAL A 144 14.66 19.46 4.76
CA VAL A 144 16.03 19.99 4.81
C VAL A 144 16.68 19.87 3.45
N TYR A 145 17.30 20.96 2.99
CA TYR A 145 17.98 20.96 1.71
C TYR A 145 19.24 20.12 1.79
N GLU A 146 19.43 19.23 0.82
CA GLU A 146 20.61 18.37 0.77
C GLU A 146 21.37 18.53 -0.54
N ASP A 147 21.06 19.55 -1.34
CA ASP A 147 21.76 19.79 -2.59
C ASP A 147 23.07 20.52 -2.34
N ASP A 148 23.86 20.65 -3.41
CA ASP A 148 25.19 21.25 -3.28
C ASP A 148 25.12 22.77 -3.20
N CYS A 149 24.19 23.38 -3.94
CA CYS A 149 24.17 24.84 -4.06
C CYS A 149 23.70 25.52 -2.77
N PHE A 150 22.64 24.99 -2.15
CA PHE A 150 22.07 25.59 -0.95
C PHE A 150 22.43 24.80 0.32
N GLY A 151 22.45 23.48 0.24
CA GLY A 151 22.57 22.68 1.44
C GLY A 151 23.92 22.84 2.10
N CYS A 152 23.94 22.74 3.43
CA CYS A 152 25.15 22.82 4.22
C CYS A 152 24.87 22.31 5.61
N LEU A 153 25.94 21.97 6.33
CA LEU A 153 25.86 21.55 7.72
C LEU A 153 27.13 22.02 8.41
N SER A 154 26.99 22.96 9.34
CA SER A 154 28.15 23.65 9.90
C SER A 154 28.13 23.54 11.42
N TRP A 155 29.31 23.31 12.00
CA TRP A 155 29.49 23.23 13.44
C TRP A 155 29.94 24.58 13.98
N SER A 156 29.43 24.92 15.16
CA SER A 156 29.90 26.13 15.84
C SER A 156 31.34 25.93 16.30
N HIS A 157 32.04 27.05 16.51
CA HIS A 157 33.43 26.96 16.94
C HIS A 157 33.53 26.46 18.37
N SER A 158 32.49 26.65 19.16
CA SER A 158 32.40 26.05 20.50
C SER A 158 31.86 24.63 20.47
N GLU A 159 31.43 24.14 19.31
CA GLU A 159 30.85 22.81 19.17
C GLU A 159 29.64 22.62 20.08
N THR A 160 28.80 23.66 20.16
CA THR A 160 27.58 23.61 20.94
C THR A 160 26.33 23.88 20.13
N HIS A 161 26.45 24.35 18.89
CA HIS A 161 25.31 24.65 18.04
C HIS A 161 25.53 24.06 16.66
N LEU A 162 24.43 23.90 15.92
CA LEU A 162 24.48 23.42 14.55
C LEU A 162 23.68 24.38 13.67
N LEU A 163 24.11 24.53 12.42
CA LEU A 163 23.49 25.43 11.46
C LEU A 163 23.17 24.67 10.19
N TYR A 164 21.95 24.85 9.68
CA TYR A 164 21.57 24.22 8.43
C TYR A 164 20.55 25.09 7.70
N VAL A 165 20.14 24.63 6.53
CA VAL A 165 19.20 25.35 5.67
C VAL A 165 18.00 24.45 5.41
N ALA A 166 16.80 24.98 5.61
CA ALA A 166 15.58 24.19 5.50
C ALA A 166 14.50 24.99 4.79
N ASP A 167 13.54 24.26 4.20
CA ASP A 167 12.44 24.90 3.50
C ASP A 167 11.56 25.68 4.47
N LYS A 168 11.04 26.82 4.01
CA LYS A 168 10.20 27.65 4.85
C LYS A 168 8.83 27.01 5.02
N LYS A 169 8.24 27.23 6.20
CA LYS A 169 6.94 26.64 6.52
C LYS A 169 5.81 27.46 5.91
N ARG A 170 4.82 26.76 5.36
CA ARG A 170 3.68 27.38 4.71
C ARG A 170 2.43 27.25 5.58
N PRO A 171 1.54 28.24 5.54
CA PRO A 171 0.32 28.17 6.35
C PRO A 171 -0.57 27.00 5.93
N LYS A 172 -1.31 26.47 6.90
CA LYS A 172 -2.22 25.37 6.62
C LYS A 172 -3.40 25.86 5.78
N ALA A 173 -3.94 24.93 4.99
CA ALA A 173 -5.04 25.25 4.08
C ALA A 173 -6.11 24.16 4.16
N GLU A 174 -7.32 24.54 3.76
CA GLU A 174 -8.46 23.63 3.80
C GLU A 174 -9.47 24.05 2.75
N SER A 175 -10.42 23.17 2.47
CA SER A 175 -11.46 23.45 1.50
C SER A 175 -12.65 24.12 2.18
N PHE A 176 -13.58 24.63 1.35
CA PHE A 176 -14.74 25.31 1.89
C PHE A 176 -15.75 24.34 2.48
N PHE A 177 -15.72 23.07 2.07
CA PHE A 177 -16.71 22.08 2.47
C PHE A 177 -16.16 21.04 3.42
N GLN A 178 -15.11 21.38 4.17
CA GLN A 178 -14.56 20.45 5.15
C GLN A 178 -15.46 20.36 6.37
N THR A 179 -15.69 19.15 6.83
CA THR A 179 -16.52 18.90 8.01
C THR A 179 -15.67 18.84 9.26
N LYS A 180 -16.18 19.42 10.35
CA LYS A 180 -15.46 19.54 11.60
C LYS A 180 -16.22 18.88 12.73
N ALA A 181 -15.48 18.27 13.65
CA ALA A 181 -16.09 17.65 14.82
C ALA A 181 -16.66 18.72 15.75
N LEU A 182 -17.82 18.43 16.31
CA LEU A 182 -18.47 19.37 17.22
C LEU A 182 -19.09 18.64 18.41
N GLN A 199 -7.20 27.23 12.53
CA GLN A 199 -6.58 28.45 12.01
C GLN A 199 -6.01 28.22 10.62
N ALA A 200 -6.73 27.45 9.81
CA ALA A 200 -6.33 27.14 8.45
C ALA A 200 -7.16 27.98 7.48
N ILE A 201 -6.47 28.70 6.58
CA ILE A 201 -7.17 29.54 5.62
C ILE A 201 -7.78 28.66 4.54
N LYS A 202 -8.96 29.05 4.06
CA LYS A 202 -9.76 28.24 3.16
C LYS A 202 -9.63 28.73 1.73
N GLY A 203 -9.50 27.79 0.80
CA GLY A 203 -9.42 28.10 -0.61
C GLY A 203 -8.02 28.38 -1.14
N ASP A 204 -6.99 28.26 -0.30
CA ASP A 204 -5.62 28.54 -0.70
C ASP A 204 -4.76 27.29 -0.73
N GLN A 205 -5.35 26.12 -0.96
CA GLN A 205 -4.58 24.89 -1.02
C GLN A 205 -4.04 24.57 -2.41
N PHE A 206 -4.39 25.37 -3.42
CA PHE A 206 -3.95 25.15 -4.79
C PHE A 206 -3.21 26.37 -5.34
N LEU A 207 -2.64 27.18 -4.46
CA LEU A 207 -1.85 28.32 -4.90
C LEU A 207 -0.57 27.85 -5.59
N PHE A 208 0.03 28.74 -6.36
CA PHE A 208 1.23 28.42 -7.12
C PHE A 208 2.46 28.97 -6.41
N TYR A 209 3.41 28.09 -6.11
CA TYR A 209 4.67 28.46 -5.51
C TYR A 209 5.79 28.15 -6.50
N GLU A 210 6.59 29.16 -6.84
CA GLU A 210 7.62 29.00 -7.86
C GLU A 210 8.83 28.28 -7.28
N ASP A 211 9.42 27.40 -8.08
CA ASP A 211 10.61 26.65 -7.70
C ASP A 211 11.79 27.12 -8.55
N TRP A 212 12.98 26.62 -8.21
CA TRP A 212 14.19 27.15 -8.82
C TRP A 212 14.50 26.52 -10.17
N GLY A 213 13.87 25.41 -10.51
CA GLY A 213 13.99 24.90 -11.87
C GLY A 213 14.37 23.42 -11.87
N GLU A 214 15.31 23.09 -12.75
CA GLU A 214 15.70 21.71 -12.98
C GLU A 214 16.30 21.09 -11.72
N ASN A 215 15.84 19.88 -11.39
CA ASN A 215 16.32 19.09 -10.26
C ASN A 215 16.12 19.81 -8.93
N MET A 216 15.27 20.83 -8.88
CA MET A 216 15.01 21.62 -7.68
C MET A 216 13.51 21.81 -7.49
N VAL A 217 12.76 20.71 -7.62
CA VAL A 217 11.31 20.78 -7.54
C VAL A 217 10.87 21.02 -6.10
N SER A 218 9.94 21.98 -5.93
CA SER A 218 9.37 22.32 -4.62
C SER A 218 10.45 22.78 -3.65
N LYS A 219 11.25 23.75 -4.08
CA LYS A 219 12.33 24.34 -3.30
C LYS A 219 12.24 25.87 -3.36
N SER A 220 11.04 26.40 -3.08
CA SER A 220 10.75 27.80 -3.34
C SER A 220 11.66 28.73 -2.55
N THR A 221 11.57 28.70 -1.21
CA THR A 221 12.27 29.67 -0.38
C THR A 221 12.94 28.95 0.80
N PRO A 222 14.26 29.01 0.92
CA PRO A 222 14.94 28.43 2.08
C PRO A 222 15.16 29.45 3.19
N VAL A 223 15.40 28.91 4.39
CA VAL A 223 15.69 29.71 5.58
C VAL A 223 16.82 29.03 6.34
N LEU A 224 17.46 29.81 7.21
CA LEU A 224 18.57 29.35 8.03
C LEU A 224 18.06 28.95 9.42
N CYS A 225 18.38 27.74 9.84
CA CYS A 225 17.94 27.20 11.12
C CYS A 225 19.14 26.87 11.99
N VAL A 226 19.03 27.20 13.28
CA VAL A 226 20.08 26.96 14.26
C VAL A 226 19.53 26.03 15.34
N LEU A 227 20.24 24.94 15.60
CA LEU A 227 19.84 23.94 16.57
C LEU A 227 20.81 23.94 17.75
N ASP A 228 20.25 23.86 18.95
CA ASP A 228 21.03 23.82 20.18
C ASP A 228 21.13 22.37 20.64
N ILE A 229 22.36 21.86 20.75
CA ILE A 229 22.56 20.45 21.07
C ILE A 229 22.13 20.14 22.50
N GLU A 230 22.39 21.06 23.43
CA GLU A 230 22.13 20.78 24.84
C GLU A 230 20.65 20.64 25.12
N SER A 231 19.84 21.61 24.69
CA SER A 231 18.43 21.64 25.03
C SER A 231 17.52 21.21 23.88
N GLY A 232 18.05 21.00 22.69
CA GLY A 232 17.23 20.58 21.56
C GLY A 232 16.25 21.63 21.09
N ASN A 233 16.68 22.89 21.04
CA ASN A 233 15.83 24.00 20.61
C ASN A 233 16.23 24.43 19.20
N ILE A 234 15.22 24.73 18.38
CA ILE A 234 15.43 25.16 17.01
C ILE A 234 14.98 26.60 16.87
N SER A 235 15.84 27.44 16.28
CA SER A 235 15.55 28.86 16.10
C SER A 235 15.76 29.23 14.64
N VAL A 236 14.80 29.94 14.06
CA VAL A 236 14.92 30.44 12.70
C VAL A 236 15.38 31.88 12.76
N LEU A 237 16.52 32.16 12.12
CA LEU A 237 17.13 33.49 12.21
C LEU A 237 16.27 34.53 11.50
N GLU A 238 16.24 35.74 12.05
CA GLU A 238 15.53 36.86 11.47
C GLU A 238 16.53 37.96 11.15
N GLY A 239 16.43 38.50 9.94
CA GLY A 239 17.36 39.52 9.50
C GLY A 239 17.73 39.36 8.03
N VAL A 240 17.39 38.21 7.48
CA VAL A 240 17.62 37.97 6.04
C VAL A 240 16.68 38.86 5.23
N PRO A 241 17.16 39.51 4.17
CA PRO A 241 16.26 40.32 3.35
C PRO A 241 15.14 39.49 2.75
N GLU A 242 13.99 40.13 2.57
CA GLU A 242 12.80 39.41 2.11
C GLU A 242 12.86 39.07 0.62
N SER A 243 13.81 39.64 -0.11
CA SER A 243 13.91 39.42 -1.54
C SER A 243 15.07 38.51 -1.94
N VAL A 244 15.71 37.84 -0.99
CA VAL A 244 16.84 36.97 -1.29
C VAL A 244 16.62 35.60 -0.67
N SER A 245 17.36 34.62 -1.19
CA SER A 245 17.40 33.28 -0.67
C SER A 245 18.80 32.99 -0.12
N PRO A 246 18.92 32.56 1.14
CA PRO A 246 20.24 32.30 1.70
C PRO A 246 20.73 30.88 1.47
N GLY A 247 22.05 30.75 1.46
CA GLY A 247 22.68 29.45 1.29
C GLY A 247 24.17 29.54 1.55
N GLN A 248 24.77 28.36 1.71
CA GLN A 248 26.22 28.23 1.94
C GLN A 248 26.66 29.07 3.13
N ALA A 249 25.93 28.97 4.23
CA ALA A 249 26.21 29.77 5.41
C ALA A 249 27.24 29.07 6.30
N PHE A 250 28.02 29.88 7.00
CA PHE A 250 29.00 29.36 7.96
C PHE A 250 29.13 30.37 9.10
N TRP A 251 29.63 29.88 10.24
CA TRP A 251 29.71 30.69 11.44
C TRP A 251 30.82 31.72 11.32
N ALA A 252 30.54 32.94 11.76
CA ALA A 252 31.55 33.99 11.78
C ALA A 252 32.55 33.73 12.91
N PRO A 253 33.75 34.29 12.82
CA PRO A 253 34.72 34.13 13.90
C PRO A 253 34.19 34.68 15.21
N GLY A 254 34.43 33.93 16.29
CA GLY A 254 33.90 34.26 17.59
C GLY A 254 32.46 33.83 17.83
N ASP A 255 31.84 33.16 16.87
CA ASP A 255 30.45 32.72 16.97
C ASP A 255 29.51 33.88 17.28
N THR A 256 29.79 35.04 16.66
CA THR A 256 28.97 36.22 16.86
C THR A 256 27.85 36.35 15.84
N GLY A 257 27.92 35.61 14.74
CA GLY A 257 26.90 35.73 13.72
C GLY A 257 27.06 34.67 12.66
N VAL A 258 26.40 34.91 11.52
CA VAL A 258 26.38 33.98 10.40
C VAL A 258 26.68 34.75 9.13
N VAL A 259 27.62 34.25 8.33
CA VAL A 259 27.96 34.83 7.04
C VAL A 259 27.44 33.89 5.96
N PHE A 260 26.65 34.43 5.03
CA PHE A 260 25.99 33.61 4.03
C PHE A 260 26.00 34.32 2.68
N VAL A 261 25.54 33.61 1.65
CA VAL A 261 25.44 34.12 0.29
C VAL A 261 23.96 34.21 -0.06
N GLY A 262 23.53 35.40 -0.47
CA GLY A 262 22.15 35.64 -0.83
C GLY A 262 21.98 35.69 -2.34
N TRP A 263 20.98 34.97 -2.83
CA TRP A 263 20.63 34.91 -4.24
C TRP A 263 19.34 35.68 -4.47
N TRP A 264 19.34 36.54 -5.48
CA TRP A 264 18.16 37.35 -5.77
C TRP A 264 17.12 36.52 -6.52
N HIS A 265 15.87 36.58 -6.05
CA HIS A 265 14.79 35.81 -6.66
C HIS A 265 13.62 36.71 -7.05
N GLU A 266 13.90 37.93 -7.49
CA GLU A 266 12.88 38.82 -8.01
C GLU A 266 13.36 39.45 -9.30
N PRO A 267 12.44 39.71 -10.26
CA PRO A 267 10.99 39.48 -10.21
C PRO A 267 10.59 38.00 -10.28
N PHE A 268 11.46 37.16 -10.81
CA PHE A 268 11.22 35.72 -10.86
C PHE A 268 12.55 34.99 -10.87
N ARG A 269 12.47 33.69 -10.63
CA ARG A 269 13.65 32.84 -10.46
C ARG A 269 14.14 32.31 -11.81
N LEU A 270 15.44 32.01 -11.85
CA LEU A 270 16.08 31.39 -13.01
C LEU A 270 16.86 30.18 -12.55
N GLY A 271 17.01 29.21 -13.46
CA GLY A 271 17.67 27.97 -13.08
C GLY A 271 19.12 28.19 -12.68
N ILE A 272 19.58 27.39 -11.73
CA ILE A 272 20.92 27.50 -11.18
C ILE A 272 21.65 26.15 -11.22
N ARG A 273 21.20 25.23 -12.05
CA ARG A 273 21.78 23.89 -12.05
C ARG A 273 23.23 23.91 -12.54
N PHE A 274 23.48 24.54 -13.68
CA PHE A 274 24.82 24.62 -14.25
C PHE A 274 25.18 26.05 -14.66
N CYS A 275 24.57 27.05 -14.04
CA CYS A 275 24.77 28.44 -14.41
C CYS A 275 25.37 29.21 -13.24
N THR A 276 26.44 29.95 -13.50
CA THR A 276 27.11 30.76 -12.50
C THR A 276 26.88 32.26 -12.69
N ASN A 277 25.93 32.64 -13.55
CA ASN A 277 25.68 34.04 -13.88
C ASN A 277 24.43 34.57 -13.20
N ARG A 278 24.15 34.13 -11.97
CA ARG A 278 23.01 34.60 -11.21
C ARG A 278 23.47 35.57 -10.14
N ARG A 279 22.71 36.65 -9.95
CA ARG A 279 23.08 37.67 -8.98
C ARG A 279 23.21 37.08 -7.58
N SER A 280 24.23 37.51 -6.86
CA SER A 280 24.50 37.01 -5.52
C SER A 280 25.25 38.07 -4.73
N ALA A 281 25.23 37.92 -3.41
CA ALA A 281 25.97 38.85 -2.56
C ALA A 281 26.34 38.15 -1.26
N LEU A 282 27.31 38.72 -0.56
CA LEU A 282 27.76 38.22 0.73
C LEU A 282 27.16 39.04 1.85
N TYR A 283 26.45 38.38 2.77
CA TYR A 283 25.81 39.06 3.88
C TYR A 283 26.30 38.50 5.20
N TYR A 284 26.24 39.33 6.24
CA TYR A 284 26.60 38.94 7.60
C TYR A 284 25.48 39.38 8.53
N VAL A 285 24.89 38.43 9.25
CA VAL A 285 23.75 38.70 10.11
C VAL A 285 24.10 38.26 11.53
N ASP A 286 23.42 38.85 12.50
CA ASP A 286 23.64 38.57 13.91
C ASP A 286 22.58 37.62 14.44
N LEU A 287 22.91 36.98 15.56
CA LEU A 287 21.97 36.05 16.19
C LEU A 287 20.81 36.79 16.84
N THR A 288 21.07 38.00 17.34
CA THR A 288 20.00 38.77 17.99
C THR A 288 18.98 39.29 16.98
N GLY A 289 19.42 39.63 15.78
CA GLY A 289 18.56 40.15 14.75
C GLY A 289 19.08 41.46 14.18
N GLY A 290 18.19 42.20 13.56
CA GLY A 290 18.53 43.49 12.99
C GLY A 290 18.90 43.40 11.52
N LYS A 291 19.24 44.56 10.97
CA LYS A 291 19.62 44.64 9.56
C LYS A 291 20.94 43.91 9.32
N CYS A 292 21.06 43.35 8.12
CA CYS A 292 22.26 42.62 7.71
C CYS A 292 23.17 43.51 6.89
N GLU A 293 24.47 43.41 7.15
CA GLU A 293 25.45 44.21 6.45
C GLU A 293 25.81 43.57 5.10
N LEU A 294 26.51 44.34 4.27
CA LEU A 294 26.97 43.90 2.97
C LEU A 294 28.50 43.83 2.97
N LEU A 295 29.04 42.69 2.52
CA LEU A 295 30.48 42.49 2.49
C LEU A 295 31.05 42.45 1.08
N SER A 296 30.24 42.72 0.06
CA SER A 296 30.72 42.69 -1.31
C SER A 296 29.78 43.52 -2.18
N ASP A 297 30.22 43.78 -3.41
CA ASP A 297 29.39 44.49 -4.37
C ASP A 297 28.20 43.62 -4.77
N GLU A 298 27.03 44.25 -4.89
CA GLU A 298 25.79 43.54 -5.18
C GLU A 298 25.48 43.46 -6.67
N SER A 299 26.31 44.05 -7.53
CA SER A 299 26.01 44.09 -8.96
C SER A 299 26.46 42.83 -9.70
N VAL A 300 27.25 41.97 -9.06
CA VAL A 300 27.81 40.81 -9.75
C VAL A 300 27.56 39.54 -8.95
N ALA A 301 28.09 38.41 -9.42
CA ALA A 301 27.88 37.11 -8.80
C ALA A 301 29.10 36.70 -8.01
N VAL A 302 28.87 36.20 -6.79
CA VAL A 302 29.93 35.68 -5.93
C VAL A 302 29.50 34.31 -5.42
N THR A 303 30.49 33.53 -4.97
CA THR A 303 30.22 32.19 -4.49
C THR A 303 31.42 31.68 -3.69
N SER A 304 31.20 30.58 -2.99
CA SER A 304 32.21 29.79 -2.27
C SER A 304 33.05 30.63 -1.31
N PRO A 305 32.49 31.12 -0.20
CA PRO A 305 33.31 31.80 0.80
C PRO A 305 33.93 30.79 1.76
N ARG A 306 35.24 30.94 1.99
CA ARG A 306 35.99 30.03 2.85
C ARG A 306 36.75 30.84 3.90
N LEU A 307 36.68 30.39 5.15
CA LEU A 307 37.30 31.10 6.25
C LEU A 307 38.69 30.53 6.54
N SER A 308 39.61 31.41 6.92
CA SER A 308 40.98 31.00 7.21
C SER A 308 41.03 30.20 8.50
N PRO A 309 41.99 29.27 8.61
CA PRO A 309 42.11 28.51 9.87
C PRO A 309 42.42 29.36 11.08
N ASP A 310 43.05 30.52 10.90
CA ASP A 310 43.29 31.44 12.00
C ASP A 310 42.16 32.46 12.16
N GLN A 311 41.10 32.35 11.35
CA GLN A 311 39.89 33.15 11.51
C GLN A 311 40.18 34.65 11.38
N CYS A 312 40.85 35.02 10.29
CA CYS A 312 41.18 36.41 10.03
C CYS A 312 40.88 36.86 8.60
N ARG A 313 40.72 35.94 7.65
CA ARG A 313 40.53 36.31 6.25
C ARG A 313 39.49 35.38 5.62
N ILE A 314 38.85 35.88 4.57
CA ILE A 314 37.88 35.12 3.80
C ILE A 314 38.26 35.22 2.33
N VAL A 315 38.09 34.12 1.59
CA VAL A 315 38.40 34.09 0.17
C VAL A 315 37.21 33.50 -0.57
N TYR A 316 36.88 34.08 -1.73
CA TYR A 316 35.71 33.63 -2.47
C TYR A 316 35.92 33.87 -3.96
N LEU A 317 35.01 33.31 -4.76
CA LEU A 317 35.05 33.41 -6.21
C LEU A 317 34.06 34.46 -6.68
N ARG A 318 34.49 35.28 -7.63
CA ARG A 318 33.67 36.37 -8.16
C ARG A 318 33.68 36.33 -9.68
N PHE A 319 32.49 36.40 -10.27
CA PHE A 319 32.34 36.38 -11.73
C PHE A 319 31.88 37.75 -12.21
N PRO A 320 32.64 38.41 -13.08
CA PRO A 320 32.36 39.82 -13.39
C PRO A 320 31.22 40.05 -14.38
N SER A 321 30.73 39.02 -15.06
CA SER A 321 29.72 39.18 -16.09
C SER A 321 28.59 38.17 -15.88
N LEU A 322 27.41 38.52 -16.40
CA LEU A 322 26.24 37.66 -16.31
C LEU A 322 25.75 37.18 -17.67
N VAL A 323 26.49 37.46 -18.74
CA VAL A 323 26.08 37.06 -20.08
C VAL A 323 26.31 35.57 -20.31
N PRO A 324 27.50 35.02 -20.09
CA PRO A 324 27.67 33.58 -20.29
C PRO A 324 27.40 32.77 -19.03
N HIS A 325 27.10 31.49 -19.24
CA HIS A 325 26.82 30.60 -18.12
C HIS A 325 28.07 29.95 -17.55
N GLN A 326 29.24 30.20 -18.16
CA GLN A 326 30.51 29.74 -17.62
C GLN A 326 31.63 30.62 -18.19
N GLN A 327 32.54 31.04 -17.32
CA GLN A 327 33.58 31.99 -17.70
C GLN A 327 34.71 31.93 -16.68
N CYS A 328 35.78 32.67 -16.96
CA CYS A 328 36.86 32.81 -15.99
C CYS A 328 36.39 33.62 -14.80
N GLY A 329 36.87 33.24 -13.62
CA GLY A 329 36.55 33.94 -12.39
C GLY A 329 37.75 34.64 -11.77
N GLN A 330 37.45 35.36 -10.70
CA GLN A 330 38.46 36.04 -9.90
C GLN A 330 38.42 35.51 -8.48
N LEU A 331 39.57 35.55 -7.81
CA LEU A 331 39.70 35.08 -6.44
C LEU A 331 39.85 36.31 -5.55
N CYS A 332 38.81 36.62 -4.78
CA CYS A 332 38.75 37.83 -3.99
C CYS A 332 39.01 37.53 -2.52
N LEU A 333 39.76 38.41 -1.87
CA LEU A 333 40.16 38.26 -0.47
C LEU A 333 39.57 39.42 0.33
N TYR A 334 39.01 39.08 1.49
CA TYR A 334 38.41 40.06 2.39
C TYR A 334 39.02 39.88 3.78
N ASP A 335 39.55 40.97 4.33
CA ASP A 335 40.13 40.94 5.67
C ASP A 335 39.06 41.32 6.69
N TRP A 336 38.87 40.45 7.68
CA TRP A 336 37.74 40.61 8.59
C TRP A 336 37.91 41.84 9.48
N TYR A 337 39.09 42.00 10.08
CA TYR A 337 39.27 43.06 11.06
C TYR A 337 39.53 44.42 10.41
N THR A 338 40.12 44.44 9.21
CA THR A 338 40.38 45.69 8.52
C THR A 338 39.23 46.09 7.59
N ARG A 339 38.44 45.12 7.12
CA ARG A 339 37.32 45.36 6.23
C ARG A 339 37.77 46.02 4.92
N VAL A 340 38.76 45.38 4.28
CA VAL A 340 39.29 45.82 2.99
C VAL A 340 39.33 44.63 2.06
N THR A 341 38.91 44.83 0.82
CA THR A 341 38.81 43.77 -0.17
C THR A 341 39.87 43.96 -1.26
N SER A 342 40.50 42.86 -1.66
CA SER A 342 41.53 42.88 -2.69
C SER A 342 41.35 41.70 -3.62
N VAL A 343 42.08 41.72 -4.73
CA VAL A 343 42.01 40.69 -5.76
C VAL A 343 43.34 39.93 -5.75
N VAL A 344 43.25 38.59 -5.80
CA VAL A 344 44.44 37.74 -5.76
C VAL A 344 44.73 37.22 -7.16
N VAL A 345 43.77 36.50 -7.74
CA VAL A 345 43.89 35.96 -9.09
C VAL A 345 42.91 36.70 -9.99
N ASP A 346 43.42 37.25 -11.09
CA ASP A 346 42.63 38.05 -12.00
C ASP A 346 42.30 37.27 -13.27
N ILE A 347 41.51 37.89 -14.13
CA ILE A 347 41.07 37.24 -15.37
C ILE A 347 42.27 37.05 -16.29
N VAL A 348 42.36 35.87 -16.89
CA VAL A 348 43.44 35.53 -17.82
C VAL A 348 42.86 35.61 -19.23
N PRO A 349 43.28 36.57 -20.07
CA PRO A 349 42.69 36.71 -21.40
C PRO A 349 42.93 35.50 -22.29
N ARG A 350 44.19 35.15 -22.54
CA ARG A 350 44.53 34.01 -23.38
C ARG A 350 45.31 32.96 -22.63
N GLN A 351 46.44 33.32 -22.00
CA GLN A 351 47.25 32.36 -21.25
C GLN A 351 48.22 33.15 -20.37
N LEU A 352 48.17 32.92 -19.07
CA LEU A 352 49.10 33.51 -18.12
C LEU A 352 50.17 32.47 -17.83
N GLY A 353 51.38 32.69 -18.37
CA GLY A 353 52.42 31.68 -18.28
C GLY A 353 52.17 30.55 -19.25
N GLU A 354 52.82 29.42 -18.97
CA GLU A 354 52.66 28.23 -19.79
C GLU A 354 51.82 27.14 -19.14
N ASP A 355 51.48 27.30 -17.86
CA ASP A 355 50.78 26.25 -17.12
C ASP A 355 49.44 26.68 -16.54
N PHE A 356 49.09 27.96 -16.62
CA PHE A 356 47.86 28.47 -16.04
C PHE A 356 47.02 29.16 -17.10
N SER A 357 45.70 28.96 -17.02
CA SER A 357 44.77 29.55 -17.97
C SER A 357 43.54 30.19 -17.34
N GLY A 358 43.39 30.14 -16.03
CA GLY A 358 42.27 30.74 -15.35
C GLY A 358 41.58 29.77 -14.42
N ILE A 359 40.53 30.26 -13.76
CA ILE A 359 39.74 29.48 -12.81
C ILE A 359 38.37 29.23 -13.42
N TYR A 360 38.06 27.96 -13.68
CA TYR A 360 36.80 27.57 -14.28
C TYR A 360 35.95 26.70 -13.36
N CYS A 361 36.34 26.52 -12.11
CA CYS A 361 35.61 25.71 -11.17
C CYS A 361 34.67 26.58 -10.35
N SER A 362 33.39 26.21 -10.30
CA SER A 362 32.41 27.01 -9.59
C SER A 362 32.51 26.84 -8.08
N LEU A 363 32.93 25.67 -7.61
CA LEU A 363 32.96 25.35 -6.19
C LEU A 363 34.37 25.03 -5.76
N LEU A 364 34.85 25.74 -4.73
CA LEU A 364 36.13 25.46 -4.11
C LEU A 364 36.01 24.25 -3.18
N PRO A 365 37.11 23.54 -2.92
CA PRO A 365 37.06 22.43 -1.97
C PRO A 365 36.75 22.93 -0.57
N LEU A 366 36.16 22.03 0.23
CA LEU A 366 35.77 22.41 1.59
C LEU A 366 36.98 22.82 2.42
N GLY A 367 38.09 22.10 2.27
CA GLY A 367 39.35 22.53 2.86
C GLY A 367 40.32 22.95 1.77
N CYS A 368 40.70 24.23 1.76
CA CYS A 368 41.58 24.73 0.71
C CYS A 368 42.78 25.46 1.30
N TRP A 369 42.60 26.08 2.47
CA TRP A 369 43.68 26.82 3.09
C TRP A 369 44.77 25.88 3.60
N SER A 370 46.01 26.37 3.56
CA SER A 370 47.14 25.61 4.08
C SER A 370 47.29 25.88 5.58
N ALA A 371 48.25 25.19 6.21
CA ALA A 371 48.47 25.36 7.64
C ALA A 371 48.91 26.78 7.98
N ASP A 372 49.77 27.37 7.14
CA ASP A 372 50.24 28.73 7.37
C ASP A 372 49.15 29.78 7.14
N SER A 373 48.00 29.39 6.57
CA SER A 373 46.91 30.30 6.26
C SER A 373 47.38 31.46 5.37
N GLN A 374 48.23 31.13 4.38
CA GLN A 374 48.72 32.10 3.44
C GLN A 374 48.68 31.62 1.99
N ARG A 375 48.37 30.36 1.75
CA ARG A 375 48.29 29.81 0.41
C ARG A 375 46.97 29.08 0.23
N VAL A 376 46.48 29.07 -1.01
CA VAL A 376 45.22 28.43 -1.35
C VAL A 376 45.48 27.41 -2.46
N VAL A 377 44.98 26.19 -2.29
CA VAL A 377 45.19 25.12 -3.24
C VAL A 377 43.85 24.80 -3.91
N PHE A 378 43.86 24.70 -5.23
CA PHE A 378 42.64 24.42 -5.99
C PHE A 378 43.00 23.65 -7.25
N ASP A 379 41.98 23.34 -8.05
CA ASP A 379 42.17 22.71 -9.34
C ASP A 379 41.25 23.35 -10.37
N SER A 380 41.66 23.28 -11.63
CA SER A 380 40.90 23.86 -12.73
C SER A 380 41.42 23.29 -14.03
N PRO A 381 40.58 23.15 -15.04
CA PRO A 381 41.06 22.62 -16.33
C PRO A 381 42.07 23.55 -16.98
N GLN A 382 43.01 22.94 -17.69
CA GLN A 382 44.04 23.66 -18.44
C GLN A 382 44.20 22.98 -19.79
N ARG A 383 43.60 23.55 -20.82
CA ARG A 383 43.52 22.95 -22.15
C ARG A 383 42.71 21.65 -22.02
N SER A 384 43.27 20.49 -22.34
CA SER A 384 42.55 19.23 -22.20
C SER A 384 42.93 18.46 -20.94
N ARG A 385 43.64 19.11 -20.02
CA ARG A 385 44.13 18.49 -18.80
C ARG A 385 43.41 19.08 -17.59
N GLN A 386 43.79 18.59 -16.41
CA GLN A 386 43.34 19.14 -15.14
C GLN A 386 44.47 18.98 -14.14
N ASP A 387 44.92 20.10 -13.58
CA ASP A 387 46.07 20.11 -12.70
C ASP A 387 45.69 20.76 -11.37
N LEU A 388 46.63 20.70 -10.42
CA LEU A 388 46.47 21.31 -9.11
C LEU A 388 47.37 22.52 -9.01
N PHE A 389 46.80 23.65 -8.61
CA PHE A 389 47.52 24.91 -8.51
C PHE A 389 47.49 25.41 -7.07
N ALA A 390 48.56 26.09 -6.68
CA ALA A 390 48.67 26.74 -5.38
C ALA A 390 48.98 28.22 -5.60
N VAL A 391 48.24 29.08 -4.91
CA VAL A 391 48.35 30.52 -5.08
C VAL A 391 48.71 31.14 -3.74
N ASP A 392 49.69 32.05 -3.76
CA ASP A 392 50.12 32.76 -2.57
C ASP A 392 49.26 34.00 -2.38
N THR A 393 48.68 34.13 -1.19
CA THR A 393 47.72 35.21 -0.96
C THR A 393 48.42 36.56 -0.76
N GLN A 394 49.60 36.55 -0.12
CA GLN A 394 50.30 37.80 0.12
C GLN A 394 50.71 38.47 -1.18
N MET A 395 51.22 37.70 -2.14
CA MET A 395 51.57 38.21 -3.46
C MET A 395 51.07 37.21 -4.50
N GLY A 396 50.21 37.68 -5.40
CA GLY A 396 49.60 36.81 -6.39
C GLY A 396 50.59 36.08 -7.26
N SER A 397 50.72 34.77 -7.04
CA SER A 397 51.64 33.94 -7.82
C SER A 397 51.11 32.52 -7.81
N VAL A 398 50.85 31.97 -8.99
CA VAL A 398 50.26 30.64 -9.14
C VAL A 398 51.34 29.66 -9.54
N THR A 399 51.46 28.57 -8.80
CA THR A 399 52.41 27.50 -9.07
C THR A 399 51.66 26.21 -9.34
N SER A 400 52.07 25.50 -10.38
CA SER A 400 51.43 24.24 -10.76
C SER A 400 52.11 23.09 -10.04
N LEU A 401 51.34 22.33 -9.26
CA LEU A 401 51.90 21.23 -8.50
C LEU A 401 52.20 20.02 -9.38
N THR A 402 51.37 19.77 -10.38
CA THR A 402 51.50 18.60 -11.25
C THR A 402 51.60 19.08 -12.70
N ALA A 403 52.83 19.34 -13.14
CA ALA A 403 53.11 19.75 -14.51
C ALA A 403 53.87 18.63 -15.22
N GLY A 404 53.87 18.71 -16.55
CA GLY A 404 54.53 17.71 -17.36
C GLY A 404 53.74 16.42 -17.44
N GLY A 405 54.41 15.40 -17.97
CA GLY A 405 53.79 14.11 -18.16
C GLY A 405 52.94 14.04 -19.42
N SER A 406 52.38 12.85 -19.64
CA SER A 406 51.55 12.66 -20.83
C SER A 406 50.20 13.33 -20.68
N GLY A 407 49.63 13.31 -19.49
CA GLY A 407 48.32 13.91 -19.27
C GLY A 407 47.76 13.47 -17.92
N GLY A 408 46.45 13.31 -17.90
CA GLY A 408 45.73 12.94 -16.70
C GLY A 408 44.90 14.08 -16.16
N SER A 409 44.01 13.74 -15.22
CA SER A 409 43.12 14.69 -14.59
C SER A 409 43.17 14.50 -13.08
N TRP A 410 43.80 15.44 -12.40
CA TRP A 410 43.86 15.43 -10.94
C TRP A 410 42.66 16.17 -10.36
N LYS A 411 42.28 15.79 -9.15
CA LYS A 411 41.17 16.44 -8.46
C LYS A 411 41.47 16.47 -6.96
N LEU A 412 41.37 17.66 -6.36
CA LEU A 412 41.62 17.81 -4.94
C LEU A 412 40.36 17.50 -4.15
N LEU A 413 40.54 16.74 -3.06
CA LEU A 413 39.44 16.36 -2.19
C LEU A 413 39.48 17.08 -0.85
N THR A 414 40.64 17.13 -0.21
CA THR A 414 40.77 17.82 1.07
C THR A 414 42.24 18.07 1.36
N ILE A 415 42.47 19.11 2.16
CA ILE A 415 43.79 19.41 2.72
C ILE A 415 43.60 19.83 4.17
N ASP A 416 44.41 19.29 5.07
CA ASP A 416 44.34 19.61 6.48
C ASP A 416 45.70 19.41 7.09
N ARG A 417 46.25 20.47 7.70
CA ARG A 417 47.59 20.47 8.27
C ARG A 417 48.63 20.04 7.23
N ASP A 418 48.49 20.61 6.02
CA ASP A 418 49.42 20.42 4.91
C ASP A 418 49.44 18.98 4.40
N LEU A 419 48.40 18.20 4.66
CA LEU A 419 48.26 16.87 4.09
C LEU A 419 47.10 16.88 3.10
N MET A 420 47.42 16.62 1.83
CA MET A 420 46.45 16.69 0.75
C MET A 420 46.08 15.28 0.29
N VAL A 421 44.77 15.06 0.11
CA VAL A 421 44.24 13.81 -0.42
C VAL A 421 43.67 14.10 -1.80
N VAL A 422 44.20 13.43 -2.82
CA VAL A 422 43.82 13.67 -4.20
C VAL A 422 43.46 12.35 -4.87
N GLN A 423 42.83 12.46 -6.03
CA GLN A 423 42.53 11.31 -6.88
C GLN A 423 43.05 11.59 -8.28
N PHE A 424 43.33 10.52 -9.01
CA PHE A 424 43.98 10.61 -10.32
C PHE A 424 43.41 9.56 -11.25
N SER A 425 43.17 9.93 -12.50
CA SER A 425 42.63 9.01 -13.49
C SER A 425 42.98 9.49 -14.89
N THR A 426 43.04 8.54 -15.81
CA THR A 426 43.28 8.77 -17.22
C THR A 426 42.26 7.98 -18.02
N PRO A 427 42.17 8.18 -19.33
CA PRO A 427 41.26 7.35 -20.13
C PRO A 427 41.57 5.86 -20.09
N SER A 428 42.78 5.48 -19.67
CA SER A 428 43.16 4.08 -19.61
C SER A 428 42.98 3.45 -18.23
N VAL A 429 42.99 4.25 -17.17
CA VAL A 429 42.93 3.70 -15.82
C VAL A 429 41.72 4.25 -15.07
N PRO A 430 41.12 3.47 -14.18
CA PRO A 430 40.03 3.99 -13.35
C PRO A 430 40.57 4.91 -12.27
N PRO A 431 39.69 5.60 -11.53
CA PRO A 431 40.17 6.51 -10.47
C PRO A 431 40.98 5.80 -9.41
N SER A 432 41.97 6.52 -8.89
CA SER A 432 42.85 6.04 -7.82
C SER A 432 42.74 6.99 -6.62
N LEU A 433 43.60 6.77 -5.63
CA LEU A 433 43.64 7.61 -4.44
C LEU A 433 45.09 7.79 -4.01
N LYS A 434 45.43 9.02 -3.63
CA LYS A 434 46.80 9.36 -3.26
C LYS A 434 46.79 10.40 -2.15
N VAL A 435 47.88 10.44 -1.39
CA VAL A 435 48.08 11.41 -0.33
C VAL A 435 49.47 12.03 -0.49
N GLY A 436 49.62 13.24 0.02
CA GLY A 436 50.91 13.92 -0.07
C GLY A 436 51.00 15.05 0.93
N PHE A 437 52.22 15.57 1.07
CA PHE A 437 52.49 16.71 1.93
C PHE A 437 52.83 17.92 1.07
N LEU A 438 52.25 19.07 1.41
CA LEU A 438 52.54 20.30 0.68
C LEU A 438 53.86 20.88 1.16
N PRO A 439 54.87 20.96 0.30
CA PRO A 439 56.18 21.48 0.72
C PRO A 439 56.12 22.98 0.93
N PRO A 440 57.10 23.56 1.63
CA PRO A 440 57.07 25.00 1.91
C PRO A 440 57.17 25.82 0.62
N ALA A 441 57.02 27.14 0.80
CA ALA A 441 57.02 28.05 -0.34
C ALA A 441 58.37 28.04 -1.05
N GLY A 442 58.32 27.99 -2.38
CA GLY A 442 59.50 27.97 -3.20
C GLY A 442 59.96 26.58 -3.62
N LYS A 443 59.40 25.53 -3.01
CA LYS A 443 59.74 24.15 -3.36
C LYS A 443 58.51 23.33 -3.70
N GLU A 444 57.42 23.97 -4.11
CA GLU A 444 56.15 23.29 -4.33
C GLU A 444 56.15 22.41 -5.57
N GLN A 445 57.17 22.53 -6.43
CA GLN A 445 57.21 21.69 -7.63
C GLN A 445 57.58 20.25 -7.29
N ALA A 446 58.28 20.02 -6.17
CA ALA A 446 58.74 18.70 -5.78
C ALA A 446 57.79 18.15 -4.71
N VAL A 447 56.79 17.39 -5.15
CA VAL A 447 55.81 16.77 -4.27
C VAL A 447 55.89 15.26 -4.45
N SER A 448 55.89 14.53 -3.35
CA SER A 448 55.93 13.07 -3.36
C SER A 448 54.55 12.53 -3.05
N TRP A 449 54.03 11.67 -3.94
CA TRP A 449 52.71 11.08 -3.80
C TRP A 449 52.84 9.63 -3.37
N VAL A 450 52.05 9.24 -2.38
CA VAL A 450 52.03 7.87 -1.87
C VAL A 450 50.65 7.29 -2.17
N SER A 451 50.62 6.16 -2.87
CA SER A 451 49.35 5.56 -3.26
C SER A 451 48.64 4.94 -2.07
N LEU A 452 47.32 4.96 -2.11
CA LEU A 452 46.46 4.34 -1.11
C LEU A 452 45.62 3.21 -1.66
N GLU A 453 45.06 3.36 -2.85
CA GLU A 453 44.21 2.33 -3.46
C GLU A 453 44.40 2.41 -4.96
N GLU A 454 45.21 1.51 -5.50
CA GLU A 454 45.50 1.49 -6.93
C GLU A 454 44.34 0.90 -7.71
N ALA A 455 44.34 1.15 -9.02
CA ALA A 455 43.33 0.65 -9.93
C ALA A 455 44.02 -0.08 -11.08
N GLU A 456 43.43 -1.20 -11.49
CA GLU A 456 44.02 -2.00 -12.56
C GLU A 456 43.80 -1.31 -13.90
N PRO A 457 44.85 -1.08 -14.68
CA PRO A 457 44.69 -0.39 -15.97
C PRO A 457 44.19 -1.33 -17.06
N PHE A 458 43.82 -0.72 -18.18
CA PHE A 458 43.45 -1.45 -19.38
C PHE A 458 44.51 -1.22 -20.45
N PRO A 459 45.36 -2.20 -20.74
CA PRO A 459 46.52 -1.97 -21.62
C PRO A 459 46.20 -2.03 -23.10
N ASP A 460 44.93 -2.17 -23.49
CA ASP A 460 44.55 -2.25 -24.89
C ASP A 460 43.91 -0.96 -25.40
N ILE A 461 44.04 0.14 -24.66
CA ILE A 461 43.47 1.43 -25.05
C ILE A 461 44.61 2.43 -25.15
N SER A 462 44.69 3.12 -26.29
CA SER A 462 45.67 4.17 -26.51
C SER A 462 44.93 5.49 -26.72
N TRP A 463 45.43 6.55 -26.08
CA TRP A 463 44.80 7.86 -26.17
C TRP A 463 45.86 8.91 -26.46
N SER A 464 45.49 9.90 -27.28
CA SER A 464 46.41 10.96 -27.68
C SER A 464 45.65 12.26 -27.85
N ILE A 465 46.40 13.36 -27.91
CA ILE A 465 45.84 14.70 -28.03
C ILE A 465 46.36 15.32 -29.32
N ARG A 466 45.45 15.84 -30.14
CA ARG A 466 45.79 16.46 -31.41
C ARG A 466 45.31 17.90 -31.43
N VAL A 467 46.21 18.81 -31.80
CA VAL A 467 45.92 20.25 -31.80
C VAL A 467 45.59 20.67 -33.23
N LEU A 468 44.52 21.45 -33.39
CA LEU A 468 43.99 21.82 -34.69
C LEU A 468 43.87 23.33 -34.79
N GLN A 469 44.27 23.85 -35.95
CA GLN A 469 44.26 25.28 -36.25
C GLN A 469 43.24 25.57 -37.34
N PRO A 470 42.24 26.42 -37.10
CA PRO A 470 41.22 26.66 -38.12
C PRO A 470 41.81 27.37 -39.32
N PRO A 471 41.24 27.14 -40.51
CA PRO A 471 41.72 27.83 -41.71
C PRO A 471 41.40 29.31 -41.65
N PRO A 472 42.11 30.14 -42.42
CA PRO A 472 41.89 31.60 -42.35
C PRO A 472 40.48 32.03 -42.72
N GLN A 473 39.79 31.29 -43.59
CA GLN A 473 38.46 31.70 -44.03
C GLN A 473 37.48 31.72 -42.86
N GLN A 474 37.51 30.66 -42.03
CA GLN A 474 36.64 30.57 -40.87
C GLN A 474 37.38 30.99 -39.60
N GLU A 475 37.80 32.26 -39.61
CA GLU A 475 38.53 32.86 -38.50
C GLU A 475 37.72 34.04 -37.97
N HIS A 476 37.60 34.13 -36.64
CA HIS A 476 36.86 35.21 -36.02
C HIS A 476 37.54 36.55 -36.29
N VAL A 477 36.73 37.58 -36.53
CA VAL A 477 37.29 38.90 -36.83
C VAL A 477 37.88 39.53 -35.57
N GLN A 478 37.14 39.48 -34.46
CA GLN A 478 37.61 40.12 -33.23
C GLN A 478 38.81 39.38 -32.64
N TYR A 479 38.72 38.05 -32.54
CA TYR A 479 39.76 37.24 -31.95
C TYR A 479 40.42 36.40 -33.04
N ALA A 480 41.74 36.52 -33.16
CA ALA A 480 42.50 35.82 -34.18
C ALA A 480 43.60 34.99 -33.53
N GLY A 481 43.98 33.91 -34.22
CA GLY A 481 45.00 33.01 -33.73
C GLY A 481 44.51 31.92 -32.80
N LEU A 482 43.23 31.91 -32.46
CA LEU A 482 42.69 30.88 -31.58
C LEU A 482 42.68 29.53 -32.27
N ASP A 483 43.05 28.49 -31.52
CA ASP A 483 43.04 27.12 -32.01
C ASP A 483 42.33 26.23 -31.00
N PHE A 484 42.07 24.99 -31.40
CA PHE A 484 41.41 24.05 -30.48
C PHE A 484 42.09 22.69 -30.56
N GLU A 485 41.49 21.66 -29.98
CA GLU A 485 42.12 20.35 -29.99
C GLU A 485 41.07 19.25 -29.79
N ALA A 486 41.56 18.02 -29.82
CA ALA A 486 40.72 16.85 -29.71
C ALA A 486 41.52 15.71 -29.08
N ILE A 487 40.78 14.74 -28.55
CA ILE A 487 41.33 13.55 -27.93
C ILE A 487 40.93 12.34 -28.78
N LEU A 488 41.91 11.51 -29.13
CA LEU A 488 41.70 10.36 -29.98
C LEU A 488 41.99 9.08 -29.19
N LEU A 489 41.01 8.18 -29.17
CA LEU A 489 41.13 6.89 -28.52
C LEU A 489 41.09 5.79 -29.57
N GLN A 490 42.13 4.98 -29.62
CA GLN A 490 42.26 3.90 -30.60
C GLN A 490 42.84 2.67 -29.94
N PRO A 491 42.52 1.48 -30.45
CA PRO A 491 43.11 0.25 -29.90
C PRO A 491 44.60 0.16 -30.18
N SER A 492 45.32 -0.48 -29.27
CA SER A 492 46.76 -0.64 -29.43
C SER A 492 47.09 -1.74 -30.42
N ASN A 493 46.30 -2.82 -30.45
CA ASN A 493 46.56 -3.96 -31.33
C ASN A 493 46.09 -3.60 -32.74
N SER A 494 46.91 -2.83 -33.43
CA SER A 494 46.58 -2.39 -34.78
C SER A 494 46.56 -3.60 -35.72
N PRO A 495 45.46 -3.80 -36.48
CA PRO A 495 45.33 -4.88 -37.46
C PRO A 495 46.44 -4.87 -38.51
N THR A 498 43.50 -1.47 -41.30
CA THR A 498 43.33 -0.65 -42.49
C THR A 498 41.91 -0.14 -42.62
N GLN A 499 41.02 -0.66 -41.76
CA GLN A 499 39.62 -0.25 -41.74
C GLN A 499 39.14 -0.29 -40.30
N VAL A 500 39.01 0.89 -39.69
CA VAL A 500 38.55 1.02 -38.32
C VAL A 500 37.42 2.04 -38.29
N PRO A 501 36.21 1.67 -37.86
CA PRO A 501 35.13 2.65 -37.77
C PRO A 501 35.41 3.70 -36.71
N MET A 502 34.83 4.88 -36.90
CA MET A 502 35.05 6.01 -36.01
C MET A 502 33.73 6.50 -35.45
N VAL A 503 33.75 6.95 -34.20
CA VAL A 503 32.61 7.59 -33.55
C VAL A 503 33.07 8.95 -33.07
N VAL A 504 32.38 10.00 -33.51
CA VAL A 504 32.75 11.39 -33.21
C VAL A 504 31.70 11.95 -32.24
N MET A 505 32.17 12.59 -31.17
CA MET A 505 31.19 13.23 -30.30
C MET A 505 31.68 14.56 -29.74
N PRO A 506 30.92 15.63 -29.94
CA PRO A 506 31.24 16.91 -29.32
C PRO A 506 30.56 17.08 -27.96
N HIS A 507 31.17 17.93 -27.13
CA HIS A 507 30.67 18.14 -25.78
C HIS A 507 29.43 19.03 -25.78
N GLY A 508 28.73 19.03 -24.65
CA GLY A 508 27.60 19.90 -24.45
C GLY A 508 28.04 21.31 -24.09
N GLY A 509 27.35 21.94 -23.16
CA GLY A 509 27.75 23.25 -22.69
C GLY A 509 26.80 24.36 -23.07
N PRO A 510 27.19 25.20 -24.05
CA PRO A 510 28.37 24.99 -24.91
C PRO A 510 29.69 25.45 -24.30
N HIS A 511 29.67 25.88 -23.04
CA HIS A 511 30.90 26.22 -22.32
C HIS A 511 31.24 25.06 -21.38
N SER A 512 31.88 24.05 -21.96
CA SER A 512 32.32 22.87 -21.23
C SER A 512 33.40 22.19 -22.06
N SER A 513 34.06 21.19 -21.47
CA SER A 513 35.20 20.57 -22.12
C SER A 513 35.32 19.11 -21.70
N PHE A 514 36.06 18.35 -22.51
CA PHE A 514 36.50 17.00 -22.16
C PHE A 514 37.91 17.09 -21.59
N VAL A 515 38.09 16.65 -20.36
CA VAL A 515 39.42 16.48 -19.80
C VAL A 515 39.81 15.01 -19.95
N THR A 516 41.11 14.73 -19.86
CA THR A 516 41.61 13.37 -20.02
C THR A 516 41.38 12.59 -18.73
N ALA A 517 40.10 12.35 -18.45
CA ALA A 517 39.65 11.60 -17.29
C ALA A 517 39.08 10.27 -17.73
N TRP A 518 38.53 9.52 -16.77
CA TRP A 518 37.96 8.21 -17.04
C TRP A 518 36.49 8.35 -17.40
N MET A 519 36.13 7.99 -18.62
CA MET A 519 34.76 8.01 -19.10
C MET A 519 34.35 6.61 -19.52
N LEU A 520 33.18 6.16 -19.07
CA LEU A 520 32.78 4.77 -19.24
C LEU A 520 32.46 4.46 -20.70
N PHE A 521 31.63 5.28 -21.34
CA PHE A 521 31.16 4.95 -22.69
C PHE A 521 32.27 5.00 -23.73
N PRO A 522 33.12 6.04 -23.79
CA PRO A 522 34.25 5.99 -24.73
C PRO A 522 35.17 4.80 -24.50
N ALA A 523 35.33 4.35 -23.25
CA ALA A 523 36.13 3.16 -23.00
C ALA A 523 35.44 1.91 -23.52
N MET A 524 34.13 1.81 -23.34
CA MET A 524 33.39 0.66 -23.84
C MET A 524 33.41 0.60 -25.36
N LEU A 525 33.27 1.74 -26.02
CA LEU A 525 33.27 1.75 -27.48
C LEU A 525 34.63 1.32 -28.03
N CYS A 526 35.71 1.70 -27.38
CA CYS A 526 37.04 1.34 -27.85
C CYS A 526 37.36 -0.14 -27.65
N LYS A 527 36.59 -0.83 -26.81
CA LYS A 527 36.79 -2.27 -26.63
C LYS A 527 36.01 -3.10 -27.63
N MET A 528 35.15 -2.50 -28.44
CA MET A 528 34.42 -3.20 -29.48
C MET A 528 35.02 -2.97 -30.86
N GLY A 529 36.20 -2.36 -30.95
CA GLY A 529 36.86 -2.13 -32.21
C GLY A 529 36.70 -0.73 -32.78
N PHE A 530 35.96 0.14 -32.11
CA PHE A 530 35.77 1.50 -32.60
C PHE A 530 36.93 2.39 -32.20
N ALA A 531 37.03 3.54 -32.88
CA ALA A 531 37.95 4.61 -32.52
C ALA A 531 37.15 5.86 -32.22
N VAL A 532 37.41 6.49 -31.09
CA VAL A 532 36.56 7.55 -30.56
C VAL A 532 37.29 8.88 -30.70
N LEU A 533 36.56 9.91 -31.13
CA LEU A 533 37.08 11.26 -31.25
C LEU A 533 36.27 12.20 -30.37
N LEU A 534 36.97 12.99 -29.55
CA LEU A 534 36.38 13.93 -28.60
C LEU A 534 36.90 15.32 -28.95
N VAL A 535 36.03 16.17 -29.49
CA VAL A 535 36.43 17.47 -30.02
C VAL A 535 36.09 18.55 -28.99
N ASN A 536 37.06 19.43 -28.72
CA ASN A 536 36.85 20.57 -27.85
C ASN A 536 36.95 21.82 -28.72
N TYR A 537 35.83 22.21 -29.32
CA TYR A 537 35.83 23.31 -30.28
C TYR A 537 36.03 24.64 -29.57
N ARG A 538 36.08 25.72 -30.37
CA ARG A 538 36.24 27.05 -29.81
C ARG A 538 34.97 27.45 -29.06
N GLY A 539 35.14 27.94 -27.84
CA GLY A 539 34.04 28.18 -26.92
C GLY A 539 34.08 27.32 -25.68
N SER A 540 35.06 26.42 -25.56
CA SER A 540 35.17 25.56 -24.41
C SER A 540 36.03 26.22 -23.33
N THR A 541 35.92 25.69 -22.11
CA THR A 541 36.68 26.23 -20.99
C THR A 541 38.10 25.67 -21.00
N GLY A 542 38.99 26.33 -20.26
CA GLY A 542 40.37 25.91 -20.16
C GLY A 542 41.29 26.51 -21.20
N PHE A 543 40.80 27.39 -22.07
CA PHE A 543 41.60 27.99 -23.12
C PHE A 543 41.73 29.50 -22.99
N GLY A 544 41.12 30.12 -22.00
CA GLY A 544 41.19 31.55 -21.79
C GLY A 544 39.82 32.20 -21.88
N GLN A 545 39.80 33.48 -21.51
CA GLN A 545 38.57 34.25 -21.58
C GLN A 545 38.21 34.63 -23.01
N ASP A 546 39.21 34.82 -23.87
CA ASP A 546 38.95 35.18 -25.26
C ASP A 546 38.25 34.07 -26.02
N SER A 547 38.44 32.81 -25.61
CA SER A 547 37.73 31.72 -26.25
C SER A 547 36.30 31.60 -25.76
N ILE A 548 36.01 32.07 -24.55
CA ILE A 548 34.65 32.02 -24.03
C ILE A 548 33.76 33.00 -24.77
N LEU A 549 34.24 34.22 -25.01
CA LEU A 549 33.44 35.29 -25.59
C LEU A 549 33.38 35.25 -27.12
N SER A 550 33.88 34.18 -27.75
CA SER A 550 33.87 34.06 -29.20
C SER A 550 32.62 33.39 -29.74
N LEU A 551 32.07 32.43 -29.00
CA LEU A 551 30.90 31.67 -29.46
C LEU A 551 29.60 32.45 -29.32
N PRO A 552 29.42 33.26 -28.27
CA PRO A 552 28.22 34.10 -28.19
C PRO A 552 27.98 34.88 -29.47
N GLY A 553 26.71 34.99 -29.86
CA GLY A 553 26.34 35.68 -31.08
C GLY A 553 26.23 34.77 -32.29
N ASN A 554 27.32 34.08 -32.62
CA ASN A 554 27.37 33.21 -33.79
C ASN A 554 27.38 31.76 -33.32
N VAL A 555 26.20 31.17 -33.20
CA VAL A 555 26.04 29.77 -32.80
C VAL A 555 25.30 29.04 -33.91
N GLY A 556 25.84 27.89 -34.31
CA GLY A 556 25.25 27.09 -35.36
C GLY A 556 25.96 27.14 -36.69
N HIS A 557 26.93 28.03 -36.85
CA HIS A 557 27.71 28.09 -38.08
C HIS A 557 29.21 28.18 -37.86
N GLN A 558 29.68 28.36 -36.62
CA GLN A 558 31.10 28.39 -36.33
C GLN A 558 31.60 27.08 -35.74
N ASP A 559 30.91 26.54 -34.74
CA ASP A 559 31.36 25.30 -34.11
C ASP A 559 31.09 24.09 -34.98
N VAL A 560 30.04 24.12 -35.79
CA VAL A 560 29.76 23.02 -36.72
C VAL A 560 30.90 22.86 -37.71
N LYS A 561 31.35 23.98 -38.28
CA LYS A 561 32.49 23.94 -39.20
C LYS A 561 33.77 23.52 -38.49
N ASP A 562 33.93 23.89 -37.22
CA ASP A 562 35.10 23.43 -36.47
C ASP A 562 35.10 21.91 -36.30
N VAL A 563 33.94 21.35 -35.93
CA VAL A 563 33.84 19.89 -35.78
C VAL A 563 34.08 19.21 -37.12
N GLN A 564 33.50 19.74 -38.20
CA GLN A 564 33.71 19.14 -39.51
C GLN A 564 35.16 19.22 -39.94
N PHE A 565 35.83 20.33 -39.65
CA PHE A 565 37.25 20.46 -39.96
C PHE A 565 38.07 19.44 -39.18
N ALA A 566 37.75 19.24 -37.91
CA ALA A 566 38.44 18.23 -37.12
C ALA A 566 38.26 16.84 -37.72
N VAL A 567 37.02 16.50 -38.09
CA VAL A 567 36.74 15.18 -38.63
C VAL A 567 37.48 14.98 -39.95
N GLU A 568 37.49 16.00 -40.81
CA GLU A 568 38.18 15.89 -42.08
C GLU A 568 39.69 15.74 -41.88
N GLN A 569 40.27 16.49 -40.93
CA GLN A 569 41.70 16.41 -40.70
C GLN A 569 42.12 15.06 -40.13
N VAL A 570 41.31 14.50 -39.23
CA VAL A 570 41.68 13.24 -38.59
C VAL A 570 41.70 12.10 -39.62
N LEU A 571 40.79 12.14 -40.60
CA LEU A 571 40.67 11.03 -41.54
C LEU A 571 41.89 10.87 -42.43
N GLN A 572 42.78 11.87 -42.50
CA GLN A 572 43.99 11.74 -43.30
C GLN A 572 44.91 10.63 -42.78
N GLU A 573 44.88 10.36 -41.48
CA GLU A 573 45.66 9.26 -40.93
C GLU A 573 45.16 7.92 -41.46
N GLU A 574 46.09 7.03 -41.77
CA GLU A 574 45.75 5.74 -42.33
C GLU A 574 45.02 4.88 -41.31
N HIS A 575 44.59 3.70 -41.75
CA HIS A 575 43.87 2.74 -40.92
C HIS A 575 42.59 3.36 -40.35
N PHE A 576 41.91 4.16 -41.17
CA PHE A 576 40.65 4.78 -40.77
C PHE A 576 39.71 4.74 -41.98
N ASP A 577 38.61 3.99 -41.85
CA ASP A 577 37.64 3.88 -42.94
C ASP A 577 36.82 5.16 -43.02
N ALA A 578 36.85 5.81 -44.19
CA ALA A 578 36.11 7.05 -44.36
C ALA A 578 34.64 6.84 -44.62
N GLY A 579 34.22 5.62 -44.94
CA GLY A 579 32.83 5.31 -45.18
C GLY A 579 32.04 4.87 -43.97
N ARG A 580 32.69 4.75 -42.81
CA ARG A 580 32.03 4.32 -41.56
C ARG A 580 32.37 5.33 -40.47
N VAL A 581 31.57 6.39 -40.38
CA VAL A 581 31.74 7.41 -39.36
C VAL A 581 30.38 7.65 -38.71
N ALA A 582 30.31 7.50 -37.39
CA ALA A 582 29.09 7.70 -36.64
C ALA A 582 29.22 8.91 -35.73
N LEU A 583 28.07 9.40 -35.26
CA LEU A 583 28.02 10.66 -34.54
C LEU A 583 27.19 10.49 -33.27
N MET A 584 27.71 11.01 -32.15
N MET A 584 27.68 11.05 -32.16
CA MET A 584 27.05 10.88 -30.86
CA MET A 584 27.03 10.96 -30.86
C MET A 584 26.97 12.25 -30.20
C MET A 584 26.93 12.35 -30.22
N GLY A 585 25.84 12.54 -29.57
N GLY A 585 25.81 12.62 -29.55
CA GLY A 585 25.64 13.83 -28.94
CA GLY A 585 25.66 13.88 -28.84
C GLY A 585 24.60 13.79 -27.85
C GLY A 585 24.65 13.82 -27.70
N GLY A 586 24.35 14.96 -27.28
N GLY A 586 24.99 14.39 -26.54
CA GLY A 586 23.38 15.11 -26.21
CA GLY A 586 24.11 14.25 -25.39
C GLY A 586 23.18 16.56 -25.81
C GLY A 586 23.47 15.47 -24.76
N SER A 587 21.93 16.97 -25.63
N SER A 587 24.17 16.62 -24.69
CA SER A 587 21.58 18.35 -25.29
CA SER A 587 23.59 17.81 -24.08
C SER A 587 22.10 19.32 -26.34
C SER A 587 23.42 18.97 -25.04
N HIS A 588 23.20 20.02 -26.03
N HIS A 588 24.52 19.45 -25.62
CA HIS A 588 23.83 20.86 -27.03
CA HIS A 588 24.50 20.32 -26.78
C HIS A 588 24.64 20.03 -28.03
C HIS A 588 25.03 19.62 -28.02
N GLY A 589 25.14 18.87 -27.60
N GLY A 589 25.65 18.46 -27.87
CA GLY A 589 25.69 17.92 -28.55
CA GLY A 589 25.97 17.62 -28.99
C GLY A 589 24.64 17.43 -29.53
C GLY A 589 24.74 17.18 -29.76
N GLY A 590 23.41 17.25 -29.06
N GLY A 590 23.57 17.18 -29.14
CA GLY A 590 22.32 16.94 -29.97
CA GLY A 590 22.34 16.94 -29.90
C GLY A 590 22.05 18.07 -30.95
C GLY A 590 22.07 18.05 -30.91
N PHE A 591 22.16 19.32 -30.48
N PHE A 591 22.19 19.30 -30.46
CA PHE A 591 22.07 20.47 -31.37
CA PHE A 591 22.07 20.45 -31.36
C PHE A 591 23.13 20.41 -32.46
C PHE A 591 23.13 20.39 -32.46
N LEU A 592 24.38 20.17 -32.07
CA LEU A 592 25.46 20.12 -33.04
C LEU A 592 25.28 18.96 -34.03
N SER A 593 24.80 17.81 -33.54
CA SER A 593 24.62 16.65 -34.39
C SER A 593 23.47 16.85 -35.37
N CYS A 594 22.37 17.46 -34.91
CA CYS A 594 21.29 17.79 -35.83
C CYS A 594 21.77 18.75 -36.90
N HIS A 595 22.54 19.78 -36.51
CA HIS A 595 23.09 20.69 -37.50
C HIS A 595 24.01 19.96 -38.49
N LEU A 596 24.86 19.07 -37.97
CA LEU A 596 25.82 18.37 -38.81
C LEU A 596 25.14 17.45 -39.81
N ILE A 597 24.14 16.69 -39.37
CA ILE A 597 23.46 15.80 -40.29
C ILE A 597 22.52 16.55 -41.22
N GLY A 598 22.11 17.77 -40.85
CA GLY A 598 21.34 18.59 -41.77
C GLY A 598 22.18 19.32 -42.81
N GLN A 599 23.45 19.59 -42.52
CA GLN A 599 24.30 20.35 -43.44
C GLN A 599 25.27 19.49 -44.23
N TYR A 600 25.67 18.32 -43.70
CA TYR A 600 26.59 17.42 -44.39
C TYR A 600 25.96 16.02 -44.40
N PRO A 601 24.98 15.78 -45.26
CA PRO A 601 24.21 14.54 -45.17
C PRO A 601 25.00 13.28 -45.50
N GLU A 602 26.03 13.38 -46.35
CA GLU A 602 26.67 12.17 -46.87
C GLU A 602 27.88 11.73 -46.04
N THR A 603 28.35 12.54 -45.10
CA THR A 603 29.56 12.18 -44.36
C THR A 603 29.30 11.06 -43.36
N TYR A 604 28.21 11.15 -42.61
CA TYR A 604 27.95 10.27 -41.48
C TYR A 604 26.94 9.19 -41.85
N SER A 605 27.10 8.02 -41.23
CA SER A 605 26.25 6.87 -41.51
C SER A 605 25.29 6.53 -40.37
N ALA A 606 25.47 7.11 -39.19
CA ALA A 606 24.56 6.86 -38.08
C ALA A 606 24.72 7.99 -37.06
N CYS A 607 23.62 8.28 -36.37
CA CYS A 607 23.60 9.37 -35.41
C CYS A 607 22.80 8.96 -34.20
N VAL A 608 23.28 9.34 -33.01
CA VAL A 608 22.58 9.11 -31.75
C VAL A 608 22.60 10.42 -30.96
N VAL A 609 21.42 10.88 -30.55
CA VAL A 609 21.27 12.12 -29.79
C VAL A 609 20.33 11.88 -28.63
N ARG A 610 20.54 12.62 -27.55
CA ARG A 610 19.72 12.53 -26.35
C ARG A 610 19.25 13.93 -25.99
N ASN A 611 17.94 14.11 -25.90
CA ASN A 611 17.31 15.37 -25.53
C ASN A 611 17.87 16.55 -26.34
N PRO A 612 17.68 16.56 -27.65
CA PRO A 612 18.26 17.62 -28.48
C PRO A 612 17.41 18.89 -28.45
N VAL A 613 18.00 19.97 -28.96
CA VAL A 613 17.31 21.23 -29.17
C VAL A 613 17.08 21.37 -30.67
N ILE A 614 15.82 21.54 -31.05
CA ILE A 614 15.40 21.52 -32.45
C ILE A 614 14.93 22.89 -32.92
N ASN A 615 14.17 23.59 -32.08
CA ASN A 615 13.61 24.89 -32.45
C ASN A 615 13.85 25.86 -31.29
N ILE A 616 14.77 26.81 -31.49
CA ILE A 616 15.08 27.78 -30.45
C ILE A 616 13.88 28.70 -30.21
N ALA A 617 13.14 29.02 -31.26
CA ALA A 617 12.02 29.95 -31.13
C ALA A 617 10.93 29.39 -30.21
N SER A 618 10.62 28.10 -30.36
CA SER A 618 9.58 27.51 -29.52
C SER A 618 10.06 27.27 -28.09
N MET A 619 11.34 26.98 -27.91
CA MET A 619 11.89 26.71 -26.58
C MET A 619 11.95 27.95 -25.70
N MET A 620 11.79 29.15 -26.28
CA MET A 620 11.86 30.37 -25.49
C MET A 620 10.75 30.42 -24.43
N GLY A 621 9.54 30.05 -24.83
CA GLY A 621 8.41 30.15 -23.89
C GLY A 621 8.48 29.14 -22.77
N SER A 622 8.77 27.88 -23.10
CA SER A 622 8.74 26.80 -22.13
C SER A 622 10.17 26.33 -21.82
N THR A 623 10.77 26.99 -20.84
CA THR A 623 12.08 26.60 -20.32
C THR A 623 12.34 27.38 -19.04
N ASP A 624 13.23 26.83 -18.21
CA ASP A 624 13.58 27.48 -16.95
C ASP A 624 14.75 28.45 -17.07
N ILE A 625 15.40 28.50 -18.23
CA ILE A 625 16.49 29.44 -18.48
C ILE A 625 16.23 30.18 -19.78
N PRO A 626 15.25 31.08 -19.83
CA PRO A 626 14.96 31.78 -21.09
C PRO A 626 16.07 32.70 -21.55
N ASP A 627 17.00 33.08 -20.67
CA ASP A 627 18.09 33.96 -21.10
C ASP A 627 19.13 33.24 -21.93
N TRP A 628 19.20 31.91 -21.86
CA TRP A 628 20.19 31.16 -22.61
C TRP A 628 19.99 31.33 -24.12
N CYS A 629 18.75 31.14 -24.58
CA CYS A 629 18.48 31.25 -26.02
C CYS A 629 18.68 32.67 -26.52
N MET A 630 18.26 33.66 -25.73
CA MET A 630 18.46 35.06 -26.14
C MET A 630 19.94 35.40 -26.22
N VAL A 631 20.72 34.99 -25.22
CA VAL A 631 22.15 35.30 -25.22
C VAL A 631 22.86 34.59 -26.37
N GLU A 632 22.54 33.31 -26.60
CA GLU A 632 23.19 32.57 -27.67
C GLU A 632 22.79 33.08 -29.04
N ALA A 633 21.56 33.59 -29.19
CA ALA A 633 21.13 34.13 -30.47
C ALA A 633 21.72 35.50 -30.76
N GLY A 634 22.31 36.16 -29.77
CA GLY A 634 22.94 37.44 -29.97
C GLY A 634 22.17 38.65 -29.49
N PHE A 635 21.07 38.45 -28.75
CA PHE A 635 20.26 39.53 -28.24
C PHE A 635 20.36 39.59 -26.72
N SER A 636 20.52 40.79 -26.18
CA SER A 636 20.62 40.95 -24.74
C SER A 636 19.28 40.61 -24.08
N TYR A 637 19.35 39.87 -22.97
CA TYR A 637 18.17 39.45 -22.23
C TYR A 637 17.83 40.47 -21.15
N SER A 638 16.57 40.87 -21.10
CA SER A 638 16.07 41.74 -20.05
C SER A 638 14.72 41.21 -19.59
N SER A 639 14.37 41.53 -18.34
CA SER A 639 13.07 41.17 -17.81
C SER A 639 11.97 41.94 -18.53
N ASP A 640 10.76 41.39 -18.49
CA ASP A 640 9.61 41.97 -19.20
C ASP A 640 9.90 42.05 -20.70
N CYS A 641 10.56 41.05 -21.24
CA CYS A 641 10.87 41.01 -22.65
C CYS A 641 9.61 40.78 -23.47
N LEU A 642 9.57 41.39 -24.66
CA LEU A 642 8.43 41.25 -25.54
C LEU A 642 8.86 40.66 -26.88
N PRO A 643 8.04 39.81 -27.50
CA PRO A 643 8.40 39.24 -28.79
C PRO A 643 8.49 40.30 -29.87
N ASP A 644 9.50 40.16 -30.74
CA ASP A 644 9.70 41.05 -31.88
C ASP A 644 9.95 40.22 -33.13
N LEU A 645 9.40 40.67 -34.26
CA LEU A 645 9.47 39.88 -35.48
C LEU A 645 10.90 39.75 -35.98
N SER A 646 11.73 40.74 -35.72
CA SER A 646 13.14 40.63 -36.09
C SER A 646 13.84 39.56 -35.27
N VAL A 647 13.51 39.45 -33.98
CA VAL A 647 14.14 38.45 -33.12
C VAL A 647 13.76 37.04 -33.55
N TRP A 648 12.49 36.82 -33.87
CA TRP A 648 12.04 35.49 -34.25
C TRP A 648 12.71 35.03 -35.54
N ALA A 649 12.97 35.96 -36.47
CA ALA A 649 13.62 35.59 -37.72
C ALA A 649 15.05 35.10 -37.48
N ALA A 650 15.78 35.73 -36.57
CA ALA A 650 17.13 35.29 -36.27
C ALA A 650 17.13 33.93 -35.56
N MET A 651 16.17 33.71 -34.67
CA MET A 651 16.11 32.45 -33.94
C MET A 651 15.83 31.28 -34.88
N LEU A 652 14.94 31.48 -35.85
CA LEU A 652 14.59 30.39 -36.77
C LEU A 652 15.71 30.13 -37.77
N ASP A 653 16.63 31.08 -37.95
CA ASP A 653 17.73 30.87 -38.89
C ASP A 653 18.78 29.93 -38.31
N LYS A 654 18.97 29.96 -36.99
CA LYS A 654 19.99 29.16 -36.35
C LYS A 654 19.50 27.78 -35.90
N SER A 655 18.20 27.51 -36.03
CA SER A 655 17.68 26.23 -35.56
C SER A 655 18.01 25.12 -36.55
N PRO A 656 18.27 23.90 -36.07
CA PRO A 656 18.58 22.79 -36.99
C PRO A 656 17.39 22.21 -37.70
N ILE A 657 16.17 22.67 -37.39
CA ILE A 657 14.98 22.16 -38.07
C ILE A 657 14.87 22.74 -39.48
N LYS A 658 15.64 23.78 -39.79
CA LYS A 658 15.60 24.37 -41.12
C LYS A 658 16.14 23.41 -42.18
N TYR A 659 17.16 22.63 -41.82
CA TYR A 659 17.79 21.68 -42.74
C TYR A 659 17.17 20.29 -42.65
N ALA A 660 16.01 20.15 -42.01
CA ALA A 660 15.40 18.84 -41.84
C ALA A 660 15.07 18.12 -43.15
N PRO A 661 14.54 18.77 -44.20
CA PRO A 661 14.15 17.99 -45.39
C PRO A 661 15.28 17.20 -46.03
N GLN A 662 16.51 17.73 -46.04
CA GLN A 662 17.63 17.03 -46.65
C GLN A 662 18.44 16.27 -45.60
N VAL A 663 17.79 15.26 -45.02
CA VAL A 663 18.41 14.35 -44.07
C VAL A 663 18.12 12.93 -44.51
N LYS A 664 19.17 12.12 -44.63
CA LYS A 664 19.03 10.73 -45.06
C LYS A 664 19.91 9.80 -44.23
N THR A 665 20.01 10.09 -42.94
CA THR A 665 20.83 9.33 -42.02
C THR A 665 19.95 8.65 -40.98
N PRO A 666 20.14 7.35 -40.71
CA PRO A 666 19.40 6.71 -39.62
C PRO A 666 19.65 7.42 -38.30
N LEU A 667 18.59 7.58 -37.52
CA LEU A 667 18.64 8.38 -36.31
C LEU A 667 17.97 7.65 -35.16
N LEU A 668 18.53 7.78 -33.97
CA LEU A 668 17.97 7.24 -32.74
C LEU A 668 17.75 8.39 -31.77
N LEU A 669 16.54 8.46 -31.21
CA LEU A 669 16.14 9.55 -30.33
C LEU A 669 15.85 9.00 -28.94
N MET A 670 16.19 9.79 -27.92
CA MET A 670 15.98 9.42 -26.52
C MET A 670 15.48 10.64 -25.76
N LEU A 671 14.32 10.53 -25.15
CA LEU A 671 13.65 11.66 -24.54
C LEU A 671 13.11 11.29 -23.16
N GLY A 672 12.86 12.32 -22.35
CA GLY A 672 12.28 12.12 -21.04
C GLY A 672 11.14 13.08 -20.80
N GLN A 673 10.05 12.54 -20.22
CA GLN A 673 8.89 13.38 -19.90
C GLN A 673 9.23 14.49 -18.91
N GLU A 674 9.76 14.12 -17.75
CA GLU A 674 9.91 15.07 -16.65
C GLU A 674 11.20 15.90 -16.81
N ASP A 675 11.28 16.58 -17.94
CA ASP A 675 12.42 17.42 -18.28
C ASP A 675 12.00 18.88 -18.21
N ARG A 676 12.70 19.66 -17.39
CA ARG A 676 12.40 21.08 -17.22
C ARG A 676 13.30 21.98 -18.05
N ARG A 677 14.50 21.50 -18.39
CA ARG A 677 15.44 22.33 -19.13
C ARG A 677 15.06 22.38 -20.61
N VAL A 678 15.05 21.23 -21.27
CA VAL A 678 14.70 21.11 -22.67
C VAL A 678 13.42 20.28 -22.76
N PRO A 679 12.29 20.86 -23.17
CA PRO A 679 11.06 20.07 -23.31
C PRO A 679 11.21 18.99 -24.37
N PHE A 680 10.45 17.91 -24.20
CA PHE A 680 10.52 16.75 -25.08
C PHE A 680 9.71 16.91 -26.36
N LYS A 681 9.03 18.04 -26.55
CA LYS A 681 8.29 18.27 -27.78
C LYS A 681 9.19 18.63 -28.97
N GLN A 682 10.41 19.10 -28.72
CA GLN A 682 11.33 19.40 -29.81
C GLN A 682 11.73 18.14 -30.55
N GLY A 683 12.14 17.12 -29.81
CA GLY A 683 12.46 15.84 -30.43
C GLY A 683 11.26 15.23 -31.12
N MET A 684 10.07 15.44 -30.56
CA MET A 684 8.86 14.93 -31.21
C MET A 684 8.58 15.65 -32.53
N GLU A 685 8.81 16.96 -32.59
CA GLU A 685 8.64 17.67 -33.86
C GLU A 685 9.64 17.18 -34.90
N TYR A 686 10.90 16.99 -34.49
CA TYR A 686 11.91 16.46 -35.40
C TYR A 686 11.52 15.06 -35.87
N TYR A 687 11.02 14.24 -34.95
CA TYR A 687 10.59 12.88 -35.28
C TYR A 687 9.43 12.89 -36.26
N ARG A 688 8.46 13.78 -36.07
CA ARG A 688 7.32 13.87 -36.99
C ARG A 688 7.78 14.28 -38.38
N VAL A 689 8.69 15.27 -38.45
CA VAL A 689 9.17 15.70 -39.76
C VAL A 689 9.90 14.56 -40.47
N LEU A 690 10.81 13.88 -39.76
CA LEU A 690 11.56 12.79 -40.38
C LEU A 690 10.66 11.62 -40.75
N LYS A 691 9.65 11.32 -39.92
CA LYS A 691 8.72 10.24 -40.21
C LYS A 691 7.89 10.55 -41.45
N ALA A 692 7.44 11.81 -41.59
CA ALA A 692 6.74 12.20 -42.80
C ALA A 692 7.67 12.18 -44.01
N ARG A 693 8.96 12.37 -43.81
CA ARG A 693 9.93 12.26 -44.90
C ARG A 693 10.31 10.82 -45.22
N ASN A 694 9.78 9.84 -44.49
CA ASN A 694 10.07 8.42 -44.72
C ASN A 694 11.56 8.14 -44.60
N VAL A 695 12.09 8.40 -43.41
CA VAL A 695 13.50 8.18 -43.10
C VAL A 695 13.55 7.24 -41.89
N PRO A 696 14.40 6.21 -41.89
CA PRO A 696 14.43 5.27 -40.76
C PRO A 696 14.86 5.92 -39.46
N VAL A 697 13.93 6.02 -38.51
CA VAL A 697 14.18 6.61 -37.20
C VAL A 697 13.62 5.69 -36.12
N ARG A 698 14.11 5.89 -34.91
CA ARG A 698 13.66 5.13 -33.75
C ARG A 698 13.57 6.06 -32.55
N LEU A 699 12.48 5.96 -31.80
CA LEU A 699 12.21 6.85 -30.68
C LEU A 699 12.04 6.01 -29.41
N LEU A 700 12.78 6.37 -28.37
CA LEU A 700 12.65 5.77 -27.05
C LEU A 700 12.27 6.86 -26.06
N LEU A 701 11.20 6.62 -25.31
CA LEU A 701 10.60 7.62 -24.44
C LEU A 701 10.51 7.08 -23.02
N TYR A 702 11.07 7.81 -22.07
CA TYR A 702 11.12 7.39 -20.67
C TYR A 702 10.10 8.18 -19.86
N PRO A 703 9.08 7.52 -19.29
CA PRO A 703 7.98 8.27 -18.67
C PRO A 703 8.40 9.13 -17.47
N LYS A 704 9.38 8.71 -16.70
CA LYS A 704 9.81 9.46 -15.51
C LYS A 704 11.34 9.61 -15.58
N SER A 705 11.80 10.67 -16.22
CA SER A 705 13.22 10.92 -16.34
C SER A 705 13.45 12.41 -16.54
N THR A 706 14.51 12.93 -15.93
CA THR A 706 14.89 14.33 -16.05
C THR A 706 15.87 14.48 -17.22
N HIS A 707 16.50 15.66 -17.31
CA HIS A 707 17.45 15.92 -18.38
C HIS A 707 18.68 15.04 -18.27
N ALA A 708 18.98 14.55 -17.07
CA ALA A 708 20.22 13.80 -16.86
C ALA A 708 20.13 12.39 -17.43
N LEU A 709 18.95 11.76 -17.34
CA LEU A 709 18.81 10.33 -17.65
C LEU A 709 19.78 9.50 -16.82
N SER A 710 19.77 9.75 -15.51
CA SER A 710 20.81 9.23 -14.61
C SER A 710 20.38 7.98 -13.85
N GLU A 711 19.11 7.60 -13.91
CA GLU A 711 18.67 6.38 -13.23
C GLU A 711 19.37 5.18 -13.82
N VAL A 712 19.69 4.19 -12.96
CA VAL A 712 20.53 3.07 -13.38
C VAL A 712 19.84 2.28 -14.50
N GLU A 713 18.54 2.00 -14.33
CA GLU A 713 17.82 1.22 -15.32
C GLU A 713 17.78 1.93 -16.67
N VAL A 714 17.38 3.20 -16.66
CA VAL A 714 17.25 3.93 -17.92
C VAL A 714 18.62 4.20 -18.53
N GLU A 715 19.64 4.42 -17.70
CA GLU A 715 20.98 4.65 -18.23
C GLU A 715 21.52 3.40 -18.91
N SER A 716 21.38 2.25 -18.26
CA SER A 716 21.83 1.00 -18.86
C SER A 716 21.05 0.69 -20.12
N ASP A 717 19.73 0.91 -20.11
CA ASP A 717 18.92 0.65 -21.29
C ASP A 717 19.35 1.55 -22.46
N SER A 718 19.56 2.83 -22.20
CA SER A 718 19.95 3.76 -23.26
C SER A 718 21.33 3.41 -23.81
N PHE A 719 22.29 3.09 -22.93
CA PHE A 719 23.62 2.72 -23.41
C PHE A 719 23.58 1.45 -24.24
N MET A 720 22.83 0.44 -23.78
CA MET A 720 22.72 -0.80 -24.55
C MET A 720 22.06 -0.56 -25.91
N ASN A 721 21.01 0.27 -25.93
CA ASN A 721 20.35 0.57 -27.19
C ASN A 721 21.27 1.30 -28.15
N ALA A 722 22.05 2.25 -27.64
CA ALA A 722 22.99 2.97 -28.49
C ALA A 722 24.06 2.03 -29.05
N VAL A 723 24.59 1.14 -28.21
CA VAL A 723 25.61 0.20 -28.67
C VAL A 723 25.05 -0.73 -29.73
N LEU A 724 23.83 -1.26 -29.51
CA LEU A 724 23.24 -2.16 -30.50
C LEU A 724 22.84 -1.41 -31.77
N TRP A 725 22.57 -0.10 -31.67
CA TRP A 725 22.25 0.68 -32.86
C TRP A 725 23.49 0.96 -33.69
N LEU A 726 24.62 1.27 -33.04
CA LEU A 726 25.83 1.62 -33.79
C LEU A 726 26.43 0.40 -34.48
N CYS A 727 26.33 -0.77 -33.87
CA CYS A 727 26.96 -1.96 -34.43
C CYS A 727 26.26 -2.42 -35.70
N THR A 728 24.94 -2.28 -35.76
CA THR A 728 24.18 -2.78 -36.90
C THR A 728 24.53 -2.02 -38.18
N HIS A 729 24.55 -0.69 -38.12
CA HIS A 729 24.71 0.11 -39.32
C HIS A 729 26.16 0.18 -39.80
N LEU A 730 27.13 0.08 -38.89
CA LEU A 730 28.54 0.14 -39.26
C LEU A 730 29.16 -1.25 -39.34
N GLY A 731 29.10 -2.00 -38.26
CA GLY A 731 29.71 -3.32 -38.21
C GLY A 731 30.04 -3.68 -36.77
N SER A 732 30.72 -4.81 -36.62
CA SER A 732 31.12 -5.29 -35.31
C SER A 732 32.19 -4.39 -34.70
N GLU B 9 -20.41 36.84 2.26
CA GLU B 9 -19.65 35.97 3.16
C GLU B 9 -19.42 34.61 2.52
N PRO B 10 -18.23 34.03 2.75
CA PRO B 10 -17.95 32.70 2.18
C PRO B 10 -18.92 31.63 2.65
N GLU B 11 -19.42 31.71 3.88
CA GLU B 11 -20.35 30.70 4.37
C GLU B 11 -21.65 30.71 3.58
N GLU B 12 -22.19 31.90 3.28
CA GLU B 12 -23.42 31.99 2.51
C GLU B 12 -23.24 31.43 1.10
N ALA B 13 -22.11 31.77 0.46
CA ALA B 13 -21.84 31.25 -0.88
C ALA B 13 -21.69 29.74 -0.86
N ALA B 14 -20.99 29.20 0.14
CA ALA B 14 -20.84 27.75 0.24
C ALA B 14 -22.18 27.07 0.46
N ALA B 15 -23.03 27.64 1.32
CA ALA B 15 -24.35 27.06 1.55
C ALA B 15 -25.19 27.10 0.28
N LEU B 16 -25.15 28.21 -0.46
CA LEU B 16 -25.93 28.32 -1.68
C LEU B 16 -25.44 27.33 -2.73
N TYR B 17 -24.11 27.16 -2.85
CA TYR B 17 -23.57 26.19 -3.78
C TYR B 17 -23.97 24.76 -3.39
N ARG B 18 -23.94 24.46 -2.08
CA ARG B 18 -24.34 23.14 -1.63
C ARG B 18 -25.80 22.88 -1.92
N GLY B 19 -26.65 23.89 -1.76
CA GLY B 19 -28.06 23.73 -2.08
C GLY B 19 -28.31 23.56 -3.56
N LEU B 20 -27.59 24.31 -4.40
CA LEU B 20 -27.79 24.25 -5.84
C LEU B 20 -27.16 23.01 -6.47
N SER B 21 -26.18 22.40 -5.82
CA SER B 21 -25.48 21.26 -6.40
C SER B 21 -26.20 19.94 -6.20
N ARG B 22 -27.24 19.89 -5.38
CA ARG B 22 -27.98 18.65 -5.15
C ARG B 22 -29.12 18.46 -6.15
N GLN B 23 -28.79 18.60 -7.43
CA GLN B 23 -29.75 18.40 -8.51
C GLN B 23 -29.26 17.29 -9.42
N PRO B 24 -29.92 16.14 -9.48
CA PRO B 24 -29.45 15.05 -10.32
C PRO B 24 -29.57 15.38 -11.80
N ALA B 25 -28.71 14.73 -12.59
CA ALA B 25 -28.66 14.91 -14.04
C ALA B 25 -28.92 13.57 -14.70
N LEU B 26 -29.72 13.60 -15.76
CA LEU B 26 -30.14 12.37 -16.43
C LEU B 26 -29.12 11.97 -17.49
N SER B 27 -28.70 10.70 -17.45
CA SER B 27 -27.65 10.20 -18.32
C SER B 27 -28.20 9.36 -19.47
N ALA B 28 -29.01 8.34 -19.17
CA ALA B 28 -29.52 7.45 -20.20
C ALA B 28 -30.86 6.87 -19.75
N ALA B 29 -31.61 6.37 -20.72
CA ALA B 29 -32.90 5.76 -20.46
C ALA B 29 -33.17 4.69 -21.51
N CYS B 30 -33.83 3.61 -21.09
CA CYS B 30 -34.15 2.51 -21.98
C CYS B 30 -35.54 1.97 -21.64
N LEU B 31 -36.12 1.27 -22.61
CA LEU B 31 -37.46 0.72 -22.48
C LEU B 31 -37.38 -0.80 -22.39
N GLY B 32 -38.17 -1.38 -21.49
CA GLY B 32 -38.18 -2.81 -21.26
C GLY B 32 -39.20 -3.53 -22.11
N PRO B 33 -39.28 -4.85 -21.93
CA PRO B 33 -40.24 -5.65 -22.71
C PRO B 33 -41.68 -5.35 -22.31
N GLU B 34 -42.58 -5.58 -23.26
CA GLU B 34 -44.00 -5.33 -23.02
C GLU B 34 -44.67 -6.52 -22.35
N VAL B 35 -45.47 -6.23 -21.33
CA VAL B 35 -46.15 -7.26 -20.54
C VAL B 35 -47.64 -7.00 -20.63
N THR B 36 -48.41 -8.03 -20.96
CA THR B 36 -49.85 -7.94 -21.07
C THR B 36 -50.50 -8.59 -19.85
N THR B 37 -51.62 -8.00 -19.41
CA THR B 37 -52.35 -8.50 -18.25
C THR B 37 -53.47 -9.42 -18.70
N GLN B 38 -53.80 -10.40 -17.85
CA GLN B 38 -54.88 -11.33 -18.16
C GLN B 38 -56.21 -10.61 -18.26
N TYR B 39 -56.39 -9.52 -17.53
CA TYR B 39 -57.62 -8.74 -17.65
C TYR B 39 -57.74 -8.11 -19.04
N GLY B 40 -56.63 -7.61 -19.58
CA GLY B 40 -56.64 -7.03 -20.90
C GLY B 40 -55.75 -5.80 -21.03
N GLY B 41 -55.24 -5.31 -19.91
CA GLY B 41 -54.40 -4.13 -19.94
C GLY B 41 -52.98 -4.43 -20.37
N ARG B 42 -52.26 -3.38 -20.74
CA ARG B 42 -50.87 -3.48 -21.17
C ARG B 42 -50.05 -2.40 -20.47
N TYR B 43 -48.77 -2.72 -20.22
CA TYR B 43 -47.86 -1.79 -19.57
C TYR B 43 -46.44 -2.19 -19.92
N ARG B 44 -45.51 -1.27 -19.66
CA ARG B 44 -44.10 -1.57 -19.81
C ARG B 44 -43.30 -0.74 -18.82
N THR B 45 -41.99 -0.97 -18.82
CA THR B 45 -41.08 -0.46 -17.80
C THR B 45 -39.99 0.38 -18.45
N VAL B 46 -39.67 1.50 -17.81
CA VAL B 46 -38.62 2.40 -18.26
C VAL B 46 -37.51 2.41 -17.22
N HIS B 47 -36.29 2.15 -17.65
CA HIS B 47 -35.12 2.13 -16.76
C HIS B 47 -34.27 3.36 -17.05
N THR B 48 -34.04 4.18 -16.02
CA THR B 48 -33.32 5.43 -16.19
C THR B 48 -32.09 5.45 -15.29
N GLU B 49 -31.03 6.11 -15.78
CA GLU B 49 -29.77 6.23 -15.07
C GLU B 49 -29.53 7.71 -14.75
N TRP B 50 -29.25 8.01 -13.48
CA TRP B 50 -29.00 9.36 -13.03
C TRP B 50 -27.63 9.44 -12.38
N THR B 51 -27.10 10.67 -12.33
CA THR B 51 -25.82 10.97 -11.70
C THR B 51 -25.96 12.21 -10.85
N GLN B 52 -25.10 12.33 -9.84
CA GLN B 52 -25.19 13.44 -8.91
C GLN B 52 -23.82 13.69 -8.29
N ARG B 53 -23.65 14.90 -7.75
CA ARG B 53 -22.41 15.30 -7.09
C ARG B 53 -22.58 15.17 -5.58
N ASP B 54 -21.65 14.48 -4.93
CA ASP B 54 -21.66 14.31 -3.48
C ASP B 54 -20.41 14.96 -2.92
N LEU B 55 -20.60 16.01 -2.12
CA LEU B 55 -19.48 16.78 -1.59
C LEU B 55 -18.89 16.17 -0.32
N GLU B 56 -19.63 15.30 0.36
CA GLU B 56 -19.10 14.65 1.56
C GLU B 56 -18.00 13.66 1.18
N ARG B 57 -18.26 12.82 0.19
CA ARG B 57 -17.24 11.92 -0.34
C ARG B 57 -16.45 12.55 -1.48
N MET B 58 -16.87 13.71 -1.97
CA MET B 58 -16.22 14.40 -3.08
C MET B 58 -16.13 13.49 -4.31
N GLU B 59 -17.29 13.06 -4.78
CA GLU B 59 -17.33 12.12 -5.91
C GLU B 59 -18.67 12.21 -6.63
N ASN B 60 -18.68 11.72 -7.86
CA ASN B 60 -19.90 11.61 -8.64
C ASN B 60 -20.52 10.24 -8.41
N ILE B 61 -21.75 10.23 -7.94
CA ILE B 61 -22.48 9.00 -7.67
C ILE B 61 -23.45 8.73 -8.81
N ARG B 62 -23.66 7.45 -9.12
CA ARG B 62 -24.55 7.03 -10.19
C ARG B 62 -25.58 6.06 -9.63
N PHE B 63 -26.85 6.27 -9.98
CA PHE B 63 -27.90 5.39 -9.49
C PHE B 63 -28.91 5.12 -10.59
N CYS B 64 -29.72 4.10 -10.35
CA CYS B 64 -30.74 3.62 -11.29
C CYS B 64 -32.12 3.81 -10.68
N ARG B 65 -33.09 4.07 -11.56
CA ARG B 65 -34.48 4.19 -11.14
C ARG B 65 -35.38 3.55 -12.19
N GLN B 66 -36.58 3.15 -11.77
CA GLN B 66 -37.52 2.42 -12.58
C GLN B 66 -38.86 3.16 -12.61
N TYR B 67 -39.50 3.17 -13.78
CA TYR B 67 -40.81 3.77 -13.94
C TYR B 67 -41.71 2.82 -14.71
N LEU B 68 -43.02 3.02 -14.56
CA LEU B 68 -44.03 2.10 -15.07
C LEU B 68 -45.04 2.89 -15.88
N VAL B 69 -45.33 2.41 -17.10
CA VAL B 69 -46.19 3.12 -18.04
C VAL B 69 -47.31 2.19 -18.47
N PHE B 70 -48.55 2.62 -18.24
CA PHE B 70 -49.75 1.94 -18.71
C PHE B 70 -50.28 2.69 -19.93
N HIS B 71 -50.30 2.02 -21.08
CA HIS B 71 -50.75 2.62 -22.32
C HIS B 71 -51.81 1.75 -22.97
N ASP B 72 -52.78 2.40 -23.63
CA ASP B 72 -53.82 1.68 -24.34
C ASP B 72 -53.34 1.19 -25.71
N GLY B 73 -52.23 1.71 -26.21
CA GLY B 73 -51.74 1.33 -27.52
C GLY B 73 -51.35 2.54 -28.35
N ASP B 74 -52.06 3.65 -28.16
CA ASP B 74 -51.75 4.90 -28.85
C ASP B 74 -51.78 6.10 -27.92
N SER B 75 -52.07 5.91 -26.64
CA SER B 75 -52.06 6.98 -25.67
C SER B 75 -51.58 6.43 -24.33
N VAL B 76 -51.01 7.31 -23.52
CA VAL B 76 -50.47 6.92 -22.22
C VAL B 76 -51.56 7.13 -21.18
N VAL B 77 -52.14 6.02 -20.70
CA VAL B 77 -53.21 6.11 -19.70
C VAL B 77 -52.66 6.54 -18.36
N PHE B 78 -51.53 5.96 -17.93
CA PHE B 78 -51.00 6.22 -16.61
C PHE B 78 -49.49 6.06 -16.62
N ALA B 79 -48.82 6.74 -15.69
CA ALA B 79 -47.37 6.64 -15.56
C ALA B 79 -46.98 6.94 -14.12
N GLY B 80 -46.12 6.11 -13.54
CA GLY B 80 -45.74 6.29 -12.15
C GLY B 80 -44.46 5.58 -11.75
N PRO B 81 -43.86 6.02 -10.64
CA PRO B 81 -42.62 5.37 -10.18
C PRO B 81 -42.89 3.99 -9.58
N ALA B 82 -41.97 3.07 -9.83
CA ALA B 82 -42.04 1.71 -9.31
C ALA B 82 -40.71 1.34 -8.67
N GLY B 83 -40.53 1.69 -7.40
CA GLY B 83 -39.36 1.29 -6.66
C GLY B 83 -38.67 2.48 -6.03
N ASN B 84 -37.37 2.31 -5.78
CA ASN B 84 -36.53 3.35 -5.20
C ASN B 84 -35.24 3.46 -6.01
N SER B 85 -34.52 4.56 -5.77
CA SER B 85 -33.25 4.76 -6.45
C SER B 85 -32.19 3.86 -5.83
N VAL B 86 -31.44 3.15 -6.68
CA VAL B 86 -30.44 2.20 -6.21
C VAL B 86 -29.07 2.63 -6.74
N GLU B 87 -28.12 2.84 -5.84
CA GLU B 87 -26.80 3.32 -6.23
C GLU B 87 -25.93 2.17 -6.73
N THR B 88 -25.22 2.41 -7.83
CA THR B 88 -24.36 1.42 -8.44
C THR B 88 -22.93 1.92 -8.49
N ARG B 89 -21.99 0.98 -8.59
CA ARG B 89 -20.57 1.32 -8.65
C ARG B 89 -19.83 0.26 -9.44
N GLY B 90 -18.96 0.70 -10.35
CA GLY B 90 -18.09 -0.18 -11.09
C GLY B 90 -18.50 -0.47 -12.52
N GLU B 91 -19.75 -0.18 -12.89
CA GLU B 91 -20.21 -0.48 -14.24
C GLU B 91 -19.63 0.50 -15.24
N LEU B 92 -19.07 -0.02 -16.34
CA LEU B 92 -18.56 0.80 -17.42
C LEU B 92 -19.46 0.78 -18.64
N LEU B 93 -19.86 -0.40 -19.09
CA LEU B 93 -20.77 -0.57 -20.22
C LEU B 93 -21.92 -1.45 -19.81
N SER B 94 -23.07 -1.27 -20.47
CA SER B 94 -24.25 -2.06 -20.18
C SER B 94 -25.18 -2.04 -21.38
N ARG B 95 -25.62 -3.22 -21.81
CA ARG B 95 -26.50 -3.36 -22.95
C ARG B 95 -27.51 -4.47 -22.67
N GLU B 96 -28.76 -4.24 -23.07
CA GLU B 96 -29.82 -5.20 -22.87
C GLU B 96 -30.13 -5.92 -24.18
N SER B 97 -30.60 -7.17 -24.06
CA SER B 97 -30.88 -7.97 -25.23
C SER B 97 -32.02 -7.36 -26.04
N PRO B 98 -32.02 -7.57 -27.36
CA PRO B 98 -33.14 -7.05 -28.17
C PRO B 98 -34.49 -7.59 -27.71
N SER B 99 -34.54 -8.85 -27.28
CA SER B 99 -35.78 -9.40 -26.73
C SER B 99 -36.02 -8.94 -25.30
N GLY B 100 -34.98 -8.48 -24.61
CA GLY B 100 -35.11 -8.01 -23.25
C GLY B 100 -35.00 -9.07 -22.18
N THR B 101 -34.72 -10.32 -22.55
CA THR B 101 -34.70 -11.40 -21.57
C THR B 101 -33.47 -11.34 -20.68
N MET B 102 -32.31 -11.05 -21.26
CA MET B 102 -31.05 -11.08 -20.54
C MET B 102 -30.28 -9.79 -20.78
N LYS B 103 -29.33 -9.50 -19.89
CA LYS B 103 -28.62 -8.23 -19.90
C LYS B 103 -27.12 -8.47 -19.74
N ALA B 104 -26.32 -7.76 -20.53
CA ALA B 104 -24.87 -7.88 -20.50
C ALA B 104 -24.26 -6.64 -19.86
N VAL B 105 -23.41 -6.86 -18.86
CA VAL B 105 -22.78 -5.77 -18.12
C VAL B 105 -21.26 -6.00 -18.14
N LEU B 106 -20.51 -4.90 -18.11
CA LEU B 106 -19.07 -4.95 -17.98
C LEU B 106 -18.67 -4.08 -16.81
N ARG B 107 -17.88 -4.63 -15.89
CA ARG B 107 -17.52 -3.88 -14.69
C ARG B 107 -16.10 -4.19 -14.26
N LYS B 108 -15.49 -3.23 -13.58
CA LYS B 108 -14.13 -3.39 -13.06
C LYS B 108 -14.18 -3.63 -11.56
N ALA B 109 -13.41 -4.61 -11.10
CA ALA B 109 -13.37 -4.98 -9.69
C ALA B 109 -12.08 -5.71 -9.35
N GLU B 116 -4.45 -4.69 -7.56
CA GLU B 116 -4.75 -4.38 -8.95
C GLU B 116 -6.24 -4.51 -9.23
N GLU B 117 -6.67 -4.04 -10.40
CA GLU B 117 -8.06 -4.08 -10.81
C GLU B 117 -8.17 -4.87 -12.12
N LYS B 118 -9.26 -5.64 -12.22
CA LYS B 118 -9.52 -6.45 -13.41
C LYS B 118 -10.92 -6.13 -13.92
N GLN B 119 -11.17 -6.54 -15.16
CA GLN B 119 -12.45 -6.30 -15.82
C GLN B 119 -13.18 -7.61 -16.03
N PHE B 120 -14.47 -7.62 -15.73
CA PHE B 120 -15.32 -8.80 -15.83
C PHE B 120 -16.52 -8.50 -16.71
N LEU B 121 -16.88 -9.48 -17.53
CA LEU B 121 -18.07 -9.42 -18.38
C LEU B 121 -19.11 -10.37 -17.80
N GLU B 122 -20.27 -9.84 -17.47
CA GLU B 122 -21.31 -10.59 -16.75
C GLU B 122 -22.58 -10.64 -17.56
N VAL B 123 -23.29 -11.76 -17.46
CA VAL B 123 -24.57 -11.95 -18.14
C VAL B 123 -25.62 -12.26 -17.07
N TRP B 124 -26.71 -11.50 -17.08
CA TRP B 124 -27.79 -11.62 -16.10
C TRP B 124 -29.04 -12.12 -16.80
N GLU B 125 -29.74 -13.05 -16.15
CA GLU B 125 -30.99 -13.60 -16.64
C GLU B 125 -31.93 -13.76 -15.47
N LYS B 126 -33.01 -12.98 -15.47
CA LYS B 126 -34.00 -12.97 -14.38
C LYS B 126 -33.27 -12.56 -13.10
N ASN B 127 -33.35 -13.34 -12.02
CA ASN B 127 -32.78 -12.95 -10.73
C ASN B 127 -31.46 -13.63 -10.43
N ARG B 128 -30.69 -14.01 -11.46
CA ARG B 128 -29.45 -14.73 -11.26
CA ARG B 128 -29.42 -14.68 -11.24
C ARG B 128 -28.44 -14.31 -12.33
N LYS B 129 -27.16 -14.50 -12.03
CA LYS B 129 -26.07 -14.21 -12.96
C LYS B 129 -25.68 -15.50 -13.66
N LEU B 130 -26.01 -15.59 -14.95
CA LEU B 130 -25.76 -16.83 -15.69
C LEU B 130 -24.28 -17.11 -15.85
N LYS B 131 -23.52 -16.12 -16.33
CA LYS B 131 -22.12 -16.34 -16.65
C LYS B 131 -21.29 -15.11 -16.30
N SER B 132 -20.02 -15.35 -16.00
CA SER B 132 -19.05 -14.30 -15.73
C SER B 132 -17.72 -14.70 -16.35
N PHE B 133 -17.09 -13.75 -17.04
CA PHE B 133 -15.83 -13.99 -17.74
C PHE B 133 -14.79 -12.99 -17.27
N ASN B 134 -13.61 -13.48 -16.93
CA ASN B 134 -12.48 -12.66 -16.50
C ASN B 134 -11.63 -12.37 -17.74
N LEU B 135 -11.85 -11.20 -18.34
CA LEU B 135 -11.19 -10.89 -19.60
C LEU B 135 -9.68 -10.74 -19.46
N SER B 136 -9.22 -10.35 -18.27
CA SER B 136 -7.78 -10.18 -18.05
C SER B 136 -7.04 -11.51 -18.14
N ALA B 137 -7.63 -12.58 -17.60
CA ALA B 137 -6.91 -13.84 -17.48
C ALA B 137 -6.81 -14.58 -18.82
N LEU B 138 -7.78 -14.40 -19.71
CA LEU B 138 -7.72 -15.10 -21.00
C LEU B 138 -6.53 -14.63 -21.83
N GLU B 139 -6.05 -13.41 -21.60
CA GLU B 139 -4.86 -12.88 -22.26
C GLU B 139 -5.00 -12.90 -23.78
N LYS B 140 -6.10 -12.32 -24.27
CA LYS B 140 -6.35 -12.23 -25.70
C LYS B 140 -6.27 -10.81 -26.23
N HIS B 141 -6.43 -9.81 -25.37
CA HIS B 141 -6.37 -8.41 -25.77
C HIS B 141 -6.04 -7.58 -24.53
N GLY B 142 -6.16 -6.26 -24.67
CA GLY B 142 -5.90 -5.35 -23.58
C GLY B 142 -7.16 -4.86 -22.91
N PRO B 143 -7.11 -3.66 -22.32
CA PRO B 143 -8.29 -3.10 -21.68
C PRO B 143 -9.39 -2.79 -22.69
N VAL B 144 -10.63 -2.79 -22.21
CA VAL B 144 -11.79 -2.58 -23.07
C VAL B 144 -12.10 -1.09 -23.14
N TYR B 145 -12.39 -0.61 -24.35
CA TYR B 145 -12.70 0.80 -24.58
C TYR B 145 -14.10 1.09 -24.06
N GLU B 146 -14.23 2.08 -23.19
CA GLU B 146 -15.51 2.50 -22.64
C GLU B 146 -15.92 3.91 -23.08
N ASP B 147 -15.15 4.55 -23.96
CA ASP B 147 -15.47 5.89 -24.40
C ASP B 147 -16.60 5.86 -25.42
N ASP B 148 -17.12 7.05 -25.74
CA ASP B 148 -18.27 7.16 -26.63
C ASP B 148 -17.87 6.98 -28.09
N CYS B 149 -16.68 7.43 -28.48
CA CYS B 149 -16.30 7.45 -29.88
C CYS B 149 -16.01 6.05 -30.40
N PHE B 150 -15.27 5.25 -29.64
CA PHE B 150 -14.89 3.91 -30.05
C PHE B 150 -15.71 2.81 -29.37
N GLY B 151 -16.01 3.00 -28.08
CA GLY B 151 -16.58 1.92 -27.30
C GLY B 151 -17.98 1.55 -27.78
N CYS B 152 -18.30 0.26 -27.65
CA CYS B 152 -19.62 -0.25 -27.99
C CYS B 152 -19.77 -1.64 -27.39
N LEU B 153 -21.01 -2.11 -27.33
CA LEU B 153 -21.33 -3.45 -26.84
C LEU B 153 -22.58 -3.91 -27.58
N SER B 154 -22.43 -4.88 -28.48
CA SER B 154 -23.50 -5.26 -29.39
C SER B 154 -23.90 -6.71 -29.20
N TRP B 155 -25.20 -6.95 -29.21
CA TRP B 155 -25.76 -8.29 -29.15
C TRP B 155 -26.03 -8.81 -30.56
N SER B 156 -25.74 -10.08 -30.77
CA SER B 156 -26.11 -10.72 -32.03
C SER B 156 -27.63 -10.87 -32.10
N HIS B 157 -28.14 -10.99 -33.33
CA HIS B 157 -29.58 -11.16 -33.50
CA HIS B 157 -29.57 -11.16 -33.51
C HIS B 157 -30.06 -12.48 -32.92
N SER B 158 -29.26 -13.53 -33.06
CA SER B 158 -29.56 -14.81 -32.45
C SER B 158 -29.39 -14.79 -30.94
N GLU B 159 -28.79 -13.72 -30.40
CA GLU B 159 -28.54 -13.58 -28.96
C GLU B 159 -27.64 -14.70 -28.44
N THR B 160 -26.63 -15.06 -29.23
CA THR B 160 -25.65 -16.05 -28.85
C THR B 160 -24.22 -15.54 -28.86
N HIS B 161 -23.96 -14.36 -29.41
CA HIS B 161 -22.62 -13.80 -29.47
C HIS B 161 -22.65 -12.36 -28.98
N LEU B 162 -21.48 -11.87 -28.56
CA LEU B 162 -21.33 -10.49 -28.13
C LEU B 162 -20.17 -9.87 -28.89
N LEU B 163 -20.29 -8.58 -29.20
CA LEU B 163 -19.26 -7.86 -29.96
C LEU B 163 -18.84 -6.62 -29.19
N TYR B 164 -17.53 -6.41 -29.08
CA TYR B 164 -17.01 -5.21 -28.41
C TYR B 164 -15.68 -4.82 -29.03
N VAL B 165 -15.08 -3.76 -28.51
CA VAL B 165 -13.84 -3.20 -29.01
C VAL B 165 -12.85 -3.15 -27.86
N ALA B 166 -11.63 -3.65 -28.11
CA ALA B 166 -10.64 -3.75 -27.05
C ALA B 166 -9.26 -3.35 -27.58
N ASP B 167 -8.39 -2.94 -26.67
CA ASP B 167 -7.04 -2.53 -27.04
C ASP B 167 -6.25 -3.74 -27.54
N LYS B 168 -5.40 -3.49 -28.54
CA LYS B 168 -4.60 -4.55 -29.11
C LYS B 168 -3.47 -4.95 -28.17
N LYS B 169 -3.12 -6.24 -28.20
CA LYS B 169 -2.09 -6.77 -27.31
C LYS B 169 -0.71 -6.52 -27.89
N ARG B 170 0.23 -6.16 -27.01
CA ARG B 170 1.60 -5.86 -27.39
C ARG B 170 2.54 -6.97 -26.91
N PRO B 171 3.62 -7.23 -27.66
CA PRO B 171 4.56 -8.28 -27.26
C PRO B 171 5.22 -7.97 -25.93
N LYS B 172 5.57 -9.02 -25.19
CA LYS B 172 6.24 -8.85 -23.91
C LYS B 172 7.66 -8.34 -24.11
N ALA B 173 8.15 -7.61 -23.11
CA ALA B 173 9.47 -7.00 -23.16
C ALA B 173 10.20 -7.21 -21.85
N GLU B 174 11.52 -7.12 -21.91
CA GLU B 174 12.36 -7.28 -20.72
C GLU B 174 13.67 -6.54 -20.94
N SER B 175 14.45 -6.45 -19.87
CA SER B 175 15.75 -5.79 -19.91
C SER B 175 16.84 -6.80 -20.27
N PHE B 176 18.01 -6.27 -20.66
CA PHE B 176 19.12 -7.14 -20.99
C PHE B 176 19.66 -7.85 -19.76
N PHE B 177 19.71 -7.17 -18.62
CA PHE B 177 20.29 -7.72 -17.39
C PHE B 177 19.16 -8.29 -16.52
N GLN B 178 18.54 -9.33 -17.05
CA GLN B 178 17.44 -10.02 -16.37
C GLN B 178 17.91 -11.42 -15.99
N THR B 179 17.80 -11.76 -14.71
CA THR B 179 18.17 -13.09 -14.24
C THR B 179 17.04 -14.08 -14.47
N LYS B 180 17.41 -15.29 -14.85
CA LYS B 180 16.46 -16.35 -15.18
C LYS B 180 16.56 -17.49 -14.19
N ALA B 181 15.42 -18.15 -13.95
CA ALA B 181 15.35 -19.27 -13.01
C ALA B 181 15.85 -20.53 -13.72
N LEU B 182 17.16 -20.70 -13.70
CA LEU B 182 17.79 -21.86 -14.32
C LEU B 182 18.12 -22.94 -13.30
N GLN B 199 10.00 -15.92 -24.39
CA GLN B 199 9.82 -15.40 -25.74
C GLN B 199 9.53 -13.90 -25.72
N ALA B 200 10.18 -13.20 -24.80
CA ALA B 200 10.03 -11.76 -24.66
C ALA B 200 11.24 -11.06 -25.27
N ILE B 201 10.98 -10.15 -26.21
CA ILE B 201 12.05 -9.42 -26.87
C ILE B 201 12.64 -8.39 -25.89
N LYS B 202 13.96 -8.34 -25.82
CA LYS B 202 14.67 -7.49 -24.86
C LYS B 202 15.19 -6.24 -25.55
N GLY B 203 15.06 -5.11 -24.86
CA GLY B 203 15.47 -3.83 -25.38
C GLY B 203 14.33 -2.95 -25.89
N ASP B 204 13.15 -3.53 -26.10
CA ASP B 204 11.98 -2.78 -26.56
C ASP B 204 11.03 -2.43 -25.43
N GLN B 205 11.56 -2.23 -24.22
CA GLN B 205 10.71 -1.97 -23.06
C GLN B 205 10.18 -0.54 -23.06
N PHE B 206 10.90 0.40 -23.67
CA PHE B 206 10.57 1.81 -23.60
C PHE B 206 10.26 2.40 -24.97
N LEU B 207 9.68 1.60 -25.87
CA LEU B 207 9.28 2.11 -27.17
C LEU B 207 8.13 3.09 -27.02
N PHE B 208 7.94 3.93 -28.04
CA PHE B 208 6.91 4.96 -28.01
C PHE B 208 5.71 4.52 -28.83
N TYR B 209 4.55 4.51 -28.20
CA TYR B 209 3.28 4.19 -28.85
C TYR B 209 2.40 5.43 -28.83
N GLU B 210 1.94 5.86 -30.00
CA GLU B 210 1.17 7.09 -30.11
C GLU B 210 -0.28 6.86 -29.70
N ASP B 211 -0.83 7.82 -28.97
CA ASP B 211 -2.22 7.79 -28.54
C ASP B 211 -3.03 8.83 -29.29
N TRP B 212 -4.35 8.81 -29.08
CA TRP B 212 -5.22 9.62 -29.91
C TRP B 212 -5.33 11.06 -29.41
N GLY B 213 -4.91 11.34 -28.19
CA GLY B 213 -4.79 12.71 -27.75
C GLY B 213 -5.49 12.93 -26.42
N GLU B 214 -6.22 14.05 -26.34
CA GLU B 214 -6.85 14.48 -25.10
C GLU B 214 -7.88 13.46 -24.63
N ASN B 215 -7.83 13.15 -23.33
CA ASN B 215 -8.73 12.23 -22.65
C ASN B 215 -8.70 10.82 -23.24
N MET B 216 -7.69 10.50 -24.05
CA MET B 216 -7.56 9.19 -24.70
C MET B 216 -6.14 8.67 -24.51
N VAL B 217 -5.65 8.76 -23.28
CA VAL B 217 -4.28 8.37 -22.99
C VAL B 217 -4.12 6.86 -23.10
N SER B 218 -3.03 6.44 -23.74
CA SER B 218 -2.68 5.02 -23.90
C SER B 218 -3.76 4.25 -24.64
N LYS B 219 -4.29 4.84 -25.70
CA LYS B 219 -5.25 4.18 -26.59
C LYS B 219 -4.70 4.31 -28.02
N SER B 220 -3.82 3.38 -28.39
CA SER B 220 -3.14 3.48 -29.68
C SER B 220 -3.98 2.93 -30.81
N THR B 221 -4.30 1.63 -30.77
CA THR B 221 -5.04 1.00 -31.84
C THR B 221 -5.98 -0.07 -31.31
N PRO B 222 -7.28 0.06 -31.56
CA PRO B 222 -8.25 -0.93 -31.09
C PRO B 222 -8.48 -2.04 -32.12
N VAL B 223 -9.11 -3.12 -31.62
CA VAL B 223 -9.49 -4.26 -32.43
C VAL B 223 -10.90 -4.69 -32.03
N LEU B 224 -11.54 -5.44 -32.93
CA LEU B 224 -12.90 -5.94 -32.72
C LEU B 224 -12.85 -7.36 -32.18
N CYS B 225 -13.54 -7.59 -31.07
CA CYS B 225 -13.55 -8.88 -30.40
C CYS B 225 -14.96 -9.43 -30.32
N VAL B 226 -15.10 -10.73 -30.58
CA VAL B 226 -16.37 -11.43 -30.52
C VAL B 226 -16.26 -12.53 -29.46
N LEU B 227 -17.20 -12.53 -28.52
CA LEU B 227 -17.24 -13.51 -27.45
C LEU B 227 -18.44 -14.43 -27.66
N ASP B 228 -18.20 -15.73 -27.50
CA ASP B 228 -19.23 -16.75 -27.62
C ASP B 228 -19.72 -17.09 -26.22
N ILE B 229 -21.01 -16.81 -25.96
CA ILE B 229 -21.54 -16.96 -24.60
C ILE B 229 -21.60 -18.42 -24.20
N GLU B 230 -21.99 -19.30 -25.12
CA GLU B 230 -22.17 -20.71 -24.78
C GLU B 230 -20.85 -21.37 -24.39
N SER B 231 -19.80 -21.16 -25.18
CA SER B 231 -18.52 -21.81 -24.95
C SER B 231 -17.53 -20.97 -24.14
N GLY B 232 -17.56 -19.65 -24.29
CA GLY B 232 -16.60 -18.79 -23.62
C GLY B 232 -15.40 -18.41 -24.45
N ASN B 233 -15.42 -18.67 -25.75
CA ASN B 233 -14.29 -18.38 -26.61
C ASN B 233 -14.30 -16.91 -27.02
N ILE B 234 -13.11 -16.35 -27.21
CA ILE B 234 -12.93 -14.98 -27.67
C ILE B 234 -12.15 -15.02 -28.98
N SER B 235 -12.66 -14.33 -29.99
CA SER B 235 -12.06 -14.32 -31.31
C SER B 235 -11.82 -12.88 -31.75
N VAL B 236 -10.63 -12.61 -32.27
CA VAL B 236 -10.28 -11.31 -32.82
C VAL B 236 -10.37 -11.39 -34.34
N LEU B 237 -11.19 -10.52 -34.93
CA LEU B 237 -11.47 -10.60 -36.36
C LEU B 237 -10.23 -10.23 -37.17
N GLU B 238 -10.13 -10.84 -38.36
CA GLU B 238 -9.09 -10.54 -39.32
C GLU B 238 -9.72 -10.05 -40.61
N GLY B 239 -9.13 -9.00 -41.18
CA GLY B 239 -9.66 -8.36 -42.37
C GLY B 239 -9.77 -6.86 -42.26
N VAL B 240 -9.57 -6.30 -41.07
CA VAL B 240 -9.55 -4.84 -40.92
C VAL B 240 -8.28 -4.30 -41.56
N PRO B 241 -8.34 -3.22 -42.34
CA PRO B 241 -7.13 -2.67 -42.95
C PRO B 241 -6.12 -2.27 -41.89
N GLU B 242 -4.83 -2.43 -42.23
CA GLU B 242 -3.76 -2.18 -41.28
C GLU B 242 -3.52 -0.69 -41.03
N SER B 243 -4.10 0.19 -41.83
CA SER B 243 -3.90 1.63 -41.69
C SER B 243 -5.09 2.33 -41.05
N VAL B 244 -6.09 1.58 -40.56
CA VAL B 244 -7.28 2.16 -39.97
C VAL B 244 -7.51 1.55 -38.60
N SER B 245 -8.32 2.25 -37.80
CA SER B 245 -8.76 1.80 -36.50
C SER B 245 -10.28 1.69 -36.50
N PRO B 246 -10.85 0.57 -36.05
CA PRO B 246 -12.30 0.39 -36.11
C PRO B 246 -13.02 0.88 -34.86
N GLY B 247 -14.31 1.15 -35.03
CA GLY B 247 -15.14 1.57 -33.91
C GLY B 247 -16.59 1.66 -34.34
N GLN B 248 -17.47 1.71 -33.35
CA GLN B 248 -18.91 1.82 -33.55
C GLN B 248 -19.42 0.70 -34.46
N ALA B 249 -19.06 -0.53 -34.13
CA ALA B 249 -19.39 -1.68 -34.93
C ALA B 249 -20.70 -2.31 -34.47
N PHE B 250 -21.48 -2.80 -35.44
CA PHE B 250 -22.74 -3.49 -35.15
C PHE B 250 -22.89 -4.65 -36.12
N TRP B 251 -23.71 -5.62 -35.74
CA TRP B 251 -23.88 -6.83 -36.55
C TRP B 251 -24.68 -6.54 -37.81
N ALA B 252 -24.25 -7.13 -38.92
CA ALA B 252 -24.96 -7.00 -40.17
C ALA B 252 -26.24 -7.84 -40.14
N PRO B 253 -27.23 -7.51 -40.97
CA PRO B 253 -28.44 -8.33 -41.02
C PRO B 253 -28.13 -9.76 -41.40
N GLY B 254 -28.79 -10.69 -40.72
CA GLY B 254 -28.52 -12.11 -40.91
C GLY B 254 -27.31 -12.63 -40.16
N ASP B 255 -26.64 -11.77 -39.37
CA ASP B 255 -25.44 -12.15 -38.61
C ASP B 255 -24.33 -12.68 -39.52
N THR B 256 -24.29 -12.20 -40.76
CA THR B 256 -23.28 -12.65 -41.71
C THR B 256 -21.93 -11.98 -41.47
N GLY B 257 -21.91 -10.80 -40.89
CA GLY B 257 -20.68 -10.08 -40.69
C GLY B 257 -20.83 -8.92 -39.74
N VAL B 258 -19.89 -7.98 -39.84
CA VAL B 258 -19.82 -6.82 -38.97
C VAL B 258 -19.61 -5.58 -39.82
N VAL B 259 -20.39 -4.54 -39.55
CA VAL B 259 -20.28 -3.25 -40.23
C VAL B 259 -19.74 -2.25 -39.23
N PHE B 260 -18.66 -1.57 -39.59
CA PHE B 260 -17.98 -0.67 -38.65
C PHE B 260 -17.52 0.59 -39.38
N VAL B 261 -16.98 1.52 -38.59
CA VAL B 261 -16.43 2.78 -39.09
C VAL B 261 -14.92 2.76 -38.84
N GLY B 262 -14.15 3.00 -39.89
CA GLY B 262 -12.70 3.02 -39.81
C GLY B 262 -12.16 4.44 -39.86
N TRP B 263 -11.30 4.76 -38.91
CA TRP B 263 -10.62 6.04 -38.80
C TRP B 263 -9.17 5.88 -39.25
N TRP B 264 -8.71 6.79 -40.10
CA TRP B 264 -7.33 6.71 -40.59
C TRP B 264 -6.37 7.29 -39.57
N HIS B 265 -5.32 6.53 -39.24
CA HIS B 265 -4.32 6.95 -38.27
C HIS B 265 -2.93 7.05 -38.88
N GLU B 266 -2.84 7.35 -40.17
CA GLU B 266 -1.56 7.56 -40.82
C GLU B 266 -1.59 8.86 -41.62
N PRO B 267 -0.48 9.62 -41.63
CA PRO B 267 0.79 9.35 -40.96
C PRO B 267 0.76 9.57 -39.45
N PHE B 268 -0.07 10.51 -39.00
CA PHE B 268 -0.17 10.86 -37.59
C PHE B 268 -1.61 10.70 -37.11
N ARG B 269 -1.77 10.74 -35.78
CA ARG B 269 -3.07 10.72 -35.15
C ARG B 269 -3.43 12.12 -34.67
N LEU B 270 -4.59 12.61 -35.09
CA LEU B 270 -5.10 13.91 -34.68
C LEU B 270 -6.25 13.70 -33.70
N GLY B 271 -6.32 14.56 -32.69
CA GLY B 271 -7.31 14.42 -31.64
C GLY B 271 -8.74 14.42 -32.13
N ILE B 272 -9.54 13.47 -31.66
CA ILE B 272 -10.94 13.35 -32.05
C ILE B 272 -11.88 13.86 -30.98
N ARG B 273 -11.36 14.44 -29.90
CA ARG B 273 -12.20 14.99 -28.84
C ARG B 273 -12.81 16.30 -29.33
N PHE B 274 -14.14 16.32 -29.44
CA PHE B 274 -14.90 17.48 -29.89
C PHE B 274 -14.56 17.88 -31.33
N CYS B 275 -14.07 16.93 -32.14
CA CYS B 275 -13.71 17.19 -33.52
C CYS B 275 -14.40 16.17 -34.42
N THR B 276 -15.05 16.67 -35.47
CA THR B 276 -15.78 15.83 -36.41
C THR B 276 -15.20 15.87 -37.82
N ASN B 277 -14.02 16.48 -38.01
CA ASN B 277 -13.43 16.63 -39.33
C ASN B 277 -12.28 15.66 -39.56
N ARG B 278 -12.37 14.45 -39.03
CA ARG B 278 -11.35 13.42 -39.20
C ARG B 278 -11.80 12.43 -40.25
N ARG B 279 -10.87 12.01 -41.11
CA ARG B 279 -11.21 11.08 -42.18
C ARG B 279 -11.76 9.78 -41.61
N SER B 280 -12.81 9.28 -42.26
CA SER B 280 -13.48 8.06 -41.81
C SER B 280 -14.12 7.38 -43.01
N ALA B 281 -14.44 6.09 -42.83
CA ALA B 281 -15.13 5.35 -43.88
C ALA B 281 -15.96 4.24 -43.25
N LEU B 282 -16.91 3.73 -44.02
CA LEU B 282 -17.81 2.67 -43.59
C LEU B 282 -17.39 1.36 -44.24
N TYR B 283 -17.06 0.36 -43.43
CA TYR B 283 -16.59 -0.92 -43.93
C TYR B 283 -17.49 -2.05 -43.47
N TYR B 284 -17.46 -3.15 -44.22
CA TYR B 284 -18.18 -4.37 -43.90
C TYR B 284 -17.23 -5.54 -44.04
N VAL B 285 -17.15 -6.38 -43.00
CA VAL B 285 -16.22 -7.50 -42.97
C VAL B 285 -17.00 -8.76 -42.58
N ASP B 286 -16.47 -9.91 -42.98
CA ASP B 286 -17.09 -11.20 -42.69
C ASP B 286 -16.45 -11.84 -41.47
N LEU B 287 -17.20 -12.74 -40.84
CA LEU B 287 -16.66 -13.47 -39.69
C LEU B 287 -15.49 -14.35 -40.10
N THR B 288 -15.60 -15.03 -41.25
CA THR B 288 -14.47 -15.75 -41.80
C THR B 288 -13.44 -14.78 -42.36
N GLY B 289 -12.17 -15.17 -42.30
CA GLY B 289 -11.09 -14.32 -42.78
C GLY B 289 -11.25 -13.95 -44.24
N GLY B 290 -11.23 -12.65 -44.52
CA GLY B 290 -11.40 -12.18 -45.89
C GLY B 290 -11.23 -10.68 -45.95
N LYS B 291 -11.07 -10.19 -47.18
CA LYS B 291 -10.89 -8.77 -47.40
C LYS B 291 -12.19 -8.01 -47.15
N CYS B 292 -12.07 -6.84 -46.53
CA CYS B 292 -13.22 -6.00 -46.25
C CYS B 292 -13.68 -5.26 -47.50
N GLU B 293 -14.91 -4.78 -47.46
CA GLU B 293 -15.50 -3.98 -48.53
C GLU B 293 -15.71 -2.55 -48.05
N LEU B 294 -16.00 -1.67 -49.00
CA LEU B 294 -16.20 -0.25 -48.73
C LEU B 294 -17.63 0.13 -49.13
N LEU B 295 -18.35 0.77 -48.21
CA LEU B 295 -19.75 1.11 -48.43
C LEU B 295 -19.99 2.61 -48.58
N SER B 296 -18.95 3.42 -48.68
CA SER B 296 -19.11 4.86 -48.80
C SER B 296 -17.85 5.45 -49.42
N ASP B 297 -17.90 6.76 -49.66
CA ASP B 297 -16.74 7.46 -50.17
C ASP B 297 -15.69 7.61 -49.08
N GLU B 298 -14.43 7.42 -49.45
CA GLU B 298 -13.33 7.42 -48.50
C GLU B 298 -12.66 8.79 -48.35
N SER B 299 -13.13 9.80 -49.08
CA SER B 299 -12.50 11.12 -49.06
C SER B 299 -13.14 12.09 -48.08
N VAL B 300 -14.15 11.66 -47.32
CA VAL B 300 -14.88 12.52 -46.41
C VAL B 300 -15.05 11.80 -45.08
N ALA B 301 -15.76 12.44 -44.16
CA ALA B 301 -15.98 11.93 -42.80
C ALA B 301 -17.41 11.45 -42.66
N VAL B 302 -17.58 10.25 -42.10
CA VAL B 302 -18.88 9.68 -41.81
C VAL B 302 -18.92 9.28 -40.34
N THR B 303 -20.12 9.19 -39.78
CA THR B 303 -20.28 8.95 -38.35
C THR B 303 -21.66 8.35 -38.06
N SER B 304 -21.69 7.44 -37.09
CA SER B 304 -22.89 6.90 -36.45
C SER B 304 -23.87 6.25 -37.41
N PRO B 305 -23.55 5.07 -37.96
CA PRO B 305 -24.54 4.34 -38.75
C PRO B 305 -25.57 3.67 -37.85
N ARG B 306 -26.81 3.61 -38.33
CA ARG B 306 -27.92 3.01 -37.60
C ARG B 306 -28.70 2.09 -38.53
N LEU B 307 -29.08 0.92 -38.02
CA LEU B 307 -29.76 -0.08 -38.82
C LEU B 307 -31.26 -0.02 -38.58
N SER B 308 -32.03 -0.26 -39.66
CA SER B 308 -33.48 -0.20 -39.57
C SER B 308 -34.02 -1.39 -38.78
N PRO B 309 -35.17 -1.23 -38.11
CA PRO B 309 -35.74 -2.36 -37.37
C PRO B 309 -36.12 -3.54 -38.26
N ASP B 310 -36.44 -3.29 -39.52
CA ASP B 310 -36.71 -4.37 -40.47
C ASP B 310 -35.45 -4.85 -41.18
N GLN B 311 -34.29 -4.28 -40.85
CA GLN B 311 -32.99 -4.75 -41.34
C GLN B 311 -32.89 -4.67 -42.86
N CYS B 312 -33.19 -3.48 -43.39
CA CYS B 312 -33.12 -3.24 -44.83
C CYS B 312 -32.42 -1.95 -45.23
N ARG B 313 -32.23 -1.01 -44.31
CA ARG B 313 -31.63 0.28 -44.66
C ARG B 313 -30.74 0.76 -43.52
N ILE B 314 -29.83 1.65 -43.86
CA ILE B 314 -28.90 2.26 -42.91
C ILE B 314 -28.89 3.76 -43.15
N VAL B 315 -28.85 4.54 -42.06
CA VAL B 315 -28.68 5.99 -42.15
C VAL B 315 -27.40 6.35 -41.41
N TYR B 316 -26.71 7.38 -41.89
CA TYR B 316 -25.51 7.84 -41.21
C TYR B 316 -25.29 9.32 -41.50
N LEU B 317 -24.40 9.92 -40.72
CA LEU B 317 -24.08 11.34 -40.83
C LEU B 317 -22.82 11.51 -41.66
N ARG B 318 -22.87 12.46 -42.61
CA ARG B 318 -21.76 12.72 -43.51
C ARG B 318 -21.38 14.19 -43.44
N PHE B 319 -20.10 14.48 -43.27
CA PHE B 319 -19.59 15.84 -43.22
C PHE B 319 -18.73 16.10 -44.45
N PRO B 320 -19.11 17.07 -45.29
CA PRO B 320 -18.45 17.17 -46.60
C PRO B 320 -17.06 17.79 -46.56
N SER B 321 -16.71 18.52 -45.50
CA SER B 321 -15.45 19.23 -45.46
C SER B 321 -14.69 18.87 -44.18
N LEU B 322 -13.36 18.95 -44.26
CA LEU B 322 -12.48 18.71 -43.13
C LEU B 322 -11.84 19.98 -42.60
N VAL B 323 -12.26 21.14 -43.09
CA VAL B 323 -11.64 22.41 -42.69
C VAL B 323 -12.11 22.84 -41.31
N PRO B 324 -13.42 22.92 -41.01
CA PRO B 324 -13.82 23.29 -39.66
C PRO B 324 -14.03 22.08 -38.76
N HIS B 325 -13.93 22.33 -37.45
CA HIS B 325 -14.11 21.27 -36.47
C HIS B 325 -15.56 21.02 -36.12
N GLN B 326 -16.48 21.86 -36.60
CA GLN B 326 -17.91 21.64 -36.44
C GLN B 326 -18.63 22.37 -37.56
N GLN B 327 -19.59 21.69 -38.20
CA GLN B 327 -20.26 22.23 -39.37
C GLN B 327 -21.60 21.52 -39.54
N CYS B 328 -22.38 21.99 -40.51
CA CYS B 328 -23.62 21.31 -40.85
C CYS B 328 -23.34 19.96 -41.48
N GLY B 329 -24.12 18.95 -41.08
CA GLY B 329 -24.02 17.63 -41.64
C GLY B 329 -25.19 17.34 -42.57
N GLN B 330 -25.19 16.14 -43.13
CA GLN B 330 -26.25 15.67 -44.00
C GLN B 330 -26.50 14.19 -43.74
N LEU B 331 -27.75 13.78 -43.94
CA LEU B 331 -28.16 12.40 -43.70
C LEU B 331 -28.00 11.59 -44.98
N CYS B 332 -27.30 10.47 -44.89
CA CYS B 332 -27.07 9.59 -46.02
C CYS B 332 -27.76 8.25 -45.77
N LEU B 333 -28.45 7.75 -46.78
CA LEU B 333 -29.22 6.51 -46.72
C LEU B 333 -28.61 5.48 -47.65
N TYR B 334 -28.45 4.26 -47.13
CA TYR B 334 -27.87 3.14 -47.88
C TYR B 334 -28.83 1.96 -47.81
N ASP B 335 -29.15 1.40 -48.97
CA ASP B 335 -30.04 0.25 -49.07
C ASP B 335 -29.21 -1.02 -49.16
N TRP B 336 -29.48 -1.96 -48.24
CA TRP B 336 -28.62 -3.14 -48.13
C TRP B 336 -28.81 -4.08 -49.32
N TYR B 337 -30.07 -4.37 -49.69
CA TYR B 337 -30.32 -5.38 -50.69
C TYR B 337 -29.91 -4.90 -52.09
N THR B 338 -30.26 -3.67 -52.43
CA THR B 338 -29.80 -3.02 -53.64
C THR B 338 -28.83 -1.90 -53.26
N ARG B 339 -27.56 -2.09 -53.57
CA ARG B 339 -26.50 -1.23 -53.05
C ARG B 339 -26.56 0.12 -53.76
N VAL B 340 -27.33 1.05 -53.19
CA VAL B 340 -27.48 2.39 -53.74
C VAL B 340 -27.56 3.37 -52.58
N THR B 341 -26.99 4.56 -52.78
CA THR B 341 -26.92 5.57 -51.73
C THR B 341 -27.64 6.84 -52.18
N SER B 342 -28.35 7.47 -51.25
CA SER B 342 -29.08 8.70 -51.52
C SER B 342 -29.00 9.61 -50.31
N VAL B 343 -29.30 10.89 -50.53
CA VAL B 343 -29.25 11.91 -49.48
C VAL B 343 -30.67 12.25 -49.06
N VAL B 344 -30.91 12.25 -47.75
CA VAL B 344 -32.23 12.52 -47.20
C VAL B 344 -32.32 13.99 -46.79
N VAL B 345 -31.46 14.40 -45.87
CA VAL B 345 -31.39 15.77 -45.40
C VAL B 345 -30.08 16.38 -45.89
N ASP B 346 -30.17 17.51 -46.59
CA ASP B 346 -29.03 18.15 -47.19
C ASP B 346 -28.57 19.33 -46.34
N ILE B 347 -27.55 20.05 -46.83
CA ILE B 347 -26.99 21.17 -46.09
C ILE B 347 -27.88 22.40 -46.24
N VAL B 348 -28.11 23.08 -45.13
CA VAL B 348 -28.94 24.27 -45.08
C VAL B 348 -28.02 25.49 -45.04
N PRO B 349 -27.99 26.33 -46.08
CA PRO B 349 -27.08 27.49 -46.06
C PRO B 349 -27.41 28.49 -44.95
N ARG B 350 -28.63 29.03 -44.95
CA ARG B 350 -29.05 29.97 -43.93
C ARG B 350 -30.26 29.49 -43.14
N GLN B 351 -31.34 29.12 -43.84
CA GLN B 351 -32.55 28.66 -43.16
C GLN B 351 -33.41 27.92 -44.18
N LEU B 352 -33.63 26.62 -43.95
CA LEU B 352 -34.55 25.86 -44.79
C LEU B 352 -36.00 26.20 -44.51
N GLY B 353 -36.28 26.80 -43.36
CA GLY B 353 -37.62 27.22 -43.01
C GLY B 353 -37.59 28.03 -41.74
N GLU B 354 -38.78 28.30 -41.21
CA GLU B 354 -38.88 29.06 -39.97
C GLU B 354 -38.48 28.24 -38.76
N ASP B 355 -38.32 26.92 -38.90
CA ASP B 355 -38.09 26.05 -37.75
C ASP B 355 -36.84 25.20 -37.86
N PHE B 356 -36.23 25.06 -39.04
CA PHE B 356 -35.10 24.16 -39.24
C PHE B 356 -33.89 24.95 -39.73
N SER B 357 -32.71 24.55 -39.27
CA SER B 357 -31.47 25.22 -39.66
C SER B 357 -30.31 24.28 -39.95
N GLY B 358 -30.53 22.97 -39.98
CA GLY B 358 -29.49 22.01 -40.28
C GLY B 358 -29.27 21.05 -39.13
N ILE B 359 -28.35 20.10 -39.37
CA ILE B 359 -27.99 19.07 -38.40
C ILE B 359 -26.60 19.38 -37.87
N TYR B 360 -26.50 19.55 -36.54
CA TYR B 360 -25.24 19.87 -35.89
C TYR B 360 -24.78 18.82 -34.90
N CYS B 361 -25.67 17.96 -34.41
CA CYS B 361 -25.27 16.92 -33.47
C CYS B 361 -24.38 15.89 -34.16
N SER B 362 -23.36 15.42 -33.44
CA SER B 362 -22.42 14.46 -34.00
C SER B 362 -22.87 13.02 -33.83
N LEU B 363 -23.64 12.72 -32.79
CA LEU B 363 -24.10 11.36 -32.51
C LEU B 363 -25.61 11.31 -32.58
N LEU B 364 -26.13 10.38 -33.37
CA LEU B 364 -27.55 10.09 -33.37
C LEU B 364 -27.92 9.26 -32.15
N PRO B 365 -29.17 9.32 -31.69
CA PRO B 365 -29.57 8.49 -30.56
C PRO B 365 -29.50 7.01 -30.91
N LEU B 366 -29.27 6.17 -29.89
CA LEU B 366 -29.12 4.74 -30.12
C LEU B 366 -30.37 4.16 -30.76
N GLY B 367 -31.54 4.59 -30.31
CA GLY B 367 -32.79 4.28 -30.99
C GLY B 367 -33.35 5.51 -31.67
N CYS B 368 -33.41 5.51 -32.99
CA CYS B 368 -33.91 6.66 -33.74
C CYS B 368 -34.99 6.32 -34.76
N TRP B 369 -35.02 5.10 -35.27
CA TRP B 369 -36.04 4.72 -36.24
C TRP B 369 -37.41 4.58 -35.58
N SER B 370 -38.45 4.81 -36.36
CA SER B 370 -39.82 4.63 -35.90
C SER B 370 -40.25 3.18 -36.14
N ALA B 371 -41.46 2.84 -35.71
CA ALA B 371 -41.96 1.49 -35.88
C ALA B 371 -42.13 1.14 -37.35
N ASP B 372 -42.61 2.09 -38.15
CA ASP B 372 -42.78 1.87 -39.58
C ASP B 372 -41.46 1.76 -40.33
N SER B 373 -40.34 2.09 -39.68
CA SER B 373 -39.02 2.08 -40.31
C SER B 373 -38.99 2.96 -41.56
N GLN B 374 -39.63 4.13 -41.47
CA GLN B 374 -39.66 5.09 -42.56
C GLN B 374 -39.37 6.52 -42.11
N ARG B 375 -39.30 6.77 -40.81
CA ARG B 375 -39.03 8.10 -40.29
C ARG B 375 -37.90 8.04 -39.27
N VAL B 376 -37.16 9.15 -39.16
CA VAL B 376 -36.03 9.26 -38.25
C VAL B 376 -36.25 10.47 -37.36
N VAL B 377 -36.08 10.29 -36.06
CA VAL B 377 -36.29 11.36 -35.07
C VAL B 377 -34.94 11.74 -34.47
N PHE B 378 -34.66 13.04 -34.43
CA PHE B 378 -33.39 13.52 -33.89
C PHE B 378 -33.63 14.89 -33.23
N ASP B 379 -32.55 15.45 -32.69
CA ASP B 379 -32.58 16.79 -32.10
C ASP B 379 -31.30 17.52 -32.46
N SER B 380 -31.44 18.83 -32.69
CA SER B 380 -30.29 19.65 -33.07
C SER B 380 -30.59 21.09 -32.69
N PRO B 381 -29.57 21.89 -32.40
CA PRO B 381 -29.81 23.29 -32.04
C PRO B 381 -30.38 24.09 -33.20
N GLN B 382 -31.18 25.10 -32.84
CA GLN B 382 -31.79 25.98 -33.84
C GLN B 382 -32.00 27.35 -33.20
N ARG B 383 -31.07 28.28 -33.46
CA ARG B 383 -31.19 29.67 -33.01
C ARG B 383 -31.31 29.76 -31.49
N SER B 384 -30.26 29.30 -30.82
CA SER B 384 -30.19 29.32 -29.35
C SER B 384 -31.34 28.54 -28.71
N ARG B 385 -31.77 27.46 -29.37
CA ARG B 385 -32.80 26.58 -28.85
C ARG B 385 -32.51 25.17 -29.34
N GLN B 386 -33.12 24.20 -28.67
CA GLN B 386 -33.01 22.81 -29.07
C GLN B 386 -34.41 22.23 -29.20
N ASP B 387 -34.70 21.64 -30.35
CA ASP B 387 -36.02 21.10 -30.66
C ASP B 387 -35.88 19.66 -31.15
N LEU B 388 -37.02 19.00 -31.32
CA LEU B 388 -37.08 17.65 -31.83
C LEU B 388 -37.65 17.67 -33.24
N PHE B 389 -36.94 17.02 -34.17
CA PHE B 389 -37.33 16.98 -35.56
C PHE B 389 -37.53 15.55 -36.02
N ALA B 390 -38.55 15.34 -36.85
CA ALA B 390 -38.81 14.05 -37.49
C ALA B 390 -38.71 14.23 -39.00
N VAL B 391 -37.96 13.35 -39.65
CA VAL B 391 -37.72 13.43 -41.09
C VAL B 391 -38.25 12.15 -41.74
N ASP B 392 -38.97 12.31 -42.84
CA ASP B 392 -39.47 11.18 -43.61
C ASP B 392 -38.40 10.75 -44.59
N THR B 393 -38.08 9.45 -44.59
CA THR B 393 -36.98 8.97 -45.42
C THR B 393 -37.32 9.03 -46.90
N GLN B 394 -38.59 8.79 -47.25
CA GLN B 394 -38.98 8.76 -48.65
C GLN B 394 -39.14 10.19 -49.22
N MET B 395 -40.02 10.98 -48.60
CA MET B 395 -40.29 12.32 -49.13
C MET B 395 -39.17 13.29 -48.83
N GLY B 396 -38.39 13.05 -47.78
CA GLY B 396 -37.34 13.97 -47.39
C GLY B 396 -37.84 15.30 -46.86
N SER B 397 -38.92 15.28 -46.08
CA SER B 397 -39.49 16.48 -45.48
C SER B 397 -39.26 16.46 -43.97
N VAL B 398 -38.80 17.59 -43.44
CA VAL B 398 -38.46 17.71 -42.03
C VAL B 398 -39.60 18.42 -41.30
N THR B 399 -40.07 17.82 -40.21
CA THR B 399 -41.15 18.36 -39.40
C THR B 399 -40.65 18.56 -37.98
N SER B 400 -41.02 19.69 -37.39
CA SER B 400 -40.62 20.01 -36.02
C SER B 400 -41.72 19.59 -35.05
N LEU B 401 -41.35 18.83 -34.02
CA LEU B 401 -42.32 18.32 -33.07
C LEU B 401 -42.63 19.35 -31.99
N THR B 402 -41.62 20.03 -31.47
CA THR B 402 -41.76 20.99 -30.38
C THR B 402 -41.42 22.37 -30.92
N ALA B 403 -42.44 23.10 -31.35
CA ALA B 403 -42.27 24.46 -31.87
C ALA B 403 -43.18 25.40 -31.11
N GLY B 404 -42.78 26.67 -31.08
CA GLY B 404 -43.52 27.66 -30.32
C GLY B 404 -43.13 27.67 -28.85
N GLY B 405 -43.76 28.58 -28.12
CA GLY B 405 -43.45 28.75 -26.71
C GLY B 405 -42.31 29.71 -26.47
N SER B 406 -42.01 29.90 -25.19
CA SER B 406 -40.94 30.84 -24.81
C SER B 406 -39.57 30.32 -25.21
N GLY B 407 -39.35 29.02 -25.06
CA GLY B 407 -38.05 28.44 -25.38
C GLY B 407 -37.88 27.09 -24.71
N GLY B 408 -36.65 26.82 -24.32
CA GLY B 408 -36.28 25.56 -23.69
C GLY B 408 -35.51 24.66 -24.64
N SER B 409 -34.84 23.68 -24.03
CA SER B 409 -34.04 22.73 -24.78
C SER B 409 -34.59 21.33 -24.57
N TRP B 410 -34.85 20.63 -25.67
CA TRP B 410 -35.34 19.27 -25.64
C TRP B 410 -34.24 18.31 -26.08
N LYS B 411 -34.09 17.20 -25.37
CA LYS B 411 -33.13 16.17 -25.71
C LYS B 411 -33.86 14.84 -25.84
N LEU B 412 -33.63 14.15 -26.94
CA LEU B 412 -34.26 12.85 -27.18
C LEU B 412 -33.38 11.75 -26.60
N LEU B 413 -33.92 11.00 -25.64
CA LEU B 413 -33.18 9.91 -25.03
C LEU B 413 -33.40 8.61 -25.79
N THR B 414 -34.64 8.25 -26.07
CA THR B 414 -34.86 7.00 -26.80
C THR B 414 -36.22 7.01 -27.47
N ILE B 415 -36.36 6.13 -28.48
CA ILE B 415 -37.64 5.81 -29.09
C ILE B 415 -37.67 4.31 -29.36
N ASP B 416 -38.80 3.67 -29.06
CA ASP B 416 -38.96 2.24 -29.28
C ASP B 416 -40.44 1.95 -29.42
N ARG B 417 -40.83 1.37 -30.56
CA ARG B 417 -42.23 1.08 -30.86
C ARG B 417 -43.10 2.33 -30.73
N ASP B 418 -42.58 3.44 -31.28
CA ASP B 418 -43.28 4.73 -31.33
C ASP B 418 -43.50 5.35 -29.96
N LEU B 419 -42.79 4.88 -28.94
CA LEU B 419 -42.82 5.49 -27.62
C LEU B 419 -41.49 6.23 -27.40
N MET B 420 -41.57 7.54 -27.21
CA MET B 420 -40.40 8.39 -27.08
C MET B 420 -40.23 8.84 -25.64
N VAL B 421 -39.01 8.68 -25.13
CA VAL B 421 -38.62 9.16 -23.81
C VAL B 421 -37.61 10.28 -24.02
N VAL B 422 -37.95 11.47 -23.51
CA VAL B 422 -37.17 12.70 -23.70
C VAL B 422 -37.04 13.42 -22.37
N GLN B 423 -36.21 14.46 -22.38
CA GLN B 423 -36.02 15.33 -21.23
C GLN B 423 -36.16 16.78 -21.66
N PHE B 424 -36.48 17.66 -20.69
CA PHE B 424 -36.76 19.06 -20.96
C PHE B 424 -36.14 19.93 -19.87
N SER B 425 -35.58 21.07 -20.27
CA SER B 425 -34.94 21.96 -19.31
C SER B 425 -35.05 23.41 -19.80
N THR B 426 -35.00 24.33 -18.84
CA THR B 426 -34.93 25.76 -19.09
C THR B 426 -33.96 26.35 -18.09
N PRO B 427 -33.52 27.59 -18.29
CA PRO B 427 -32.61 28.21 -17.31
C PRO B 427 -33.20 28.35 -15.92
N SER B 428 -34.53 28.29 -15.78
CA SER B 428 -35.18 28.41 -14.48
C SER B 428 -35.61 27.07 -13.89
N VAL B 429 -35.61 25.99 -14.66
CA VAL B 429 -36.12 24.70 -14.25
C VAL B 429 -35.04 23.65 -14.44
N PRO B 430 -34.74 22.82 -13.46
CA PRO B 430 -33.79 21.72 -13.66
C PRO B 430 -34.38 20.68 -14.60
N PRO B 431 -33.56 19.75 -15.11
CA PRO B 431 -34.06 18.79 -16.10
C PRO B 431 -35.18 17.92 -15.56
N SER B 432 -36.12 17.59 -16.44
CA SER B 432 -37.27 16.73 -16.14
C SER B 432 -37.22 15.50 -17.03
N LEU B 433 -38.28 14.71 -16.99
CA LEU B 433 -38.42 13.50 -17.79
C LEU B 433 -39.84 13.39 -18.31
N LYS B 434 -39.98 13.04 -19.59
CA LYS B 434 -41.28 12.97 -20.23
C LYS B 434 -41.30 11.80 -21.21
N VAL B 435 -42.52 11.31 -21.47
CA VAL B 435 -42.76 10.25 -22.44
C VAL B 435 -43.93 10.69 -23.34
N GLY B 436 -43.95 10.12 -24.54
CA GLY B 436 -45.00 10.43 -25.49
C GLY B 436 -45.07 9.39 -26.58
N PHE B 437 -46.13 9.49 -27.38
CA PHE B 437 -46.34 8.61 -28.53
C PHE B 437 -46.19 9.42 -29.81
N LEU B 438 -45.42 8.88 -30.75
CA LEU B 438 -45.25 9.54 -32.04
C LEU B 438 -46.51 9.35 -32.89
N PRO B 439 -47.22 10.41 -33.25
CA PRO B 439 -48.44 10.26 -34.03
C PRO B 439 -48.14 9.87 -35.47
N PRO B 440 -49.13 9.39 -36.21
CA PRO B 440 -48.87 8.95 -37.59
C PRO B 440 -48.42 10.10 -38.48
N ALA B 441 -48.01 9.74 -39.69
CA ALA B 441 -47.47 10.71 -40.63
C ALA B 441 -48.52 11.74 -41.02
N GLY B 442 -48.10 13.01 -41.06
CA GLY B 442 -48.97 14.11 -41.43
C GLY B 442 -49.68 14.78 -40.28
N LYS B 443 -49.59 14.23 -39.07
CA LYS B 443 -50.25 14.82 -37.90
C LYS B 443 -49.29 14.83 -36.72
N GLU B 444 -48.03 15.17 -36.96
CA GLU B 444 -46.99 15.10 -35.95
C GLU B 444 -46.87 16.37 -35.12
N GLN B 445 -47.67 17.41 -35.42
CA GLN B 445 -47.62 18.62 -34.62
C GLN B 445 -48.33 18.44 -33.28
N ALA B 446 -49.29 17.52 -33.21
CA ALA B 446 -50.09 17.31 -32.01
C ALA B 446 -49.53 16.11 -31.25
N VAL B 447 -48.61 16.37 -30.33
CA VAL B 447 -48.00 15.34 -29.49
C VAL B 447 -48.35 15.65 -28.05
N SER B 448 -48.80 14.63 -27.31
CA SER B 448 -49.15 14.77 -25.91
C SER B 448 -48.04 14.20 -25.04
N TRP B 449 -47.55 15.02 -24.12
CA TRP B 449 -46.44 14.65 -23.24
C TRP B 449 -46.98 14.37 -21.83
N VAL B 450 -46.58 13.23 -21.29
CA VAL B 450 -46.95 12.83 -19.93
C VAL B 450 -45.68 12.83 -19.09
N SER B 451 -45.72 13.53 -17.96
CA SER B 451 -44.54 13.73 -17.12
C SER B 451 -44.32 12.51 -16.21
N LEU B 452 -43.07 12.08 -16.12
CA LEU B 452 -42.69 11.03 -15.18
C LEU B 452 -42.11 11.61 -13.89
N GLU B 453 -41.07 12.43 -14.02
CA GLU B 453 -40.43 13.08 -12.89
C GLU B 453 -40.41 14.59 -13.12
N GLU B 454 -40.73 15.34 -12.09
CA GLU B 454 -40.81 16.79 -12.17
C GLU B 454 -39.74 17.43 -11.29
N ALA B 455 -39.27 18.60 -11.70
CA ALA B 455 -38.28 19.37 -10.97
C ALA B 455 -38.90 20.69 -10.53
N GLU B 456 -38.65 21.06 -9.28
CA GLU B 456 -39.20 22.30 -8.76
C GLU B 456 -38.46 23.49 -9.35
N PRO B 457 -39.16 24.44 -9.96
CA PRO B 457 -38.47 25.57 -10.60
C PRO B 457 -38.04 26.61 -9.58
N PHE B 458 -37.23 27.55 -10.07
CA PHE B 458 -36.79 28.70 -9.27
C PHE B 458 -37.50 29.95 -9.78
N PRO B 459 -38.45 30.50 -9.01
CA PRO B 459 -39.28 31.59 -9.53
C PRO B 459 -38.64 32.97 -9.45
N ASP B 460 -37.40 33.08 -8.97
CA ASP B 460 -36.73 34.36 -8.85
C ASP B 460 -35.72 34.61 -9.98
N ILE B 461 -35.73 33.79 -11.02
CA ILE B 461 -34.83 33.93 -12.16
C ILE B 461 -35.66 34.22 -13.40
N SER B 462 -35.33 35.29 -14.10
CA SER B 462 -36.00 35.66 -15.34
C SER B 462 -34.98 35.63 -16.48
N TRP B 463 -35.37 35.05 -17.61
CA TRP B 463 -34.47 34.92 -18.74
C TRP B 463 -35.17 35.34 -20.03
N SER B 464 -34.41 35.93 -20.94
CA SER B 464 -34.96 36.42 -22.19
C SER B 464 -33.90 36.32 -23.29
N ILE B 465 -34.34 36.50 -24.52
CA ILE B 465 -33.49 36.38 -25.71
C ILE B 465 -33.52 37.69 -26.48
N ARG B 466 -32.35 38.21 -26.83
CA ARG B 466 -32.22 39.45 -27.58
C ARG B 466 -31.49 39.18 -28.90
N VAL B 467 -31.94 39.85 -29.96
CA VAL B 467 -31.38 39.70 -31.29
C VAL B 467 -30.61 40.95 -31.64
N LEU B 468 -29.38 40.79 -32.12
CA LEU B 468 -28.47 41.89 -32.39
C LEU B 468 -27.98 41.83 -33.82
N GLN B 469 -27.98 43.01 -34.46
CA GLN B 469 -27.57 43.19 -35.85
C GLN B 469 -26.29 44.00 -35.90
N PRO B 470 -25.21 43.48 -36.48
CA PRO B 470 -23.95 44.22 -36.48
C PRO B 470 -24.06 45.48 -37.34
N PRO B 471 -23.30 46.51 -37.02
CA PRO B 471 -23.32 47.74 -37.83
C PRO B 471 -22.70 47.50 -39.19
N PRO B 472 -23.02 48.33 -40.19
CA PRO B 472 -22.51 48.09 -41.55
C PRO B 472 -21.00 48.11 -41.66
N GLN B 473 -20.31 48.86 -40.80
CA GLN B 473 -18.85 48.96 -40.92
C GLN B 473 -18.18 47.61 -40.67
N GLN B 474 -18.58 46.93 -39.59
CA GLN B 474 -18.03 45.62 -39.26
C GLN B 474 -18.89 44.47 -39.82
N GLU B 475 -19.19 44.57 -41.11
CA GLU B 475 -19.98 43.56 -41.81
C GLU B 475 -19.10 42.78 -42.77
N HIS B 476 -19.26 41.46 -42.77
CA HIS B 476 -18.47 40.60 -43.63
C HIS B 476 -18.76 40.91 -45.10
N VAL B 477 -17.72 40.85 -45.92
CA VAL B 477 -17.87 41.16 -47.34
C VAL B 477 -18.57 40.02 -48.08
N GLN B 478 -18.14 38.79 -47.84
CA GLN B 478 -18.72 37.65 -48.55
C GLN B 478 -20.16 37.40 -48.11
N TYR B 479 -20.39 37.37 -46.80
CA TYR B 479 -21.71 37.09 -46.25
C TYR B 479 -22.26 38.34 -45.60
N ALA B 480 -23.46 38.75 -46.03
CA ALA B 480 -24.09 39.96 -45.55
C ALA B 480 -25.47 39.64 -44.97
N GLY B 481 -25.91 40.48 -44.02
CA GLY B 481 -27.19 40.32 -43.38
C GLY B 481 -27.19 39.40 -42.18
N LEU B 482 -26.07 38.79 -41.85
CA LEU B 482 -26.01 37.90 -40.70
C LEU B 482 -26.15 38.67 -39.39
N ASP B 483 -26.92 38.12 -38.46
CA ASP B 483 -27.10 38.68 -37.13
C ASP B 483 -26.80 37.59 -36.11
N PHE B 484 -26.92 37.93 -34.83
CA PHE B 484 -26.67 36.95 -33.78
C PHE B 484 -27.62 37.20 -32.61
N GLU B 485 -27.51 36.38 -31.58
CA GLU B 485 -28.43 36.42 -30.45
C GLU B 485 -27.66 36.31 -29.14
N ALA B 486 -28.31 36.78 -28.07
CA ALA B 486 -27.76 36.71 -26.72
C ALA B 486 -28.89 36.36 -25.75
N ILE B 487 -28.51 35.78 -24.63
CA ILE B 487 -29.45 35.37 -23.58
C ILE B 487 -29.16 36.18 -22.33
N LEU B 488 -30.20 36.80 -21.78
CA LEU B 488 -30.08 37.68 -20.63
C LEU B 488 -30.81 37.09 -19.43
N LEU B 489 -30.10 36.98 -18.31
CA LEU B 489 -30.64 36.48 -17.05
C LEU B 489 -30.61 37.59 -16.02
N GLN B 490 -31.75 37.88 -15.42
CA GLN B 490 -31.87 38.92 -14.43
C GLN B 490 -32.87 38.50 -13.34
N PRO B 491 -32.72 39.02 -12.13
CA PRO B 491 -33.71 38.72 -11.09
C PRO B 491 -35.07 39.27 -11.44
N SER B 492 -36.11 38.55 -11.01
CA SER B 492 -37.48 38.96 -11.34
C SER B 492 -37.89 40.20 -10.56
N ASN B 493 -37.54 40.27 -9.27
CA ASN B 493 -37.88 41.43 -8.47
C ASN B 493 -36.98 42.62 -8.83
N SER B 494 -37.59 43.79 -8.99
CA SER B 494 -36.85 44.99 -9.34
C SER B 494 -36.73 45.90 -8.14
N PRO B 495 -35.53 46.14 -7.61
CA PRO B 495 -35.32 47.02 -6.45
C PRO B 495 -35.45 48.50 -6.82
N THR B 498 -31.09 49.95 -10.29
CA THR B 498 -30.31 50.87 -11.11
C THR B 498 -28.82 50.71 -10.85
N GLN B 499 -28.47 49.73 -10.02
CA GLN B 499 -27.09 49.45 -9.68
C GLN B 499 -26.76 47.96 -9.76
N VAL B 500 -27.40 47.24 -10.68
CA VAL B 500 -27.18 45.80 -10.82
C VAL B 500 -25.89 45.55 -11.61
N PRO B 501 -24.91 44.88 -11.04
CA PRO B 501 -23.72 44.51 -11.82
C PRO B 501 -24.03 43.43 -12.84
N MET B 502 -23.16 43.34 -13.85
CA MET B 502 -23.34 42.38 -14.93
C MET B 502 -22.07 41.58 -15.15
N VAL B 503 -22.24 40.31 -15.50
CA VAL B 503 -21.14 39.42 -15.89
C VAL B 503 -21.42 38.94 -17.31
N VAL B 504 -20.45 39.13 -18.19
CA VAL B 504 -20.58 38.81 -19.61
C VAL B 504 -19.72 37.59 -19.91
N MET B 505 -20.26 36.64 -20.67
CA MET B 505 -19.45 35.50 -21.05
C MET B 505 -19.76 35.02 -22.46
N PRO B 506 -18.74 34.89 -23.31
CA PRO B 506 -18.91 34.23 -24.61
C PRO B 506 -18.53 32.76 -24.55
N HIS B 507 -19.04 32.01 -25.54
CA HIS B 507 -18.75 30.58 -25.61
C HIS B 507 -17.42 30.34 -26.33
N GLY B 508 -17.00 29.09 -26.32
CA GLY B 508 -15.77 28.69 -26.99
C GLY B 508 -16.02 27.92 -28.27
N GLY B 509 -15.18 26.91 -28.52
CA GLY B 509 -15.20 26.13 -29.74
C GLY B 509 -14.18 26.54 -30.81
N PRO B 510 -14.38 27.68 -31.50
CA PRO B 510 -15.42 28.70 -31.45
C PRO B 510 -16.72 28.29 -32.14
N HIS B 511 -16.77 27.05 -32.62
CA HIS B 511 -17.99 26.52 -33.24
C HIS B 511 -18.78 25.73 -32.20
N SER B 512 -19.40 26.49 -31.29
CA SER B 512 -20.31 25.95 -30.28
C SER B 512 -21.44 26.96 -30.11
N SER B 513 -22.25 26.74 -29.07
CA SER B 513 -23.37 27.65 -28.84
C SER B 513 -23.87 27.52 -27.41
N PHE B 514 -24.59 28.54 -26.97
CA PHE B 514 -25.35 28.50 -25.72
C PHE B 514 -26.82 28.30 -26.07
N VAL B 515 -27.40 27.24 -25.53
CA VAL B 515 -28.82 26.98 -25.68
C VAL B 515 -29.51 27.29 -24.36
N THR B 516 -30.83 27.43 -24.41
CA THR B 516 -31.62 27.77 -23.21
C THR B 516 -31.85 26.50 -22.40
N ALA B 517 -30.77 25.99 -21.84
CA ALA B 517 -30.78 24.81 -20.99
C ALA B 517 -30.44 25.21 -19.56
N TRP B 518 -30.30 24.22 -18.69
CA TRP B 518 -30.00 24.44 -17.28
C TRP B 518 -28.49 24.46 -17.09
N MET B 519 -27.96 25.60 -16.63
CA MET B 519 -26.54 25.74 -16.34
C MET B 519 -26.38 26.20 -14.90
N LEU B 520 -25.50 25.53 -14.15
CA LEU B 520 -25.41 25.76 -12.71
C LEU B 520 -24.81 27.13 -12.39
N PHE B 521 -23.68 27.47 -13.03
CA PHE B 521 -22.97 28.69 -12.65
C PHE B 521 -23.75 29.95 -12.98
N PRO B 522 -24.36 30.11 -14.17
CA PRO B 522 -25.20 31.31 -14.37
C PRO B 522 -26.33 31.43 -13.37
N ALA B 523 -26.95 30.31 -13.00
CA ALA B 523 -28.01 30.36 -12.00
C ALA B 523 -27.48 30.81 -10.65
N MET B 524 -26.31 30.28 -10.25
CA MET B 524 -25.71 30.68 -8.99
C MET B 524 -25.37 32.17 -8.99
N LEU B 525 -24.83 32.66 -10.11
CA LEU B 525 -24.53 34.09 -10.21
C LEU B 525 -25.79 34.93 -10.13
N CYS B 526 -26.87 34.48 -10.77
CA CYS B 526 -28.11 35.25 -10.77
C CYS B 526 -28.81 35.19 -9.42
N LYS B 527 -28.50 34.18 -8.60
CA LYS B 527 -29.10 34.12 -7.27
C LYS B 527 -28.38 35.01 -6.26
N MET B 528 -27.27 35.64 -6.66
CA MET B 528 -26.49 36.49 -5.78
C MET B 528 -26.60 37.97 -6.15
N GLY B 529 -27.56 38.33 -6.99
CA GLY B 529 -27.76 39.72 -7.37
C GLY B 529 -27.09 40.14 -8.67
N PHE B 530 -26.44 39.22 -9.37
CA PHE B 530 -25.80 39.54 -10.64
C PHE B 530 -26.79 39.35 -11.78
N ALA B 531 -26.42 39.90 -12.94
CA ALA B 531 -27.13 39.68 -14.19
C ALA B 531 -26.13 39.12 -15.20
N VAL B 532 -26.46 37.97 -15.79
CA VAL B 532 -25.53 37.24 -16.64
C VAL B 532 -25.94 37.45 -18.10
N LEU B 533 -24.96 37.69 -18.96
CA LEU B 533 -25.19 37.86 -20.39
C LEU B 533 -24.37 36.81 -21.14
N LEU B 534 -25.07 35.86 -21.76
CA LEU B 534 -24.45 34.79 -22.54
C LEU B 534 -24.43 35.22 -23.99
N VAL B 535 -23.23 35.32 -24.57
CA VAL B 535 -23.06 35.89 -25.90
C VAL B 535 -22.84 34.76 -26.89
N ASN B 536 -23.64 34.75 -27.96
CA ASN B 536 -23.49 33.81 -29.08
C ASN B 536 -23.16 34.63 -30.32
N TYR B 537 -21.87 34.80 -30.58
CA TYR B 537 -21.42 35.65 -31.68
C TYR B 537 -21.53 34.92 -33.01
N ARG B 538 -21.15 35.61 -34.09
CA ARG B 538 -21.14 35.00 -35.41
C ARG B 538 -20.05 33.93 -35.48
N GLY B 539 -20.38 32.81 -36.13
CA GLY B 539 -19.53 31.64 -36.13
C GLY B 539 -20.03 30.52 -35.23
N SER B 540 -21.17 30.71 -34.58
CA SER B 540 -21.75 29.70 -33.71
C SER B 540 -22.67 28.78 -34.50
N THR B 541 -22.93 27.60 -33.95
CA THR B 541 -23.80 26.64 -34.59
C THR B 541 -25.27 27.00 -34.36
N GLY B 542 -26.14 26.41 -35.16
CA GLY B 542 -27.56 26.65 -35.08
C GLY B 542 -28.07 27.81 -35.91
N PHE B 543 -27.20 28.52 -36.61
CA PHE B 543 -27.59 29.68 -37.40
C PHE B 543 -27.41 29.48 -38.90
N GLY B 544 -26.94 28.32 -39.32
CA GLY B 544 -26.76 28.03 -40.74
C GLY B 544 -25.31 27.74 -41.07
N GLN B 545 -25.11 27.29 -42.31
CA GLN B 545 -23.77 26.97 -42.79
C GLN B 545 -22.98 28.22 -43.11
N ASP B 546 -23.65 29.30 -43.53
CA ASP B 546 -22.94 30.53 -43.88
C ASP B 546 -22.34 31.19 -42.66
N SER B 547 -23.00 31.06 -41.50
CA SER B 547 -22.47 31.65 -40.28
C SER B 547 -21.20 30.94 -39.82
N ILE B 548 -21.13 29.62 -40.02
CA ILE B 548 -19.96 28.86 -39.60
C ILE B 548 -18.75 29.22 -40.45
N LEU B 549 -18.93 29.33 -41.77
CA LEU B 549 -17.81 29.59 -42.67
C LEU B 549 -17.28 31.01 -42.57
N SER B 550 -18.01 31.90 -41.89
CA SER B 550 -17.57 33.29 -41.81
C SER B 550 -16.33 33.45 -40.95
N LEU B 551 -16.26 32.73 -39.83
CA LEU B 551 -15.19 32.99 -38.86
C LEU B 551 -13.84 32.46 -39.31
N PRO B 552 -13.73 31.32 -40.01
CA PRO B 552 -12.45 30.91 -40.57
C PRO B 552 -11.73 32.05 -41.28
N GLY B 553 -10.45 32.23 -40.94
CA GLY B 553 -9.59 33.17 -41.60
C GLY B 553 -9.42 34.49 -40.88
N ASN B 554 -10.35 34.86 -40.00
CA ASN B 554 -10.24 36.12 -39.28
C ASN B 554 -10.74 35.95 -37.84
N VAL B 555 -9.81 35.64 -36.94
CA VAL B 555 -10.09 35.45 -35.52
C VAL B 555 -9.32 36.49 -34.73
N GLY B 556 -10.01 37.19 -33.84
CA GLY B 556 -9.40 38.20 -33.01
C GLY B 556 -9.79 39.63 -33.34
N HIS B 557 -10.48 39.85 -34.45
CA HIS B 557 -10.97 41.18 -34.80
C HIS B 557 -12.42 41.20 -35.24
N GLN B 558 -13.06 40.05 -35.43
CA GLN B 558 -14.47 39.98 -35.80
C GLN B 558 -15.37 39.68 -34.61
N ASP B 559 -15.09 38.61 -33.89
CA ASP B 559 -15.95 38.21 -32.77
C ASP B 559 -15.74 39.09 -31.54
N VAL B 560 -14.53 39.64 -31.37
CA VAL B 560 -14.29 40.56 -30.26
C VAL B 560 -15.18 41.80 -30.41
N LYS B 561 -15.24 42.35 -31.63
CA LYS B 561 -16.09 43.49 -31.87
C LYS B 561 -17.56 43.13 -31.71
N ASP B 562 -17.95 41.90 -32.07
CA ASP B 562 -19.32 41.47 -31.88
C ASP B 562 -19.68 41.43 -30.39
N VAL B 563 -18.79 40.86 -29.58
CA VAL B 563 -19.05 40.80 -28.13
C VAL B 563 -19.12 42.21 -27.55
N GLN B 564 -18.20 43.09 -27.96
CA GLN B 564 -18.22 44.45 -27.45
C GLN B 564 -19.50 45.19 -27.86
N PHE B 565 -19.95 44.98 -29.10
CA PHE B 565 -21.18 45.59 -29.55
C PHE B 565 -22.37 45.09 -28.75
N ALA B 566 -22.41 43.78 -28.48
CA ALA B 566 -23.48 43.22 -27.65
C ALA B 566 -23.48 43.86 -26.26
N VAL B 567 -22.29 43.97 -25.65
CA VAL B 567 -22.20 44.53 -24.30
C VAL B 567 -22.65 45.98 -24.29
N GLU B 568 -22.23 46.75 -25.31
CA GLU B 568 -22.63 48.15 -25.38
C GLU B 568 -24.13 48.30 -25.59
N GLN B 569 -24.72 47.44 -26.43
CA GLN B 569 -26.16 47.52 -26.68
C GLN B 569 -26.96 47.16 -25.43
N VAL B 570 -26.51 46.15 -24.68
CA VAL B 570 -27.26 45.71 -23.50
C VAL B 570 -27.29 46.80 -22.43
N LEU B 571 -26.19 47.55 -22.31
CA LEU B 571 -26.08 48.59 -21.28
C LEU B 571 -27.01 49.77 -21.52
N GLN B 572 -27.74 49.82 -22.64
CA GLN B 572 -28.65 50.92 -22.87
C GLN B 572 -29.76 50.98 -21.83
N GLU B 573 -30.25 49.82 -21.40
CA GLU B 573 -31.25 49.77 -20.35
C GLU B 573 -30.71 50.37 -19.06
N GLU B 574 -31.49 51.27 -18.46
CA GLU B 574 -31.05 52.00 -17.27
C GLU B 574 -30.91 51.12 -16.03
N HIS B 575 -31.44 49.90 -16.06
CA HIS B 575 -31.41 49.06 -14.87
C HIS B 575 -29.99 48.63 -14.50
N PHE B 576 -29.10 48.52 -15.47
CA PHE B 576 -27.75 48.04 -15.23
C PHE B 576 -26.78 49.20 -15.01
N ASP B 577 -25.69 48.89 -14.32
CA ASP B 577 -24.63 49.86 -14.03
C ASP B 577 -23.47 49.65 -14.99
N ALA B 578 -23.02 50.72 -15.63
CA ALA B 578 -21.96 50.63 -16.62
C ALA B 578 -20.58 50.45 -16.01
N GLY B 579 -20.42 50.70 -14.72
CA GLY B 579 -19.15 50.58 -14.06
C GLY B 579 -18.93 49.30 -13.28
N ARG B 580 -19.75 48.26 -13.52
CA ARG B 580 -19.67 47.02 -12.76
C ARG B 580 -19.59 45.80 -13.67
N VAL B 581 -19.22 45.98 -14.93
CA VAL B 581 -19.19 44.86 -15.88
C VAL B 581 -17.98 43.99 -15.60
N ALA B 582 -18.18 42.67 -15.64
CA ALA B 582 -17.10 41.72 -15.41
C ALA B 582 -17.10 40.67 -16.52
N LEU B 583 -16.00 39.94 -16.62
CA LEU B 583 -15.79 38.95 -17.67
C LEU B 583 -15.63 37.56 -17.08
N MET B 584 -15.83 36.56 -17.94
N MET B 584 -15.84 36.56 -17.93
CA MET B 584 -15.72 35.16 -17.54
CA MET B 584 -15.73 35.16 -17.52
C MET B 584 -15.60 34.33 -18.81
C MET B 584 -15.52 34.33 -18.78
N GLY B 585 -14.57 33.49 -18.91
N GLY B 585 -14.41 33.61 -18.85
CA GLY B 585 -14.38 32.72 -20.11
CA GLY B 585 -14.08 32.88 -20.06
C GLY B 585 -13.63 31.41 -19.93
C GLY B 585 -13.75 31.42 -19.83
N GLY B 586 -13.96 30.42 -20.74
N GLY B 586 -14.16 30.56 -20.77
CA GLY B 586 -13.31 29.13 -20.70
CA GLY B 586 -13.93 29.14 -20.66
C GLY B 586 -12.53 28.79 -21.95
C GLY B 586 -12.84 28.61 -21.57
N SER B 587 -11.19 28.73 -21.83
N SER B 587 -13.20 27.64 -22.42
CA SER B 587 -10.29 28.35 -22.90
CA SER B 587 -12.24 26.96 -23.27
C SER B 587 -10.36 29.31 -24.07
C SER B 587 -11.57 27.90 -24.27
N HIS B 588 -11.07 28.94 -25.14
N HIS B 588 -12.34 28.49 -25.17
CA HIS B 588 -11.20 29.82 -26.29
CA HIS B 588 -11.84 29.47 -26.13
C HIS B 588 -11.92 31.11 -25.90
C HIS B 588 -12.27 30.88 -25.78
N GLY B 589 -12.98 30.98 -25.09
N GLY B 589 -13.27 31.03 -24.91
CA GLY B 589 -13.61 32.14 -24.50
CA GLY B 589 -13.68 32.34 -24.45
C GLY B 589 -12.61 32.95 -23.71
C GLY B 589 -12.58 33.08 -23.73
N GLY B 590 -11.77 32.24 -22.93
N GLY B 590 -11.70 32.34 -23.04
CA GLY B 590 -10.66 32.91 -22.27
CA GLY B 590 -10.52 32.97 -22.48
C GLY B 590 -9.77 33.63 -23.27
C GLY B 590 -9.68 33.66 -23.55
N PHE B 591 -9.49 32.98 -24.40
N PHE B 591 -9.48 32.99 -24.69
CA PHE B 591 -8.88 33.65 -25.54
CA PHE B 591 -8.83 33.63 -25.83
C PHE B 591 -9.54 34.99 -25.79
C PHE B 591 -9.53 34.93 -26.19
N LEU B 592 -10.85 34.96 -26.08
CA LEU B 592 -11.59 36.21 -26.31
C LEU B 592 -11.41 37.15 -25.13
N SER B 593 -11.44 36.61 -23.91
CA SER B 593 -11.31 37.48 -22.73
C SER B 593 -9.96 38.18 -22.74
N CYS B 594 -8.90 37.44 -23.08
CA CYS B 594 -7.57 38.04 -23.12
C CYS B 594 -7.49 39.15 -24.16
N HIS B 595 -8.34 39.10 -25.19
CA HIS B 595 -8.42 40.21 -26.13
C HIS B 595 -9.21 41.37 -25.55
N LEU B 596 -10.31 41.08 -24.86
CA LEU B 596 -11.25 42.13 -24.48
C LEU B 596 -10.63 43.12 -23.50
N ILE B 597 -9.86 42.62 -22.53
CA ILE B 597 -9.19 43.53 -21.61
C ILE B 597 -7.98 44.16 -22.28
N GLY B 598 -7.45 43.52 -23.32
CA GLY B 598 -6.29 44.08 -24.01
C GLY B 598 -6.65 45.28 -24.86
N GLN B 599 -7.79 45.24 -25.54
CA GLN B 599 -8.18 46.28 -26.48
C GLN B 599 -9.11 47.33 -25.87
N TYR B 600 -9.85 46.99 -24.83
CA TYR B 600 -10.76 47.92 -24.16
C TYR B 600 -10.47 47.89 -22.66
N PRO B 601 -9.37 48.51 -22.24
CA PRO B 601 -8.93 48.37 -20.83
C PRO B 601 -9.91 48.91 -19.81
N GLU B 602 -10.66 49.97 -20.12
CA GLU B 602 -11.45 50.66 -19.10
C GLU B 602 -12.87 50.13 -18.96
N THR B 603 -13.33 49.25 -19.85
CA THR B 603 -14.71 48.81 -19.79
C THR B 603 -14.97 47.86 -18.62
N TYR B 604 -14.08 46.90 -18.40
CA TYR B 604 -14.33 45.82 -17.47
C TYR B 604 -13.53 46.03 -16.18
N SER B 605 -14.09 45.55 -15.07
CA SER B 605 -13.48 45.71 -13.75
C SER B 605 -12.87 44.43 -13.19
N ALA B 606 -13.16 43.28 -13.78
CA ALA B 606 -12.61 42.02 -13.32
C ALA B 606 -12.64 41.02 -14.48
N CYS B 607 -11.91 39.92 -14.31
CA CYS B 607 -11.86 38.89 -15.34
C CYS B 607 -11.42 37.57 -14.71
N VAL B 608 -12.05 36.49 -15.16
CA VAL B 608 -11.70 35.13 -14.75
C VAL B 608 -11.63 34.26 -15.99
N VAL B 609 -10.50 33.58 -16.18
CA VAL B 609 -10.29 32.72 -17.34
C VAL B 609 -9.74 31.38 -16.88
N ARG B 610 -9.99 30.35 -17.69
CA ARG B 610 -9.54 28.99 -17.42
C ARG B 610 -8.86 28.45 -18.66
N ASN B 611 -7.58 28.08 -18.53
CA ASN B 611 -6.80 27.49 -19.60
C ASN B 611 -6.87 28.30 -20.90
N PRO B 612 -6.43 29.56 -20.88
CA PRO B 612 -6.55 30.40 -22.06
C PRO B 612 -5.47 30.11 -23.09
N VAL B 613 -5.68 30.64 -24.29
CA VAL B 613 -4.69 30.59 -25.36
C VAL B 613 -4.07 31.98 -25.47
N ILE B 614 -2.74 32.05 -25.39
CA ILE B 614 -2.02 33.31 -25.29
C ILE B 614 -1.17 33.56 -26.53
N ASN B 615 -0.49 32.54 -27.04
CA ASN B 615 0.41 32.67 -28.18
C ASN B 615 0.15 31.52 -29.13
N ILE B 616 -0.45 31.83 -30.28
CA ILE B 616 -0.77 30.79 -31.25
C ILE B 616 0.50 30.20 -31.86
N ALA B 617 1.51 31.04 -32.08
CA ALA B 617 2.74 30.57 -32.72
C ALA B 617 3.44 29.51 -31.88
N SER B 618 3.52 29.73 -30.56
CA SER B 618 4.16 28.75 -29.69
C SER B 618 3.27 27.53 -29.45
N MET B 619 1.95 27.71 -29.43
CA MET B 619 1.05 26.61 -29.14
C MET B 619 0.96 25.62 -30.30
N MET B 620 1.41 26.01 -31.50
CA MET B 620 1.36 25.12 -32.65
C MET B 620 2.17 23.85 -32.43
N GLY B 621 3.41 23.99 -31.96
CA GLY B 621 4.28 22.83 -31.87
C GLY B 621 3.83 21.83 -30.83
N SER B 622 3.47 22.32 -29.63
CA SER B 622 3.08 21.46 -28.53
C SER B 622 1.56 21.45 -28.40
N THR B 623 0.91 20.67 -29.26
CA THR B 623 -0.53 20.47 -29.18
C THR B 623 -0.91 19.22 -29.95
N ASP B 624 -2.07 18.67 -29.63
CA ASP B 624 -2.54 17.45 -30.26
C ASP B 624 -3.39 17.71 -31.51
N ILE B 625 -3.77 18.96 -31.76
CA ILE B 625 -4.48 19.30 -32.99
C ILE B 625 -3.78 20.49 -33.65
N PRO B 626 -2.64 20.27 -34.30
CA PRO B 626 -1.94 21.40 -34.95
C PRO B 626 -2.74 22.03 -36.08
N ASP B 627 -3.70 21.32 -36.65
CA ASP B 627 -4.49 21.89 -37.75
C ASP B 627 -5.44 22.98 -37.30
N TRP B 628 -5.69 23.09 -35.99
CA TRP B 628 -6.53 24.18 -35.49
C TRP B 628 -5.85 25.52 -35.67
N CYS B 629 -4.51 25.56 -35.55
CA CYS B 629 -3.79 26.83 -35.67
C CYS B 629 -3.82 27.36 -37.10
N MET B 630 -3.61 26.48 -38.08
CA MET B 630 -3.55 26.93 -39.47
C MET B 630 -4.91 27.42 -39.97
N VAL B 631 -5.96 26.64 -39.70
CA VAL B 631 -7.29 27.00 -40.21
C VAL B 631 -7.77 28.32 -39.62
N GLU B 632 -7.60 28.49 -38.30
CA GLU B 632 -8.05 29.72 -37.66
C GLU B 632 -7.21 30.91 -38.09
N ALA B 633 -5.91 30.70 -38.33
CA ALA B 633 -5.06 31.79 -38.78
C ALA B 633 -5.29 32.12 -40.25
N GLY B 634 -5.86 31.19 -41.01
CA GLY B 634 -6.18 31.41 -42.41
C GLY B 634 -5.36 30.61 -43.40
N PHE B 635 -4.54 29.67 -42.95
CA PHE B 635 -3.73 28.85 -43.82
C PHE B 635 -4.25 27.42 -43.88
N SER B 636 -3.80 26.68 -44.89
CA SER B 636 -4.25 25.32 -45.14
C SER B 636 -3.27 24.34 -44.50
N TYR B 637 -3.80 23.43 -43.67
CA TYR B 637 -2.98 22.45 -43.01
C TYR B 637 -2.61 21.31 -43.95
N SER B 638 -1.35 20.86 -43.86
CA SER B 638 -0.88 19.71 -44.61
C SER B 638 0.05 18.91 -43.73
N SER B 639 0.21 17.62 -44.06
CA SER B 639 1.08 16.75 -43.28
C SER B 639 2.53 17.23 -43.35
N ASP B 640 2.97 17.69 -44.52
CA ASP B 640 4.31 18.25 -44.70
C ASP B 640 4.21 19.76 -44.49
N CYS B 641 4.46 20.21 -43.26
CA CYS B 641 4.36 21.61 -42.91
C CYS B 641 5.66 22.05 -42.25
N LEU B 642 6.21 23.16 -42.71
CA LEU B 642 7.44 23.74 -42.18
C LEU B 642 7.24 25.20 -41.86
N PRO B 643 8.00 25.74 -40.89
CA PRO B 643 7.81 27.14 -40.50
C PRO B 643 8.13 28.10 -41.63
N ASP B 644 7.38 29.22 -41.66
CA ASP B 644 7.60 30.29 -42.60
C ASP B 644 7.44 31.62 -41.87
N LEU B 645 8.23 32.62 -42.29
CA LEU B 645 8.19 33.92 -41.62
C LEU B 645 6.83 34.59 -41.76
N SER B 646 6.21 34.48 -42.94
CA SER B 646 4.89 35.07 -43.14
C SER B 646 3.85 34.41 -42.25
N VAL B 647 3.87 33.08 -42.16
CA VAL B 647 2.92 32.37 -41.32
C VAL B 647 3.12 32.75 -39.85
N TRP B 648 4.38 32.83 -39.41
CA TRP B 648 4.66 33.21 -38.03
C TRP B 648 4.19 34.63 -37.75
N ALA B 649 4.39 35.54 -38.70
CA ALA B 649 3.92 36.91 -38.53
C ALA B 649 2.40 36.97 -38.42
N ALA B 650 1.71 36.19 -39.26
CA ALA B 650 0.25 36.16 -39.20
C ALA B 650 -0.23 35.60 -37.86
N MET B 651 0.42 34.54 -37.37
CA MET B 651 0.03 33.98 -36.08
C MET B 651 0.29 34.95 -34.94
N LEU B 652 1.42 35.66 -34.98
CA LEU B 652 1.74 36.59 -33.90
C LEU B 652 0.90 37.86 -33.97
N ASP B 653 0.33 38.15 -35.14
CA ASP B 653 -0.55 39.32 -35.26
C ASP B 653 -1.86 39.11 -34.52
N LYS B 654 -2.37 37.88 -34.51
CA LYS B 654 -3.68 37.59 -33.94
C LYS B 654 -3.63 37.17 -32.48
N SER B 655 -2.45 37.00 -31.89
CA SER B 655 -2.36 36.50 -30.53
C SER B 655 -2.72 37.61 -29.53
N PRO B 656 -3.37 37.28 -28.42
CA PRO B 656 -3.73 38.29 -27.43
C PRO B 656 -2.57 38.78 -26.57
N ILE B 657 -1.38 38.19 -26.73
CA ILE B 657 -0.22 38.64 -25.97
C ILE B 657 0.36 39.93 -26.52
N LYS B 658 -0.07 40.35 -27.72
CA LYS B 658 0.42 41.59 -28.30
C LYS B 658 -0.04 42.79 -27.49
N TYR B 659 -1.26 42.76 -26.97
CA TYR B 659 -1.83 43.85 -26.19
C TYR B 659 -1.59 43.69 -24.69
N ALA B 660 -0.67 42.81 -24.29
CA ALA B 660 -0.42 42.58 -22.87
C ALA B 660 0.03 43.83 -22.11
N PRO B 661 0.93 44.68 -22.62
CA PRO B 661 1.37 45.83 -21.82
C PRO B 661 0.27 46.83 -21.49
N GLN B 662 -0.87 46.77 -22.16
CA GLN B 662 -1.94 47.73 -21.93
C GLN B 662 -3.00 47.23 -20.96
N VAL B 663 -2.83 46.03 -20.39
CA VAL B 663 -3.82 45.48 -19.48
C VAL B 663 -3.69 46.13 -18.12
N LYS B 664 -4.83 46.48 -17.50
CA LYS B 664 -4.83 47.05 -16.17
C LYS B 664 -5.93 46.47 -15.28
N THR B 665 -6.58 45.39 -15.70
CA THR B 665 -7.71 44.76 -15.00
C THR B 665 -7.20 43.63 -14.12
N PRO B 666 -7.70 43.50 -12.88
CA PRO B 666 -7.33 42.35 -12.06
C PRO B 666 -7.74 41.04 -12.74
N LEU B 667 -6.90 40.02 -12.59
CA LEU B 667 -7.04 38.79 -13.35
C LEU B 667 -6.88 37.58 -12.44
N LEU B 668 -7.66 36.54 -12.72
CA LEU B 668 -7.56 35.25 -12.04
C LEU B 668 -7.34 34.18 -13.10
N LEU B 669 -6.27 33.41 -12.93
CA LEU B 669 -5.88 32.36 -13.87
C LEU B 669 -6.03 31.00 -13.19
N MET B 670 -6.49 30.02 -13.96
CA MET B 670 -6.69 28.67 -13.47
C MET B 670 -6.16 27.68 -14.50
N LEU B 671 -5.15 26.90 -14.12
CA LEU B 671 -4.47 26.02 -15.05
C LEU B 671 -4.34 24.62 -14.48
N GLY B 672 -4.18 23.65 -15.37
CA GLY B 672 -3.93 22.27 -14.97
C GLY B 672 -2.74 21.70 -15.71
N GLN B 673 -1.89 20.99 -14.95
CA GLN B 673 -0.68 20.40 -15.52
C GLN B 673 -1.00 19.44 -16.66
N GLU B 674 -1.72 18.37 -16.36
CA GLU B 674 -1.93 17.28 -17.32
C GLU B 674 -2.98 17.69 -18.36
N ASP B 675 -2.62 18.70 -19.15
CA ASP B 675 -3.47 19.21 -20.22
C ASP B 675 -2.77 18.97 -21.56
N ARG B 676 -3.46 18.28 -22.46
CA ARG B 676 -2.92 18.01 -23.79
C ARG B 676 -3.51 18.92 -24.85
N ARG B 677 -4.73 19.42 -24.63
CA ARG B 677 -5.37 20.29 -25.60
C ARG B 677 -4.67 21.64 -25.68
N VAL B 678 -4.41 22.26 -24.53
CA VAL B 678 -3.75 23.55 -24.45
C VAL B 678 -2.70 23.47 -23.35
N PRO B 679 -1.42 23.65 -23.66
CA PRO B 679 -0.40 23.60 -22.60
C PRO B 679 -0.59 24.71 -21.59
N PHE B 680 -0.15 24.46 -20.36
CA PHE B 680 -0.28 25.42 -19.27
C PHE B 680 0.84 26.46 -19.27
N LYS B 681 1.77 26.39 -20.21
CA LYS B 681 2.83 27.39 -20.28
C LYS B 681 2.34 28.71 -20.89
N GLN B 682 1.24 28.68 -21.63
CA GLN B 682 0.69 29.92 -22.18
C GLN B 682 0.21 30.85 -21.07
N GLY B 683 -0.59 30.30 -20.15
CA GLY B 683 -1.03 31.09 -19.02
C GLY B 683 0.13 31.53 -18.15
N MET B 684 1.17 30.69 -18.04
CA MET B 684 2.35 31.07 -17.28
C MET B 684 3.06 32.24 -17.92
N GLU B 685 3.20 32.23 -19.25
CA GLU B 685 3.83 33.36 -19.93
C GLU B 685 3.02 34.64 -19.75
N TYR B 686 1.68 34.54 -19.86
CA TYR B 686 0.83 35.71 -19.64
C TYR B 686 0.98 36.22 -18.21
N TYR B 687 1.04 35.30 -17.24
CA TYR B 687 1.21 35.68 -15.84
C TYR B 687 2.54 36.37 -15.61
N ARG B 688 3.61 35.85 -16.22
CA ARG B 688 4.93 36.48 -16.08
C ARG B 688 4.93 37.89 -16.66
N VAL B 689 4.35 38.06 -17.85
CA VAL B 689 4.30 39.37 -18.48
C VAL B 689 3.51 40.35 -17.63
N LEU B 690 2.36 39.92 -17.10
CA LEU B 690 1.56 40.81 -16.28
C LEU B 690 2.25 41.13 -14.96
N LYS B 691 2.89 40.14 -14.34
CA LYS B 691 3.56 40.35 -13.06
C LYS B 691 4.73 41.32 -13.21
N ALA B 692 5.44 41.26 -14.33
CA ALA B 692 6.52 42.21 -14.56
C ALA B 692 6.02 43.64 -14.67
N ARG B 693 4.74 43.84 -14.96
CA ARG B 693 4.15 45.18 -15.09
C ARG B 693 3.51 45.69 -13.80
N ASN B 694 3.55 44.89 -12.73
CA ASN B 694 2.95 45.27 -11.44
C ASN B 694 1.46 45.54 -11.56
N VAL B 695 0.73 44.50 -11.94
CA VAL B 695 -0.74 44.55 -12.00
C VAL B 695 -1.26 43.38 -11.18
N PRO B 696 -2.31 43.55 -10.38
CA PRO B 696 -2.80 42.44 -9.56
C PRO B 696 -3.23 41.25 -10.40
N VAL B 697 -2.86 40.06 -9.93
CA VAL B 697 -3.16 38.82 -10.64
C VAL B 697 -3.02 37.67 -9.64
N ARG B 698 -3.90 36.69 -9.75
CA ARG B 698 -3.88 35.52 -8.87
C ARG B 698 -3.91 34.26 -9.72
N LEU B 699 -2.98 33.35 -9.48
CA LEU B 699 -2.80 32.15 -10.27
C LEU B 699 -3.10 30.92 -9.42
N LEU B 700 -3.89 29.99 -9.97
CA LEU B 700 -4.18 28.72 -9.33
C LEU B 700 -3.78 27.59 -10.28
N LEU B 701 -3.07 26.60 -9.76
CA LEU B 701 -2.52 25.52 -10.55
C LEU B 701 -2.87 24.19 -9.93
N TYR B 702 -3.52 23.32 -10.71
CA TYR B 702 -3.99 22.03 -10.21
C TYR B 702 -3.04 20.94 -10.69
N PRO B 703 -2.39 20.22 -9.79
CA PRO B 703 -1.31 19.30 -10.22
C PRO B 703 -1.77 18.19 -11.16
N LYS B 704 -3.00 17.71 -11.04
CA LYS B 704 -3.51 16.61 -11.86
C LYS B 704 -4.89 17.01 -12.37
N SER B 705 -4.92 17.63 -13.55
CA SER B 705 -6.18 18.07 -14.14
C SER B 705 -6.03 18.18 -15.65
N THR B 706 -7.07 17.78 -16.37
CA THR B 706 -7.11 17.88 -17.82
C THR B 706 -7.74 19.21 -18.22
N HIS B 707 -8.08 19.34 -19.51
CA HIS B 707 -8.69 20.57 -20.00
C HIS B 707 -10.04 20.84 -19.35
N ALA B 708 -10.78 19.78 -19.03
CA ALA B 708 -12.14 19.94 -18.53
C ALA B 708 -12.17 20.48 -17.11
N LEU B 709 -11.16 20.14 -16.30
CA LEU B 709 -11.18 20.41 -14.85
C LEU B 709 -12.42 19.77 -14.23
N SER B 710 -12.79 18.59 -14.71
CA SER B 710 -14.04 17.94 -14.32
C SER B 710 -13.80 16.93 -13.19
N GLU B 711 -13.43 17.47 -12.02
CA GLU B 711 -13.34 16.70 -10.80
C GLU B 711 -14.07 17.46 -9.70
N VAL B 712 -14.71 16.73 -8.80
CA VAL B 712 -15.62 17.34 -7.84
C VAL B 712 -14.88 18.32 -6.94
N GLU B 713 -13.66 17.97 -6.51
CA GLU B 713 -12.90 18.87 -5.65
C GLU B 713 -12.45 20.11 -6.41
N VAL B 714 -11.84 19.92 -7.58
CA VAL B 714 -11.26 21.06 -8.29
C VAL B 714 -12.35 21.94 -8.88
N GLU B 715 -13.44 21.36 -9.34
CA GLU B 715 -14.54 22.15 -9.90
C GLU B 715 -15.15 23.04 -8.83
N SER B 716 -15.45 22.47 -7.66
CA SER B 716 -15.99 23.26 -6.57
C SER B 716 -15.01 24.33 -6.10
N ASP B 717 -13.72 23.96 -5.99
CA ASP B 717 -12.72 24.94 -5.57
C ASP B 717 -12.64 26.11 -6.56
N SER B 718 -12.61 25.82 -7.86
CA SER B 718 -12.52 26.88 -8.85
C SER B 718 -13.77 27.74 -8.86
N PHE B 719 -14.95 27.13 -8.73
CA PHE B 719 -16.18 27.92 -8.71
C PHE B 719 -16.23 28.82 -7.48
N MET B 720 -15.84 28.30 -6.31
CA MET B 720 -15.82 29.11 -5.10
C MET B 720 -14.83 30.26 -5.22
N ASN B 721 -13.64 29.99 -5.78
CA ASN B 721 -12.65 31.04 -5.94
C ASN B 721 -13.15 32.12 -6.89
N ALA B 722 -13.78 31.72 -8.01
CA ALA B 722 -14.31 32.70 -8.94
C ALA B 722 -15.41 33.54 -8.32
N VAL B 723 -16.30 32.91 -7.56
CA VAL B 723 -17.38 33.65 -6.90
C VAL B 723 -16.81 34.64 -5.90
N LEU B 724 -15.83 34.22 -5.10
CA LEU B 724 -15.24 35.14 -4.12
C LEU B 724 -14.52 36.30 -4.80
N TRP B 725 -13.79 36.00 -5.89
CA TRP B 725 -13.10 37.06 -6.62
C TRP B 725 -14.07 38.08 -7.18
N LEU B 726 -15.15 37.61 -7.82
CA LEU B 726 -16.12 38.51 -8.41
C LEU B 726 -16.84 39.32 -7.34
N CYS B 727 -17.18 38.69 -6.21
CA CYS B 727 -17.82 39.43 -5.12
C CYS B 727 -16.89 40.48 -4.54
N THR B 728 -15.61 40.15 -4.41
CA THR B 728 -14.66 41.09 -3.82
C THR B 728 -14.43 42.29 -4.72
N HIS B 729 -14.20 42.07 -6.01
CA HIS B 729 -13.78 43.17 -6.87
C HIS B 729 -14.95 44.03 -7.36
N LEU B 730 -16.16 43.48 -7.42
CA LEU B 730 -17.33 44.26 -7.81
C LEU B 730 -18.18 44.67 -6.60
N GLY B 731 -18.63 43.71 -5.83
CA GLY B 731 -19.49 43.98 -4.69
C GLY B 731 -20.37 42.78 -4.40
N SER B 732 -21.36 43.02 -3.53
CA SER B 732 -22.30 41.98 -3.15
C SER B 732 -23.34 41.76 -4.24
N GLU C 9 -13.97 -38.14 -11.47
CA GLU C 9 -12.92 -37.21 -11.86
C GLU C 9 -13.14 -35.85 -11.20
N PRO C 10 -12.04 -35.19 -10.82
CA PRO C 10 -12.16 -33.86 -10.20
C PRO C 10 -12.86 -32.84 -11.09
N GLU C 11 -12.68 -32.93 -12.41
CA GLU C 11 -13.30 -31.97 -13.31
C GLU C 11 -14.82 -32.07 -13.28
N GLU C 12 -15.34 -33.30 -13.27
CA GLU C 12 -16.79 -33.48 -13.20
C GLU C 12 -17.37 -32.93 -11.90
N ALA C 13 -16.69 -33.21 -10.78
CA ALA C 13 -17.16 -32.70 -9.49
C ALA C 13 -17.10 -31.17 -9.46
N ALA C 14 -16.04 -30.59 -10.00
CA ALA C 14 -15.94 -29.12 -10.04
C ALA C 14 -17.05 -28.52 -10.89
N ALA C 15 -17.33 -29.12 -12.05
CA ALA C 15 -18.40 -28.62 -12.90
C ALA C 15 -19.75 -28.75 -12.21
N LEU C 16 -20.00 -29.86 -11.54
CA LEU C 16 -21.28 -30.05 -10.85
C LEU C 16 -21.44 -29.06 -9.70
N TYR C 17 -20.36 -28.81 -8.96
CA TYR C 17 -20.40 -27.80 -7.89
C TYR C 17 -20.64 -26.41 -8.45
N ARG C 18 -20.01 -26.09 -9.58
CA ARG C 18 -20.23 -24.80 -10.21
C ARG C 18 -21.68 -24.66 -10.65
N GLY C 19 -22.28 -25.75 -11.14
CA GLY C 19 -23.67 -25.70 -11.54
C GLY C 19 -24.63 -25.53 -10.36
N LEU C 20 -24.36 -26.23 -9.24
CA LEU C 20 -25.29 -26.19 -8.13
C LEU C 20 -25.22 -24.89 -7.34
N SER C 21 -24.06 -24.22 -7.34
CA SER C 21 -23.92 -22.99 -6.57
C SER C 21 -24.52 -21.78 -7.27
N ARG C 22 -25.02 -21.95 -8.50
CA ARG C 22 -25.60 -20.84 -9.24
C ARG C 22 -26.93 -20.38 -8.66
N GLN C 23 -27.56 -21.17 -7.81
CA GLN C 23 -28.87 -20.81 -7.28
C GLN C 23 -28.72 -19.69 -6.25
N PRO C 24 -29.43 -18.58 -6.41
CA PRO C 24 -29.37 -17.50 -5.43
C PRO C 24 -30.20 -17.82 -4.19
N ALA C 25 -29.94 -17.06 -3.13
CA ALA C 25 -30.64 -17.21 -1.87
C ALA C 25 -31.31 -15.88 -1.50
N LEU C 26 -32.54 -15.98 -0.99
CA LEU C 26 -33.34 -14.79 -0.70
C LEU C 26 -33.04 -14.32 0.72
N SER C 27 -32.52 -13.09 0.83
CA SER C 27 -32.10 -12.54 2.12
C SER C 27 -33.20 -11.75 2.80
N ALA C 28 -33.87 -10.85 2.09
CA ALA C 28 -34.85 -9.98 2.73
C ALA C 28 -35.92 -9.56 1.74
N ALA C 29 -37.03 -9.06 2.29
CA ALA C 29 -38.13 -8.56 1.48
C ALA C 29 -38.90 -7.50 2.27
N CYS C 30 -39.46 -6.54 1.55
CA CYS C 30 -40.24 -5.48 2.17
C CYS C 30 -41.30 -5.00 1.19
N LEU C 31 -42.31 -4.33 1.73
CA LEU C 31 -43.45 -3.84 0.94
C LEU C 31 -43.43 -2.32 0.89
N GLY C 32 -43.76 -1.77 -0.27
CA GLY C 32 -43.74 -0.34 -0.49
C GLY C 32 -45.09 0.32 -0.29
N PRO C 33 -45.16 1.61 -0.57
CA PRO C 33 -46.42 2.35 -0.39
C PRO C 33 -47.45 1.97 -1.43
N GLU C 34 -48.71 2.24 -1.09
CA GLU C 34 -49.83 1.88 -1.96
C GLU C 34 -50.14 3.02 -2.93
N VAL C 35 -50.41 2.66 -4.19
CA VAL C 35 -50.70 3.61 -5.25
C VAL C 35 -52.03 3.24 -5.88
N THR C 36 -52.91 4.22 -6.03
CA THR C 36 -54.21 4.02 -6.65
C THR C 36 -54.28 4.73 -8.00
N THR C 37 -55.03 4.13 -8.93
CA THR C 37 -55.20 4.67 -10.26
C THR C 37 -56.66 5.01 -10.50
N GLN C 38 -56.92 5.72 -11.59
CA GLN C 38 -58.27 6.10 -11.95
C GLN C 38 -59.07 4.91 -12.49
N GLY C 40 -60.26 1.76 -11.74
CA GLY C 40 -59.99 2.24 -10.40
C GLY C 40 -59.20 1.26 -9.56
N GLY C 41 -58.34 0.48 -10.21
CA GLY C 41 -57.55 -0.51 -9.51
C GLY C 41 -56.39 0.11 -8.75
N ARG C 42 -55.82 -0.68 -7.85
CA ARG C 42 -54.68 -0.25 -7.03
C ARG C 42 -53.64 -1.35 -7.02
N TYR C 43 -52.40 -0.95 -6.76
CA TYR C 43 -51.26 -1.86 -6.81
C TYR C 43 -50.21 -1.43 -5.80
N ARG C 44 -49.20 -2.27 -5.62
CA ARG C 44 -48.06 -1.91 -4.80
C ARG C 44 -46.83 -2.68 -5.26
N THR C 45 -45.70 -2.35 -4.67
CA THR C 45 -44.41 -2.91 -5.05
C THR C 45 -43.78 -3.66 -3.89
N VAL C 46 -43.01 -4.69 -4.23
CA VAL C 46 -42.27 -5.50 -3.26
C VAL C 46 -40.79 -5.41 -3.62
N HIS C 47 -39.97 -5.03 -2.65
CA HIS C 47 -38.53 -4.91 -2.85
C HIS C 47 -37.84 -6.09 -2.16
N THR C 48 -37.09 -6.87 -2.92
CA THR C 48 -36.44 -8.07 -2.40
C THR C 48 -34.93 -7.97 -2.55
N GLU C 49 -34.23 -8.42 -1.53
CA GLU C 49 -32.77 -8.44 -1.49
C GLU C 49 -32.31 -9.88 -1.53
N TRP C 50 -31.50 -10.22 -2.55
CA TRP C 50 -30.97 -11.56 -2.75
C TRP C 50 -29.45 -11.53 -2.65
N THR C 51 -28.86 -12.71 -2.46
CA THR C 51 -27.43 -12.90 -2.42
C THR C 51 -27.05 -14.16 -3.19
N GLN C 52 -25.81 -14.19 -3.66
CA GLN C 52 -25.35 -15.32 -4.48
C GLN C 52 -23.84 -15.46 -4.34
N ARG C 53 -23.33 -16.64 -4.66
CA ARG C 53 -21.91 -16.94 -4.64
C ARG C 53 -21.33 -16.77 -6.03
N ASP C 54 -20.18 -16.10 -6.12
CA ASP C 54 -19.49 -15.90 -7.39
C ASP C 54 -18.07 -16.45 -7.25
N LEU C 55 -17.76 -17.47 -8.04
CA LEU C 55 -16.48 -18.15 -7.95
C LEU C 55 -15.38 -17.48 -8.77
N GLU C 56 -15.76 -16.65 -9.74
CA GLU C 56 -14.75 -15.94 -10.53
C GLU C 56 -14.05 -14.88 -9.68
N ARG C 57 -14.81 -14.09 -8.94
CA ARG C 57 -14.26 -13.12 -8.01
C ARG C 57 -14.09 -13.70 -6.60
N MET C 58 -14.60 -14.90 -6.35
CA MET C 58 -14.55 -15.54 -5.03
C MET C 58 -15.16 -14.64 -3.96
N GLU C 59 -16.43 -14.32 -4.15
CA GLU C 59 -17.09 -13.39 -3.24
C GLU C 59 -18.60 -13.60 -3.27
N ASN C 60 -19.26 -13.13 -2.22
CA ASN C 60 -20.72 -13.14 -2.16
C ASN C 60 -21.24 -11.80 -2.69
N ILE C 61 -22.08 -11.86 -3.71
CA ILE C 61 -22.66 -10.67 -4.32
C ILE C 61 -24.08 -10.49 -3.80
N ARG C 62 -24.47 -9.23 -3.66
CA ARG C 62 -25.78 -8.84 -3.14
C ARG C 62 -26.49 -8.00 -4.19
N PHE C 63 -27.75 -8.32 -4.46
CA PHE C 63 -28.49 -7.53 -5.45
C PHE C 63 -29.94 -7.34 -5.02
N CYS C 64 -30.58 -6.38 -5.68
CA CYS C 64 -31.95 -5.98 -5.42
C CYS C 64 -32.82 -6.30 -6.63
N ARG C 65 -34.09 -6.62 -6.35
CA ARG C 65 -35.08 -6.81 -7.40
C ARG C 65 -36.42 -6.26 -6.91
N GLN C 66 -37.28 -5.89 -7.86
CA GLN C 66 -38.58 -5.31 -7.56
C GLN C 66 -39.67 -6.12 -8.26
N TYR C 67 -40.80 -6.28 -7.56
CA TYR C 67 -41.95 -6.99 -8.09
C TYR C 67 -43.19 -6.12 -7.90
N LEU C 68 -44.22 -6.42 -8.68
CA LEU C 68 -45.40 -5.57 -8.80
C LEU C 68 -46.64 -6.42 -8.57
N VAL C 69 -47.51 -5.97 -7.67
CA VAL C 69 -48.68 -6.73 -7.25
C VAL C 69 -49.93 -5.87 -7.47
N PHE C 70 -50.85 -6.37 -8.29
CA PHE C 70 -52.16 -5.77 -8.49
C PHE C 70 -53.19 -6.58 -7.72
N HIS C 71 -53.90 -5.94 -6.80
CA HIS C 71 -54.86 -6.60 -5.95
C HIS C 71 -56.16 -5.79 -5.88
N ASP C 72 -57.24 -6.47 -5.54
CA ASP C 72 -58.55 -5.86 -5.38
C ASP C 72 -58.85 -5.47 -3.94
N GLY C 73 -57.88 -5.65 -3.03
CA GLY C 73 -58.07 -5.36 -1.62
C GLY C 73 -58.26 -6.57 -0.75
N ASP C 74 -58.71 -7.70 -1.32
CA ASP C 74 -58.83 -8.94 -0.58
C ASP C 74 -58.29 -10.14 -1.34
N SER C 75 -57.89 -9.99 -2.59
CA SER C 75 -57.30 -11.08 -3.37
C SER C 75 -56.28 -10.49 -4.33
N VAL C 76 -55.33 -11.32 -4.73
CA VAL C 76 -54.27 -10.89 -5.64
C VAL C 76 -54.71 -11.18 -7.06
N VAL C 77 -54.82 -10.12 -7.87
CA VAL C 77 -55.26 -10.28 -9.25
C VAL C 77 -54.09 -10.60 -10.17
N PHE C 78 -52.98 -9.90 -10.00
CA PHE C 78 -51.83 -10.07 -10.88
C PHE C 78 -50.55 -9.84 -10.11
N ALA C 79 -49.47 -10.45 -10.57
CA ALA C 79 -48.16 -10.28 -9.94
C ALA C 79 -47.08 -10.56 -10.97
N GLY C 80 -46.10 -9.66 -11.07
CA GLY C 80 -45.06 -9.81 -12.06
C GLY C 80 -43.81 -8.98 -11.80
N PRO C 81 -42.72 -9.31 -12.47
CA PRO C 81 -41.49 -8.53 -12.29
C PRO C 81 -41.62 -7.13 -12.86
N ALA C 82 -40.84 -6.21 -12.31
CA ALA C 82 -40.89 -4.80 -12.71
C ALA C 82 -39.49 -4.21 -12.86
N GLY C 83 -38.59 -4.94 -13.48
CA GLY C 83 -37.25 -4.41 -13.72
C GLY C 83 -36.24 -5.54 -13.83
N ASN C 84 -34.98 -5.17 -13.59
CA ASN C 84 -33.85 -6.09 -13.64
C ASN C 84 -33.16 -6.10 -12.28
N SER C 85 -32.36 -7.14 -12.06
CA SER C 85 -31.60 -7.25 -10.82
C SER C 85 -30.44 -6.25 -10.84
N VAL C 86 -30.27 -5.51 -9.75
CA VAL C 86 -29.25 -4.47 -9.67
C VAL C 86 -28.30 -4.82 -8.52
N GLU C 87 -27.02 -4.93 -8.83
CA GLU C 87 -26.03 -5.31 -7.83
C GLU C 87 -25.62 -4.11 -6.98
N THR C 88 -25.53 -4.33 -5.67
CA THR C 88 -25.17 -3.29 -4.72
C THR C 88 -23.92 -3.69 -3.95
N ARG C 89 -23.22 -2.69 -3.44
CA ARG C 89 -22.00 -2.92 -2.68
C ARG C 89 -21.82 -1.82 -1.64
N GLY C 90 -21.49 -2.22 -0.42
CA GLY C 90 -21.17 -1.30 0.65
C GLY C 90 -22.26 -1.06 1.67
N GLU C 91 -23.50 -1.44 1.39
CA GLU C 91 -24.60 -1.19 2.31
C GLU C 91 -24.52 -2.16 3.49
N LEU C 92 -24.62 -1.62 4.71
CA LEU C 92 -24.65 -2.43 5.91
C LEU C 92 -26.05 -2.49 6.53
N LEU C 93 -26.71 -1.35 6.68
CA LEU C 93 -28.06 -1.28 7.22
C LEU C 93 -28.92 -0.44 6.28
N SER C 94 -30.21 -0.75 6.24
CA SER C 94 -31.16 -0.01 5.41
C SER C 94 -32.53 -0.10 6.04
N ARG C 95 -33.25 1.02 6.06
CA ARG C 95 -34.59 1.07 6.63
C ARG C 95 -35.40 2.12 5.89
N GLU C 96 -36.66 1.81 5.63
CA GLU C 96 -37.56 2.69 4.92
C GLU C 96 -38.52 3.37 5.90
N SER C 97 -38.96 4.56 5.55
CA SER C 97 -39.84 5.33 6.42
C SER C 97 -41.18 4.61 6.56
N PRO C 98 -41.86 4.78 7.70
CA PRO C 98 -43.20 4.17 7.83
C PRO C 98 -44.16 4.62 6.77
N SER C 99 -44.09 5.89 6.34
CA SER C 99 -44.91 6.36 5.24
C SER C 99 -44.37 5.90 3.89
N GLY C 100 -43.09 5.54 3.82
CA GLY C 100 -42.48 5.08 2.58
C GLY C 100 -41.93 6.16 1.69
N THR C 101 -41.97 7.42 2.13
CA THR C 101 -41.54 8.52 1.26
C THR C 101 -40.01 8.56 1.10
N MET C 102 -39.28 8.35 2.19
CA MET C 102 -37.83 8.48 2.19
C MET C 102 -37.21 7.24 2.83
N LYS C 103 -35.94 7.00 2.50
CA LYS C 103 -35.25 5.79 2.93
C LYS C 103 -33.88 6.13 3.49
N ALA C 104 -33.52 5.50 4.61
CA ALA C 104 -32.25 5.73 5.29
C ALA C 104 -31.32 4.56 5.05
N VAL C 105 -30.09 4.85 4.64
CA VAL C 105 -29.09 3.84 4.34
C VAL C 105 -27.83 4.15 5.13
N LEU C 106 -27.07 3.11 5.45
CA LEU C 106 -25.76 3.26 6.06
C LEU C 106 -24.76 2.45 5.25
N ARG C 107 -23.65 3.06 4.84
CA ARG C 107 -22.71 2.35 3.99
C ARG C 107 -21.29 2.78 4.32
N LYS C 108 -20.34 1.88 4.05
CA LYS C 108 -18.93 2.13 4.27
C LYS C 108 -18.24 2.40 2.93
N ALA C 109 -17.45 3.48 2.89
CA ALA C 109 -16.76 3.86 1.67
C ALA C 109 -15.51 4.67 1.99
N GLU C 116 -7.77 4.04 4.42
CA GLU C 116 -8.75 3.79 5.47
C GLU C 116 -10.17 3.83 4.92
N GLU C 117 -11.13 3.42 5.74
CA GLU C 117 -12.54 3.40 5.36
C GLU C 117 -13.35 4.17 6.38
N LYS C 118 -14.46 4.75 5.92
CA LYS C 118 -15.33 5.54 6.77
C LYS C 118 -16.78 5.12 6.53
N GLN C 119 -17.64 5.46 7.49
CA GLN C 119 -19.05 5.11 7.44
C GLN C 119 -19.87 6.38 7.24
N PHE C 120 -20.85 6.29 6.33
CA PHE C 120 -21.71 7.41 5.98
C PHE C 120 -23.16 6.99 6.14
N LEU C 121 -23.97 7.93 6.63
CA LEU C 121 -25.41 7.74 6.77
C LEU C 121 -26.10 8.65 5.75
N GLU C 122 -26.93 8.06 4.90
CA GLU C 122 -27.53 8.74 3.76
C GLU C 122 -29.04 8.70 3.85
N VAL C 123 -29.68 9.76 3.38
CA VAL C 123 -31.14 9.86 3.32
C VAL C 123 -31.53 10.09 1.87
N TRP C 124 -32.42 9.26 1.35
CA TRP C 124 -32.88 9.33 -0.03
C TRP C 124 -34.34 9.72 -0.06
N GLU C 125 -34.69 10.65 -0.94
CA GLU C 125 -36.06 11.09 -1.15
C GLU C 125 -36.31 11.20 -2.66
N LYS C 126 -37.19 10.34 -3.17
CA LYS C 126 -37.52 10.28 -4.60
C LYS C 126 -36.24 9.95 -5.35
N ASN C 127 -35.82 10.75 -6.34
CA ASN C 127 -34.68 10.41 -7.19
C ASN C 127 -33.41 11.18 -6.83
N ARG C 128 -33.28 11.61 -5.57
CA ARG C 128 -32.11 12.37 -5.15
CA ARG C 128 -32.09 12.35 -5.16
C ARG C 128 -31.77 12.04 -3.71
N LYS C 129 -30.52 12.29 -3.35
CA LYS C 129 -30.03 12.06 -1.98
C LYS C 129 -30.09 13.38 -1.22
N LEU C 130 -31.03 13.47 -0.26
CA LEU C 130 -31.23 14.71 0.46
C LEU C 130 -30.03 15.07 1.34
N LYS C 131 -29.57 14.13 2.15
CA LYS C 131 -28.54 14.43 3.14
C LYS C 131 -27.58 13.26 3.27
N SER C 132 -26.34 13.59 3.64
CA SER C 132 -25.30 12.61 3.92
C SER C 132 -24.50 13.09 5.12
N PHE C 133 -24.23 12.18 6.05
CA PHE C 133 -23.52 12.50 7.28
C PHE C 133 -22.31 11.58 7.41
N ASN C 134 -21.16 12.18 7.70
CA ASN C 134 -19.91 11.45 7.91
C ASN C 134 -19.76 11.20 9.41
N LEU C 135 -20.17 10.00 9.84
CA LEU C 135 -20.19 9.71 11.28
C LEU C 135 -18.80 9.67 11.88
N SER C 136 -17.79 9.34 11.09
CA SER C 136 -16.42 9.30 11.60
C SER C 136 -15.93 10.68 11.99
N ALA C 137 -16.28 11.70 11.21
CA ALA C 137 -15.70 13.03 11.43
C ALA C 137 -16.29 13.72 12.65
N LEU C 138 -17.57 13.46 12.94
CA LEU C 138 -18.20 14.12 14.08
C LEU C 138 -17.54 13.72 15.40
N GLU C 139 -16.93 12.53 15.45
CA GLU C 139 -16.18 12.08 16.62
C GLU C 139 -17.04 12.07 17.88
N LYS C 140 -18.19 11.40 17.79
CA LYS C 140 -19.09 11.26 18.93
C LYS C 140 -19.20 9.83 19.45
N HIS C 141 -18.83 8.84 18.64
CA HIS C 141 -18.89 7.44 19.04
C HIS C 141 -17.94 6.65 18.13
N GLY C 142 -18.01 5.33 18.25
CA GLY C 142 -17.18 4.45 17.46
C GLY C 142 -17.92 3.89 16.26
N PRO C 143 -17.48 2.73 15.77
CA PRO C 143 -18.16 2.10 14.64
C PRO C 143 -19.59 1.70 14.99
N VAL C 144 -20.43 1.66 13.96
CA VAL C 144 -21.85 1.37 14.12
C VAL C 144 -22.06 -0.14 14.04
N TYR C 145 -22.80 -0.68 15.00
CA TYR C 145 -23.11 -2.10 15.01
C TYR C 145 -24.05 -2.45 13.86
N GLU C 146 -23.71 -3.51 13.13
CA GLU C 146 -24.52 -3.96 12.00
C GLU C 146 -24.92 -5.43 12.13
N ASP C 147 -24.77 -6.01 13.31
CA ASP C 147 -25.14 -7.40 13.55
C ASP C 147 -26.61 -7.51 13.92
N ASP C 148 -27.09 -8.75 13.98
CA ASP C 148 -28.51 -8.98 14.28
C ASP C 148 -28.82 -8.83 15.76
N CYS C 149 -27.87 -9.15 16.64
CA CYS C 149 -28.16 -9.16 18.07
C CYS C 149 -28.39 -7.75 18.61
N PHE C 150 -27.50 -6.82 18.27
CA PHE C 150 -27.60 -5.45 18.78
C PHE C 150 -28.02 -4.44 17.72
N GLY C 151 -27.66 -4.65 16.47
CA GLY C 151 -27.86 -3.61 15.46
C GLY C 151 -29.33 -3.34 15.19
N CYS C 152 -29.63 -2.09 14.86
CA CYS C 152 -30.98 -1.68 14.52
C CYS C 152 -30.91 -0.31 13.86
N LEU C 153 -32.04 0.09 13.25
CA LEU C 153 -32.17 1.39 12.63
C LEU C 153 -33.65 1.73 12.59
N SER C 154 -34.08 2.68 13.42
CA SER C 154 -35.49 2.93 13.65
C SER C 154 -35.82 4.38 13.30
N TRP C 155 -36.93 4.57 12.59
CA TRP C 155 -37.44 5.90 12.30
C TRP C 155 -38.39 6.36 13.39
N SER C 156 -38.33 7.64 13.72
CA SER C 156 -39.32 8.22 14.61
C SER C 156 -40.68 8.28 13.92
N HIS C 157 -41.73 8.38 14.74
CA HIS C 157 -43.07 8.42 14.16
CA HIS C 157 -43.08 8.43 14.18
C HIS C 157 -43.31 9.72 13.39
N SER C 158 -42.70 10.81 13.83
CA SER C 158 -42.75 12.06 13.09
C SER C 158 -41.82 12.07 11.89
N GLU C 159 -40.99 11.04 11.74
CA GLU C 159 -40.01 10.94 10.65
C GLU C 159 -39.06 12.14 10.65
N THR C 160 -38.64 12.56 11.84
CA THR C 160 -37.69 13.64 12.00
C THR C 160 -36.42 13.23 12.73
N HIS C 161 -36.38 12.04 13.33
CA HIS C 161 -35.21 11.58 14.07
C HIS C 161 -34.88 10.16 13.67
N LEU C 162 -33.64 9.77 13.91
CA LEU C 162 -33.18 8.40 13.67
C LEU C 162 -32.50 7.87 14.93
N LEU C 163 -32.62 6.57 15.15
CA LEU C 163 -32.06 5.91 16.32
C LEU C 163 -31.23 4.73 15.88
N TYR C 164 -30.01 4.61 16.44
CA TYR C 164 -29.16 3.47 16.12
C TYR C 164 -28.29 3.15 17.34
N VAL C 165 -27.45 2.13 17.18
CA VAL C 165 -26.58 1.65 18.24
C VAL C 165 -25.14 1.70 17.76
N ALA C 166 -24.26 2.28 18.55
CA ALA C 166 -22.88 2.48 18.14
C ALA C 166 -21.93 2.15 19.29
N ASP C 167 -20.69 1.82 18.93
CA ASP C 167 -19.67 1.53 19.93
C ASP C 167 -19.34 2.76 20.75
N LYS C 168 -19.10 2.56 22.04
CA LYS C 168 -18.78 3.68 22.92
C LYS C 168 -17.38 4.19 22.67
N LYS C 169 -17.20 5.50 22.80
CA LYS C 169 -15.91 6.13 22.55
C LYS C 169 -14.97 5.95 23.73
N ARG C 170 -13.71 5.69 23.45
CA ARG C 170 -12.69 5.46 24.45
C ARG C 170 -11.73 6.65 24.53
N PRO C 171 -11.18 6.93 25.71
CA PRO C 171 -10.25 8.06 25.83
C PRO C 171 -9.00 7.86 24.99
N LYS C 172 -8.43 8.98 24.55
CA LYS C 172 -7.22 8.92 23.72
C LYS C 172 -6.04 8.39 24.53
N ALA C 173 -5.15 7.71 23.84
CA ALA C 173 -3.99 7.07 24.46
C ALA C 173 -2.70 7.64 23.87
N GLU C 174 -1.63 7.54 24.65
CA GLU C 174 -0.35 8.15 24.28
C GLU C 174 0.77 7.32 24.89
N SER C 175 1.95 7.42 24.29
CA SER C 175 3.14 6.76 24.80
C SER C 175 3.89 7.66 25.78
N PHE C 176 4.78 7.06 26.56
CA PHE C 176 5.54 7.83 27.53
C PHE C 176 6.59 8.70 26.84
N PHE C 177 7.09 8.26 25.69
CA PHE C 177 8.21 8.93 25.01
C PHE C 177 7.78 9.63 23.73
N GLN C 178 6.51 9.99 23.60
CA GLN C 178 6.06 10.70 22.41
C GLN C 178 6.58 12.13 22.42
N THR C 179 6.99 12.60 21.24
CA THR C 179 7.52 13.95 21.09
C THR C 179 6.42 14.91 20.64
N LYS C 180 6.44 16.11 21.20
CA LYS C 180 5.43 17.12 20.94
C LYS C 180 6.06 18.33 20.27
N ALA C 181 5.29 18.99 19.42
CA ALA C 181 5.76 20.17 18.72
C ALA C 181 5.96 21.33 19.70
N LEU C 182 7.04 22.08 19.49
CA LEU C 182 7.36 23.21 20.36
C LEU C 182 6.40 24.37 20.11
N GLN C 199 -4.63 16.04 26.05
CA GLN C 199 -5.50 15.49 27.08
C GLN C 199 -5.65 13.98 26.92
N ALA C 200 -4.55 13.32 26.56
CA ALA C 200 -4.52 11.88 26.36
C ALA C 200 -3.69 11.24 27.46
N ILE C 201 -4.27 10.24 28.13
CA ILE C 201 -3.55 9.52 29.18
C ILE C 201 -2.45 8.68 28.54
N LYS C 202 -1.24 8.80 29.07
CA LYS C 202 -0.08 8.09 28.53
C LYS C 202 0.18 6.83 29.34
N GLY C 203 0.42 5.72 28.65
CA GLY C 203 0.64 4.43 29.26
C GLY C 203 -0.57 3.52 29.30
N ASP C 204 -1.71 3.97 28.78
CA ASP C 204 -2.94 3.18 28.80
C ASP C 204 -3.37 2.73 27.40
N GLN C 205 -2.43 2.60 26.48
CA GLN C 205 -2.76 2.21 25.11
C GLN C 205 -2.85 0.70 24.91
N PHE C 206 -2.48 -0.09 25.91
CA PHE C 206 -2.50 -1.55 25.79
C PHE C 206 -3.39 -2.19 26.85
N LEU C 207 -4.38 -1.45 27.34
CA LEU C 207 -5.34 -2.01 28.28
C LEU C 207 -6.20 -3.07 27.59
N PHE C 208 -6.79 -3.93 28.40
CA PHE C 208 -7.60 -5.04 27.89
C PHE C 208 -9.07 -4.68 27.98
N TYR C 209 -9.76 -4.72 26.84
CA TYR C 209 -11.20 -4.50 26.76
C TYR C 209 -11.86 -5.79 26.33
N GLU C 210 -12.81 -6.28 27.14
CA GLU C 210 -13.46 -7.54 26.87
C GLU C 210 -14.52 -7.39 25.80
N ASP C 211 -14.60 -8.38 24.91
CA ASP C 211 -15.60 -8.41 23.85
C ASP C 211 -16.59 -9.54 24.11
N TRP C 212 -17.64 -9.59 23.30
CA TRP C 212 -18.76 -10.48 23.59
C TRP C 212 -18.49 -11.91 23.13
N GLY C 213 -17.47 -12.14 22.31
CA GLY C 213 -17.06 -13.48 22.02
C GLY C 213 -16.94 -13.71 20.52
N GLU C 214 -17.43 -14.88 20.08
CA GLU C 214 -17.27 -15.30 18.70
C GLU C 214 -18.07 -14.40 17.76
N ASN C 215 -17.44 -14.03 16.65
CA ASN C 215 -17.99 -13.16 15.62
C ASN C 215 -18.31 -11.76 16.13
N MET C 216 -17.87 -11.43 17.34
CA MET C 216 -18.13 -10.11 17.92
C MET C 216 -16.82 -9.48 18.41
N VAL C 217 -15.79 -9.53 17.57
CA VAL C 217 -14.48 -9.00 17.97
C VAL C 217 -14.55 -7.49 18.07
N SER C 218 -13.96 -6.96 19.15
CA SER C 218 -13.87 -5.51 19.39
C SER C 218 -15.24 -4.87 19.56
N LYS C 219 -16.17 -5.60 20.17
CA LYS C 219 -17.49 -5.08 20.50
C LYS C 219 -17.70 -5.25 22.00
N SER C 220 -17.53 -4.17 22.76
CA SER C 220 -17.50 -4.25 24.21
C SER C 220 -18.73 -3.62 24.86
N THR C 221 -19.01 -2.35 24.58
CA THR C 221 -20.09 -1.62 25.25
C THR C 221 -20.81 -0.75 24.24
N PRO C 222 -21.97 -1.16 23.76
CA PRO C 222 -22.75 -0.32 22.85
C PRO C 222 -23.51 0.78 23.59
N VAL C 223 -23.87 1.82 22.83
CA VAL C 223 -24.65 2.93 23.33
C VAL C 223 -25.69 3.30 22.28
N LEU C 224 -26.74 3.98 22.74
CA LEU C 224 -27.85 4.39 21.87
C LEU C 224 -27.62 5.82 21.40
N CYS C 225 -27.63 6.01 20.09
CA CYS C 225 -27.38 7.31 19.48
C CYS C 225 -28.61 7.78 18.72
N VAL C 226 -28.94 9.06 18.88
CA VAL C 226 -30.09 9.69 18.25
C VAL C 226 -29.59 10.80 17.34
N LEU C 227 -30.02 10.78 16.08
CA LEU C 227 -29.60 11.74 15.08
C LEU C 227 -30.80 12.57 14.64
N ASP C 228 -30.59 13.87 14.46
CA ASP C 228 -31.61 14.80 14.03
C ASP C 228 -31.40 15.11 12.56
N ILE C 229 -32.41 14.81 11.74
CA ILE C 229 -32.26 14.97 10.29
C ILE C 229 -32.16 16.44 9.90
N GLU C 230 -32.92 17.29 10.58
CA GLU C 230 -32.99 18.70 10.18
C GLU C 230 -31.66 19.41 10.38
N SER C 231 -31.08 19.29 11.58
CA SER C 231 -29.87 20.03 11.91
C SER C 231 -28.59 19.21 11.81
N GLY C 232 -28.66 17.90 12.04
CA GLY C 232 -27.48 17.07 11.97
C GLY C 232 -26.80 16.81 13.29
N ASN C 233 -27.41 17.17 14.41
CA ASN C 233 -26.80 16.94 15.71
C ASN C 233 -26.93 15.47 16.11
N ILE C 234 -25.96 15.00 16.88
CA ILE C 234 -25.96 13.64 17.43
C ILE C 234 -25.85 13.74 18.93
N SER C 235 -26.74 13.07 19.65
CA SER C 235 -26.78 13.10 21.11
C SER C 235 -26.85 11.68 21.63
N VAL C 236 -25.88 11.29 22.46
CA VAL C 236 -25.88 9.98 23.08
C VAL C 236 -26.78 10.03 24.31
N LEU C 237 -27.74 9.11 24.37
CA LEU C 237 -28.73 9.13 25.45
C LEU C 237 -28.09 8.78 26.79
N GLU C 238 -28.61 9.37 27.85
CA GLU C 238 -28.16 9.11 29.20
C GLU C 238 -29.32 8.56 30.03
N GLY C 239 -29.00 7.63 30.93
CA GLY C 239 -29.98 6.95 31.73
C GLY C 239 -29.92 5.43 31.65
N VAL C 240 -29.10 4.89 30.76
CA VAL C 240 -28.93 3.44 30.68
C VAL C 240 -28.12 2.98 31.89
N PRO C 241 -28.50 1.89 32.56
CA PRO C 241 -27.70 1.41 33.70
C PRO C 241 -26.29 1.06 33.27
N GLU C 242 -25.34 1.26 34.17
CA GLU C 242 -23.93 1.06 33.84
C GLU C 242 -23.56 -0.41 33.79
N SER C 243 -24.41 -1.29 34.34
CA SER C 243 -24.09 -2.71 34.37
C SER C 243 -24.64 -3.45 33.16
N VAL C 244 -25.45 -2.79 32.33
CA VAL C 244 -26.10 -3.43 31.20
C VAL C 244 -25.61 -2.81 29.90
N SER C 245 -25.92 -3.48 28.79
CA SER C 245 -25.64 -3.00 27.46
C SER C 245 -26.94 -2.97 26.65
N PRO C 246 -27.23 -1.88 25.94
CA PRO C 246 -28.49 -1.79 25.21
C PRO C 246 -28.46 -2.59 23.92
N GLY C 247 -29.64 -3.03 23.50
CA GLY C 247 -29.76 -3.85 22.31
C GLY C 247 -30.78 -3.37 21.31
N GLN C 248 -31.75 -4.22 21.00
CA GLN C 248 -32.78 -3.88 20.01
C GLN C 248 -33.73 -2.84 20.59
N ALA C 249 -33.62 -1.61 20.09
CA ALA C 249 -34.38 -0.48 20.63
C ALA C 249 -35.32 0.08 19.57
N PHE C 250 -36.46 0.59 20.03
CA PHE C 250 -37.42 1.23 19.15
C PHE C 250 -38.11 2.36 19.91
N TRP C 251 -38.71 3.26 19.15
CA TRP C 251 -39.33 4.44 19.75
C TRP C 251 -40.63 4.08 20.46
N ALA C 252 -40.84 4.70 21.62
CA ALA C 252 -42.06 4.49 22.37
C ALA C 252 -43.23 5.23 21.70
N PRO C 253 -44.46 4.83 22.00
CA PRO C 253 -45.62 5.57 21.46
C PRO C 253 -45.58 7.03 21.85
N GLY C 254 -45.89 7.90 20.89
CA GLY C 254 -45.84 9.32 21.09
C GLY C 254 -44.45 9.93 21.04
N ASP C 255 -43.43 9.14 20.70
CA ASP C 255 -42.04 9.60 20.63
C ASP C 255 -41.57 10.19 21.96
N THR C 256 -42.12 9.69 23.07
CA THR C 256 -41.76 10.20 24.38
C THR C 256 -40.43 9.63 24.88
N GLY C 257 -40.04 8.46 24.40
CA GLY C 257 -38.83 7.83 24.88
C GLY C 257 -38.41 6.69 23.99
N VAL C 258 -37.55 5.84 24.54
CA VAL C 258 -36.98 4.69 23.84
C VAL C 258 -37.16 3.45 24.71
N VAL C 259 -37.64 2.37 24.10
CA VAL C 259 -37.80 1.08 24.77
C VAL C 259 -36.76 0.14 24.18
N PHE C 260 -35.94 -0.46 25.06
CA PHE C 260 -34.83 -1.29 24.59
C PHE C 260 -34.71 -2.53 25.46
N VAL C 261 -33.79 -3.41 25.06
CA VAL C 261 -33.47 -4.63 25.79
C VAL C 261 -32.04 -4.52 26.31
N GLY C 262 -31.88 -4.69 27.62
CA GLY C 262 -30.58 -4.59 28.25
C GLY C 262 -30.03 -5.97 28.60
N TRP C 263 -28.77 -6.19 28.24
CA TRP C 263 -28.06 -7.43 28.49
C TRP C 263 -27.05 -7.20 29.62
N TRP C 264 -27.02 -8.11 30.59
CA TRP C 264 -26.11 -7.97 31.72
C TRP C 264 -24.72 -8.47 31.35
N HIS C 265 -23.70 -7.69 31.73
CA HIS C 265 -22.32 -8.04 31.48
C HIS C 265 -21.47 -7.96 32.75
N GLU C 266 -22.03 -8.39 33.87
CA GLU C 266 -21.32 -8.51 35.13
C GLU C 266 -21.44 -9.92 35.68
N PRO C 267 -20.34 -10.52 36.18
CA PRO C 267 -18.99 -9.95 36.26
C PRO C 267 -18.26 -9.91 34.93
N PHE C 268 -18.53 -10.89 34.06
CA PHE C 268 -17.91 -10.95 32.75
C PHE C 268 -18.93 -11.43 31.72
N ARG C 269 -18.62 -11.18 30.45
CA ARG C 269 -19.55 -11.44 29.37
C ARG C 269 -19.46 -12.89 28.91
N LEU C 270 -20.58 -13.40 28.40
CA LEU C 270 -20.67 -14.74 27.83
C LEU C 270 -21.18 -14.62 26.41
N GLY C 271 -20.70 -15.52 25.55
CA GLY C 271 -21.05 -15.48 24.14
C GLY C 271 -22.54 -15.58 23.86
N ILE C 272 -23.04 -14.70 23.00
CA ILE C 272 -24.45 -14.68 22.63
C ILE C 272 -24.70 -15.26 21.25
N ARG C 273 -23.68 -15.78 20.58
CA ARG C 273 -23.83 -16.36 19.26
C ARG C 273 -24.50 -17.71 19.38
N PHE C 274 -25.72 -17.83 18.83
CA PHE C 274 -26.52 -19.06 18.86
C PHE C 274 -26.92 -19.46 20.29
N CYS C 275 -26.92 -18.50 21.22
CA CYS C 275 -27.27 -18.77 22.61
C CYS C 275 -28.36 -17.80 23.04
N THR C 276 -29.42 -18.32 23.66
CA THR C 276 -30.53 -17.50 24.13
C THR C 276 -30.64 -17.48 25.66
N ASN C 277 -29.80 -18.22 26.37
CA ASN C 277 -29.87 -18.29 27.83
C ASN C 277 -28.92 -17.26 28.47
N ARG C 278 -29.13 -16.00 28.10
CA ARG C 278 -28.38 -14.89 28.65
C ARG C 278 -29.34 -13.94 29.34
N ARG C 279 -28.99 -13.48 30.54
CA ARG C 279 -29.85 -12.59 31.30
C ARG C 279 -30.15 -11.34 30.50
N SER C 280 -31.42 -10.92 30.51
CA SER C 280 -31.86 -9.76 29.77
C SER C 280 -33.05 -9.14 30.47
N ALA C 281 -33.32 -7.88 30.15
CA ALA C 281 -34.49 -7.20 30.69
C ALA C 281 -34.98 -6.16 29.69
N LEU C 282 -36.22 -5.72 29.87
CA LEU C 282 -36.85 -4.75 28.98
C LEU C 282 -37.00 -3.43 29.72
N TYR C 283 -36.33 -2.39 29.20
CA TYR C 283 -36.30 -1.10 29.86
C TYR C 283 -36.91 -0.02 28.98
N TYR C 284 -37.34 1.07 29.62
CA TYR C 284 -37.87 2.25 28.97
C TYR C 284 -37.20 3.47 29.55
N VAL C 285 -36.67 4.34 28.68
CA VAL C 285 -35.92 5.51 29.10
C VAL C 285 -36.46 6.72 28.36
N ASP C 286 -36.25 7.90 28.94
CA ASP C 286 -36.74 9.16 28.39
C ASP C 286 -35.62 9.91 27.68
N LEU C 287 -36.00 10.78 26.75
CA LEU C 287 -35.01 11.60 26.06
C LEU C 287 -34.41 12.66 26.97
N THR C 288 -35.22 13.19 27.89
CA THR C 288 -34.73 14.22 28.80
C THR C 288 -33.64 13.69 29.73
N GLY C 289 -33.80 12.48 30.22
CA GLY C 289 -32.84 11.86 31.10
C GLY C 289 -33.53 11.16 32.24
N GLY C 290 -32.80 10.96 33.33
CA GLY C 290 -33.33 10.32 34.51
C GLY C 290 -33.18 8.82 34.49
N LYS C 291 -33.54 8.20 35.61
CA LYS C 291 -33.45 6.76 35.76
C LYS C 291 -34.46 6.06 34.86
N CYS C 292 -34.08 4.88 34.37
CA CYS C 292 -34.94 4.08 33.52
C CYS C 292 -35.99 3.35 34.36
N GLU C 293 -36.79 2.51 33.70
CA GLU C 293 -37.83 1.73 34.35
C GLU C 293 -37.75 0.29 33.85
N LEU C 294 -38.36 -0.61 34.62
CA LEU C 294 -38.44 -2.02 34.27
C LEU C 294 -39.84 -2.34 33.77
N LEU C 295 -39.92 -3.08 32.66
CA LEU C 295 -41.19 -3.54 32.12
C LEU C 295 -41.33 -5.06 32.16
N SER C 296 -40.42 -5.77 32.81
CA SER C 296 -40.47 -7.22 32.88
C SER C 296 -39.66 -7.69 34.07
N ASP C 297 -39.62 -9.00 34.26
CA ASP C 297 -38.83 -9.58 35.33
C ASP C 297 -37.35 -9.61 34.95
N GLU C 298 -36.49 -9.31 35.92
CA GLU C 298 -35.07 -9.18 35.64
C GLU C 298 -34.35 -10.53 35.57
N SER C 299 -34.89 -11.57 36.23
CA SER C 299 -34.19 -12.84 36.33
C SER C 299 -34.14 -13.57 34.98
N VAL C 300 -35.28 -13.66 34.30
CA VAL C 300 -35.41 -14.47 33.09
C VAL C 300 -34.93 -13.70 31.87
N ALA C 301 -34.75 -14.41 30.76
CA ALA C 301 -34.28 -13.82 29.50
C ALA C 301 -35.47 -13.48 28.62
N VAL C 302 -35.44 -12.28 28.03
CA VAL C 302 -36.47 -11.83 27.11
C VAL C 302 -35.81 -11.29 25.85
N THR C 303 -36.53 -11.40 24.73
CA THR C 303 -36.04 -10.95 23.44
C THR C 303 -37.21 -10.47 22.58
N SER C 304 -36.86 -9.74 21.51
CA SER C 304 -37.75 -9.38 20.41
C SER C 304 -39.01 -8.65 20.84
N PRO C 305 -38.92 -7.39 21.29
CA PRO C 305 -40.13 -6.60 21.52
C PRO C 305 -40.66 -6.04 20.21
N ARG C 306 -41.98 -6.13 20.03
CA ARG C 306 -42.65 -5.65 18.82
C ARG C 306 -43.85 -4.81 19.22
N LEU C 307 -43.99 -3.64 18.59
CA LEU C 307 -45.05 -2.71 18.92
C LEU C 307 -46.23 -2.89 17.97
N SER C 308 -47.44 -2.74 18.51
CA SER C 308 -48.65 -2.91 17.72
C SER C 308 -48.81 -1.75 16.73
N PRO C 309 -49.45 -1.99 15.59
CA PRO C 309 -49.66 -0.90 14.63
C PRO C 309 -50.52 0.24 15.18
N ASP C 310 -51.40 -0.03 16.13
CA ASP C 310 -52.17 1.02 16.78
C ASP C 310 -51.48 1.57 18.02
N GLN C 311 -50.28 1.08 18.32
CA GLN C 311 -49.42 1.65 19.37
C GLN C 311 -50.07 1.54 20.75
N CYS C 312 -50.51 0.33 21.10
CA CYS C 312 -51.13 0.08 22.39
C CYS C 312 -50.62 -1.18 23.09
N ARG C 313 -49.98 -2.11 22.38
CA ARG C 313 -49.57 -3.37 22.97
C ARG C 313 -48.18 -3.75 22.47
N ILE C 314 -47.51 -4.60 23.24
CA ILE C 314 -46.18 -5.10 22.91
C ILE C 314 -46.15 -6.60 23.17
N VAL C 315 -45.53 -7.35 22.27
CA VAL C 315 -45.30 -8.78 22.47
C VAL C 315 -43.81 -9.04 22.46
N TYR C 316 -43.40 -10.04 23.23
CA TYR C 316 -41.99 -10.42 23.25
C TYR C 316 -41.85 -11.89 23.65
N LEU C 317 -40.67 -12.44 23.40
CA LEU C 317 -40.37 -13.83 23.69
C LEU C 317 -39.67 -13.94 25.03
N ARG C 318 -40.13 -14.87 25.86
CA ARG C 318 -39.60 -15.07 27.20
C ARG C 318 -39.13 -16.51 27.33
N PHE C 319 -37.91 -16.70 27.84
CA PHE C 319 -37.34 -18.02 28.07
C PHE C 319 -37.19 -18.24 29.56
N PRO C 320 -37.87 -19.24 30.15
CA PRO C 320 -37.94 -19.31 31.61
C PRO C 320 -36.66 -19.83 32.27
N SER C 321 -35.82 -20.55 31.54
CA SER C 321 -34.64 -21.17 32.13
C SER C 321 -33.38 -20.73 31.40
N LEU C 322 -32.28 -20.69 32.14
CA LEU C 322 -30.97 -20.36 31.59
C LEU C 322 -30.07 -21.57 31.47
N VAL C 323 -30.60 -22.77 31.69
CA VAL C 323 -29.79 -24.00 31.67
C VAL C 323 -29.45 -24.41 30.24
N PRO C 324 -30.42 -24.57 29.33
CA PRO C 324 -30.06 -24.93 27.95
C PRO C 324 -29.87 -23.72 27.06
N HIS C 325 -29.11 -23.93 25.98
CA HIS C 325 -28.86 -22.84 25.05
C HIS C 325 -29.99 -22.66 24.06
N GLN C 326 -30.90 -23.64 23.97
CA GLN C 326 -32.09 -23.55 23.14
C GLN C 326 -33.21 -24.35 23.78
N GLN C 327 -34.40 -23.76 23.81
CA GLN C 327 -35.54 -24.38 24.51
C GLN C 327 -36.81 -23.73 23.98
N CYS C 328 -37.95 -24.24 24.47
CA CYS C 328 -39.23 -23.63 24.15
C CYS C 328 -39.34 -22.27 24.83
N GLY C 329 -39.83 -21.28 24.08
CA GLY C 329 -40.12 -19.97 24.61
C GLY C 329 -41.61 -19.79 24.81
N GLN C 330 -41.98 -18.61 25.31
CA GLN C 330 -43.38 -18.26 25.49
C GLN C 330 -43.59 -16.82 25.07
N LEU C 331 -44.82 -16.51 24.69
CA LEU C 331 -45.19 -15.17 24.23
C LEU C 331 -45.76 -14.37 25.38
N CYS C 332 -45.20 -13.19 25.63
CA CYS C 332 -45.65 -12.31 26.69
C CYS C 332 -46.19 -11.02 26.08
N LEU C 333 -47.34 -10.59 26.60
CA LEU C 333 -48.05 -9.40 26.13
C LEU C 333 -48.06 -8.34 27.23
N TYR C 334 -47.75 -7.11 26.83
CA TYR C 334 -47.71 -5.97 27.75
C TYR C 334 -48.56 -4.85 27.19
N ASP C 335 -49.43 -4.30 28.04
CA ASP C 335 -50.31 -3.20 27.65
C ASP C 335 -49.72 -1.88 28.12
N TRP C 336 -49.61 -0.93 27.20
CA TRP C 336 -48.91 0.32 27.50
C TRP C 336 -49.63 1.13 28.57
N TYR C 337 -50.95 1.25 28.45
CA TYR C 337 -51.72 2.10 29.36
C TYR C 337 -52.22 1.35 30.58
N THR C 338 -52.64 0.09 30.41
CA THR C 338 -53.13 -0.69 31.55
C THR C 338 -51.97 -1.17 32.42
N ARG C 339 -50.78 -1.35 31.84
CA ARG C 339 -49.59 -1.77 32.57
C ARG C 339 -49.76 -3.15 33.19
N VAL C 340 -50.32 -4.09 32.40
CA VAL C 340 -50.56 -5.45 32.84
C VAL C 340 -49.88 -6.39 31.86
N THR C 341 -49.18 -7.39 32.39
CA THR C 341 -48.48 -8.38 31.58
C THR C 341 -49.22 -9.71 31.67
N SER C 342 -49.37 -10.38 30.52
CA SER C 342 -50.06 -11.66 30.45
C SER C 342 -49.35 -12.56 29.44
N VAL C 343 -49.64 -13.86 29.52
CA VAL C 343 -49.02 -14.86 28.66
C VAL C 343 -50.03 -15.27 27.60
N VAL C 344 -49.60 -15.26 26.34
CA VAL C 344 -50.46 -15.59 25.21
C VAL C 344 -50.25 -17.05 24.83
N VAL C 345 -49.02 -17.40 24.46
CA VAL C 345 -48.64 -18.76 24.10
C VAL C 345 -47.68 -19.28 25.17
N ASP C 346 -48.01 -20.43 25.75
CA ASP C 346 -47.27 -21.01 26.85
C ASP C 346 -46.38 -22.14 26.34
N ILE C 347 -45.72 -22.82 27.27
CA ILE C 347 -44.78 -23.89 26.93
C ILE C 347 -45.56 -25.17 26.66
N VAL C 348 -45.17 -25.86 25.59
CA VAL C 348 -45.80 -27.13 25.19
C VAL C 348 -44.87 -28.25 25.64
N PRO C 349 -45.28 -29.10 26.59
CA PRO C 349 -44.39 -30.17 27.06
C PRO C 349 -44.03 -31.19 25.98
N ARG C 350 -45.04 -31.83 25.39
CA ARG C 350 -44.81 -32.82 24.34
C ARG C 350 -45.45 -32.44 23.02
N GLN C 351 -46.75 -32.13 23.02
CA GLN C 351 -47.45 -31.76 21.80
C GLN C 351 -48.78 -31.13 22.16
N LEU C 352 -49.08 -30.01 21.53
CA LEU C 352 -50.37 -29.34 21.68
C LEU C 352 -51.18 -29.56 20.41
N GLY C 353 -52.31 -30.24 20.56
CA GLY C 353 -53.07 -30.62 19.38
C GLY C 353 -52.28 -31.60 18.54
N GLU C 354 -52.17 -31.32 17.25
CA GLU C 354 -51.39 -32.17 16.35
C GLU C 354 -50.46 -31.41 15.41
N ASP C 355 -50.54 -30.07 15.35
CA ASP C 355 -49.72 -29.29 14.43
C ASP C 355 -48.80 -28.29 15.12
N PHE C 356 -48.88 -28.15 16.44
CA PHE C 356 -48.08 -27.17 17.17
C PHE C 356 -47.23 -27.89 18.21
N SER C 357 -45.98 -27.44 18.36
CA SER C 357 -45.05 -28.05 19.30
C SER C 357 -44.24 -27.02 20.08
N GLY C 358 -44.59 -25.75 20.00
CA GLY C 358 -43.89 -24.70 20.73
C GLY C 358 -43.20 -23.72 19.79
N ILE C 359 -42.51 -22.76 20.40
CA ILE C 359 -41.79 -21.71 19.70
C ILE C 359 -40.30 -21.95 19.89
N TYR C 360 -39.58 -22.07 18.77
CA TYR C 360 -38.15 -22.39 18.80
C TYR C 360 -37.31 -21.35 18.06
N CYS C 361 -37.87 -20.18 17.76
CA CYS C 361 -37.16 -19.14 17.03
C CYS C 361 -36.83 -17.99 17.96
N SER C 362 -35.59 -17.53 17.92
CA SER C 362 -35.16 -16.45 18.82
C SER C 362 -35.69 -15.10 18.35
N LEU C 363 -35.78 -14.90 17.04
CA LEU C 363 -36.17 -13.61 16.47
C LEU C 363 -37.52 -13.71 15.79
N LEU C 364 -38.43 -12.82 16.16
CA LEU C 364 -39.69 -12.65 15.46
C LEU C 364 -39.47 -11.84 14.19
N PRO C 365 -40.34 -11.98 13.19
CA PRO C 365 -40.20 -11.15 11.98
C PRO C 365 -40.41 -9.68 12.31
N LEU C 366 -39.80 -8.81 11.50
CA LEU C 366 -39.88 -7.39 11.76
C LEU C 366 -41.32 -6.90 11.71
N GLY C 367 -42.10 -7.41 10.76
CA GLY C 367 -43.53 -7.20 10.76
C GLY C 367 -44.26 -8.49 11.07
N CYS C 368 -44.97 -8.54 12.19
CA CYS C 368 -45.67 -9.75 12.60
C CYS C 368 -47.14 -9.48 12.88
N TRP C 369 -47.46 -8.26 13.32
CA TRP C 369 -48.83 -7.92 13.64
C TRP C 369 -49.68 -7.84 12.38
N SER C 370 -50.96 -8.20 12.53
CA SER C 370 -51.92 -8.08 11.45
C SER C 370 -52.53 -6.68 11.44
N ALA C 371 -53.38 -6.42 10.45
CA ALA C 371 -54.00 -5.10 10.34
C ALA C 371 -54.90 -4.81 11.53
N ASP C 372 -55.65 -5.81 12.00
CA ASP C 372 -56.54 -5.63 13.14
C ASP C 372 -55.79 -5.45 14.44
N SER C 373 -54.47 -5.68 14.46
CA SER C 373 -53.66 -5.59 15.67
C SER C 373 -54.20 -6.48 16.78
N GLN C 374 -54.62 -7.70 16.40
CA GLN C 374 -55.11 -8.68 17.36
C GLN C 374 -54.55 -10.07 17.12
N ARG C 375 -53.80 -10.29 16.04
CA ARG C 375 -53.24 -11.59 15.72
C ARG C 375 -51.76 -11.43 15.40
N VAL C 376 -50.98 -12.47 15.71
CA VAL C 376 -49.54 -12.48 15.47
C VAL C 376 -49.21 -13.69 14.62
N VAL C 377 -48.43 -13.48 13.57
CA VAL C 377 -48.04 -14.53 12.63
C VAL C 377 -46.55 -14.79 12.78
N PHE C 378 -46.19 -16.07 12.91
CA PHE C 378 -44.79 -16.45 13.07
C PHE C 378 -44.58 -17.80 12.41
N ASP C 379 -43.33 -18.28 12.46
CA ASP C 379 -42.98 -19.59 11.94
C ASP C 379 -42.01 -20.25 12.91
N SER C 380 -42.18 -21.55 13.13
CA SER C 380 -41.32 -22.32 14.02
C SER C 380 -41.30 -23.77 13.57
N PRO C 381 -40.21 -24.49 13.79
CA PRO C 381 -40.16 -25.88 13.37
C PRO C 381 -41.13 -26.75 14.16
N GLN C 382 -41.66 -27.76 13.48
CA GLN C 382 -42.56 -28.74 14.09
C GLN C 382 -42.18 -30.11 13.54
N ARG C 383 -41.51 -30.91 14.36
CA ARG C 383 -40.94 -32.21 13.95
C ARG C 383 -39.88 -31.92 12.89
N SER C 384 -39.98 -32.46 11.68
CA SER C 384 -38.99 -32.25 10.65
C SER C 384 -39.42 -31.21 9.62
N ARG C 385 -40.49 -30.47 9.88
CA ARG C 385 -41.00 -29.47 8.96
C ARG C 385 -40.91 -28.08 9.59
N GLN C 386 -41.25 -27.07 8.80
CA GLN C 386 -41.39 -25.70 9.27
C GLN C 386 -42.68 -25.13 8.70
N ASP C 387 -43.56 -24.63 9.57
CA ASP C 387 -44.88 -24.19 9.17
C ASP C 387 -45.09 -22.74 9.61
N LEU C 388 -46.23 -22.18 9.19
CA LEU C 388 -46.62 -20.83 9.55
C LEU C 388 -47.81 -20.91 10.50
N PHE C 389 -47.72 -20.22 11.62
CA PHE C 389 -48.76 -20.23 12.64
C PHE C 389 -49.27 -18.82 12.90
N ALA C 390 -50.58 -18.71 13.14
CA ALA C 390 -51.19 -17.46 13.53
C ALA C 390 -51.86 -17.66 14.89
N VAL C 391 -51.59 -16.74 15.81
CA VAL C 391 -52.11 -16.82 17.17
C VAL C 391 -52.98 -15.60 17.44
N ASP C 392 -54.14 -15.84 18.03
CA ASP C 392 -55.07 -14.78 18.41
C ASP C 392 -54.71 -14.30 19.81
N THR C 393 -54.43 -13.01 19.94
CA THR C 393 -53.95 -12.48 21.22
C THR C 393 -55.06 -12.50 22.27
N GLN C 394 -56.30 -12.25 21.87
CA GLN C 394 -57.39 -12.17 22.82
C GLN C 394 -57.68 -13.52 23.47
N MET C 395 -57.66 -14.60 22.68
CA MET C 395 -58.05 -15.91 23.18
C MET C 395 -56.89 -16.88 23.34
N GLY C 396 -55.73 -16.58 22.75
CA GLY C 396 -54.59 -17.49 22.84
C GLY C 396 -54.76 -18.81 22.12
N SER C 397 -55.38 -18.78 20.94
CA SER C 397 -55.58 -19.98 20.13
C SER C 397 -54.64 -19.95 18.94
N VAL C 398 -53.93 -21.05 18.73
CA VAL C 398 -52.93 -21.15 17.67
C VAL C 398 -53.52 -21.92 16.50
N THR C 399 -53.43 -21.33 15.30
CA THR C 399 -53.91 -21.95 14.08
C THR C 399 -52.77 -22.08 13.09
N SER C 400 -52.70 -23.21 12.40
CA SER C 400 -51.64 -23.49 11.44
C SER C 400 -52.16 -23.25 10.03
N LEU C 401 -51.51 -22.33 9.31
CA LEU C 401 -51.94 -22.00 7.95
C LEU C 401 -51.44 -23.02 6.94
N THR C 402 -50.39 -23.76 7.24
CA THR C 402 -49.67 -24.57 6.27
C THR C 402 -49.79 -26.07 6.57
N ALA C 403 -50.64 -26.45 7.52
CA ALA C 403 -50.76 -27.85 7.90
C ALA C 403 -51.22 -28.70 6.71
N GLY C 404 -50.67 -29.90 6.62
CA GLY C 404 -50.94 -30.80 5.50
C GLY C 404 -49.80 -30.80 4.50
N GLY C 405 -49.97 -31.66 3.49
CA GLY C 405 -48.98 -31.81 2.44
C GLY C 405 -47.90 -32.81 2.78
N SER C 406 -46.99 -33.00 1.84
CA SER C 406 -45.91 -33.97 2.02
C SER C 406 -44.83 -33.41 2.95
N GLY C 407 -44.56 -32.12 2.87
CA GLY C 407 -43.52 -31.52 3.69
C GLY C 407 -43.07 -30.20 3.10
N GLY C 408 -41.93 -29.73 3.59
CA GLY C 408 -41.37 -28.47 3.14
C GLY C 408 -41.16 -27.50 4.28
N SER C 409 -40.37 -26.46 4.04
CA SER C 409 -40.09 -25.44 5.04
C SER C 409 -40.58 -24.09 4.55
N TRP C 410 -41.36 -23.40 5.38
CA TRP C 410 -41.91 -22.09 5.06
C TRP C 410 -41.27 -21.07 5.99
N LYS C 411 -40.89 -19.93 5.42
CA LYS C 411 -40.29 -18.83 6.17
C LYS C 411 -41.08 -17.56 5.91
N LEU C 412 -41.42 -16.83 6.97
CA LEU C 412 -42.17 -15.60 6.85
C LEU C 412 -41.19 -14.43 6.81
N LEU C 413 -41.31 -13.59 5.79
CA LEU C 413 -40.41 -12.45 5.63
C LEU C 413 -41.04 -11.16 6.15
N THR C 414 -42.28 -10.87 5.76
CA THR C 414 -42.94 -9.65 6.19
C THR C 414 -44.44 -9.80 6.02
N ILE C 415 -45.18 -9.02 6.81
CA ILE C 415 -46.61 -8.86 6.66
C ILE C 415 -46.95 -7.39 6.88
N ASP C 416 -47.80 -6.84 6.02
CA ASP C 416 -48.18 -5.44 6.10
C ASP C 416 -49.55 -5.26 5.48
N ARG C 417 -50.51 -4.78 6.27
CA ARG C 417 -51.89 -4.59 5.83
C ARG C 417 -52.47 -5.88 5.25
N ASP C 418 -52.22 -6.99 5.97
CA ASP C 418 -52.72 -8.33 5.70
C ASP C 418 -52.10 -8.97 4.46
N LEU C 419 -51.22 -8.29 3.74
CA LEU C 419 -50.48 -8.89 2.64
C LEU C 419 -49.14 -9.36 3.18
N MET C 420 -48.88 -10.65 3.05
CA MET C 420 -47.71 -11.28 3.65
C MET C 420 -46.90 -12.04 2.60
N VAL C 421 -45.59 -11.94 2.71
CA VAL C 421 -44.65 -12.49 1.73
C VAL C 421 -43.88 -13.62 2.39
N VAL C 422 -43.86 -14.79 1.75
CA VAL C 422 -43.20 -15.97 2.29
C VAL C 422 -42.31 -16.58 1.21
N GLN C 423 -41.42 -17.48 1.66
CA GLN C 423 -40.60 -18.27 0.77
C GLN C 423 -40.80 -19.75 1.09
N PHE C 424 -40.56 -20.61 0.10
CA PHE C 424 -40.84 -22.02 0.23
C PHE C 424 -39.76 -22.83 -0.48
N SER C 425 -39.31 -23.91 0.14
CA SER C 425 -38.29 -24.76 -0.44
C SER C 425 -38.38 -26.16 0.16
N THR C 426 -37.95 -27.14 -0.63
CA THR C 426 -37.84 -28.53 -0.23
C THR C 426 -36.47 -29.03 -0.64
N PRO C 427 -36.08 -30.24 -0.21
CA PRO C 427 -34.78 -30.77 -0.65
C PRO C 427 -34.66 -30.93 -2.16
N SER C 428 -35.77 -30.94 -2.90
CA SER C 428 -35.72 -31.14 -4.35
C SER C 428 -35.74 -29.84 -5.14
N VAL C 429 -36.25 -28.75 -4.57
CA VAL C 429 -36.41 -27.51 -5.31
C VAL C 429 -35.73 -26.36 -4.56
N PRO C 430 -35.05 -25.45 -5.24
CA PRO C 430 -34.45 -24.29 -4.56
C PRO C 430 -35.52 -23.35 -4.04
N PRO C 431 -35.13 -22.34 -3.25
CA PRO C 431 -36.14 -21.43 -2.67
C PRO C 431 -36.94 -20.68 -3.72
N SER C 432 -38.19 -20.40 -3.39
CA SER C 432 -39.12 -19.64 -4.22
C SER C 432 -39.61 -18.41 -3.47
N LEU C 433 -40.59 -17.73 -4.05
CA LEU C 433 -41.17 -16.53 -3.46
C LEU C 433 -42.67 -16.52 -3.71
N LYS C 434 -43.44 -16.18 -2.69
CA LYS C 434 -44.90 -16.20 -2.77
C LYS C 434 -45.47 -15.06 -1.93
N VAL C 435 -46.68 -14.65 -2.28
CA VAL C 435 -47.42 -13.64 -1.55
C VAL C 435 -48.83 -14.15 -1.28
N GLY C 436 -49.46 -13.60 -0.25
CA GLY C 436 -50.81 -14.01 0.09
C GLY C 436 -51.50 -12.99 0.98
N PHE C 437 -52.80 -13.17 1.11
CA PHE C 437 -53.63 -12.33 1.98
C PHE C 437 -54.10 -13.15 3.17
N LEU C 438 -53.93 -12.61 4.36
CA LEU C 438 -54.37 -13.29 5.57
C LEU C 438 -55.88 -13.24 5.66
N PRO C 439 -56.57 -14.38 5.70
CA PRO C 439 -58.04 -14.37 5.74
C PRO C 439 -58.53 -13.89 7.10
N PRO C 440 -59.83 -13.64 7.24
CA PRO C 440 -60.35 -13.19 8.54
C PRO C 440 -60.18 -14.23 9.63
N ALA C 441 -60.57 -13.83 10.85
CA ALA C 441 -60.30 -14.64 12.03
C ALA C 441 -60.99 -16.00 11.98
N GLY C 442 -62.21 -16.06 11.46
CA GLY C 442 -62.97 -17.30 11.52
C GLY C 442 -62.31 -18.44 10.79
N LYS C 443 -61.86 -18.20 9.56
CA LYS C 443 -61.25 -19.23 8.73
C LYS C 443 -59.90 -18.73 8.24
N GLU C 444 -58.84 -19.50 8.53
CA GLU C 444 -57.49 -19.13 8.11
C GLU C 444 -56.76 -20.25 7.38
N GLN C 445 -57.43 -21.36 7.10
CA GLN C 445 -56.82 -22.46 6.35
C GLN C 445 -57.04 -22.36 4.86
N ALA C 446 -57.77 -21.33 4.40
CA ALA C 446 -58.07 -21.15 2.97
C ALA C 446 -57.17 -20.11 2.32
N VAL C 447 -55.91 -20.03 2.75
CA VAL C 447 -54.99 -19.05 2.18
C VAL C 447 -54.63 -19.46 0.76
N SER C 448 -54.66 -18.49 -0.15
CA SER C 448 -54.31 -18.70 -1.54
C SER C 448 -52.97 -18.02 -1.83
N TRP C 449 -52.02 -18.78 -2.36
CA TRP C 449 -50.68 -18.30 -2.62
C TRP C 449 -50.49 -18.03 -4.11
N VAL C 450 -49.95 -16.86 -4.43
CA VAL C 450 -49.62 -16.48 -5.79
C VAL C 450 -48.11 -16.38 -5.91
N SER C 451 -47.55 -17.06 -6.89
CA SER C 451 -46.11 -17.16 -7.04
C SER C 451 -45.54 -15.93 -7.74
N LEU C 452 -44.49 -15.36 -7.16
CA LEU C 452 -43.74 -14.27 -7.77
C LEU C 452 -42.55 -14.78 -8.58
N GLU C 453 -41.70 -15.58 -7.96
CA GLU C 453 -40.54 -16.16 -8.62
C GLU C 453 -40.54 -17.66 -8.38
N GLU C 454 -40.09 -18.40 -9.40
CA GLU C 454 -40.09 -19.86 -9.36
C GLU C 454 -38.69 -20.39 -9.58
N ALA C 455 -38.45 -21.59 -9.07
CA ALA C 455 -37.18 -22.28 -9.23
C ALA C 455 -37.42 -23.64 -9.86
N GLU C 456 -36.57 -24.03 -10.80
CA GLU C 456 -36.74 -25.30 -11.49
C GLU C 456 -36.33 -26.44 -10.58
N PRO C 457 -37.22 -27.39 -10.29
CA PRO C 457 -36.87 -28.49 -9.40
C PRO C 457 -35.96 -29.51 -10.05
N PHE C 458 -35.19 -30.21 -9.23
CA PHE C 458 -34.40 -31.33 -9.70
C PHE C 458 -35.21 -32.61 -9.57
N PRO C 459 -35.52 -33.31 -10.67
CA PRO C 459 -36.43 -34.44 -10.62
C PRO C 459 -35.78 -35.80 -10.38
N ASP C 460 -34.47 -35.84 -10.13
CA ASP C 460 -33.76 -37.08 -9.86
C ASP C 460 -33.43 -37.27 -8.39
N ILE C 461 -34.00 -36.45 -7.51
CA ILE C 461 -33.77 -36.54 -6.08
C ILE C 461 -35.09 -36.88 -5.39
N SER C 462 -35.09 -37.95 -4.60
CA SER C 462 -36.25 -38.36 -3.82
C SER C 462 -35.90 -38.27 -2.34
N TRP C 463 -36.84 -37.76 -1.54
CA TRP C 463 -36.62 -37.60 -0.11
C TRP C 463 -37.85 -38.11 0.63
N SER C 464 -37.61 -38.65 1.83
CA SER C 464 -38.69 -39.18 2.65
C SER C 464 -38.34 -39.01 4.12
N ILE C 465 -39.35 -39.11 4.97
CA ILE C 465 -39.21 -38.96 6.41
C ILE C 465 -39.67 -40.24 7.08
N ARG C 466 -38.84 -40.77 7.98
CA ARG C 466 -39.17 -41.99 8.71
C ARG C 466 -38.92 -41.79 10.20
N VAL C 467 -39.86 -42.29 11.01
CA VAL C 467 -39.77 -42.17 12.46
C VAL C 467 -39.13 -43.43 13.02
N LEU C 468 -38.61 -43.32 14.24
CA LEU C 468 -37.87 -44.39 14.88
C LEU C 468 -38.12 -44.37 16.38
N GLN C 469 -38.38 -45.56 16.93
CA GLN C 469 -38.67 -45.75 18.34
C GLN C 469 -37.51 -46.46 19.01
N PRO C 470 -36.85 -45.87 20.00
CA PRO C 470 -35.70 -46.53 20.61
C PRO C 470 -36.12 -47.78 21.36
N PRO C 471 -35.26 -48.79 21.46
CA PRO C 471 -35.60 -50.00 22.20
C PRO C 471 -35.71 -49.71 23.69
N PRO C 472 -36.44 -50.53 24.44
CA PRO C 472 -36.64 -50.25 25.87
C PRO C 472 -35.36 -50.29 26.69
N GLN C 473 -34.31 -50.96 26.22
CA GLN C 473 -33.07 -51.05 26.99
C GLN C 473 -32.42 -49.69 27.17
N GLN C 474 -32.42 -48.86 26.14
CA GLN C 474 -31.81 -47.54 26.18
C GLN C 474 -32.83 -46.42 26.36
N GLU C 475 -34.07 -46.75 26.72
CA GLU C 475 -35.09 -45.73 26.94
C GLU C 475 -34.77 -44.92 28.19
N HIS C 476 -35.05 -43.62 28.13
CA HIS C 476 -34.81 -42.75 29.27
C HIS C 476 -35.72 -43.11 30.43
N VAL C 477 -35.28 -42.75 31.64
CA VAL C 477 -36.04 -43.12 32.83
C VAL C 477 -37.10 -42.07 33.15
N GLN C 478 -36.69 -40.80 33.24
CA GLN C 478 -37.65 -39.74 33.55
C GLN C 478 -38.69 -39.57 32.45
N TYR C 479 -38.26 -39.59 31.19
CA TYR C 479 -39.14 -39.39 30.05
C TYR C 479 -39.22 -40.67 29.24
N ALA C 480 -40.43 -41.13 28.96
CA ALA C 480 -40.65 -42.37 28.24
C ALA C 480 -41.57 -42.12 27.05
N GLY C 481 -41.44 -42.97 26.04
CA GLY C 481 -42.26 -42.89 24.84
C GLY C 481 -41.73 -41.97 23.77
N LEU C 482 -40.59 -41.32 23.99
CA LEU C 482 -40.04 -40.40 23.01
C LEU C 482 -39.50 -41.14 21.80
N ASP C 483 -39.70 -40.55 20.62
CA ASP C 483 -39.19 -41.10 19.36
C ASP C 483 -38.46 -40.00 18.61
N PHE C 484 -37.75 -40.39 17.54
CA PHE C 484 -36.98 -39.42 16.77
C PHE C 484 -37.03 -39.76 15.29
N GLU C 485 -36.75 -38.77 14.45
CA GLU C 485 -37.00 -38.90 13.03
C GLU C 485 -35.71 -38.80 12.22
N ALA C 486 -35.82 -39.22 10.95
CA ALA C 486 -34.72 -39.16 10.01
C ALA C 486 -35.26 -38.86 8.63
N ILE C 487 -34.41 -38.23 7.81
CA ILE C 487 -34.72 -37.86 6.44
C ILE C 487 -33.78 -38.62 5.52
N LEU C 488 -34.34 -39.27 4.52
CA LEU C 488 -33.58 -40.10 3.59
C LEU C 488 -33.65 -39.50 2.20
N LEU C 489 -32.48 -39.25 1.60
CA LEU C 489 -32.37 -38.78 0.23
C LEU C 489 -31.72 -39.87 -0.60
N GLN C 490 -32.39 -40.30 -1.65
CA GLN C 490 -31.92 -41.38 -2.50
C GLN C 490 -32.19 -41.04 -3.96
N PRO C 491 -31.42 -41.61 -4.89
CA PRO C 491 -31.69 -41.37 -6.32
C PRO C 491 -33.08 -41.84 -6.70
N SER C 492 -33.71 -41.09 -7.60
CA SER C 492 -35.09 -41.39 -7.98
C SER C 492 -35.19 -42.68 -8.78
N ASN C 493 -34.29 -42.88 -9.75
CA ASN C 493 -34.31 -44.10 -10.54
C ASN C 493 -33.81 -45.28 -9.73
N SER C 494 -34.39 -46.45 -10.00
CA SER C 494 -34.04 -47.68 -9.28
C SER C 494 -33.64 -48.73 -10.31
N PRO C 495 -32.36 -48.73 -10.73
CA PRO C 495 -31.85 -49.69 -11.71
C PRO C 495 -31.53 -51.05 -11.09
N THR C 498 -28.19 -53.88 -4.34
CA THR C 498 -27.38 -53.38 -3.24
C THR C 498 -26.03 -52.87 -3.75
N GLN C 499 -26.07 -51.79 -4.54
CA GLN C 499 -24.87 -51.21 -5.12
C GLN C 499 -24.79 -49.71 -4.95
N VAL C 500 -25.38 -49.15 -3.90
CA VAL C 500 -25.36 -47.72 -3.64
C VAL C 500 -24.82 -47.49 -2.23
N PRO C 501 -23.87 -46.58 -2.05
CA PRO C 501 -23.37 -46.29 -0.70
C PRO C 501 -24.29 -45.32 0.03
N MET C 502 -23.99 -45.09 1.29
CA MET C 502 -24.72 -44.14 2.12
C MET C 502 -23.75 -43.28 2.91
N VAL C 503 -24.15 -42.03 3.13
CA VAL C 503 -23.43 -41.09 4.00
C VAL C 503 -24.41 -40.67 5.09
N VAL C 504 -24.01 -40.84 6.34
CA VAL C 504 -24.85 -40.53 7.50
C VAL C 504 -24.30 -39.27 8.14
N MET C 505 -25.19 -38.32 8.44
CA MET C 505 -24.68 -37.14 9.14
C MET C 505 -25.66 -36.64 10.20
N PRO C 506 -25.21 -36.53 11.45
CA PRO C 506 -26.04 -35.93 12.50
C PRO C 506 -25.81 -34.43 12.60
N HIS C 507 -26.83 -33.74 13.12
CA HIS C 507 -26.78 -32.30 13.23
C HIS C 507 -25.93 -31.87 14.42
N GLY C 508 -25.59 -30.58 14.44
CA GLY C 508 -24.83 -30.01 15.53
C GLY C 508 -25.73 -29.67 16.71
N GLY C 509 -25.51 -28.53 17.33
CA GLY C 509 -26.38 -28.09 18.40
C GLY C 509 -25.71 -28.08 19.76
N PRO C 510 -26.07 -29.05 20.61
CA PRO C 510 -26.89 -30.22 20.26
C PRO C 510 -28.40 -29.96 20.27
N HIS C 511 -28.80 -28.72 20.56
CA HIS C 511 -30.21 -28.33 20.49
C HIS C 511 -30.44 -27.61 19.16
N SER C 512 -30.49 -28.40 18.09
CA SER C 512 -30.79 -27.91 16.75
C SER C 512 -31.57 -29.00 16.04
N SER C 513 -31.79 -28.81 14.74
CA SER C 513 -32.57 -29.79 13.98
C SER C 513 -32.31 -29.64 12.49
N PHE C 514 -32.65 -30.70 11.77
CA PHE C 514 -32.72 -30.67 10.31
C PHE C 514 -34.17 -30.55 9.89
N VAL C 515 -34.46 -29.56 9.04
CA VAL C 515 -35.78 -29.41 8.46
C VAL C 515 -35.69 -29.74 6.98
N THR C 516 -36.85 -29.98 6.36
CA THR C 516 -36.91 -30.36 4.95
C THR C 516 -36.79 -29.10 4.09
N ALA C 517 -35.63 -28.46 4.19
CA ALA C 517 -35.30 -27.28 3.42
C ALA C 517 -34.27 -27.64 2.35
N TRP C 518 -33.80 -26.62 1.64
CA TRP C 518 -32.83 -26.81 0.56
C TRP C 518 -31.43 -26.69 1.14
N MET C 519 -30.66 -27.78 1.08
CA MET C 519 -29.28 -27.83 1.53
C MET C 519 -28.40 -28.21 0.36
N LEU C 520 -27.30 -27.47 0.18
CA LEU C 520 -26.49 -27.62 -1.02
C LEU C 520 -25.72 -28.93 -1.04
N PHE C 521 -25.07 -29.27 0.07
CA PHE C 521 -24.17 -30.42 0.07
C PHE C 521 -24.91 -31.76 0.04
N PRO C 522 -25.98 -31.95 0.83
CA PRO C 522 -26.77 -33.18 0.66
C PRO C 522 -27.34 -33.34 -0.74
N ALA C 523 -27.67 -32.24 -1.42
CA ALA C 523 -28.11 -32.35 -2.81
C ALA C 523 -26.95 -32.73 -3.71
N MET C 524 -25.76 -32.18 -3.47
CA MET C 524 -24.61 -32.50 -4.30
C MET C 524 -24.22 -33.97 -4.15
N LEU C 525 -24.28 -34.50 -2.93
CA LEU C 525 -23.91 -35.90 -2.72
C LEU C 525 -24.89 -36.83 -3.40
N CYS C 526 -26.18 -36.49 -3.40
CA CYS C 526 -27.18 -37.37 -4.01
C CYS C 526 -27.11 -37.33 -5.52
N LYS C 527 -26.54 -36.28 -6.11
CA LYS C 527 -26.39 -36.22 -7.55
C LYS C 527 -25.15 -36.97 -8.03
N MET C 528 -24.30 -37.44 -7.12
CA MET C 528 -23.07 -38.14 -7.48
C MET C 528 -23.13 -39.62 -7.15
N GLY C 529 -24.31 -40.16 -6.89
CA GLY C 529 -24.48 -41.59 -6.68
C GLY C 529 -24.62 -42.03 -5.24
N PHE C 530 -24.69 -41.10 -4.29
CA PHE C 530 -24.79 -41.44 -2.88
C PHE C 530 -26.23 -41.34 -2.39
N ALA C 531 -26.47 -41.90 -1.21
CA ALA C 531 -27.73 -41.75 -0.49
C ALA C 531 -27.42 -41.14 0.87
N VAL C 532 -28.14 -40.09 1.23
CA VAL C 532 -27.82 -39.30 2.42
C VAL C 532 -28.86 -39.56 3.50
N LEU C 533 -28.39 -39.69 4.74
CA LEU C 533 -29.27 -39.90 5.89
C LEU C 533 -29.05 -38.80 6.91
N LEU C 534 -30.12 -38.06 7.20
CA LEU C 534 -30.10 -36.96 8.18
C LEU C 534 -30.86 -37.41 9.41
N VAL C 535 -30.21 -37.39 10.57
CA VAL C 535 -30.78 -37.95 11.80
C VAL C 535 -31.04 -36.80 12.77
N ASN C 536 -32.26 -36.72 13.30
CA ASN C 536 -32.60 -35.77 14.35
C ASN C 536 -32.84 -36.59 15.62
N TYR C 537 -31.79 -36.78 16.40
CA TYR C 537 -31.86 -37.63 17.58
C TYR C 537 -32.63 -36.93 18.70
N ARG C 538 -32.77 -37.62 19.83
CA ARG C 538 -33.45 -37.02 20.98
C ARG C 538 -32.59 -35.90 21.57
N GLY C 539 -33.24 -34.79 21.88
CA GLY C 539 -32.57 -33.56 22.23
C GLY C 539 -32.68 -32.47 21.18
N SER C 540 -33.26 -32.78 20.03
CA SER C 540 -33.44 -31.81 18.97
C SER C 540 -34.69 -30.98 19.21
N THR C 541 -34.74 -29.82 18.56
CA THR C 541 -35.90 -28.94 18.69
C THR C 541 -37.04 -29.41 17.79
N GLY C 542 -38.21 -28.85 18.03
CA GLY C 542 -39.39 -29.20 17.26
C GLY C 542 -40.15 -30.42 17.75
N PHE C 543 -39.74 -31.01 18.87
CA PHE C 543 -40.37 -32.22 19.38
C PHE C 543 -40.95 -32.04 20.78
N GLY C 544 -40.89 -30.84 21.34
CA GLY C 544 -41.43 -30.56 22.65
C GLY C 544 -40.34 -30.20 23.65
N GLN C 545 -40.79 -29.74 24.83
CA GLN C 545 -39.86 -29.37 25.89
C GLN C 545 -39.27 -30.59 26.57
N ASP C 546 -40.01 -31.69 26.62
CA ASP C 546 -39.50 -32.90 27.27
C ASP C 546 -38.31 -33.46 26.51
N SER C 547 -38.33 -33.38 25.18
CA SER C 547 -37.19 -33.86 24.39
C SER C 547 -35.96 -32.98 24.60
N ILE C 548 -36.15 -31.68 24.85
CA ILE C 548 -35.03 -30.80 25.09
C ILE C 548 -34.30 -31.18 26.38
N LEU C 549 -35.06 -31.42 27.44
CA LEU C 549 -34.47 -31.65 28.76
C LEU C 549 -33.91 -33.06 28.93
N SER C 550 -34.15 -33.97 27.98
CA SER C 550 -33.66 -35.33 28.12
C SER C 550 -32.15 -35.39 27.93
N LEU C 551 -31.59 -34.54 27.08
CA LEU C 551 -30.18 -34.60 26.72
C LEU C 551 -29.22 -34.06 27.78
N PRO C 552 -29.50 -32.95 28.47
CA PRO C 552 -28.57 -32.49 29.50
C PRO C 552 -28.31 -33.55 30.55
N GLY C 553 -27.05 -33.70 30.92
CA GLY C 553 -26.64 -34.83 31.73
C GLY C 553 -25.88 -35.86 30.91
N ASN C 554 -26.57 -36.95 30.56
CA ASN C 554 -25.97 -38.02 29.75
C ASN C 554 -25.89 -37.57 28.30
N VAL C 555 -24.76 -36.96 27.96
CA VAL C 555 -24.51 -36.52 26.59
C VAL C 555 -23.51 -37.40 25.86
N GLY C 556 -22.71 -38.18 26.58
CA GLY C 556 -21.67 -38.97 25.93
C GLY C 556 -22.21 -40.21 25.24
N HIS C 557 -23.27 -40.81 25.80
CA HIS C 557 -23.74 -42.11 25.34
C HIS C 557 -25.17 -42.13 24.83
N GLN C 558 -26.03 -41.21 25.26
CA GLN C 558 -27.43 -41.27 24.85
C GLN C 558 -27.59 -41.01 23.35
N ASP C 559 -26.99 -39.93 22.85
CA ASP C 559 -27.14 -39.58 21.45
C ASP C 559 -26.31 -40.46 20.53
N VAL C 560 -25.24 -41.08 21.05
CA VAL C 560 -24.42 -41.96 20.23
C VAL C 560 -25.18 -43.23 19.88
N LYS C 561 -25.91 -43.79 20.85
CA LYS C 561 -26.67 -45.01 20.59
C LYS C 561 -27.92 -44.74 19.75
N ASP C 562 -28.41 -43.51 19.75
CA ASP C 562 -29.57 -43.17 18.92
C ASP C 562 -29.18 -43.11 17.44
N VAL C 563 -28.04 -42.49 17.13
CA VAL C 563 -27.59 -42.41 15.75
C VAL C 563 -27.27 -43.79 15.21
N GLN C 564 -26.60 -44.63 16.00
CA GLN C 564 -26.26 -45.98 15.56
C GLN C 564 -27.51 -46.82 15.37
N PHE C 565 -28.54 -46.59 16.17
CA PHE C 565 -29.79 -47.33 16.01
C PHE C 565 -30.47 -46.97 14.70
N ALA C 566 -30.37 -45.70 14.29
CA ALA C 566 -30.96 -45.28 13.02
C ALA C 566 -30.30 -45.96 11.84
N VAL C 567 -28.96 -46.09 11.87
CA VAL C 567 -28.24 -46.62 10.72
C VAL C 567 -28.57 -48.10 10.52
N GLU C 568 -28.66 -48.86 11.60
CA GLU C 568 -28.92 -50.28 11.49
C GLU C 568 -30.29 -50.56 10.87
N GLN C 569 -31.29 -49.76 11.23
CA GLN C 569 -32.63 -49.96 10.68
C GLN C 569 -32.68 -49.66 9.19
N VAL C 570 -31.96 -48.63 8.74
CA VAL C 570 -31.98 -48.27 7.33
C VAL C 570 -31.31 -49.35 6.50
N LEU C 571 -30.25 -49.97 7.03
CA LEU C 571 -29.53 -51.01 6.31
C LEU C 571 -30.39 -52.24 6.02
N GLN C 572 -31.50 -52.43 6.75
CA GLN C 572 -32.37 -53.56 6.49
C GLN C 572 -33.00 -53.52 5.10
N GLU C 573 -33.16 -52.33 4.53
CA GLU C 573 -33.59 -52.23 3.14
C GLU C 573 -32.54 -52.81 2.22
N GLU C 574 -32.96 -53.68 1.31
CA GLU C 574 -32.02 -54.40 0.45
C GLU C 574 -31.33 -53.50 -0.56
N HIS C 575 -31.84 -52.28 -0.78
CA HIS C 575 -31.28 -51.43 -1.83
C HIS C 575 -29.91 -50.90 -1.44
N PHE C 576 -29.66 -50.69 -0.15
CA PHE C 576 -28.40 -50.13 0.28
C PHE C 576 -27.38 -51.22 0.55
N ASP C 577 -26.10 -50.83 0.53
CA ASP C 577 -24.99 -51.73 0.76
C ASP C 577 -24.38 -51.44 2.13
N ALA C 578 -24.26 -52.49 2.95
CA ALA C 578 -23.73 -52.32 4.29
C ALA C 578 -22.22 -52.19 4.34
N GLY C 579 -21.52 -52.55 3.25
CA GLY C 579 -20.07 -52.49 3.27
C GLY C 579 -19.53 -51.08 3.15
N ARG C 580 -20.28 -50.20 2.48
CA ARG C 580 -19.83 -48.84 2.19
C ARG C 580 -20.76 -47.85 2.89
N VAL C 581 -20.35 -47.39 4.07
CA VAL C 581 -21.10 -46.40 4.84
C VAL C 581 -20.11 -45.35 5.34
N ALA C 582 -20.41 -44.08 5.11
CA ALA C 582 -19.53 -42.99 5.48
C ALA C 582 -20.20 -42.11 6.53
N LEU C 583 -19.39 -41.31 7.22
CA LEU C 583 -19.83 -40.48 8.33
C LEU C 583 -19.29 -39.07 8.15
N MET C 584 -20.11 -38.08 8.47
N MET C 584 -20.11 -38.07 8.48
CA MET C 584 -19.73 -36.67 8.34
CA MET C 584 -19.72 -36.68 8.33
C MET C 584 -20.47 -35.85 9.37
C MET C 584 -20.41 -35.83 9.39
N GLY C 585 -19.83 -34.80 9.88
N GLY C 585 -19.70 -34.79 9.85
CA GLY C 585 -20.45 -33.91 10.84
CA GLY C 585 -20.24 -33.88 10.85
C GLY C 585 -19.55 -32.72 11.12
C GLY C 585 -19.34 -32.66 10.98
N GLY C 586 -20.08 -31.75 11.86
N GLY C 586 -19.12 -32.25 12.23
CA GLY C 586 -19.28 -30.59 12.22
CA GLY C 586 -18.10 -31.27 12.51
C GLY C 586 -19.62 -29.92 13.53
C GLY C 586 -18.42 -30.18 13.51
N SER C 587 -18.62 -29.83 14.41
N SER C 587 -19.67 -29.74 13.61
CA SER C 587 -18.58 -29.03 15.63
CA SER C 587 -19.99 -28.70 14.59
C SER C 587 -19.49 -29.54 16.74
C SER C 587 -20.20 -29.33 15.96
N HIS C 588 -20.43 -30.41 16.41
N HIS C 588 -21.22 -30.19 16.07
CA HIS C 588 -21.02 -31.33 17.38
CA HIS C 588 -21.31 -31.09 17.21
C HIS C 588 -21.27 -32.71 16.78
C HIS C 588 -21.38 -32.53 16.73
N GLY C 589 -21.46 -32.78 15.47
N GLY C 589 -21.55 -32.73 15.43
CA GLY C 589 -21.38 -34.07 14.80
CA GLY C 589 -21.45 -34.07 14.87
C GLY C 589 -19.96 -34.60 14.81
C GLY C 589 -20.02 -34.57 14.89
N GLY C 590 -18.98 -33.69 14.85
N GLY C 590 -19.05 -33.65 14.92
CA GLY C 590 -17.61 -34.11 15.04
CA GLY C 590 -17.66 -34.06 15.09
C GLY C 590 -17.40 -34.80 16.37
C GLY C 590 -17.44 -34.77 16.41
N PHE C 591 -18.04 -34.28 17.42
N PHE C 591 -18.06 -34.26 17.47
CA PHE C 591 -18.11 -34.98 18.70
CA PHE C 591 -18.14 -34.98 18.74
C PHE C 591 -18.76 -36.35 18.52
C PHE C 591 -18.78 -36.35 18.54
N LEU C 592 -19.94 -36.36 17.89
CA LEU C 592 -20.64 -37.61 17.64
C LEU C 592 -19.87 -38.52 16.68
N SER C 593 -19.25 -37.95 15.64
CA SER C 593 -18.49 -38.78 14.71
C SER C 593 -17.28 -39.41 15.38
N CYS C 594 -16.58 -38.64 16.22
CA CYS C 594 -15.45 -39.18 16.95
C CYS C 594 -15.90 -40.29 17.90
N HIS C 595 -17.01 -40.08 18.62
CA HIS C 595 -17.52 -41.15 19.47
C HIS C 595 -17.90 -42.38 18.65
N LEU C 596 -18.54 -42.18 17.50
CA LEU C 596 -18.99 -43.30 16.68
C LEU C 596 -17.83 -44.12 16.15
N ILE C 597 -16.76 -43.45 15.70
CA ILE C 597 -15.62 -44.19 15.16
C ILE C 597 -14.81 -44.81 16.29
N GLY C 598 -14.83 -44.20 17.47
CA GLY C 598 -14.16 -44.81 18.61
C GLY C 598 -14.85 -46.06 19.10
N GLN C 599 -16.18 -46.05 19.13
CA GLN C 599 -16.92 -47.13 19.78
C GLN C 599 -17.29 -48.24 18.81
N TYR C 600 -17.49 -47.90 17.54
CA TYR C 600 -17.89 -48.88 16.52
C TYR C 600 -16.91 -48.78 15.35
N PRO C 601 -15.73 -49.41 15.47
CA PRO C 601 -14.69 -49.21 14.45
C PRO C 601 -15.00 -49.83 13.10
N GLU C 602 -15.66 -50.99 13.06
CA GLU C 602 -15.76 -51.74 11.82
C GLU C 602 -16.92 -51.27 10.94
N THR C 603 -17.85 -50.49 11.51
CA THR C 603 -19.05 -50.11 10.79
C THR C 603 -18.74 -49.15 9.63
N TYR C 604 -17.97 -48.10 9.91
CA TYR C 604 -17.78 -47.01 8.97
C TYR C 604 -16.45 -47.14 8.22
N SER C 605 -16.42 -46.60 7.01
CA SER C 605 -15.26 -46.70 6.13
C SER C 605 -14.53 -45.38 5.91
N ALA C 606 -15.13 -44.25 6.27
CA ALA C 606 -14.50 -42.95 6.12
C ALA C 606 -15.13 -41.98 7.11
N CYS C 607 -14.51 -40.81 7.26
CA CYS C 607 -15.02 -39.81 8.19
C CYS C 607 -14.41 -38.45 7.86
N VAL C 608 -15.26 -37.42 7.85
CA VAL C 608 -14.83 -36.05 7.59
C VAL C 608 -15.33 -35.18 8.73
N VAL C 609 -14.41 -34.45 9.38
CA VAL C 609 -14.73 -33.60 10.52
C VAL C 609 -14.00 -32.29 10.37
N ARG C 610 -14.67 -31.18 10.71
CA ARG C 610 -14.05 -29.87 10.60
C ARG C 610 -13.57 -29.33 11.94
N ASN C 611 -14.44 -29.15 12.91
CA ASN C 611 -14.09 -28.52 14.19
C ASN C 611 -14.59 -29.37 15.36
N PRO C 612 -14.00 -30.53 15.58
CA PRO C 612 -14.50 -31.43 16.62
C PRO C 612 -14.14 -30.93 18.02
N VAL C 613 -14.85 -31.48 19.00
CA VAL C 613 -14.53 -31.32 20.41
C VAL C 613 -13.95 -32.65 20.89
N ILE C 614 -12.73 -32.61 21.39
CA ILE C 614 -11.98 -33.83 21.69
C ILE C 614 -11.81 -34.02 23.20
N ASN C 615 -11.55 -32.95 23.94
CA ASN C 615 -11.34 -33.02 25.37
C ASN C 615 -12.16 -31.93 26.04
N ILE C 616 -13.22 -32.31 26.75
CA ILE C 616 -14.07 -31.33 27.41
C ILE C 616 -13.33 -30.65 28.56
N ALA C 617 -12.51 -31.42 29.30
CA ALA C 617 -11.80 -30.86 30.44
C ALA C 617 -10.83 -29.77 30.02
N SER C 618 -10.10 -29.99 28.91
CA SER C 618 -9.11 -29.02 28.47
C SER C 618 -9.77 -27.81 27.81
N MET C 619 -10.90 -28.02 27.14
CA MET C 619 -11.53 -26.94 26.39
C MET C 619 -12.30 -25.97 27.29
N MET C 620 -12.48 -26.30 28.57
CA MET C 620 -13.19 -25.42 29.49
C MET C 620 -12.51 -24.07 29.63
N GLY C 621 -11.17 -24.08 29.75
CA GLY C 621 -10.47 -22.85 30.09
C GLY C 621 -10.37 -21.88 28.92
N SER C 622 -10.39 -22.39 27.69
CA SER C 622 -10.12 -21.57 26.52
C SER C 622 -11.37 -21.11 25.79
N THR C 623 -12.50 -21.80 25.95
CA THR C 623 -13.70 -21.44 25.21
C THR C 623 -14.33 -20.16 25.75
N ASP C 624 -15.08 -19.47 24.90
CA ASP C 624 -15.74 -18.24 25.32
C ASP C 624 -17.03 -18.53 26.09
N ILE C 625 -17.62 -19.70 25.91
CA ILE C 625 -18.80 -20.10 26.66
C ILE C 625 -18.44 -21.28 27.57
N PRO C 626 -17.94 -21.01 28.78
CA PRO C 626 -17.54 -22.11 29.67
C PRO C 626 -18.71 -22.76 30.40
N ASP C 627 -19.91 -22.20 30.30
CA ASP C 627 -21.08 -22.83 30.91
C ASP C 627 -21.62 -23.99 30.10
N TRP C 628 -21.19 -24.13 28.84
CA TRP C 628 -21.57 -25.29 28.05
C TRP C 628 -20.92 -26.58 28.56
N CYS C 629 -19.78 -26.47 29.23
CA CYS C 629 -19.10 -27.66 29.75
C CYS C 629 -19.85 -28.24 30.94
N MET C 630 -20.27 -27.40 31.88
CA MET C 630 -20.92 -27.89 33.10
C MET C 630 -22.28 -28.49 32.80
N VAL C 631 -23.11 -27.80 32.02
CA VAL C 631 -24.46 -28.27 31.76
C VAL C 631 -24.44 -29.60 31.01
N GLU C 632 -23.58 -29.69 29.99
CA GLU C 632 -23.51 -30.93 29.22
C GLU C 632 -22.92 -32.07 30.05
N ALA C 633 -21.96 -31.76 30.93
CA ALA C 633 -21.40 -32.79 31.79
C ALA C 633 -22.32 -33.14 32.95
N GLY C 634 -23.28 -32.28 33.28
CA GLY C 634 -24.24 -32.55 34.33
C GLY C 634 -24.08 -31.73 35.59
N PHE C 635 -23.21 -30.71 35.58
CA PHE C 635 -22.99 -29.87 36.75
C PHE C 635 -23.56 -28.48 36.52
N SER C 636 -23.72 -27.75 37.63
CA SER C 636 -24.31 -26.42 37.61
C SER C 636 -23.20 -25.37 37.51
N TYR C 637 -23.31 -24.49 36.51
CA TYR C 637 -22.32 -23.45 36.31
C TYR C 637 -22.57 -22.28 37.25
N SER C 638 -21.49 -21.74 37.81
CA SER C 638 -21.55 -20.55 38.65
C SER C 638 -20.33 -19.68 38.34
N SER C 639 -20.47 -18.39 38.62
CA SER C 639 -19.38 -17.45 38.37
C SER C 639 -18.17 -17.78 39.25
N ASP C 640 -18.41 -18.14 40.50
CA ASP C 640 -17.33 -18.54 41.41
C ASP C 640 -17.13 -20.05 41.28
N CYS C 641 -16.48 -20.44 40.18
CA CYS C 641 -16.25 -21.83 39.84
C CYS C 641 -14.77 -22.14 39.97
N LEU C 642 -14.46 -23.24 40.66
CA LEU C 642 -13.09 -23.70 40.85
C LEU C 642 -12.98 -25.17 40.46
N PRO C 643 -11.82 -25.59 39.98
CA PRO C 643 -11.68 -26.99 39.53
C PRO C 643 -11.79 -27.98 40.68
N ASP C 644 -12.31 -29.16 40.37
CA ASP C 644 -12.45 -30.24 41.33
C ASP C 644 -12.00 -31.54 40.68
N LEU C 645 -11.63 -32.51 41.52
CA LEU C 645 -11.15 -33.79 41.01
C LEU C 645 -12.30 -34.65 40.51
N SER C 646 -13.46 -34.57 41.18
CA SER C 646 -14.62 -35.35 40.74
C SER C 646 -15.18 -34.80 39.43
N VAL C 647 -15.31 -33.48 39.33
CA VAL C 647 -15.82 -32.87 38.10
C VAL C 647 -14.88 -33.15 36.94
N TRP C 648 -13.57 -33.06 37.18
CA TRP C 648 -12.58 -33.35 36.13
C TRP C 648 -12.67 -34.79 35.66
N ALA C 649 -12.84 -35.73 36.61
CA ALA C 649 -12.95 -37.13 36.25
C ALA C 649 -14.23 -37.41 35.47
N ALA C 650 -15.33 -36.76 35.85
CA ALA C 650 -16.57 -36.91 35.10
C ALA C 650 -16.43 -36.34 33.70
N MET C 651 -15.74 -35.20 33.57
CA MET C 651 -15.54 -34.59 32.25
C MET C 651 -14.69 -35.49 31.35
N LEU C 652 -13.63 -36.09 31.91
CA LEU C 652 -12.74 -36.91 31.10
C LEU C 652 -13.39 -38.22 30.66
N ASP C 653 -14.49 -38.61 31.32
CA ASP C 653 -15.14 -39.87 30.97
C ASP C 653 -15.97 -39.72 29.69
N LYS C 654 -16.52 -38.53 29.45
CA LYS C 654 -17.39 -38.32 28.30
C LYS C 654 -16.66 -37.85 27.05
N SER C 655 -15.35 -37.63 27.12
CA SER C 655 -14.63 -37.10 25.97
C SER C 655 -14.37 -38.21 24.96
N PRO C 656 -14.38 -37.90 23.66
CA PRO C 656 -14.12 -38.94 22.65
C PRO C 656 -12.66 -39.34 22.52
N ILE C 657 -11.74 -38.66 23.22
CA ILE C 657 -10.34 -39.03 23.17
C ILE C 657 -10.05 -40.28 23.96
N LYS C 658 -11.00 -40.72 24.79
CA LYS C 658 -10.82 -41.95 25.57
C LYS C 658 -10.72 -43.17 24.66
N TYR C 659 -11.53 -43.19 23.59
CA TYR C 659 -11.57 -44.32 22.66
C TYR C 659 -10.65 -44.13 21.46
N ALA C 660 -9.67 -43.23 21.56
CA ALA C 660 -8.75 -42.98 20.46
C ALA C 660 -7.93 -44.20 20.05
N PRO C 661 -7.37 -45.01 20.96
CA PRO C 661 -6.48 -46.10 20.51
C PRO C 661 -7.15 -47.13 19.63
N GLN C 662 -8.48 -47.24 19.63
CA GLN C 662 -9.16 -48.26 18.85
C GLN C 662 -9.66 -47.75 17.50
N VAL C 663 -9.37 -46.49 17.15
CA VAL C 663 -9.80 -45.95 15.86
C VAL C 663 -8.90 -46.52 14.77
N LYS C 664 -9.53 -47.02 13.69
CA LYS C 664 -8.77 -47.58 12.58
C LYS C 664 -9.32 -47.17 11.22
N THR C 665 -10.16 -46.12 11.15
CA THR C 665 -10.75 -45.69 9.89
C THR C 665 -10.05 -44.43 9.38
N PRO C 666 -10.00 -44.24 8.07
CA PRO C 666 -9.45 -43.00 7.52
C PRO C 666 -10.24 -41.79 7.99
N LEU C 667 -9.53 -40.69 8.25
CA LEU C 667 -10.14 -39.50 8.82
C LEU C 667 -9.61 -38.26 8.12
N LEU C 668 -10.49 -37.28 7.89
CA LEU C 668 -10.12 -36.00 7.34
C LEU C 668 -10.52 -34.90 8.32
N LEU C 669 -9.64 -33.93 8.53
CA LEU C 669 -9.84 -32.88 9.51
C LEU C 669 -9.68 -31.51 8.86
N MET C 670 -10.53 -30.56 9.26
CA MET C 670 -10.57 -29.23 8.64
C MET C 670 -10.66 -28.14 9.71
N LEU C 671 -9.52 -27.70 10.23
CA LEU C 671 -9.45 -26.79 11.37
C LEU C 671 -9.28 -25.33 10.93
N GLY C 672 -9.37 -24.44 11.91
CA GLY C 672 -9.20 -23.01 11.66
C GLY C 672 -8.52 -22.31 12.82
N GLN C 673 -7.55 -21.44 12.49
CA GLN C 673 -6.82 -20.71 13.52
C GLN C 673 -7.73 -19.78 14.32
N GLU C 674 -8.49 -18.93 13.64
CA GLU C 674 -9.19 -17.83 14.30
C GLU C 674 -10.49 -18.26 14.98
N ASP C 675 -10.67 -19.55 15.22
CA ASP C 675 -11.85 -20.01 15.94
C ASP C 675 -11.77 -19.64 17.42
N ARG C 676 -12.87 -19.11 17.94
CA ARG C 676 -12.99 -18.81 19.36
C ARG C 676 -14.05 -19.63 20.07
N ARG C 677 -15.02 -20.19 19.34
CA ARG C 677 -16.02 -21.06 19.97
C ARG C 677 -15.38 -22.37 20.41
N VAL C 678 -14.58 -22.97 19.54
CA VAL C 678 -13.88 -24.22 19.85
C VAL C 678 -12.41 -24.02 19.48
N PRO C 679 -11.49 -24.06 20.44
CA PRO C 679 -10.07 -23.92 20.11
C PRO C 679 -9.60 -25.03 19.18
N PHE C 680 -8.63 -24.70 18.33
CA PHE C 680 -8.16 -25.62 17.31
C PHE C 680 -7.09 -26.58 17.82
N LYS C 681 -6.71 -26.49 19.10
CA LYS C 681 -5.73 -27.42 19.64
C LYS C 681 -6.33 -28.78 19.95
N GLN C 682 -7.67 -28.89 20.01
CA GLN C 682 -8.30 -30.18 20.21
C GLN C 682 -8.08 -31.10 19.02
N GLY C 683 -8.35 -30.59 17.81
CA GLY C 683 -8.11 -31.38 16.62
C GLY C 683 -6.64 -31.73 16.46
N MET C 684 -5.75 -30.83 16.87
CA MET C 684 -4.32 -31.13 16.82
C MET C 684 -3.96 -32.28 17.75
N GLU C 685 -4.53 -32.29 18.96
CA GLU C 685 -4.27 -33.39 19.88
C GLU C 685 -4.79 -34.72 19.32
N TYR C 686 -6.00 -34.71 18.75
CA TYR C 686 -6.53 -35.93 18.15
C TYR C 686 -5.66 -36.38 16.98
N TYR C 687 -5.20 -35.42 16.18
CA TYR C 687 -4.33 -35.74 15.04
C TYR C 687 -3.02 -36.36 15.50
N ARG C 688 -2.41 -35.82 16.56
CA ARG C 688 -1.17 -36.38 17.07
C ARG C 688 -1.39 -37.79 17.61
N VAL C 689 -2.48 -37.99 18.35
CA VAL C 689 -2.76 -39.31 18.92
C VAL C 689 -2.95 -40.34 17.82
N LEU C 690 -3.70 -39.98 16.77
CA LEU C 690 -3.90 -40.91 15.66
C LEU C 690 -2.62 -41.10 14.83
N LYS C 691 -1.81 -40.06 14.70
CA LYS C 691 -0.58 -40.15 13.92
C LYS C 691 0.44 -41.07 14.58
N ALA C 692 0.53 -41.01 15.91
CA ALA C 692 1.46 -41.89 16.61
C ALA C 692 1.08 -43.35 16.46
N ARG C 693 -0.19 -43.63 16.17
CA ARG C 693 -0.69 -45.00 16.01
C ARG C 693 -0.62 -45.50 14.57
N ASN C 694 -0.09 -44.70 13.65
CA ASN C 694 0.03 -45.07 12.24
C ASN C 694 -1.34 -45.38 11.63
N VAL C 695 -2.19 -44.35 11.61
CA VAL C 695 -3.52 -44.43 11.02
C VAL C 695 -3.60 -43.36 9.94
N PRO C 696 -4.08 -43.67 8.73
CA PRO C 696 -4.10 -42.66 7.66
C PRO C 696 -5.04 -41.51 7.99
N VAL C 697 -4.46 -40.32 8.12
CA VAL C 697 -5.21 -39.10 8.42
C VAL C 697 -4.72 -38.00 7.50
N ARG C 698 -5.56 -36.96 7.35
CA ARG C 698 -5.25 -35.80 6.52
C ARG C 698 -5.76 -34.56 7.22
N LEU C 699 -4.89 -33.56 7.35
CA LEU C 699 -5.21 -32.34 8.09
C LEU C 699 -5.14 -31.15 7.15
N LEU C 700 -6.20 -30.35 7.14
CA LEU C 700 -6.24 -29.09 6.39
C LEU C 700 -6.46 -27.96 7.38
N LEU C 701 -5.61 -26.94 7.32
CA LEU C 701 -5.59 -25.87 8.30
C LEU C 701 -5.70 -24.53 7.59
N TYR C 702 -6.70 -23.74 7.98
CA TYR C 702 -6.99 -22.46 7.35
C TYR C 702 -6.50 -21.33 8.24
N PRO C 703 -5.53 -20.53 7.79
CA PRO C 703 -4.91 -19.54 8.69
C PRO C 703 -5.86 -18.50 9.26
N LYS C 704 -6.87 -18.09 8.50
CA LYS C 704 -7.82 -17.05 8.94
C LYS C 704 -9.23 -17.56 8.69
N SER C 705 -9.80 -18.25 9.68
CA SER C 705 -11.15 -18.78 9.56
C SER C 705 -11.81 -18.78 10.92
N THR C 706 -13.11 -18.51 10.94
CA THR C 706 -13.90 -18.45 12.15
C THR C 706 -14.43 -19.87 12.42
N HIS C 707 -15.34 -20.02 13.38
CA HIS C 707 -15.90 -21.34 13.67
C HIS C 707 -16.62 -21.92 12.46
N ALA C 708 -17.40 -21.10 11.77
CA ALA C 708 -18.03 -21.49 10.52
C ALA C 708 -17.16 -21.01 9.36
N LEU C 709 -16.68 -21.95 8.57
CA LEU C 709 -15.79 -21.63 7.44
C LEU C 709 -16.63 -21.01 6.31
N SER C 710 -17.18 -19.84 6.61
CA SER C 710 -18.11 -19.16 5.71
C SER C 710 -17.39 -18.11 4.87
N GLU C 711 -16.47 -18.60 4.04
CA GLU C 711 -15.79 -17.77 3.05
C GLU C 711 -15.75 -18.54 1.74
N VAL C 712 -16.01 -17.84 0.64
CA VAL C 712 -16.14 -18.51 -0.66
C VAL C 712 -14.82 -19.20 -1.03
N GLU C 713 -13.69 -18.58 -0.69
CA GLU C 713 -12.41 -19.17 -1.01
C GLU C 713 -12.18 -20.48 -0.25
N VAL C 714 -12.64 -20.55 1.00
CA VAL C 714 -12.38 -21.72 1.83
C VAL C 714 -13.58 -22.66 1.92
N GLU C 715 -14.79 -22.20 1.62
CA GLU C 715 -15.96 -23.08 1.67
C GLU C 715 -15.94 -24.07 0.52
N SER C 716 -15.56 -23.61 -0.68
CA SER C 716 -15.52 -24.51 -1.83
C SER C 716 -14.37 -25.50 -1.72
N ASP C 717 -13.22 -25.06 -1.18
CA ASP C 717 -12.08 -25.96 -1.04
C ASP C 717 -12.39 -27.12 -0.12
N SER C 718 -13.05 -26.84 1.01
CA SER C 718 -13.37 -27.90 1.96
C SER C 718 -14.38 -28.88 1.37
N PHE C 719 -15.39 -28.37 0.66
CA PHE C 719 -16.37 -29.26 0.05
C PHE C 719 -15.74 -30.13 -1.04
N MET C 720 -14.87 -29.54 -1.86
CA MET C 720 -14.18 -30.33 -2.88
C MET C 720 -13.30 -31.40 -2.25
N ASN C 721 -12.56 -31.04 -1.19
CA ASN C 721 -11.69 -32.01 -0.54
C ASN C 721 -12.51 -33.14 0.08
N ALA C 722 -13.63 -32.81 0.72
CA ALA C 722 -14.48 -33.85 1.30
C ALA C 722 -15.06 -34.77 0.24
N VAL C 723 -15.50 -34.20 -0.88
CA VAL C 723 -16.07 -35.02 -1.96
C VAL C 723 -15.01 -35.95 -2.52
N LEU C 724 -13.80 -35.43 -2.77
CA LEU C 724 -12.74 -36.27 -3.31
C LEU C 724 -12.33 -37.35 -2.33
N TRP C 725 -12.28 -37.02 -1.04
CA TRP C 725 -11.95 -38.01 -0.01
C TRP C 725 -12.99 -39.13 0.01
N LEU C 726 -14.26 -38.77 0.01
CA LEU C 726 -15.32 -39.78 0.05
C LEU C 726 -15.32 -40.64 -1.20
N CYS C 727 -15.07 -40.03 -2.37
CA CYS C 727 -15.02 -40.81 -3.60
C CYS C 727 -13.81 -41.75 -3.60
N THR C 728 -12.67 -41.30 -3.07
CA THR C 728 -11.47 -42.12 -3.07
C THR C 728 -11.62 -43.31 -2.13
N HIS C 729 -12.08 -43.07 -0.90
CA HIS C 729 -12.10 -44.13 0.10
C HIS C 729 -13.36 -44.99 0.04
N LEU C 730 -14.33 -44.63 -0.79
CA LEU C 730 -15.55 -45.44 -0.95
C LEU C 730 -15.78 -45.89 -2.38
N GLY C 731 -15.63 -44.99 -3.35
CA GLY C 731 -15.95 -45.27 -4.73
C GLY C 731 -17.35 -44.78 -5.08
N SER C 732 -17.49 -44.38 -6.34
CA SER C 732 -18.76 -43.81 -6.81
C SER C 732 -19.67 -44.90 -7.39
N GLU D 9 7.34 10.88 40.11
CA GLU D 9 6.69 11.48 38.95
C GLU D 9 7.04 10.70 37.68
N PRO D 10 6.05 10.54 36.79
CA PRO D 10 6.32 9.84 35.52
C PRO D 10 7.42 10.48 34.69
N GLU D 11 7.55 11.80 34.72
CA GLU D 11 8.57 12.46 33.91
C GLU D 11 9.97 12.09 34.38
N GLU D 12 10.20 12.06 35.70
CA GLU D 12 11.50 11.69 36.21
C GLU D 12 11.86 10.25 35.85
N ALA D 13 10.90 9.34 35.99
CA ALA D 13 11.15 7.94 35.63
C ALA D 13 11.43 7.79 34.14
N ALA D 14 10.68 8.52 33.30
CA ALA D 14 10.92 8.46 31.86
C ALA D 14 12.31 8.99 31.51
N ALA D 15 12.71 10.10 32.14
CA ALA D 15 14.04 10.65 31.89
C ALA D 15 15.13 9.68 32.33
N LEU D 16 14.96 9.05 33.50
CA LEU D 16 15.96 8.12 33.99
C LEU D 16 16.05 6.89 33.08
N TYR D 17 14.91 6.40 32.60
CA TYR D 17 14.93 5.27 31.67
C TYR D 17 15.59 5.65 30.36
N ARG D 18 15.32 6.86 29.87
CA ARG D 18 15.98 7.32 28.64
C ARG D 18 17.49 7.42 28.83
N GLY D 19 17.92 7.86 30.01
CA GLY D 19 19.35 7.93 30.28
C GLY D 19 20.01 6.56 30.38
N LEU D 20 19.33 5.60 31.02
CA LEU D 20 19.95 4.30 31.23
C LEU D 20 19.96 3.43 29.99
N SER D 21 18.98 3.58 29.11
CA SER D 21 18.88 2.76 27.90
C SER D 21 19.79 3.25 26.78
N ARG D 22 20.73 4.15 27.09
CA ARG D 22 21.64 4.70 26.10
C ARG D 22 22.98 3.96 26.06
N GLN D 23 23.09 2.85 26.78
CA GLN D 23 24.33 2.09 26.83
C GLN D 23 24.34 1.05 25.72
N PRO D 24 25.29 1.08 24.79
CA PRO D 24 25.33 0.06 23.74
C PRO D 24 25.71 -1.30 24.28
N ALA D 25 25.33 -2.34 23.54
CA ALA D 25 25.60 -3.72 23.90
C ALA D 25 26.43 -4.38 22.80
N LEU D 26 27.42 -5.16 23.19
CA LEU D 26 28.34 -5.78 22.25
C LEU D 26 27.78 -7.12 21.78
N SER D 27 27.82 -7.34 20.46
CA SER D 27 27.24 -8.53 19.84
C SER D 27 28.29 -9.52 19.37
N ALA D 28 29.24 -9.08 18.55
CA ALA D 28 30.23 -9.98 17.99
C ALA D 28 31.52 -9.23 17.72
N ALA D 29 32.61 -9.97 17.59
CA ALA D 29 33.92 -9.39 17.29
C ALA D 29 34.73 -10.39 16.49
N CYS D 30 35.58 -9.87 15.61
CA CYS D 30 36.43 -10.70 14.78
C CYS D 30 37.76 -10.00 14.57
N LEU D 31 38.76 -10.80 14.20
CA LEU D 31 40.13 -10.31 13.99
C LEU D 31 40.48 -10.36 12.51
N GLY D 32 41.14 -9.32 12.03
CA GLY D 32 41.50 -9.21 10.63
C GLY D 32 42.86 -9.78 10.31
N PRO D 33 43.27 -9.65 9.05
CA PRO D 33 44.59 -10.18 8.65
C PRO D 33 45.72 -9.35 9.22
N GLU D 34 46.89 -9.98 9.32
CA GLU D 34 48.05 -9.34 9.90
C GLU D 34 48.83 -8.56 8.86
N VAL D 35 49.28 -7.36 9.23
CA VAL D 35 50.02 -6.47 8.34
C VAL D 35 51.34 -6.12 9.02
N THR D 36 52.43 -6.25 8.27
CA THR D 36 53.77 -5.93 8.77
C THR D 36 54.32 -4.70 8.05
N THR D 37 55.11 -3.92 8.78
CA THR D 37 55.72 -2.72 8.26
C THR D 37 57.24 -2.87 8.21
N GLN D 38 57.90 -1.91 7.59
CA GLN D 38 59.35 -1.92 7.46
C GLN D 38 60.02 -1.65 8.80
N GLY D 40 60.16 -2.60 11.90
CA GLY D 40 59.60 -3.91 11.63
C GLY D 40 58.43 -4.26 12.53
N GLY D 41 57.62 -3.25 12.86
CA GLY D 41 56.47 -3.48 13.71
C GLY D 41 55.34 -4.20 13.00
N ARG D 42 54.44 -4.77 13.80
CA ARG D 42 53.29 -5.49 13.29
C ARG D 42 52.03 -4.99 13.99
N TYR D 43 50.90 -5.13 13.31
CA TYR D 43 49.62 -4.68 13.84
C TYR D 43 48.50 -5.44 13.15
N ARG D 44 47.31 -5.35 13.73
CA ARG D 44 46.13 -5.93 13.11
C ARG D 44 44.90 -5.15 13.55
N THR D 45 43.77 -5.48 12.96
CA THR D 45 42.52 -4.77 13.19
C THR D 45 41.48 -5.70 13.81
N VAL D 46 40.62 -5.12 14.64
CA VAL D 46 39.53 -5.83 15.30
C VAL D 46 38.24 -5.17 14.87
N HIS D 47 37.31 -5.96 14.34
CA HIS D 47 36.02 -5.47 13.88
C HIS D 47 34.95 -5.92 14.87
N THR D 48 34.24 -4.96 15.45
CA THR D 48 33.23 -5.25 16.47
C THR D 48 31.87 -4.72 16.03
N GLU D 49 30.84 -5.45 16.41
CA GLU D 49 29.45 -5.12 16.08
C GLU D 49 28.71 -4.78 17.37
N TRP D 50 28.07 -3.61 17.39
CA TRP D 50 27.32 -3.16 18.55
C TRP D 50 25.86 -2.93 18.17
N THR D 51 25.00 -2.95 19.18
CA THR D 51 23.57 -2.69 19.02
C THR D 51 23.10 -1.77 20.13
N GLN D 52 22.02 -1.04 19.86
CA GLN D 52 21.53 -0.04 20.81
C GLN D 52 20.04 0.17 20.59
N ARG D 53 19.37 0.66 21.63
CA ARG D 53 17.96 0.97 21.58
C ARG D 53 17.76 2.45 21.26
N ASP D 54 16.92 2.74 20.27
CA ASP D 54 16.61 4.11 19.89
C ASP D 54 15.12 4.34 20.08
N LEU D 55 14.78 5.25 20.99
CA LEU D 55 13.38 5.48 21.35
C LEU D 55 12.70 6.46 20.42
N GLU D 56 13.47 7.28 19.70
CA GLU D 56 12.89 8.20 18.75
C GLU D 56 12.25 7.47 17.58
N ARG D 57 12.98 6.51 17.01
CA ARG D 57 12.44 5.65 15.95
C ARG D 57 11.82 4.38 16.50
N MET D 58 11.97 4.11 17.81
CA MET D 58 11.47 2.90 18.44
C MET D 58 11.99 1.65 17.74
N GLU D 59 13.31 1.52 17.71
CA GLU D 59 13.93 0.39 17.01
C GLU D 59 15.31 0.10 17.57
N ASN D 60 15.79 -1.10 17.28
CA ASN D 60 17.14 -1.50 17.64
C ASN D 60 18.07 -1.20 16.45
N ILE D 61 19.07 -0.37 16.68
CA ILE D 61 20.03 0.01 15.65
C ILE D 61 21.29 -0.81 15.83
N ARG D 62 21.94 -1.16 14.72
CA ARG D 62 23.16 -1.95 14.72
C ARG D 62 24.24 -1.17 13.97
N PHE D 63 25.44 -1.12 14.55
CA PHE D 63 26.53 -0.42 13.90
C PHE D 63 27.83 -1.18 14.09
N CYS D 64 28.81 -0.81 13.28
CA CYS D 64 30.14 -1.41 13.25
C CYS D 64 31.18 -0.41 13.71
N ARG D 65 32.19 -0.92 14.41
CA ARG D 65 33.34 -0.11 14.81
C ARG D 65 34.59 -0.96 14.66
N GLN D 66 35.73 -0.29 14.50
CA GLN D 66 37.00 -0.98 14.26
C GLN D 66 38.08 -0.40 15.15
N TYR D 67 38.93 -1.28 15.67
CA TYR D 67 40.04 -0.91 16.53
C TYR D 67 41.34 -1.47 15.96
N LEU D 68 42.45 -0.95 16.48
CA LEU D 68 43.78 -1.21 15.93
C LEU D 68 44.69 -1.63 17.06
N VAL D 69 45.40 -2.74 16.87
CA VAL D 69 46.24 -3.34 17.90
C VAL D 69 47.67 -3.47 17.36
N PHE D 70 48.62 -2.87 18.06
CA PHE D 70 50.04 -3.00 17.78
C PHE D 70 50.64 -3.91 18.84
N HIS D 71 51.23 -5.03 18.41
CA HIS D 71 51.81 -6.00 19.31
C HIS D 71 53.21 -6.37 18.85
N ASP D 72 54.04 -6.78 19.80
CA ASP D 72 55.40 -7.24 19.53
C ASP D 72 55.47 -8.72 19.21
N GLY D 73 54.36 -9.44 19.29
CA GLY D 73 54.35 -10.86 19.03
C GLY D 73 53.87 -11.68 20.21
N ASP D 74 54.25 -11.26 21.42
CA ASP D 74 53.84 -11.92 22.65
C ASP D 74 53.15 -10.99 23.63
N SER D 75 53.24 -9.68 23.43
CA SER D 75 52.60 -8.71 24.31
C SER D 75 51.98 -7.61 23.44
N VAL D 76 50.96 -6.96 23.99
CA VAL D 76 50.29 -5.87 23.29
C VAL D 76 50.96 -4.56 23.66
N VAL D 77 51.44 -3.84 22.64
CA VAL D 77 52.15 -2.59 22.85
C VAL D 77 51.22 -1.40 22.86
N PHE D 78 50.26 -1.36 21.92
CA PHE D 78 49.36 -0.22 21.81
C PHE D 78 48.02 -0.72 21.27
N ALA D 79 46.97 0.04 21.58
CA ALA D 79 45.63 -0.29 21.12
C ALA D 79 44.78 0.98 21.10
N GLY D 80 44.07 1.20 20.00
CA GLY D 80 43.27 2.41 19.88
C GLY D 80 42.24 2.37 18.77
N PRO D 81 41.28 3.30 18.82
CA PRO D 81 40.26 3.34 17.77
C PRO D 81 40.84 3.76 16.43
N ALA D 82 40.18 3.30 15.37
CA ALA D 82 40.63 3.53 14.00
C ALA D 82 39.48 3.96 13.11
N GLY D 83 38.66 4.88 13.60
CA GLY D 83 37.60 5.44 12.79
C GLY D 83 36.39 5.78 13.66
N ASN D 84 35.24 5.87 13.00
CA ASN D 84 33.97 6.18 13.64
C ASN D 84 33.03 4.98 13.53
N SER D 85 31.88 5.10 14.18
CA SER D 85 30.88 4.05 14.17
C SER D 85 29.97 4.23 12.96
N VAL D 86 29.75 3.15 12.21
CA VAL D 86 28.97 3.21 10.96
C VAL D 86 27.74 2.34 11.14
N GLU D 87 26.56 2.94 10.96
CA GLU D 87 25.31 2.23 11.14
C GLU D 87 24.96 1.40 9.92
N THR D 88 24.56 0.16 10.14
CA THR D 88 24.21 -0.76 9.06
C THR D 88 22.74 -1.16 9.17
N ARG D 89 22.19 -1.64 8.06
CA ARG D 89 20.79 -2.06 8.02
C ARG D 89 20.60 -3.08 6.90
N GLY D 90 20.05 -4.24 7.25
CA GLY D 90 19.68 -5.25 6.28
C GLY D 90 20.49 -6.52 6.37
N GLU D 91 21.67 -6.49 6.98
CA GLU D 91 22.53 -7.67 7.04
C GLU D 91 21.95 -8.71 7.98
N LEU D 92 21.87 -9.95 7.52
CA LEU D 92 21.43 -11.07 8.33
C LEU D 92 22.58 -11.97 8.75
N LEU D 93 23.44 -12.34 7.81
CA LEU D 93 24.62 -13.15 8.09
C LEU D 93 25.84 -12.50 7.47
N SER D 94 27.01 -12.78 8.04
CA SER D 94 28.26 -12.25 7.53
C SER D 94 29.39 -13.18 7.94
N ARG D 95 30.36 -13.36 7.05
CA ARG D 95 31.49 -14.25 7.33
C ARG D 95 32.67 -13.82 6.48
N GLU D 96 33.82 -13.64 7.13
CA GLU D 96 35.04 -13.26 6.44
C GLU D 96 35.80 -14.51 5.99
N SER D 97 36.57 -14.34 4.93
CA SER D 97 37.34 -15.45 4.39
C SER D 97 38.42 -15.88 5.39
N PRO D 98 38.81 -17.16 5.36
CA PRO D 98 39.90 -17.60 6.26
C PRO D 98 41.19 -16.82 6.07
N SER D 99 41.50 -16.41 4.84
CA SER D 99 42.67 -15.57 4.60
C SER D 99 42.39 -14.09 4.82
N GLY D 100 41.13 -13.69 4.94
CA GLY D 100 40.79 -12.31 5.19
C GLY D 100 40.69 -11.43 3.96
N THR D 101 40.67 -12.01 2.76
CA THR D 101 40.62 -11.22 1.53
C THR D 101 39.19 -10.82 1.16
N MET D 102 38.33 -11.79 0.93
CA MET D 102 36.95 -11.54 0.57
C MET D 102 36.05 -11.56 1.80
N LYS D 103 34.84 -11.03 1.65
CA LYS D 103 33.82 -11.14 2.68
C LYS D 103 32.48 -11.47 2.04
N ALA D 104 31.76 -12.41 2.65
CA ALA D 104 30.46 -12.85 2.17
C ALA D 104 29.38 -12.32 3.10
N VAL D 105 28.42 -11.59 2.53
CA VAL D 105 27.33 -11.00 3.28
C VAL D 105 26.01 -11.50 2.69
N LEU D 106 24.98 -11.59 3.53
CA LEU D 106 23.63 -11.89 3.08
C LEU D 106 22.72 -10.82 3.62
N ARG D 107 21.91 -10.22 2.75
CA ARG D 107 21.07 -9.13 3.19
C ARG D 107 19.73 -9.15 2.46
N LYS D 108 18.71 -8.61 3.11
CA LYS D 108 17.38 -8.53 2.54
C LYS D 108 17.09 -7.10 2.08
N ALA D 109 16.47 -6.97 0.92
CA ALA D 109 16.16 -5.67 0.35
C ALA D 109 14.96 -5.75 -0.58
N GLU D 116 7.35 -6.22 -1.95
CA GLU D 116 7.94 -7.45 -1.42
C GLU D 116 9.44 -7.28 -1.18
N GLU D 117 10.00 -8.19 -0.39
CA GLU D 117 11.42 -8.17 -0.07
C GLU D 117 12.09 -9.42 -0.62
N LYS D 118 13.36 -9.28 -0.98
CA LYS D 118 14.15 -10.36 -1.53
C LYS D 118 15.48 -10.45 -0.81
N GLN D 119 16.14 -11.59 -0.93
CA GLN D 119 17.41 -11.85 -0.27
C GLN D 119 18.52 -11.94 -1.31
N PHE D 120 19.64 -11.27 -1.02
CA PHE D 120 20.79 -11.22 -1.91
C PHE D 120 22.03 -11.68 -1.16
N LEU D 121 22.89 -12.42 -1.86
CA LEU D 121 24.17 -12.86 -1.33
C LEU D 121 25.27 -12.10 -2.07
N GLU D 122 26.12 -11.41 -1.31
CA GLU D 122 27.11 -10.50 -1.87
C GLU D 122 28.51 -10.95 -1.48
N VAL D 123 29.44 -10.83 -2.43
CA VAL D 123 30.85 -11.17 -2.21
C VAL D 123 31.66 -9.92 -2.49
N TRP D 124 32.39 -9.45 -1.47
CA TRP D 124 33.17 -8.22 -1.51
C TRP D 124 34.67 -8.54 -1.52
N GLU D 125 35.41 -7.73 -2.26
CA GLU D 125 36.87 -7.75 -2.29
C GLU D 125 37.37 -6.32 -2.20
N LYS D 126 38.13 -6.01 -1.15
CA LYS D 126 38.70 -4.68 -0.96
C LYS D 126 37.63 -3.60 -1.01
N ASN D 127 37.76 -2.67 -1.94
CA ASN D 127 36.89 -1.50 -2.02
C ASN D 127 35.79 -1.64 -3.07
N ARG D 128 35.44 -2.87 -3.44
CA ARG D 128 34.41 -3.08 -4.46
CA ARG D 128 34.40 -3.07 -4.44
C ARG D 128 33.68 -4.39 -4.18
N LYS D 129 32.47 -4.48 -4.73
CA LYS D 129 31.64 -5.68 -4.61
C LYS D 129 31.88 -6.56 -5.83
N LEU D 130 32.57 -7.69 -5.64
CA LEU D 130 32.84 -8.57 -6.76
C LEU D 130 31.55 -9.16 -7.32
N LYS D 131 30.72 -9.75 -6.47
CA LYS D 131 29.60 -10.52 -6.98
C LYS D 131 28.34 -10.28 -6.14
N SER D 132 27.19 -10.50 -6.77
CA SER D 132 25.90 -10.43 -6.11
C SER D 132 24.96 -11.42 -6.78
N PHE D 133 24.30 -12.25 -5.96
CA PHE D 133 23.38 -13.26 -6.44
C PHE D 133 22.01 -13.05 -5.81
N ASN D 134 20.96 -13.13 -6.63
CA ASN D 134 19.57 -12.99 -6.20
C ASN D 134 19.03 -14.39 -5.97
N LEU D 135 19.02 -14.82 -4.70
CA LEU D 135 18.64 -16.19 -4.39
C LEU D 135 17.17 -16.47 -4.67
N SER D 136 16.32 -15.44 -4.60
CA SER D 136 14.90 -15.64 -4.88
C SER D 136 14.66 -16.01 -6.33
N ALA D 137 15.41 -15.42 -7.26
CA ALA D 137 15.12 -15.60 -8.68
C ALA D 137 15.56 -16.97 -9.17
N LEU D 138 16.62 -17.54 -8.60
CA LEU D 138 17.09 -18.85 -9.06
C LEU D 138 16.07 -19.95 -8.80
N GLU D 139 15.21 -19.77 -7.79
CA GLU D 139 14.12 -20.70 -7.48
C GLU D 139 14.65 -22.11 -7.24
N LYS D 140 15.62 -22.22 -6.34
CA LYS D 140 16.18 -23.51 -5.96
C LYS D 140 15.82 -23.94 -4.55
N HIS D 141 15.45 -23.00 -3.69
CA HIS D 141 15.08 -23.29 -2.30
C HIS D 141 14.22 -22.15 -1.80
N GLY D 142 13.99 -22.13 -0.49
CA GLY D 142 13.19 -21.11 0.14
C GLY D 142 14.04 -20.07 0.84
N PRO D 143 13.47 -19.43 1.87
CA PRO D 143 14.24 -18.43 2.63
C PRO D 143 15.41 -19.06 3.37
N VAL D 144 16.42 -18.24 3.61
CA VAL D 144 17.65 -18.70 4.27
C VAL D 144 17.49 -18.57 5.78
N TYR D 145 18.01 -19.57 6.50
CA TYR D 145 17.93 -19.59 7.96
C TYR D 145 19.01 -18.68 8.54
N GLU D 146 18.58 -17.69 9.33
CA GLU D 146 19.51 -16.76 9.98
C GLU D 146 19.60 -16.97 11.48
N ASP D 147 18.92 -17.98 12.03
CA ASP D 147 18.94 -18.21 13.47
C ASP D 147 20.24 -18.88 13.89
N ASP D 148 20.44 -18.94 15.21
CA ASP D 148 21.65 -19.57 15.75
C ASP D 148 21.57 -21.09 15.77
N CYS D 149 20.34 -21.64 15.84
CA CYS D 149 20.20 -23.09 15.96
C CYS D 149 20.66 -23.80 14.69
N PHE D 150 20.17 -23.37 13.53
CA PHE D 150 20.50 -24.00 12.27
C PHE D 150 21.38 -23.16 11.36
N GLY D 151 21.28 -21.83 11.43
CA GLY D 151 21.94 -21.00 10.46
C GLY D 151 23.46 -21.07 10.56
N CYS D 152 24.10 -20.89 9.41
CA CYS D 152 25.56 -20.89 9.31
C CYS D 152 25.96 -20.34 7.96
N LEU D 153 27.25 -20.03 7.82
CA LEU D 153 27.80 -19.56 6.56
C LEU D 153 29.29 -19.87 6.59
N SER D 154 29.71 -20.85 5.79
CA SER D 154 31.06 -21.39 5.86
C SER D 154 31.76 -21.26 4.52
N TRP D 155 33.02 -20.82 4.55
CA TRP D 155 33.85 -20.79 3.37
C TRP D 155 34.59 -22.10 3.19
N SER D 156 34.75 -22.51 1.93
CA SER D 156 35.61 -23.64 1.64
C SER D 156 37.07 -23.27 1.89
N HIS D 157 37.89 -24.30 2.10
CA HIS D 157 39.31 -24.05 2.35
CA HIS D 157 39.31 -24.05 2.34
C HIS D 157 39.99 -23.45 1.12
N SER D 158 39.60 -23.90 -0.08
CA SER D 158 40.09 -23.31 -1.31
C SER D 158 39.50 -21.93 -1.55
N GLU D 159 38.50 -21.52 -0.77
CA GLU D 159 37.84 -20.23 -0.91
C GLU D 159 37.21 -20.06 -2.29
N THR D 160 36.59 -21.14 -2.78
CA THR D 160 35.89 -21.12 -4.06
C THR D 160 34.43 -21.52 -3.96
N HIS D 161 33.97 -22.01 -2.80
CA HIS D 161 32.59 -22.44 -2.61
C HIS D 161 32.05 -21.87 -1.31
N LEU D 162 30.73 -21.78 -1.23
CA LEU D 162 30.05 -21.32 -0.02
C LEU D 162 28.99 -22.34 0.37
N LEU D 163 28.77 -22.48 1.68
CA LEU D 163 27.82 -23.45 2.21
C LEU D 163 26.87 -22.75 3.17
N TYR D 164 25.57 -23.01 3.03
CA TYR D 164 24.59 -22.45 3.93
C TYR D 164 23.41 -23.40 4.06
N VAL D 165 22.41 -23.00 4.85
CA VAL D 165 21.23 -23.80 5.13
C VAL D 165 20.00 -22.99 4.73
N ALA D 166 19.11 -23.61 3.96
CA ALA D 166 17.95 -22.91 3.43
C ALA D 166 16.71 -23.78 3.54
N ASP D 167 15.55 -23.12 3.57
CA ASP D 167 14.29 -23.85 3.67
C ASP D 167 14.05 -24.67 2.40
N LYS D 168 13.47 -25.85 2.57
CA LYS D 168 13.20 -26.72 1.45
C LYS D 168 12.03 -26.20 0.62
N LYS D 169 12.11 -26.43 -0.69
CA LYS D 169 11.10 -25.93 -1.61
C LYS D 169 9.90 -26.86 -1.64
N ARG D 170 8.70 -26.28 -1.68
CA ARG D 170 7.45 -27.02 -1.70
C ARG D 170 6.80 -26.94 -3.07
N PRO D 171 6.08 -27.99 -3.48
CA PRO D 171 5.44 -27.97 -4.80
C PRO D 171 4.40 -26.87 -4.90
N LYS D 172 4.20 -26.38 -6.12
CA LYS D 172 3.23 -25.34 -6.36
C LYS D 172 1.81 -25.86 -6.13
N ALA D 173 0.93 -24.96 -5.71
CA ALA D 173 -0.44 -25.32 -5.37
C ALA D 173 -1.43 -24.46 -6.17
N GLU D 174 -2.64 -24.98 -6.33
CA GLU D 174 -3.64 -24.33 -7.16
C GLU D 174 -5.02 -24.69 -6.63
N SER D 175 -6.00 -23.82 -6.89
CA SER D 175 -7.37 -24.10 -6.53
C SER D 175 -8.08 -24.84 -7.65
N PHE D 176 -9.21 -25.48 -7.29
CA PHE D 176 -9.96 -26.25 -8.28
C PHE D 176 -10.57 -25.33 -9.34
N PHE D 177 -11.07 -24.17 -8.94
CA PHE D 177 -11.74 -23.23 -9.85
C PHE D 177 -10.73 -22.14 -10.21
N GLN D 178 -9.86 -22.45 -11.16
CA GLN D 178 -8.86 -21.49 -11.64
C GLN D 178 -8.97 -21.38 -13.14
N THR D 179 -8.95 -20.14 -13.63
CA THR D 179 -9.05 -19.85 -15.05
C THR D 179 -7.66 -19.70 -15.66
N LYS D 180 -7.50 -20.22 -16.87
CA LYS D 180 -6.21 -20.24 -17.56
C LYS D 180 -6.35 -19.60 -18.93
N ALA D 181 -5.24 -19.02 -19.40
CA ALA D 181 -5.22 -18.38 -20.70
C ALA D 181 -5.44 -19.40 -21.81
N LEU D 182 -6.23 -19.01 -22.81
CA LEU D 182 -6.54 -19.89 -23.93
C LEU D 182 -5.33 -20.04 -24.86
N GLN D 199 1.89 -27.54 -13.78
CA GLN D 199 2.30 -28.69 -12.98
C GLN D 199 2.05 -28.43 -11.50
N ALA D 200 0.94 -27.77 -11.20
CA ALA D 200 0.55 -27.44 -9.83
C ALA D 200 -0.60 -28.33 -9.40
N ILE D 201 -0.48 -28.94 -8.23
CA ILE D 201 -1.53 -29.81 -7.72
C ILE D 201 -2.71 -28.98 -7.24
N LYS D 202 -3.92 -29.39 -7.61
CA LYS D 202 -5.13 -28.67 -7.25
C LYS D 202 -5.68 -29.17 -5.93
N GLY D 203 -5.88 -28.26 -4.99
CA GLY D 203 -6.49 -28.59 -3.72
C GLY D 203 -5.54 -28.84 -2.57
N ASP D 204 -4.25 -28.57 -2.72
CA ASP D 204 -3.27 -28.79 -1.67
C ASP D 204 -2.59 -27.49 -1.24
N GLN D 205 -3.32 -26.38 -1.30
CA GLN D 205 -2.76 -25.10 -0.86
C GLN D 205 -3.01 -24.80 0.61
N PHE D 206 -3.72 -25.68 1.33
CA PHE D 206 -4.03 -25.48 2.73
C PHE D 206 -3.59 -26.66 3.59
N LEU D 207 -2.58 -27.40 3.13
CA LEU D 207 -2.04 -28.48 3.93
C LEU D 207 -1.32 -27.93 5.16
N PHE D 208 -1.07 -28.83 6.11
CA PHE D 208 -0.43 -28.45 7.38
C PHE D 208 1.03 -28.87 7.34
N TYR D 209 1.92 -27.90 7.54
CA TYR D 209 3.35 -28.15 7.67
C TYR D 209 3.78 -27.76 9.08
N GLU D 210 4.43 -28.68 9.78
CA GLU D 210 4.75 -28.50 11.19
C GLU D 210 6.05 -27.71 11.32
N ASP D 211 6.01 -26.64 12.10
CA ASP D 211 7.19 -25.84 12.39
C ASP D 211 7.88 -26.35 13.66
N TRP D 212 9.01 -25.73 14.00
CA TRP D 212 9.82 -26.25 15.09
C TRP D 212 9.40 -25.70 16.44
N GLY D 213 8.62 -24.63 16.46
CA GLY D 213 8.07 -24.18 17.73
C GLY D 213 8.15 -22.66 17.85
N GLU D 214 8.40 -22.22 19.09
CA GLU D 214 8.43 -20.80 19.39
C GLU D 214 9.62 -20.13 18.71
N ASN D 215 9.37 -18.96 18.13
CA ASN D 215 10.35 -18.15 17.41
C ASN D 215 10.90 -18.85 16.17
N MET D 216 10.26 -19.92 15.71
CA MET D 216 10.67 -20.68 14.54
C MET D 216 9.47 -20.94 13.64
N VAL D 217 8.69 -19.90 13.38
CA VAL D 217 7.48 -20.04 12.58
C VAL D 217 7.85 -20.29 11.13
N SER D 218 7.18 -21.28 10.51
CA SER D 218 7.36 -21.62 9.09
C SER D 218 8.81 -22.02 8.80
N LYS D 219 9.35 -22.90 9.64
CA LYS D 219 10.70 -23.42 9.52
C LYS D 219 10.69 -24.94 9.59
N SER D 220 9.83 -25.56 8.77
CA SER D 220 9.54 -26.98 8.88
C SER D 220 10.79 -27.84 8.71
N THR D 221 11.40 -27.81 7.52
CA THR D 221 12.53 -28.68 7.23
C THR D 221 13.60 -27.95 6.42
N PRO D 222 14.84 -27.91 6.91
CA PRO D 222 15.92 -27.26 6.17
C PRO D 222 16.73 -28.22 5.30
N VAL D 223 17.52 -27.66 4.38
CA VAL D 223 18.43 -28.42 3.53
C VAL D 223 19.74 -27.65 3.43
N LEU D 224 20.78 -28.36 3.01
CA LEU D 224 22.12 -27.80 2.85
C LEU D 224 22.35 -27.41 1.41
N CYS D 225 22.80 -26.18 1.18
CA CYS D 225 23.01 -25.65 -0.15
C CYS D 225 24.47 -25.21 -0.31
N VAL D 226 25.04 -25.51 -1.48
CA VAL D 226 26.40 -25.13 -1.83
C VAL D 226 26.35 -24.26 -3.07
N LEU D 227 27.01 -23.11 -3.00
CA LEU D 227 27.06 -22.15 -4.11
C LEU D 227 28.49 -22.05 -4.62
N ASP D 228 28.63 -22.03 -5.94
CA ASP D 228 29.93 -21.90 -6.59
C ASP D 228 30.10 -20.44 -7.01
N ILE D 229 31.11 -19.78 -6.45
CA ILE D 229 31.29 -18.35 -6.67
C ILE D 229 31.68 -18.07 -8.11
N GLU D 230 32.50 -18.93 -8.71
CA GLU D 230 33.02 -18.67 -10.05
C GLU D 230 31.89 -18.63 -11.09
N SER D 231 31.02 -19.63 -11.08
CA SER D 231 29.98 -19.75 -12.10
C SER D 231 28.61 -19.33 -11.63
N GLY D 232 28.31 -19.44 -10.34
CA GLY D 232 27.01 -19.06 -9.83
C GLY D 232 26.01 -20.18 -9.69
N ASN D 233 26.44 -21.43 -9.85
CA ASN D 233 25.52 -22.55 -9.73
C ASN D 233 25.19 -22.84 -8.28
N ILE D 234 23.99 -23.36 -8.04
CA ILE D 234 23.55 -23.76 -6.71
C ILE D 234 23.10 -25.22 -6.78
N SER D 235 23.61 -26.05 -5.87
CA SER D 235 23.28 -27.46 -5.85
C SER D 235 22.91 -27.87 -4.43
N VAL D 236 21.80 -28.58 -4.29
CA VAL D 236 21.34 -29.09 -3.00
C VAL D 236 21.87 -30.50 -2.83
N LEU D 237 22.54 -30.74 -1.70
CA LEU D 237 23.18 -32.03 -1.46
C LEU D 237 22.16 -33.14 -1.30
N GLU D 238 22.55 -34.35 -1.71
CA GLU D 238 21.76 -35.55 -1.54
C GLU D 238 22.53 -36.55 -0.70
N GLY D 239 21.83 -37.22 0.20
CA GLY D 239 22.44 -38.16 1.14
C GLY D 239 22.07 -37.91 2.59
N VAL D 240 21.41 -36.79 2.88
CA VAL D 240 20.92 -36.54 4.25
C VAL D 240 19.77 -37.49 4.53
N PRO D 241 19.72 -38.12 5.70
CA PRO D 241 18.58 -39.01 6.00
C PRO D 241 17.27 -38.27 5.94
N GLU D 242 16.22 -38.98 5.52
CA GLU D 242 14.92 -38.36 5.31
C GLU D 242 14.20 -38.05 6.61
N SER D 243 14.69 -38.54 7.74
CA SER D 243 14.04 -38.32 9.02
C SER D 243 14.79 -37.35 9.93
N VAL D 244 15.77 -36.63 9.40
CA VAL D 244 16.56 -35.69 10.20
C VAL D 244 16.57 -34.33 9.53
N SER D 245 16.89 -33.32 10.34
CA SER D 245 17.08 -31.95 9.89
C SER D 245 18.54 -31.56 10.10
N PRO D 246 19.24 -31.09 9.07
CA PRO D 246 20.65 -30.73 9.21
C PRO D 246 20.86 -29.29 9.65
N GLY D 247 21.99 -29.06 10.30
CA GLY D 247 22.36 -27.72 10.73
C GLY D 247 23.77 -27.70 11.27
N GLN D 248 24.30 -26.49 11.40
CA GLN D 248 25.64 -26.26 11.93
C GLN D 248 26.69 -27.05 11.14
N ALA D 249 26.60 -26.95 9.82
CA ALA D 249 27.47 -27.70 8.92
C ALA D 249 28.74 -26.93 8.62
N PHE D 250 29.85 -27.65 8.49
CA PHE D 250 31.13 -27.05 8.12
C PHE D 250 31.88 -28.01 7.20
N TRP D 251 32.81 -27.47 6.43
CA TRP D 251 33.53 -28.26 5.46
C TRP D 251 34.52 -29.21 6.12
N ALA D 252 34.58 -30.44 5.62
CA ALA D 252 35.53 -31.41 6.11
C ALA D 252 36.93 -31.07 5.63
N PRO D 253 37.96 -31.55 6.32
CA PRO D 253 39.34 -31.30 5.84
C PRO D 253 39.55 -31.86 4.45
N GLY D 254 40.24 -31.07 3.62
CA GLY D 254 40.46 -31.43 2.24
C GLY D 254 39.30 -31.10 1.31
N ASP D 255 38.23 -30.50 1.82
CA ASP D 255 37.05 -30.16 1.02
C ASP D 255 36.47 -31.39 0.34
N THR D 256 36.50 -32.53 1.03
CA THR D 256 35.98 -33.78 0.49
C THR D 256 34.51 -34.02 0.85
N GLY D 257 33.96 -33.24 1.77
CA GLY D 257 32.59 -33.47 2.18
C GLY D 257 32.12 -32.42 3.15
N VAL D 258 31.00 -32.72 3.80
CA VAL D 258 30.36 -31.82 4.76
C VAL D 258 30.06 -32.59 6.02
N VAL D 259 30.42 -32.04 7.17
CA VAL D 259 30.13 -32.61 8.48
C VAL D 259 29.07 -31.74 9.14
N PHE D 260 27.96 -32.34 9.55
CA PHE D 260 26.83 -31.58 10.07
C PHE D 260 26.23 -32.31 11.26
N VAL D 261 25.28 -31.64 11.92
CA VAL D 261 24.54 -32.17 13.05
C VAL D 261 23.10 -32.39 12.62
N GLY D 262 22.61 -33.62 12.81
CA GLY D 262 21.25 -33.98 12.43
C GLY D 262 20.36 -34.07 13.66
N TRP D 263 19.21 -33.42 13.57
CA TRP D 263 18.19 -33.41 14.61
C TRP D 263 17.02 -34.29 14.18
N TRP D 264 16.56 -35.16 15.08
CA TRP D 264 15.46 -36.05 14.77
C TRP D 264 14.13 -35.32 14.88
N HIS D 265 13.31 -35.39 13.83
CA HIS D 265 12.02 -34.72 13.80
C HIS D 265 10.87 -35.69 13.59
N GLU D 266 11.01 -36.91 14.10
CA GLU D 266 9.94 -37.89 14.07
C GLU D 266 9.77 -38.53 15.43
N PRO D 267 8.54 -38.83 15.85
CA PRO D 267 7.28 -38.60 15.13
C PRO D 267 6.83 -37.14 15.11
N PHE D 268 7.17 -36.38 16.15
CA PHE D 268 6.78 -34.99 16.26
C PHE D 268 8.01 -34.11 16.38
N ARG D 269 7.78 -32.80 16.35
CA ARG D 269 8.82 -31.79 16.51
C ARG D 269 8.63 -31.08 17.84
N LEU D 270 9.67 -31.12 18.67
CA LEU D 270 9.66 -30.46 19.97
C LEU D 270 10.52 -29.21 19.91
N GLY D 271 10.07 -28.15 20.59
CA GLY D 271 10.76 -26.88 20.57
C GLY D 271 12.20 -26.96 21.03
N ILE D 272 13.10 -26.35 20.25
CA ILE D 272 14.54 -26.39 20.55
C ILE D 272 15.04 -25.07 21.11
N ARG D 273 14.15 -24.11 21.37
CA ARG D 273 14.55 -22.83 21.92
C ARG D 273 14.77 -22.97 23.43
N PHE D 274 15.99 -22.68 23.89
CA PHE D 274 16.40 -22.81 25.28
C PHE D 274 16.32 -24.25 25.79
N CYS D 275 16.35 -25.23 24.87
CA CYS D 275 16.30 -26.64 25.23
C CYS D 275 17.44 -27.38 24.55
N THR D 276 18.20 -28.14 25.34
CA THR D 276 19.32 -28.91 24.82
C THR D 276 19.07 -30.42 24.86
N ASN D 277 17.93 -30.87 25.36
CA ASN D 277 17.63 -32.29 25.48
C ASN D 277 16.85 -32.79 24.26
N ARG D 278 17.45 -32.58 23.09
CA ARG D 278 16.88 -33.04 21.83
C ARG D 278 17.85 -33.99 21.16
N ARG D 279 17.32 -35.09 20.62
CA ARG D 279 18.17 -36.09 19.98
C ARG D 279 18.94 -35.47 18.82
N SER D 280 20.22 -35.82 18.71
CA SER D 280 21.08 -35.26 17.69
C SER D 280 22.20 -36.25 17.39
N ALA D 281 22.83 -36.06 16.24
CA ALA D 281 23.97 -36.90 15.88
C ALA D 281 24.88 -36.16 14.92
N LEU D 282 26.11 -36.64 14.80
CA LEU D 282 27.10 -36.10 13.86
C LEU D 282 27.14 -36.97 12.61
N TYR D 283 26.99 -36.34 11.45
CA TYR D 283 27.05 -37.05 10.18
C TYR D 283 28.06 -36.41 9.26
N TYR D 284 28.59 -37.22 8.34
CA TYR D 284 29.53 -36.77 7.32
C TYR D 284 29.06 -37.29 5.98
N VAL D 285 28.88 -36.39 5.01
CA VAL D 285 28.33 -36.73 3.71
C VAL D 285 29.25 -36.21 2.61
N ASP D 286 29.50 -37.04 1.60
CA ASP D 286 30.35 -36.66 0.49
C ASP D 286 29.62 -35.72 -0.46
N LEU D 287 30.40 -35.02 -1.28
CA LEU D 287 29.82 -34.08 -2.24
C LEU D 287 29.22 -34.80 -3.44
N THR D 288 29.77 -35.98 -3.80
CA THR D 288 29.28 -36.69 -4.98
C THR D 288 27.87 -37.21 -4.79
N GLY D 289 27.47 -37.50 -3.55
CA GLY D 289 26.15 -38.01 -3.28
C GLY D 289 26.15 -39.49 -2.92
N GLY D 290 25.95 -39.79 -1.64
CA GLY D 290 25.97 -41.16 -1.20
C GLY D 290 25.43 -41.26 0.22
N LYS D 291 25.46 -42.48 0.75
CA LYS D 291 24.97 -42.72 2.10
C LYS D 291 25.89 -42.04 3.11
N CYS D 292 25.28 -41.42 4.12
CA CYS D 292 26.01 -40.73 5.16
C CYS D 292 26.58 -41.74 6.17
N GLU D 293 27.47 -41.25 7.02
CA GLU D 293 28.09 -42.04 8.07
C GLU D 293 27.84 -41.40 9.42
N LEU D 294 28.01 -42.20 10.48
CA LEU D 294 27.85 -41.74 11.84
C LEU D 294 29.21 -41.56 12.50
N LEU D 295 29.41 -40.40 13.12
CA LEU D 295 30.65 -40.12 13.86
C LEU D 295 30.44 -40.09 15.37
N SER D 296 29.26 -40.44 15.85
CA SER D 296 28.97 -40.43 17.28
C SER D 296 27.79 -41.36 17.55
N ASP D 297 27.50 -41.54 18.83
CA ASP D 297 26.35 -42.33 19.23
C ASP D 297 25.06 -41.57 18.94
N GLU D 298 24.03 -42.29 18.50
CA GLU D 298 22.77 -41.68 18.08
C GLU D 298 21.73 -41.64 19.20
N SER D 299 22.06 -42.10 20.40
CA SER D 299 21.09 -42.18 21.48
C SER D 299 21.13 -40.99 22.43
N VAL D 300 21.98 -39.99 22.17
CA VAL D 300 22.17 -38.86 23.06
C VAL D 300 22.18 -37.58 22.22
N ALA D 301 22.41 -36.46 22.89
CA ALA D 301 22.40 -35.14 22.27
C ALA D 301 23.84 -34.61 22.15
N VAL D 302 24.19 -34.12 20.96
CA VAL D 302 25.48 -33.52 20.71
C VAL D 302 25.27 -32.14 20.10
N THR D 303 26.28 -31.29 20.23
CA THR D 303 26.17 -29.90 19.79
C THR D 303 27.55 -29.33 19.54
N SER D 304 27.62 -28.34 18.64
CA SER D 304 28.78 -27.48 18.43
C SER D 304 30.05 -28.23 18.06
N PRO D 305 30.14 -28.79 16.85
CA PRO D 305 31.42 -29.35 16.41
C PRO D 305 32.37 -28.25 15.95
N ARG D 306 33.64 -28.35 16.35
CA ARG D 306 34.65 -27.37 16.01
C ARG D 306 35.88 -28.08 15.49
N LEU D 307 36.42 -27.61 14.37
CA LEU D 307 37.56 -28.24 13.73
C LEU D 307 38.86 -27.57 14.15
N SER D 308 39.91 -28.37 14.30
CA SER D 308 41.19 -27.86 14.73
C SER D 308 41.85 -27.04 13.62
N PRO D 309 42.67 -26.05 13.98
CA PRO D 309 43.36 -25.26 12.94
C PRO D 309 44.28 -26.07 12.05
N ASP D 310 44.83 -27.17 12.56
CA ASP D 310 45.64 -28.07 11.74
C ASP D 310 44.81 -29.17 11.08
N GLN D 311 43.49 -29.15 11.28
CA GLN D 311 42.55 -30.04 10.57
C GLN D 311 42.83 -31.51 10.87
N CYS D 312 42.91 -31.83 12.17
CA CYS D 312 43.14 -33.20 12.60
C CYS D 312 42.23 -33.66 13.73
N ARG D 313 41.54 -32.76 14.43
CA ARG D 313 40.72 -33.13 15.58
C ARG D 313 39.45 -32.31 15.58
N ILE D 314 38.43 -32.85 16.25
CA ILE D 314 37.14 -32.18 16.42
C ILE D 314 36.73 -32.30 17.88
N VAL D 315 36.15 -31.23 18.42
CA VAL D 315 35.59 -31.24 19.77
C VAL D 315 34.12 -30.88 19.69
N TYR D 316 33.31 -31.46 20.57
CA TYR D 316 31.90 -31.14 20.62
C TYR D 316 31.37 -31.36 22.03
N LEU D 317 30.16 -30.86 22.27
CA LEU D 317 29.50 -30.97 23.57
C LEU D 317 28.50 -32.11 23.53
N ARG D 318 28.52 -32.95 24.55
CA ARG D 318 27.64 -34.11 24.65
C ARG D 318 26.85 -34.03 25.95
N PHE D 319 25.54 -34.25 25.85
CA PHE D 319 24.65 -34.24 27.00
C PHE D 319 24.11 -35.64 27.21
N PRO D 320 24.38 -36.28 28.35
CA PRO D 320 24.07 -37.72 28.47
C PRO D 320 22.61 -38.02 28.72
N SER D 321 21.81 -37.06 29.17
CA SER D 321 20.43 -37.31 29.53
C SER D 321 19.50 -36.36 28.78
N LEU D 322 18.26 -36.79 28.59
CA LEU D 322 17.24 -35.99 27.93
C LEU D 322 16.10 -35.59 28.88
N VAL D 323 16.25 -35.82 30.17
CA VAL D 323 15.21 -35.50 31.14
C VAL D 323 15.17 -33.99 31.42
N PRO D 324 16.26 -33.33 31.80
CA PRO D 324 16.20 -31.90 32.04
C PRO D 324 16.51 -31.10 30.78
N HIS D 325 16.02 -29.85 30.77
CA HIS D 325 16.26 -28.98 29.63
C HIS D 325 17.58 -28.23 29.73
N GLN D 326 18.29 -28.34 30.84
CA GLN D 326 19.63 -27.79 30.98
C GLN D 326 20.37 -28.60 32.03
N GLN D 327 21.62 -28.98 31.73
CA GLN D 327 22.38 -29.86 32.60
C GLN D 327 23.86 -29.69 32.29
N CYS D 328 24.68 -30.35 33.09
CA CYS D 328 26.11 -30.39 32.81
C CYS D 328 26.38 -31.22 31.57
N GLY D 329 27.19 -30.67 30.66
CA GLY D 329 27.66 -31.37 29.50
C GLY D 329 29.08 -31.88 29.68
N GLN D 330 29.55 -32.57 28.65
CA GLN D 330 30.93 -33.06 28.62
C GLN D 330 31.53 -32.79 27.26
N LEU D 331 32.86 -32.67 27.23
CA LEU D 331 33.58 -32.32 26.01
C LEU D 331 34.14 -33.59 25.41
N CYS D 332 33.75 -33.89 24.17
CA CYS D 332 34.16 -35.10 23.48
C CYS D 332 35.10 -34.74 22.33
N LEU D 333 36.15 -35.53 22.18
CA LEU D 333 37.19 -35.33 21.18
C LEU D 333 37.17 -36.48 20.18
N TYR D 334 37.25 -36.16 18.90
CA TYR D 334 37.23 -37.13 17.82
C TYR D 334 38.45 -36.89 16.93
N ASP D 335 39.19 -37.96 16.65
CA ASP D 335 40.37 -37.88 15.79
C ASP D 335 39.97 -38.31 14.39
N TRP D 336 40.28 -37.46 13.41
CA TRP D 336 39.78 -37.66 12.05
C TRP D 336 40.43 -38.88 11.40
N TYR D 337 41.72 -39.09 11.64
CA TYR D 337 42.44 -40.14 10.92
C TYR D 337 42.39 -41.48 11.64
N THR D 338 42.55 -41.50 12.95
CA THR D 338 42.49 -42.76 13.69
C THR D 338 41.07 -43.18 14.04
N ARG D 339 40.10 -42.29 13.88
CA ARG D 339 38.68 -42.60 14.11
C ARG D 339 38.46 -43.10 15.54
N VAL D 340 38.99 -42.35 16.50
CA VAL D 340 38.90 -42.69 17.92
C VAL D 340 38.24 -41.53 18.64
N THR D 341 37.31 -41.86 19.53
CA THR D 341 36.57 -40.86 20.32
C THR D 341 36.95 -41.00 21.79
N SER D 342 37.17 -39.87 22.45
CA SER D 342 37.54 -39.84 23.86
C SER D 342 36.83 -38.68 24.55
N VAL D 343 36.97 -38.63 25.87
CA VAL D 343 36.33 -37.60 26.70
C VAL D 343 37.43 -36.78 27.36
N VAL D 344 37.31 -35.46 27.26
CA VAL D 344 38.30 -34.54 27.82
C VAL D 344 37.82 -34.05 29.19
N VAL D 345 36.67 -33.39 29.21
CA VAL D 345 36.08 -32.86 30.43
C VAL D 345 34.86 -33.71 30.76
N ASP D 346 34.82 -34.25 31.97
CA ASP D 346 33.73 -35.13 32.40
C ASP D 346 32.74 -34.33 33.26
N ILE D 347 31.68 -35.01 33.68
CA ILE D 347 30.64 -34.37 34.47
C ILE D 347 31.13 -34.16 35.90
N VAL D 348 30.89 -32.96 36.44
CA VAL D 348 31.29 -32.62 37.80
C VAL D 348 30.06 -32.77 38.70
N PRO D 349 30.06 -33.72 39.63
CA PRO D 349 28.86 -33.93 40.48
C PRO D 349 28.54 -32.72 41.36
N ARG D 350 29.49 -32.30 42.19
CA ARG D 350 29.29 -31.16 43.08
C ARG D 350 30.27 -30.03 42.81
N GLN D 351 31.57 -30.32 42.82
CA GLN D 351 32.59 -29.31 42.59
C GLN D 351 33.92 -30.01 42.32
N LEU D 352 34.61 -29.55 41.27
CA LEU D 352 35.95 -30.03 40.94
C LEU D 352 36.95 -28.96 41.32
N GLY D 353 37.86 -29.30 42.23
CA GLY D 353 38.77 -28.30 42.75
C GLY D 353 38.00 -27.24 43.51
N GLU D 354 38.26 -25.97 43.18
CA GLU D 354 37.55 -24.87 43.80
C GLU D 354 37.12 -23.79 42.82
N ASP D 355 37.45 -23.91 41.53
CA ASP D 355 37.10 -22.91 40.54
C ASP D 355 36.28 -23.45 39.37
N PHE D 356 36.09 -24.76 39.28
CA PHE D 356 35.36 -25.38 38.18
C PHE D 356 34.12 -26.08 38.72
N SER D 357 33.01 -25.96 37.98
CA SER D 357 31.77 -26.62 38.38
C SER D 357 31.03 -27.25 37.21
N GLY D 358 31.71 -27.49 36.09
CA GLY D 358 31.09 -28.09 34.93
C GLY D 358 30.88 -27.10 33.80
N ILE D 359 30.36 -27.61 32.70
CA ILE D 359 30.10 -26.83 31.49
C ILE D 359 28.60 -26.68 31.33
N TYR D 360 28.11 -25.44 31.33
CA TYR D 360 26.70 -25.16 31.21
C TYR D 360 26.35 -24.35 29.97
N CYS D 361 27.32 -24.09 29.09
CA CYS D 361 27.09 -23.31 27.89
C CYS D 361 26.73 -24.25 26.74
N SER D 362 25.63 -23.95 26.07
CA SER D 362 25.17 -24.81 24.98
C SER D 362 26.01 -24.62 23.72
N LEU D 363 26.48 -23.40 23.48
CA LEU D 363 27.19 -23.05 22.26
C LEU D 363 28.61 -22.63 22.59
N LEU D 364 29.58 -23.28 21.94
CA LEU D 364 30.97 -22.90 22.03
C LEU D 364 31.25 -21.68 21.16
N PRO D 365 32.29 -20.91 21.48
CA PRO D 365 32.63 -19.78 20.60
C PRO D 365 33.10 -20.26 19.24
N LEU D 366 32.93 -19.39 18.24
CA LEU D 366 33.28 -19.77 16.87
C LEU D 366 34.76 -20.08 16.75
N GLY D 367 35.61 -19.30 17.42
CA GLY D 367 37.00 -19.64 17.55
C GLY D 367 37.33 -20.00 18.98
N CYS D 368 37.76 -21.24 19.21
CA CYS D 368 38.05 -21.71 20.56
C CYS D 368 39.44 -22.33 20.66
N TRP D 369 39.91 -22.92 19.56
CA TRP D 369 41.21 -23.56 19.57
C TRP D 369 42.33 -22.53 19.67
N SER D 370 43.43 -22.94 20.29
CA SER D 370 44.61 -22.11 20.39
C SER D 370 45.51 -22.33 19.17
N ALA D 371 46.62 -21.59 19.10
CA ALA D 371 47.52 -21.71 17.97
C ALA D 371 48.16 -23.10 17.92
N ASP D 372 48.53 -23.64 19.07
CA ASP D 372 49.14 -24.97 19.14
C ASP D 372 48.16 -26.08 18.81
N SER D 373 46.87 -25.78 18.73
CA SER D 373 45.83 -26.78 18.46
C SER D 373 45.88 -27.91 19.49
N GLN D 374 46.09 -27.56 20.75
CA GLN D 374 46.12 -28.50 21.84
C GLN D 374 45.33 -28.05 23.06
N ARG D 375 44.85 -26.81 23.08
CA ARG D 375 44.08 -26.28 24.20
C ARG D 375 42.80 -25.65 23.69
N VAL D 376 41.76 -25.71 24.51
CA VAL D 376 40.45 -25.16 24.18
C VAL D 376 40.06 -24.16 25.26
N VAL D 377 39.61 -22.97 24.82
CA VAL D 377 39.25 -21.89 25.74
C VAL D 377 37.74 -21.68 25.63
N PHE D 378 37.07 -21.62 26.79
CA PHE D 378 35.63 -21.40 26.82
C PHE D 378 35.30 -20.57 28.07
N ASP D 379 34.02 -20.25 28.21
CA ASP D 379 33.53 -19.52 29.38
C ASP D 379 32.30 -20.22 29.93
N SER D 380 32.15 -20.19 31.25
CA SER D 380 31.02 -20.87 31.87
C SER D 380 30.75 -20.24 33.23
N PRO D 381 29.53 -20.34 33.75
CA PRO D 381 29.25 -19.81 35.09
C PRO D 381 29.76 -20.73 36.18
N GLN D 382 30.26 -20.11 37.25
CA GLN D 382 30.73 -20.82 38.43
C GLN D 382 30.10 -20.15 39.64
N ARG D 383 29.08 -20.78 40.23
CA ARG D 383 28.29 -20.21 41.32
C ARG D 383 27.58 -18.98 40.77
N SER D 384 27.81 -17.78 41.30
CA SER D 384 27.11 -16.58 40.84
C SER D 384 27.94 -15.73 39.90
N ARG D 385 29.09 -16.25 39.42
CA ARG D 385 29.97 -15.50 38.54
C ARG D 385 30.33 -16.35 37.34
N GLN D 386 30.62 -15.68 36.23
CA GLN D 386 30.99 -16.33 34.98
C GLN D 386 32.49 -16.14 34.74
N ASP D 387 33.18 -17.22 34.42
CA ASP D 387 34.63 -17.20 34.31
C ASP D 387 35.08 -17.84 33.00
N LEU D 388 36.36 -17.61 32.70
CA LEU D 388 37.01 -18.14 31.51
C LEU D 388 37.93 -19.29 31.90
N PHE D 389 37.83 -20.41 31.20
CA PHE D 389 38.61 -21.60 31.49
C PHE D 389 39.33 -22.07 30.23
N ALA D 390 40.53 -22.60 30.43
CA ALA D 390 41.31 -23.23 29.37
C ALA D 390 41.56 -24.68 29.76
N VAL D 391 41.33 -25.60 28.82
CA VAL D 391 41.45 -27.03 29.06
C VAL D 391 42.48 -27.58 28.08
N ASP D 392 43.40 -28.40 28.61
CA ASP D 392 44.39 -29.07 27.78
C ASP D 392 43.80 -30.36 27.24
N THR D 393 43.88 -30.54 25.93
CA THR D 393 43.23 -31.69 25.31
C THR D 393 43.92 -33.00 25.68
N GLN D 394 45.24 -32.98 25.84
CA GLN D 394 45.97 -34.21 26.12
C GLN D 394 45.85 -34.59 27.60
N MET D 395 46.27 -33.71 28.51
CA MET D 395 46.26 -34.06 29.93
C MET D 395 44.87 -34.00 30.52
N GLY D 396 43.95 -33.27 29.91
CA GLY D 396 42.62 -33.11 30.46
C GLY D 396 42.56 -32.33 31.74
N SER D 397 43.33 -31.27 31.86
CA SER D 397 43.38 -30.42 33.05
C SER D 397 42.77 -29.07 32.74
N VAL D 398 41.91 -28.59 33.65
CA VAL D 398 41.18 -27.34 33.48
C VAL D 398 41.82 -26.27 34.33
N THR D 399 42.13 -25.13 33.72
CA THR D 399 42.73 -23.98 34.40
C THR D 399 41.83 -22.77 34.23
N SER D 400 41.69 -21.99 35.31
CA SER D 400 40.86 -20.80 35.30
C SER D 400 41.74 -19.56 35.15
N LEU D 401 41.46 -18.76 34.11
CA LEU D 401 42.27 -17.58 33.84
C LEU D 401 41.89 -16.41 34.74
N THR D 402 40.61 -16.27 35.08
CA THR D 402 40.11 -15.10 35.78
C THR D 402 39.66 -15.42 37.21
N ALA D 403 40.41 -16.27 37.90
CA ALA D 403 40.09 -16.57 39.29
C ALA D 403 40.43 -15.38 40.18
N GLY D 404 39.71 -15.26 41.29
CA GLY D 404 39.92 -14.19 42.24
C GLY D 404 39.05 -12.98 41.94
N GLY D 405 39.26 -11.94 42.74
CA GLY D 405 38.52 -10.71 42.60
C GLY D 405 37.19 -10.75 43.33
N SER D 406 36.50 -9.60 43.30
CA SER D 406 35.20 -9.51 43.97
C SER D 406 34.11 -10.24 43.18
N GLY D 407 34.18 -10.18 41.85
CA GLY D 407 33.17 -10.82 41.03
C GLY D 407 33.27 -10.39 39.59
N GLY D 408 32.12 -10.27 38.94
CA GLY D 408 32.05 -9.89 37.55
C GLY D 408 31.86 -11.09 36.64
N SER D 409 31.35 -10.82 35.45
CA SER D 409 31.08 -11.84 34.46
C SER D 409 31.92 -11.59 33.21
N TRP D 410 32.69 -12.59 32.81
CA TRP D 410 33.48 -12.53 31.59
C TRP D 410 32.80 -13.34 30.48
N LYS D 411 33.04 -12.92 29.24
CA LYS D 411 32.49 -13.61 28.08
C LYS D 411 33.53 -13.60 26.98
N LEU D 412 33.89 -14.78 26.50
CA LEU D 412 34.90 -14.91 25.44
C LEU D 412 34.24 -14.64 24.10
N LEU D 413 34.70 -13.60 23.41
CA LEU D 413 34.17 -13.30 22.09
C LEU D 413 34.92 -14.05 21.00
N THR D 414 36.25 -14.00 21.02
CA THR D 414 36.99 -14.73 20.01
C THR D 414 38.42 -14.97 20.46
N ILE D 415 39.06 -15.97 19.83
CA ILE D 415 40.49 -16.20 19.94
C ILE D 415 41.01 -16.58 18.56
N ASP D 416 42.16 -16.03 18.18
CA ASP D 416 42.77 -16.33 16.89
C ASP D 416 44.25 -16.02 16.97
N ARG D 417 45.09 -17.03 16.74
CA ARG D 417 46.54 -16.91 16.85
C ARG D 417 46.95 -16.38 18.22
N ASP D 418 46.34 -16.95 19.26
CA ASP D 418 46.61 -16.68 20.67
C ASP D 418 46.22 -15.28 21.12
N LEU D 419 45.48 -14.53 20.30
CA LEU D 419 44.95 -13.23 20.70
C LEU D 419 43.48 -13.41 21.05
N MET D 420 43.12 -13.08 22.29
CA MET D 420 41.77 -13.26 22.80
C MET D 420 41.10 -11.90 22.95
N VAL D 421 39.90 -11.78 22.39
CA VAL D 421 39.05 -10.61 22.55
C VAL D 421 37.86 -11.02 23.41
N VAL D 422 37.69 -10.35 24.55
CA VAL D 422 36.70 -10.71 25.56
C VAL D 422 35.97 -9.46 26.01
N GLN D 423 34.88 -9.67 26.74
CA GLN D 423 34.03 -8.62 27.28
C GLN D 423 33.87 -8.81 28.78
N PHE D 424 33.78 -7.71 29.53
CA PHE D 424 33.70 -7.74 30.97
C PHE D 424 32.67 -6.73 31.47
N SER D 425 31.88 -7.13 32.46
CA SER D 425 30.87 -6.24 33.03
C SER D 425 30.48 -6.73 34.42
N THR D 426 30.05 -5.80 35.26
CA THR D 426 29.55 -6.05 36.60
C THR D 426 28.21 -5.34 36.74
N PRO D 427 27.49 -5.56 37.84
CA PRO D 427 26.23 -4.80 38.04
C PRO D 427 26.44 -3.29 38.15
N SER D 428 27.65 -2.82 38.39
CA SER D 428 27.90 -1.39 38.52
C SER D 428 28.44 -0.76 37.24
N VAL D 429 28.97 -1.54 36.32
CA VAL D 429 29.58 -0.98 35.10
C VAL D 429 28.91 -1.58 33.87
N PRO D 430 28.73 -0.81 32.80
CA PRO D 430 28.25 -1.38 31.55
C PRO D 430 29.32 -2.24 30.89
N PRO D 431 28.97 -2.99 29.85
CA PRO D 431 29.97 -3.86 29.20
C PRO D 431 31.15 -3.08 28.64
N SER D 432 32.32 -3.72 28.70
CA SER D 432 33.56 -3.17 28.16
C SER D 432 34.12 -4.13 27.12
N LEU D 433 35.33 -3.83 26.65
CA LEU D 433 36.03 -4.64 25.66
C LEU D 433 37.50 -4.73 26.04
N LYS D 434 38.06 -5.94 25.95
CA LYS D 434 39.45 -6.15 26.30
C LYS D 434 40.09 -7.15 25.36
N VAL D 435 41.42 -7.06 25.23
CA VAL D 435 42.20 -7.99 24.43
C VAL D 435 43.37 -8.47 25.28
N GLY D 436 43.86 -9.67 24.95
CA GLY D 436 44.98 -10.24 25.68
C GLY D 436 45.64 -11.34 24.87
N PHE D 437 46.79 -11.78 25.37
CA PHE D 437 47.54 -12.88 24.77
C PHE D 437 47.49 -14.09 25.69
N LEU D 438 47.21 -15.25 25.13
CA LEU D 438 47.20 -16.48 25.91
C LEU D 438 48.62 -16.93 26.18
N PRO D 439 49.06 -16.98 27.43
CA PRO D 439 50.44 -17.38 27.74
C PRO D 439 50.64 -18.85 27.52
N PRO D 440 51.89 -19.31 27.44
CA PRO D 440 52.15 -20.74 27.17
C PRO D 440 51.62 -21.63 28.28
N ALA D 441 51.67 -22.93 28.02
CA ALA D 441 51.12 -23.92 28.94
C ALA D 441 51.88 -23.91 30.26
N GLY D 442 51.12 -23.96 31.36
CA GLY D 442 51.69 -23.97 32.70
C GLY D 442 51.85 -22.62 33.34
N LYS D 443 51.61 -21.54 32.61
CA LYS D 443 51.72 -20.19 33.16
C LYS D 443 50.53 -19.34 32.73
N GLU D 444 49.33 -19.93 32.75
CA GLU D 444 48.13 -19.26 32.27
C GLU D 444 47.45 -18.42 33.32
N GLN D 445 47.95 -18.40 34.56
CA GLN D 445 47.35 -17.54 35.58
C GLN D 445 47.71 -16.08 35.36
N ALA D 446 48.86 -15.80 34.76
CA ALA D 446 49.33 -14.43 34.57
C ALA D 446 48.97 -13.97 33.17
N VAL D 447 47.81 -13.34 33.04
CA VAL D 447 47.32 -12.81 31.77
C VAL D 447 47.18 -11.30 31.93
N SER D 448 47.70 -10.56 30.96
CA SER D 448 47.63 -9.11 30.96
C SER D 448 46.54 -8.65 30.00
N TRP D 449 45.60 -7.86 30.51
CA TRP D 449 44.47 -7.37 29.74
C TRP D 449 44.69 -5.90 29.39
N VAL D 450 44.51 -5.56 28.12
CA VAL D 450 44.64 -4.19 27.64
C VAL D 450 43.27 -3.72 27.21
N SER D 451 42.82 -2.61 27.77
CA SER D 451 41.48 -2.11 27.49
C SER D 451 41.39 -1.53 26.08
N LEU D 452 40.21 -1.62 25.49
CA LEU D 452 39.93 -1.06 24.18
C LEU D 452 38.86 0.02 24.22
N GLU D 453 37.77 -0.20 24.96
CA GLU D 453 36.67 0.76 25.04
C GLU D 453 36.08 0.68 26.44
N GLU D 454 36.51 1.59 27.31
CA GLU D 454 36.03 1.60 28.69
C GLU D 454 34.60 2.12 28.77
N ALA D 455 33.95 1.80 29.88
CA ALA D 455 32.58 2.24 30.15
C ALA D 455 32.55 3.00 31.48
N GLU D 456 31.77 4.06 31.53
CA GLU D 456 31.69 4.89 32.72
C GLU D 456 30.89 4.19 33.81
N PRO D 457 31.44 4.02 35.01
CA PRO D 457 30.73 3.30 36.06
C PRO D 457 29.68 4.17 36.74
N PHE D 458 28.82 3.51 37.50
CA PHE D 458 27.85 4.17 38.37
C PHE D 458 28.28 3.98 39.82
N PRO D 459 28.72 5.04 40.50
CA PRO D 459 29.31 4.87 41.84
C PRO D 459 28.31 4.94 43.00
N ASP D 460 27.01 4.89 42.74
CA ASP D 460 26.00 4.89 43.79
C ASP D 460 25.27 3.56 43.91
N ILE D 461 25.85 2.49 43.37
CA ILE D 461 25.27 1.16 43.41
C ILE D 461 26.28 0.22 44.08
N SER D 462 25.83 -0.49 45.10
CA SER D 462 26.65 -1.47 45.80
C SER D 462 26.00 -2.84 45.64
N TRP D 463 26.81 -3.86 45.36
CA TRP D 463 26.32 -5.21 45.17
C TRP D 463 27.16 -6.19 45.96
N SER D 464 26.50 -7.22 46.49
CA SER D 464 27.15 -8.20 47.35
C SER D 464 26.52 -9.57 47.14
N ILE D 465 27.22 -10.60 47.61
CA ILE D 465 26.78 -11.99 47.48
C ILE D 465 26.64 -12.58 48.86
N ARG D 466 25.48 -13.19 49.14
CA ARG D 466 25.19 -13.79 50.43
C ARG D 466 24.88 -15.27 50.24
N VAL D 467 25.54 -16.12 51.02
CA VAL D 467 25.40 -17.57 50.93
C VAL D 467 24.40 -18.03 51.99
N LEU D 468 23.44 -18.86 51.57
CA LEU D 468 22.35 -19.30 52.43
C LEU D 468 22.28 -20.82 52.47
N GLN D 469 22.07 -21.35 53.68
CA GLN D 469 22.02 -22.78 53.94
C GLN D 469 20.60 -23.15 54.39
N PRO D 470 19.91 -24.06 53.70
CA PRO D 470 18.55 -24.39 54.08
C PRO D 470 18.51 -25.08 55.42
N PRO D 471 17.43 -24.90 56.18
CA PRO D 471 17.30 -25.59 57.47
C PRO D 471 17.12 -27.09 57.27
N PRO D 472 17.45 -27.90 58.27
CA PRO D 472 17.35 -29.37 58.09
C PRO D 472 15.94 -29.87 57.85
N GLN D 473 14.91 -29.12 58.24
CA GLN D 473 13.54 -29.59 58.07
C GLN D 473 13.18 -29.75 56.60
N GLN D 474 13.61 -28.81 55.76
CA GLN D 474 13.31 -28.84 54.33
C GLN D 474 14.48 -29.32 53.49
N GLU D 475 15.49 -29.92 54.11
CA GLU D 475 16.62 -30.45 53.37
C GLU D 475 16.19 -31.66 52.53
N HIS D 476 16.79 -31.79 51.36
CA HIS D 476 16.47 -32.90 50.46
C HIS D 476 16.96 -34.21 51.07
N VAL D 477 16.36 -35.32 50.62
CA VAL D 477 16.69 -36.62 51.16
C VAL D 477 17.86 -37.24 50.41
N GLN D 478 17.74 -37.34 49.08
CA GLN D 478 18.81 -37.96 48.29
C GLN D 478 20.09 -37.13 48.34
N TYR D 479 19.97 -35.81 48.23
CA TYR D 479 21.13 -34.92 48.23
C TYR D 479 21.11 -34.06 49.48
N ALA D 480 22.20 -34.08 50.23
CA ALA D 480 22.30 -33.37 51.49
C ALA D 480 23.51 -32.43 51.45
N GLY D 481 23.42 -31.36 52.23
CA GLY D 481 24.48 -30.37 52.31
C GLY D 481 24.44 -29.30 51.25
N LEU D 482 23.50 -29.36 50.32
CA LEU D 482 23.41 -28.35 49.27
C LEU D 482 22.97 -27.01 49.84
N ASP D 483 23.60 -25.95 49.37
CA ASP D 483 23.26 -24.59 49.74
C ASP D 483 23.07 -23.76 48.47
N PHE D 484 22.67 -22.50 48.65
CA PHE D 484 22.51 -21.61 47.50
C PHE D 484 23.00 -20.23 47.91
N GLU D 485 22.77 -19.24 47.05
CA GLU D 485 23.23 -17.89 47.34
C GLU D 485 22.41 -16.88 46.55
N ALA D 486 22.50 -15.62 46.98
CA ALA D 486 21.72 -14.53 46.43
C ALA D 486 22.60 -13.31 46.24
N ILE D 487 22.15 -12.40 45.37
CA ILE D 487 22.85 -11.16 45.08
C ILE D 487 22.00 -9.99 45.58
N LEU D 488 22.61 -9.10 46.35
CA LEU D 488 21.92 -7.98 46.98
C LEU D 488 22.47 -6.68 46.40
N LEU D 489 21.56 -5.83 45.93
CA LEU D 489 21.90 -4.51 45.40
C LEU D 489 21.28 -3.44 46.29
N GLN D 490 22.10 -2.52 46.78
CA GLN D 490 21.66 -1.47 47.67
C GLN D 490 22.41 -0.19 47.37
N PRO D 491 21.82 0.98 47.64
CA PRO D 491 22.54 2.24 47.46
C PRO D 491 23.76 2.33 48.38
N SER D 492 24.82 2.96 47.88
CA SER D 492 26.05 3.06 48.65
C SER D 492 25.91 4.07 49.78
N ASN D 493 25.24 5.19 49.54
CA ASN D 493 25.07 6.21 50.56
C ASN D 493 23.94 5.82 51.51
N SER D 494 24.28 5.64 52.78
CA SER D 494 23.31 5.23 53.79
C SER D 494 22.75 6.45 54.49
N PRO D 495 21.43 6.71 54.39
CA PRO D 495 20.79 7.85 55.03
C PRO D 495 20.58 7.64 56.53
N THR D 498 16.82 3.38 57.49
CA THR D 498 16.07 2.49 58.36
C THR D 498 14.76 2.07 57.70
N GLN D 499 14.43 2.70 56.57
CA GLN D 499 13.22 2.39 55.82
C GLN D 499 13.59 2.37 54.33
N VAL D 500 13.95 1.19 53.84
CA VAL D 500 14.32 1.00 52.43
C VAL D 500 13.43 -0.09 51.84
N PRO D 501 12.57 0.23 50.87
CA PRO D 501 11.76 -0.83 50.25
C PRO D 501 12.64 -1.82 49.50
N MET D 502 12.19 -3.08 49.49
CA MET D 502 12.94 -4.16 48.88
C MET D 502 12.11 -4.85 47.81
N VAL D 503 12.77 -5.30 46.75
CA VAL D 503 12.13 -5.99 45.64
C VAL D 503 12.84 -7.32 45.44
N VAL D 504 12.07 -8.41 45.38
CA VAL D 504 12.60 -9.76 45.29
C VAL D 504 12.16 -10.34 43.95
N MET D 505 13.10 -10.91 43.20
CA MET D 505 12.77 -11.55 41.93
C MET D 505 13.57 -12.84 41.77
N PRO D 506 12.92 -13.99 41.63
CA PRO D 506 13.63 -15.22 41.30
C PRO D 506 13.74 -15.44 39.80
N HIS D 507 14.78 -16.17 39.42
CA HIS D 507 15.06 -16.38 38.00
C HIS D 507 14.07 -17.37 37.40
N GLY D 508 14.07 -17.41 36.07
CA GLY D 508 13.22 -18.34 35.35
C GLY D 508 13.85 -19.72 35.31
N GLY D 509 13.79 -20.37 34.14
CA GLY D 509 14.45 -21.65 33.98
C GLY D 509 13.49 -22.81 33.83
N PRO D 510 13.35 -23.63 34.88
CA PRO D 510 13.92 -23.43 36.22
C PRO D 510 15.41 -23.74 36.34
N HIS D 511 16.03 -24.24 35.27
CA HIS D 511 17.47 -24.47 35.24
C HIS D 511 18.14 -23.27 34.56
N SER D 512 18.28 -22.19 35.32
CA SER D 512 18.94 -20.99 34.87
C SER D 512 19.50 -20.29 36.10
N SER D 513 20.37 -19.31 35.87
CA SER D 513 21.08 -18.67 36.98
C SER D 513 21.16 -17.17 36.76
N PHE D 514 21.34 -16.45 37.87
CA PHE D 514 21.64 -15.03 37.87
C PHE D 514 23.13 -14.85 38.11
N VAL D 515 23.81 -14.22 37.15
CA VAL D 515 25.23 -13.94 37.27
C VAL D 515 25.41 -12.45 37.54
N THR D 516 26.61 -12.09 38.00
CA THR D 516 26.93 -10.69 38.32
C THR D 516 27.32 -9.98 37.04
N ALA D 517 26.32 -9.72 36.20
CA ALA D 517 26.49 -9.02 34.95
C ALA D 517 25.68 -7.73 34.98
N TRP D 518 25.64 -7.04 33.85
CA TRP D 518 24.90 -5.78 33.75
C TRP D 518 23.46 -6.06 33.38
N MET D 519 22.53 -5.72 34.27
CA MET D 519 21.10 -5.85 34.03
C MET D 519 20.46 -4.48 34.15
N LEU D 520 19.62 -4.13 33.17
CA LEU D 520 19.11 -2.77 33.08
C LEU D 520 18.08 -2.47 34.18
N PHE D 521 17.13 -3.38 34.38
CA PHE D 521 16.02 -3.10 35.29
C PHE D 521 16.44 -3.13 36.76
N PRO D 522 17.23 -4.10 37.21
CA PRO D 522 17.75 -4.01 38.59
C PRO D 522 18.57 -2.76 38.83
N ALA D 523 19.25 -2.24 37.81
CA ALA D 523 19.97 -0.97 37.97
C ALA D 523 18.99 0.19 38.05
N MET D 524 17.92 0.16 37.24
CA MET D 524 16.93 1.22 37.29
C MET D 524 16.24 1.28 38.65
N LEU D 525 15.90 0.12 39.21
CA LEU D 525 15.21 0.08 40.50
C LEU D 525 16.10 0.62 41.62
N CYS D 526 17.39 0.33 41.59
CA CYS D 526 18.28 0.78 42.65
C CYS D 526 18.55 2.28 42.58
N LYS D 527 18.28 2.92 41.46
CA LYS D 527 18.45 4.37 41.36
C LYS D 527 17.21 5.14 41.83
N MET D 528 16.11 4.46 42.12
CA MET D 528 14.90 5.09 42.62
C MET D 528 14.71 4.85 44.12
N GLY D 529 15.73 4.35 44.80
CA GLY D 529 15.66 4.13 46.24
C GLY D 529 15.33 2.72 46.67
N PHE D 530 15.15 1.79 45.74
CA PHE D 530 14.83 0.43 46.11
C PHE D 530 16.11 -0.38 46.35
N ALA D 531 15.93 -1.52 47.00
CA ALA D 531 16.97 -2.52 47.16
C ALA D 531 16.50 -3.81 46.52
N VAL D 532 17.32 -4.38 45.63
CA VAL D 532 16.93 -5.51 44.82
C VAL D 532 17.68 -6.74 45.31
N LEU D 533 16.95 -7.85 45.45
CA LEU D 533 17.53 -9.13 45.86
C LEU D 533 17.31 -10.15 44.75
N LEU D 534 18.39 -10.76 44.28
CA LEU D 534 18.35 -11.74 43.20
C LEU D 534 18.60 -13.11 43.80
N VAL D 535 17.63 -14.01 43.65
CA VAL D 535 17.64 -15.30 44.34
C VAL D 535 17.96 -16.40 43.34
N ASN D 536 18.98 -17.20 43.65
CA ASN D 536 19.36 -18.37 42.87
C ASN D 536 19.12 -19.60 43.74
N TYR D 537 17.90 -20.14 43.66
CA TYR D 537 17.52 -21.24 44.53
C TYR D 537 18.16 -22.54 44.05
N ARG D 538 17.88 -23.63 44.78
CA ARG D 538 18.40 -24.93 44.39
C ARG D 538 17.73 -25.41 43.11
N GLY D 539 18.53 -25.95 42.20
CA GLY D 539 18.09 -26.30 40.88
C GLY D 539 18.63 -25.40 39.79
N SER D 540 19.47 -24.43 40.13
CA SER D 540 20.07 -23.53 39.17
C SER D 540 21.42 -24.05 38.69
N THR D 541 21.86 -23.52 37.54
CA THR D 541 23.12 -23.95 36.97
C THR D 541 24.30 -23.28 37.69
N GLY D 542 25.49 -23.82 37.45
CA GLY D 542 26.69 -23.32 38.06
C GLY D 542 27.01 -23.87 39.44
N PHE D 543 26.22 -24.81 39.94
CA PHE D 543 26.42 -25.36 41.27
C PHE D 543 26.69 -26.86 41.27
N GLY D 544 26.75 -27.49 40.11
CA GLY D 544 27.00 -28.91 40.00
C GLY D 544 25.82 -29.66 39.42
N GLN D 545 26.07 -30.94 39.12
CA GLN D 545 25.02 -31.79 38.57
C GLN D 545 24.03 -32.23 39.65
N ASP D 546 24.48 -32.36 40.88
CA ASP D 546 23.60 -32.78 41.96
C ASP D 546 22.53 -31.73 42.25
N SER D 547 22.89 -30.45 42.15
CA SER D 547 21.92 -29.38 42.39
C SER D 547 20.86 -29.36 41.31
N ILE D 548 21.23 -29.68 40.07
CA ILE D 548 20.27 -29.65 38.97
C ILE D 548 19.24 -30.77 39.11
N LEU D 549 19.70 -31.97 39.44
CA LEU D 549 18.81 -33.13 39.52
C LEU D 549 17.88 -33.11 40.73
N SER D 550 18.11 -32.19 41.68
CA SER D 550 17.30 -32.17 42.89
C SER D 550 15.89 -31.69 42.62
N LEU D 551 15.72 -30.71 41.74
CA LEU D 551 14.43 -30.05 41.53
C LEU D 551 13.45 -30.90 40.74
N PRO D 552 13.88 -31.65 39.73
CA PRO D 552 12.95 -32.55 39.04
C PRO D 552 12.13 -33.41 40.01
N GLY D 553 10.83 -33.45 39.78
CA GLY D 553 9.93 -34.30 40.52
C GLY D 553 9.18 -33.63 41.66
N ASN D 554 9.72 -32.54 42.21
CA ASN D 554 9.10 -31.90 43.36
C ASN D 554 9.09 -30.37 43.24
N VAL D 555 8.76 -29.85 42.05
CA VAL D 555 8.69 -28.41 41.88
C VAL D 555 7.35 -27.90 42.38
N GLY D 556 7.38 -26.83 43.17
CA GLY D 556 6.19 -26.22 43.73
C GLY D 556 6.23 -25.99 45.22
N HIS D 557 7.07 -26.70 45.96
CA HIS D 557 7.15 -26.51 47.40
C HIS D 557 8.59 -26.31 47.87
N GLN D 558 9.55 -26.82 47.11
CA GLN D 558 10.95 -26.69 47.51
C GLN D 558 11.47 -25.28 47.23
N ASP D 559 11.33 -24.81 46.00
CA ASP D 559 11.87 -23.51 45.63
C ASP D 559 11.10 -22.37 46.28
N VAL D 560 9.79 -22.54 46.50
CA VAL D 560 9.02 -21.52 47.20
C VAL D 560 9.56 -21.33 48.62
N LYS D 561 9.81 -22.43 49.32
CA LYS D 561 10.35 -22.34 50.66
C LYS D 561 11.77 -21.80 50.65
N ASP D 562 12.57 -22.14 49.63
CA ASP D 562 13.91 -21.60 49.52
C ASP D 562 13.87 -20.08 49.37
N VAL D 563 13.00 -19.58 48.50
CA VAL D 563 12.88 -18.14 48.29
C VAL D 563 12.39 -17.44 49.55
N GLN D 564 11.40 -18.03 50.23
CA GLN D 564 10.89 -17.42 51.46
C GLN D 564 11.96 -17.38 52.54
N PHE D 565 12.75 -18.46 52.66
CA PHE D 565 13.85 -18.48 53.62
C PHE D 565 14.88 -17.43 53.29
N ALA D 566 15.21 -17.28 52.01
CA ALA D 566 16.15 -16.22 51.60
C ALA D 566 15.63 -14.85 51.97
N VAL D 567 14.34 -14.60 51.72
CA VAL D 567 13.76 -13.29 52.02
C VAL D 567 13.81 -13.01 53.51
N GLU D 568 13.44 -14.01 54.33
CA GLU D 568 13.46 -13.83 55.77
C GLU D 568 14.88 -13.58 56.28
N GLN D 569 15.85 -14.34 55.77
CA GLN D 569 17.23 -14.15 56.20
C GLN D 569 17.74 -12.77 55.83
N VAL D 570 17.42 -12.30 54.63
CA VAL D 570 17.83 -10.95 54.22
C VAL D 570 17.17 -9.90 55.11
N LEU D 571 15.88 -10.06 55.38
CA LEU D 571 15.15 -9.10 56.21
C LEU D 571 15.55 -9.15 57.67
N GLN D 572 16.28 -10.20 58.09
CA GLN D 572 16.70 -10.30 59.49
C GLN D 572 17.52 -9.09 59.92
N GLU D 573 18.36 -8.57 59.03
CA GLU D 573 19.18 -7.42 59.36
C GLU D 573 18.30 -6.18 59.59
N GLU D 574 18.75 -5.31 60.48
CA GLU D 574 17.97 -4.14 60.88
C GLU D 574 18.32 -2.92 60.01
N HIS D 575 18.10 -3.09 58.70
CA HIS D 575 18.30 -1.99 57.77
C HIS D 575 17.19 -1.85 56.75
N PHE D 576 16.30 -2.84 56.60
CA PHE D 576 15.26 -2.81 55.59
C PHE D 576 13.89 -2.79 56.27
N ASP D 577 12.91 -2.19 55.59
CA ASP D 577 11.55 -2.10 56.09
C ASP D 577 10.80 -3.37 55.68
N ALA D 578 10.38 -4.15 56.68
CA ALA D 578 9.66 -5.40 56.39
C ALA D 578 8.23 -5.16 55.93
N GLY D 579 7.69 -3.96 56.17
CA GLY D 579 6.32 -3.69 55.75
C GLY D 579 6.18 -3.55 54.25
N ARG D 580 7.21 -3.05 53.58
CA ARG D 580 7.17 -2.75 52.16
C ARG D 580 8.10 -3.70 51.41
N VAL D 581 7.54 -4.82 50.94
CA VAL D 581 8.27 -5.79 50.14
C VAL D 581 7.41 -6.17 48.94
N ALA D 582 7.96 -6.03 47.75
CA ALA D 582 7.29 -6.38 46.50
C ALA D 582 8.07 -7.50 45.81
N LEU D 583 7.61 -7.90 44.63
CA LEU D 583 8.26 -8.99 43.92
C LEU D 583 8.00 -8.91 42.42
N MET D 584 8.87 -9.58 41.66
N MET D 584 8.87 -9.58 41.67
CA MET D 584 8.79 -9.59 40.21
CA MET D 584 8.83 -9.62 40.20
C MET D 584 9.01 -11.01 39.72
C MET D 584 9.12 -11.04 39.72
N GLY D 585 8.50 -11.30 38.53
N GLY D 585 8.62 -11.38 38.54
CA GLY D 585 8.63 -12.63 37.97
CA GLY D 585 8.97 -12.65 37.92
C GLY D 585 8.33 -12.73 36.49
C GLY D 585 8.72 -12.73 36.43
N GLY D 586 8.70 -13.84 35.88
N GLY D 586 9.73 -13.14 35.65
CA GLY D 586 8.43 -14.09 34.48
CA GLY D 586 9.56 -13.21 34.21
C GLY D 586 8.52 -15.56 34.11
C GLY D 586 9.20 -14.53 33.56
N SER D 587 7.53 -16.05 33.35
N SER D 587 10.03 -15.57 33.73
CA SER D 587 7.48 -17.45 32.94
CA SER D 587 9.82 -16.81 32.99
C SER D 587 7.44 -18.38 34.14
C SER D 587 9.22 -17.91 33.85
N HIS D 588 8.59 -18.97 34.48
N HIS D 588 9.94 -18.31 34.90
CA HIS D 588 8.67 -19.75 35.71
CA HIS D 588 9.40 -19.11 35.98
C HIS D 588 8.75 -18.85 36.93
C HIS D 588 9.09 -18.26 37.20
N GLY D 589 9.32 -17.65 36.77
N GLY D 589 9.52 -17.00 37.17
CA GLY D 589 9.27 -16.68 37.86
CA GLY D 589 9.17 -16.10 38.24
C GLY D 589 7.85 -16.27 38.20
C GLY D 589 7.68 -15.89 38.37
N GLY D 590 7.00 -16.12 37.17
N GLY D 590 6.95 -15.98 37.26
CA GLY D 590 5.60 -15.88 37.43
CA GLY D 590 5.50 -15.87 37.33
C GLY D 590 4.91 -17.02 38.15
C GLY D 590 4.87 -17.02 38.11
N PHE D 591 5.27 -18.25 37.80
CA PHE D 591 4.76 -19.41 38.53
C PHE D 591 5.17 -19.36 40.00
N LEU D 592 6.44 -19.05 40.25
CA LEU D 592 6.93 -19.00 41.63
C LEU D 592 6.26 -17.87 42.40
N SER D 593 5.98 -16.75 41.74
CA SER D 593 5.35 -15.61 42.40
C SER D 593 3.88 -15.90 42.70
N CYS D 594 3.18 -16.55 41.77
CA CYS D 594 1.81 -16.95 42.06
C CYS D 594 1.76 -17.89 43.25
N HIS D 595 2.68 -18.85 43.30
CA HIS D 595 2.75 -19.74 44.46
C HIS D 595 3.05 -18.95 45.74
N LEU D 596 4.00 -18.01 45.67
CA LEU D 596 4.40 -17.25 46.86
C LEU D 596 3.25 -16.40 47.40
N ILE D 597 2.50 -15.74 46.51
CA ILE D 597 1.42 -14.90 46.99
C ILE D 597 0.21 -15.74 47.40
N GLY D 598 0.06 -16.93 46.82
CA GLY D 598 -0.99 -17.83 47.29
C GLY D 598 -0.72 -18.38 48.67
N GLN D 599 0.54 -18.71 48.97
CA GLN D 599 0.86 -19.40 50.21
C GLN D 599 1.22 -18.46 51.36
N TYR D 600 1.75 -17.28 51.07
CA TYR D 600 2.12 -16.30 52.08
C TYR D 600 1.48 -14.96 51.75
N PRO D 601 0.18 -14.81 52.02
CA PRO D 601 -0.54 -13.62 51.53
C PRO D 601 -0.09 -12.31 52.15
N GLU D 602 0.34 -12.32 53.41
CA GLU D 602 0.57 -11.07 54.14
C GLU D 602 2.01 -10.58 54.06
N THR D 603 2.93 -11.34 53.45
CA THR D 603 4.33 -10.93 53.42
C THR D 603 4.56 -9.79 52.45
N TYR D 604 3.96 -9.85 51.27
CA TYR D 604 4.27 -8.94 50.17
C TYR D 604 3.14 -7.94 49.97
N SER D 605 3.50 -6.73 49.52
CA SER D 605 2.54 -5.64 49.34
C SER D 605 2.19 -5.40 47.88
N ALA D 606 3.00 -5.86 46.94
CA ALA D 606 2.72 -5.69 45.52
C ALA D 606 3.28 -6.87 44.75
N CYS D 607 2.92 -6.96 43.48
CA CYS D 607 3.34 -8.08 42.64
C CYS D 607 3.19 -7.69 41.18
N VAL D 608 4.22 -7.99 40.38
CA VAL D 608 4.18 -7.78 38.94
C VAL D 608 4.63 -9.08 38.27
N VAL D 609 3.82 -9.58 37.35
CA VAL D 609 4.04 -10.87 36.71
C VAL D 609 3.78 -10.74 35.23
N ARG D 610 4.66 -11.34 34.41
CA ARG D 610 4.48 -11.38 32.96
C ARG D 610 4.50 -12.83 32.50
N ASN D 611 3.52 -13.18 31.67
CA ASN D 611 3.40 -14.51 31.09
C ASN D 611 3.59 -15.65 32.10
N PRO D 612 2.70 -15.77 33.07
CA PRO D 612 2.86 -16.81 34.10
C PRO D 612 2.31 -18.16 33.63
N VAL D 613 2.60 -19.18 34.43
CA VAL D 613 2.00 -20.50 34.30
C VAL D 613 1.06 -20.69 35.48
N ILE D 614 -0.20 -20.98 35.19
CA ILE D 614 -1.25 -21.03 36.20
C ILE D 614 -1.78 -22.44 36.39
N ASN D 615 -1.99 -23.17 35.30
CA ASN D 615 -2.54 -24.52 35.34
C ASN D 615 -1.71 -25.41 34.43
N ILE D 616 -0.93 -26.32 35.02
CA ILE D 616 -0.11 -27.23 34.23
C ILE D 616 -0.98 -28.20 33.45
N ALA D 617 -2.08 -28.64 34.07
CA ALA D 617 -2.97 -29.60 33.41
C ALA D 617 -3.54 -29.04 32.11
N SER D 618 -4.00 -27.79 32.14
CA SER D 618 -4.50 -27.17 30.92
C SER D 618 -3.36 -26.80 29.98
N MET D 619 -2.18 -26.52 30.52
CA MET D 619 -1.03 -26.19 29.69
C MET D 619 -0.55 -27.39 28.88
N MET D 620 -0.79 -28.60 29.37
CA MET D 620 -0.35 -29.81 28.67
C MET D 620 -0.87 -29.84 27.23
N GLY D 621 -2.15 -29.54 27.04
CA GLY D 621 -2.74 -29.70 25.72
C GLY D 621 -2.16 -28.76 24.67
N SER D 622 -1.96 -27.49 25.04
CA SER D 622 -1.55 -26.45 24.10
C SER D 622 -0.20 -25.89 24.51
N THR D 623 0.87 -26.51 24.03
CA THR D 623 2.23 -26.00 24.23
C THR D 623 3.16 -26.74 23.27
N ASP D 624 4.28 -26.11 22.96
CA ASP D 624 5.25 -26.70 22.03
C ASP D 624 6.25 -27.61 22.72
N ILE D 625 6.28 -27.63 24.05
CA ILE D 625 7.16 -28.53 24.79
C ILE D 625 6.34 -29.31 25.82
N PRO D 626 5.52 -30.28 25.38
CA PRO D 626 4.69 -31.01 26.34
C PRO D 626 5.47 -31.87 27.32
N ASP D 627 6.73 -32.22 27.02
CA ASP D 627 7.52 -33.03 27.94
C ASP D 627 7.92 -32.27 29.19
N TRP D 628 7.90 -30.93 29.14
CA TRP D 628 8.24 -30.13 30.31
C TRP D 628 7.28 -30.41 31.46
N CYS D 629 5.99 -30.49 31.17
CA CYS D 629 5.00 -30.74 32.22
C CYS D 629 5.22 -32.09 32.87
N MET D 630 5.44 -33.14 32.07
CA MET D 630 5.68 -34.47 32.62
C MET D 630 6.97 -34.51 33.44
N VAL D 631 8.04 -33.91 32.93
CA VAL D 631 9.31 -33.97 33.64
C VAL D 631 9.22 -33.21 34.96
N GLU D 632 8.60 -32.02 34.96
CA GLU D 632 8.50 -31.24 36.18
C GLU D 632 7.54 -31.88 37.18
N ALA D 633 6.48 -32.53 36.69
CA ALA D 633 5.52 -33.16 37.58
C ALA D 633 6.02 -34.48 38.15
N GLY D 634 7.04 -35.08 37.54
CA GLY D 634 7.61 -36.32 38.02
C GLY D 634 7.26 -37.57 37.24
N PHE D 635 6.68 -37.44 36.06
CA PHE D 635 6.30 -38.58 35.24
C PHE D 635 7.12 -38.61 33.96
N SER D 636 7.55 -39.80 33.55
CA SER D 636 8.34 -39.95 32.34
C SER D 636 7.48 -39.64 31.11
N TYR D 637 8.07 -38.91 30.16
CA TYR D 637 7.37 -38.53 28.94
C TYR D 637 7.62 -39.56 27.84
N SER D 638 6.55 -39.93 27.14
CA SER D 638 6.63 -40.83 26.01
C SER D 638 5.72 -40.30 24.90
N SER D 639 6.04 -40.70 23.67
CA SER D 639 5.23 -40.28 22.53
C SER D 639 3.80 -40.81 22.63
N ASP D 640 3.64 -42.05 23.08
CA ASP D 640 2.33 -42.64 23.29
C ASP D 640 1.86 -42.28 24.70
N CYS D 641 1.39 -41.04 24.85
CA CYS D 641 0.95 -40.51 26.12
C CYS D 641 -0.56 -40.35 26.11
N LEU D 642 -1.21 -40.86 27.15
CA LEU D 642 -2.67 -40.81 27.27
C LEU D 642 -3.05 -40.33 28.65
N PRO D 643 -4.21 -39.68 28.79
CA PRO D 643 -4.62 -39.15 30.09
C PRO D 643 -4.85 -40.24 31.12
N ASP D 644 -4.47 -39.94 32.37
CA ASP D 644 -4.74 -40.80 33.52
C ASP D 644 -5.10 -39.93 34.71
N LEU D 645 -5.97 -40.46 35.58
CA LEU D 645 -6.53 -39.65 36.65
C LEU D 645 -5.46 -39.23 37.66
N SER D 646 -4.55 -40.14 38.00
CA SER D 646 -3.50 -39.80 38.96
C SER D 646 -2.59 -38.71 38.44
N VAL D 647 -2.24 -38.76 37.15
CA VAL D 647 -1.36 -37.76 36.56
C VAL D 647 -2.03 -36.38 36.60
N TRP D 648 -3.31 -36.31 36.21
CA TRP D 648 -4.01 -35.03 36.25
C TRP D 648 -4.19 -34.53 37.69
N ALA D 649 -4.41 -35.43 38.64
CA ALA D 649 -4.53 -35.01 40.03
C ALA D 649 -3.22 -34.43 40.54
N ALA D 650 -2.09 -35.08 40.22
CA ALA D 650 -0.79 -34.54 40.60
C ALA D 650 -0.54 -33.19 39.95
N MET D 651 -0.87 -33.06 38.67
CA MET D 651 -0.69 -31.79 37.98
C MET D 651 -1.51 -30.68 38.61
N LEU D 652 -2.76 -30.97 38.98
CA LEU D 652 -3.59 -29.97 39.63
C LEU D 652 -3.09 -29.67 41.04
N ASP D 653 -2.45 -30.64 41.69
CA ASP D 653 -1.85 -30.39 42.99
C ASP D 653 -0.66 -29.44 42.88
N LYS D 654 0.12 -29.58 41.81
CA LYS D 654 1.30 -28.71 41.64
C LYS D 654 0.92 -27.29 41.29
N SER D 655 -0.21 -27.08 40.63
CA SER D 655 -0.53 -25.78 40.06
C SER D 655 -0.86 -24.76 41.15
N PRO D 656 -0.54 -23.48 40.93
CA PRO D 656 -0.85 -22.45 41.93
C PRO D 656 -2.30 -21.98 41.92
N ILE D 657 -3.08 -22.33 40.89
CA ILE D 657 -4.48 -21.95 40.82
C ILE D 657 -5.26 -22.48 42.02
N LYS D 658 -4.71 -23.50 42.71
CA LYS D 658 -5.35 -24.03 43.91
C LYS D 658 -5.37 -23.00 45.03
N TYR D 659 -4.37 -22.13 45.11
CA TYR D 659 -4.26 -21.15 46.18
C TYR D 659 -4.86 -19.79 45.82
N ALA D 660 -5.58 -19.71 44.70
CA ALA D 660 -6.13 -18.43 44.27
C ALA D 660 -7.09 -17.78 45.27
N PRO D 661 -8.01 -18.49 45.95
CA PRO D 661 -8.98 -17.80 46.80
C PRO D 661 -8.37 -17.02 47.96
N GLN D 662 -7.13 -17.30 48.35
CA GLN D 662 -6.52 -16.64 49.49
C GLN D 662 -5.62 -15.47 49.12
N VAL D 663 -5.55 -15.10 47.83
CA VAL D 663 -4.73 -13.98 47.39
C VAL D 663 -5.44 -12.68 47.75
N LYS D 664 -4.67 -11.72 48.33
CA LYS D 664 -5.25 -10.44 48.71
C LYS D 664 -4.32 -9.26 48.37
N THR D 665 -3.38 -9.45 47.45
CA THR D 665 -2.42 -8.40 47.13
C THR D 665 -2.70 -7.81 45.75
N PRO D 666 -2.39 -6.53 45.54
CA PRO D 666 -2.51 -5.95 44.19
C PRO D 666 -1.61 -6.67 43.21
N LEU D 667 -2.06 -6.77 41.96
CA LEU D 667 -1.39 -7.61 40.98
C LEU D 667 -1.48 -6.99 39.60
N LEU D 668 -0.42 -7.15 38.82
CA LEU D 668 -0.33 -6.65 37.46
C LEU D 668 0.09 -7.79 36.54
N LEU D 669 -0.68 -8.01 35.47
CA LEU D 669 -0.40 -9.04 34.50
C LEU D 669 -0.05 -8.42 33.15
N MET D 670 0.93 -9.03 32.49
CA MET D 670 1.36 -8.61 31.15
C MET D 670 1.49 -9.86 30.29
N LEU D 671 0.69 -9.94 29.23
CA LEU D 671 0.64 -11.12 28.39
C LEU D 671 0.85 -10.75 26.93
N GLY D 672 1.41 -11.69 26.18
CA GLY D 672 1.55 -11.56 24.73
C GLY D 672 0.63 -12.54 24.03
N GLN D 673 -0.16 -12.01 23.10
CA GLN D 673 -1.19 -12.83 22.46
C GLN D 673 -0.59 -13.89 21.55
N GLU D 674 0.42 -13.52 20.75
CA GLU D 674 1.04 -14.45 19.80
C GLU D 674 2.17 -15.21 20.49
N ASP D 675 1.80 -15.96 21.52
CA ASP D 675 2.73 -16.71 22.34
C ASP D 675 2.54 -18.20 22.11
N ARG D 676 3.64 -18.90 21.84
CA ARG D 676 3.62 -20.34 21.61
C ARG D 676 4.07 -21.14 22.83
N ARG D 677 4.99 -20.60 23.63
CA ARG D 677 5.50 -21.34 24.77
C ARG D 677 4.45 -21.47 25.87
N VAL D 678 3.79 -20.37 26.23
CA VAL D 678 2.80 -20.34 27.28
C VAL D 678 1.58 -19.58 26.77
N PRO D 679 0.44 -20.23 26.56
CA PRO D 679 -0.76 -19.50 26.13
C PRO D 679 -1.21 -18.49 27.18
N PHE D 680 -1.83 -17.40 26.70
CA PHE D 680 -2.30 -16.35 27.58
C PHE D 680 -3.62 -16.69 28.26
N LYS D 681 -4.27 -17.79 27.89
CA LYS D 681 -5.49 -18.19 28.57
C LYS D 681 -5.23 -18.57 30.02
N GLN D 682 -4.01 -18.97 30.35
CA GLN D 682 -3.65 -19.21 31.74
C GLN D 682 -3.76 -17.93 32.56
N GLY D 683 -3.11 -16.87 32.08
CA GLY D 683 -3.22 -15.58 32.76
C GLY D 683 -4.64 -15.05 32.75
N MET D 684 -5.38 -15.30 31.67
CA MET D 684 -6.78 -14.87 31.63
C MET D 684 -7.63 -15.59 32.68
N GLU D 685 -7.42 -16.90 32.86
CA GLU D 685 -8.15 -17.63 33.90
C GLU D 685 -7.79 -17.13 35.28
N TYR D 686 -6.50 -16.88 35.52
CA TYR D 686 -6.10 -16.32 36.82
C TYR D 686 -6.73 -14.94 37.04
N TYR D 687 -6.76 -14.12 36.00
CA TYR D 687 -7.38 -12.80 36.09
C TYR D 687 -8.86 -12.90 36.39
N ARG D 688 -9.56 -13.83 35.74
CA ARG D 688 -10.99 -14.00 35.99
C ARG D 688 -11.24 -14.45 37.43
N VAL D 689 -10.46 -15.42 37.92
CA VAL D 689 -10.63 -15.92 39.27
C VAL D 689 -10.39 -14.80 40.29
N LEU D 690 -9.35 -14.00 40.08
CA LEU D 690 -9.08 -12.89 40.99
C LEU D 690 -10.15 -11.81 40.89
N LYS D 691 -10.64 -11.55 39.67
CA LYS D 691 -11.63 -10.52 39.46
C LYS D 691 -12.95 -10.85 40.14
N ALA D 692 -13.35 -12.13 40.10
CA ALA D 692 -14.59 -12.52 40.76
C ALA D 692 -14.52 -12.34 42.27
N ARG D 693 -13.32 -12.31 42.84
CA ARG D 693 -13.13 -12.17 44.28
C ARG D 693 -13.01 -10.72 44.74
N ASN D 694 -13.08 -9.76 43.82
CA ASN D 694 -13.01 -8.33 44.09
C ASN D 694 -11.66 -7.88 44.63
N VAL D 695 -10.57 -8.51 44.20
CA VAL D 695 -9.24 -8.03 44.57
C VAL D 695 -8.70 -7.14 43.44
N PRO D 696 -8.01 -6.04 43.75
CA PRO D 696 -7.48 -5.19 42.67
C PRO D 696 -6.50 -5.94 41.78
N VAL D 697 -6.57 -5.66 40.48
CA VAL D 697 -5.74 -6.32 39.49
C VAL D 697 -5.79 -5.48 38.22
N ARG D 698 -4.65 -5.41 37.52
CA ARG D 698 -4.55 -4.66 36.28
C ARG D 698 -3.91 -5.52 35.21
N LEU D 699 -4.56 -5.62 34.06
CA LEU D 699 -4.15 -6.53 32.99
C LEU D 699 -3.79 -5.73 31.74
N LEU D 700 -2.66 -6.09 31.12
CA LEU D 700 -2.24 -5.50 29.87
C LEU D 700 -2.00 -6.61 28.86
N LEU D 701 -2.55 -6.46 27.66
CA LEU D 701 -2.45 -7.47 26.61
C LEU D 701 -1.83 -6.85 25.38
N TYR D 702 -0.71 -7.41 24.93
CA TYR D 702 -0.04 -6.96 23.73
C TYR D 702 -0.36 -7.90 22.58
N PRO D 703 -1.00 -7.42 21.50
CA PRO D 703 -1.58 -8.34 20.53
C PRO D 703 -0.60 -9.08 19.64
N LYS D 704 0.53 -8.46 19.27
CA LYS D 704 1.43 -9.03 18.29
C LYS D 704 2.79 -9.40 18.86
N SER D 705 2.88 -9.65 20.16
CA SER D 705 4.17 -9.97 20.79
C SER D 705 4.22 -11.45 21.17
N THR D 706 5.45 -11.99 21.16
CA THR D 706 5.71 -13.37 21.51
C THR D 706 6.02 -13.49 23.00
N HIS D 707 6.54 -14.64 23.41
CA HIS D 707 6.86 -14.87 24.82
C HIS D 707 7.97 -13.94 25.32
N ALA D 708 8.81 -13.44 24.42
CA ALA D 708 9.96 -12.65 24.85
C ALA D 708 9.55 -11.24 25.28
N LEU D 709 8.55 -10.65 24.62
CA LEU D 709 8.19 -9.24 24.80
C LEU D 709 9.41 -8.35 24.57
N SER D 710 10.10 -8.59 23.45
CA SER D 710 11.40 -7.99 23.18
C SER D 710 11.32 -6.74 22.30
N GLU D 711 10.16 -6.44 21.72
CA GLU D 711 10.03 -5.24 20.90
C GLU D 711 10.26 -4.00 21.76
N VAL D 712 10.87 -2.98 21.17
CA VAL D 712 11.31 -1.81 21.94
C VAL D 712 10.11 -1.11 22.56
N GLU D 713 9.05 -0.91 21.78
CA GLU D 713 7.87 -0.19 22.27
C GLU D 713 7.22 -0.95 23.43
N VAL D 714 6.96 -2.24 23.25
CA VAL D 714 6.27 -3.00 24.28
C VAL D 714 7.18 -3.18 25.51
N GLU D 715 8.48 -3.32 25.28
CA GLU D 715 9.41 -3.47 26.41
C GLU D 715 9.44 -2.20 27.25
N SER D 716 9.56 -1.04 26.61
CA SER D 716 9.56 0.23 27.34
C SER D 716 8.23 0.44 28.05
N ASP D 717 7.11 0.14 27.36
CA ASP D 717 5.81 0.31 27.99
C ASP D 717 5.66 -0.57 29.22
N SER D 718 6.08 -1.83 29.12
CA SER D 718 5.96 -2.75 30.25
C SER D 718 6.84 -2.32 31.41
N PHE D 719 8.07 -1.89 31.12
CA PHE D 719 8.97 -1.46 32.20
C PHE D 719 8.44 -0.21 32.89
N MET D 720 7.94 0.75 32.12
CA MET D 720 7.39 1.96 32.72
C MET D 720 6.14 1.66 33.54
N ASN D 721 5.27 0.78 33.03
CA ASN D 721 4.09 0.41 33.79
C ASN D 721 4.45 -0.29 35.09
N ALA D 722 5.43 -1.20 35.04
CA ALA D 722 5.84 -1.91 36.24
C ALA D 722 6.44 -0.96 37.28
N VAL D 723 7.31 -0.04 36.84
CA VAL D 723 7.94 0.85 37.81
C VAL D 723 6.92 1.82 38.39
N LEU D 724 5.97 2.29 37.58
CA LEU D 724 4.92 3.16 38.10
C LEU D 724 4.03 2.42 39.09
N TRP D 725 3.70 1.16 38.80
CA TRP D 725 2.89 0.36 39.71
C TRP D 725 3.61 0.17 41.04
N LEU D 726 4.90 -0.15 40.99
CA LEU D 726 5.66 -0.37 42.22
C LEU D 726 5.78 0.93 43.03
N CYS D 727 6.05 2.05 42.35
CA CYS D 727 6.15 3.33 43.05
C CYS D 727 4.81 3.70 43.69
N THR D 728 3.70 3.47 42.98
CA THR D 728 2.40 3.80 43.52
C THR D 728 2.06 2.95 44.74
N HIS D 729 2.31 1.63 44.67
CA HIS D 729 1.86 0.75 45.74
C HIS D 729 2.85 0.64 46.88
N LEU D 730 4.09 1.12 46.73
CA LEU D 730 5.05 1.14 47.83
C LEU D 730 5.45 2.55 48.24
N GLY D 731 5.93 3.36 47.31
CA GLY D 731 6.37 4.70 47.61
C GLY D 731 7.42 5.14 46.61
N SER D 732 7.96 6.32 46.87
CA SER D 732 9.00 6.89 46.01
C SER D 732 10.28 6.06 46.07
#